data_7S6B
#
_entry.id   7S6B
#
_cell.length_a   87.74
_cell.length_b   92.85
_cell.length_c   107.45
_cell.angle_alpha   99.63
_cell.angle_beta   94.93
_cell.angle_gamma   106.07
#
_symmetry.space_group_name_H-M   'P 1'
#
loop_
_entity.id
_entity.type
_entity.pdbx_description
1 polymer 'Polyketide synthase'
2 polymer 'Polyketide synthase'
3 polymer 'Polyketide synthase'
4 water water
#
loop_
_entity_poly.entity_id
_entity_poly.type
_entity_poly.pdbx_seq_one_letter_code
_entity_poly.pdbx_strand_id
1 'polypeptide(L)'
;MGSSHHHHHHSSGLVPRGSHMADVVNTEDRLRDYLKRATADLSRVRRQLQETEAASREPIAIIGMACRLPGGVDSPEGLW
ELVDSGTDAIAGFPLDRGWDVEGMYDPDAEAPGKTYVKEAGFLYDAGEFDAGFFGISPREAVSMDPQQRLMLEASWEAFE
RAGLDPARQRGTATGVFVGATATGYVSPAAEVPEGAEGFAITGNMTAVTSGRISYTLGLQGPAVTIDTACSSSLVALHLA
CQSLRQGECTTALAGGVTVMPTPTAFTEFSRQRGLAPDGRCKSFAAAADGTNWAEGVAVLVVERLSDARRNGHRVLAVVR
GTAINQDGASNGLSAPNDLAQERVIRSALDNAGLTASDVDAVEAHGTGTTLGDPIEAQALLAAYGHERPAHRPLRVGSLK
SNIGHAGPAAGVAGVIKMVMAMRHGVLPRSLHIDEPTPQVDWSSGAVTLLTEPVDWPDSDRPRRAGVSAFGISGTNAHVI
LEQAPTQDPQQPAPPVPAAPWLLSAKTPAALRAQARRLHTHLARHPHPDPTDIAHALATTRTPHEHRAALVTDDHGTRGP
ALAALAEGAPDACLISGTALSKGRTVFVFPGQGSQWTGMGRELLHTSPEFAAYIAECETALNDFVDWSLTDVLRGTEGAP
GYDRVDVVQPALFAVMVSLARLWQHHGIHPDAVIGHSQGEIAAAHIAGALSLQDAARIVALRSQALLPLAGLGGMTSLAL
PHDQALQLIQPWGQDLSIASVNGPHSTVVSGTTHALDELHTTCDTQGVRARRIPVDYASHSAQVESIRDTVLQAATGINP
QPTTIPLYSTVTGQPIDGTQLDADYWYTNLRHTVRFEETTRALLGSGHRHFIETTAHPVLALALEETIEATGSDARVTGT
LRRDHGDLTQLHTALATAWTHGIDVDWTAVLGDRRTPFELPTYAFQRQRYWLEPGAGVGVPVGG
;
A,B
2 'polypeptide(L)'
;TSAEARFWDAVEDEDLEALVAAIGADGDDASWAGVLPALAGWRRRQREQSALDDLRYKVTWKPTAVADGASATGTWLVVV
PESLAGGGWPVVVARAVDQAGGRPVVLSVDAADGADRSRLGLRIHEALGEGPVPDAVVSLLALDPSALPGLPDVPQALAS
TAALVQALLDLGLEARLWCVTSGAVSVSGADGPSAPEQAAVWGFGRVAGLEHPHLWAGLVDLPPEADERTAARLVGVLAG
AGGEDQVALRSSGVFVRRLVRAPASEVPAVRSWKPGGTVLVTGGTGGLGRQVARWLARGGADHLLLVSRRGVDAPGADEL
VDELTDLGARVTVAACDVADRDAVQRLLSEQVPSDAPLTAVIHTAAVLDDGVIDSLSPERMEQVLRVKVGGAVHLYELTR
ESDLSAFVLFSSFGSTFGLPGLGNYAPGNAALEALAEQWRAEGRPATAVGWGTWAGGGMADGGVGERGRTHGIHELEPAL
ATAALEQALERDESSPVIIDIDWERFAVAFHAKRPTRGFELVPEAQAALEAADGGPGPDGGAGD
;
C,D
3 'polypeptide(L)'
;PSELLDRLAALPDAERDRALLEVVRGNAASVMSHGAMRTATLEAVEPTRAFRDLGFDSLMAVELRNRIGAATGLRLAPTL
VFDHPTPEAVVRHLRAELGLEGDGAPDPVFDELDGLERALSSYTPDTDTRVKITKRLESLLWEWTRSEADAPDPVDAADL
AAVSDDEMFELIDRELGSA
;
E
#
# COMPACT_ATOMS: atom_id res chain seq x y z
N TYR A 34 18.31 53.35 33.60
CA TYR A 34 17.53 53.33 32.36
C TYR A 34 18.02 52.21 31.44
N LEU A 35 19.35 52.08 31.29
CA LEU A 35 19.95 51.02 30.46
C LEU A 35 19.74 49.61 31.03
N LYS A 36 19.37 49.48 32.32
CA LYS A 36 19.12 48.17 32.93
C LYS A 36 17.89 47.51 32.30
N ARG A 37 16.86 48.30 31.96
CA ARG A 37 15.65 47.79 31.31
C ARG A 37 15.93 47.38 29.85
N ALA A 38 16.77 48.15 29.15
CA ALA A 38 17.16 47.83 27.77
C ALA A 38 17.99 46.55 27.76
N THR A 39 18.94 46.42 28.70
CA THR A 39 19.80 45.23 28.81
C THR A 39 18.98 44.01 29.25
N ALA A 40 17.98 44.20 30.12
CA ALA A 40 17.12 43.10 30.58
C ALA A 40 16.28 42.58 29.41
N ASP A 41 15.78 43.48 28.56
CA ASP A 41 14.99 43.10 27.39
C ASP A 41 15.85 42.30 26.42
N LEU A 42 17.09 42.74 26.17
CA LEU A 42 18.01 42.03 25.30
C LEU A 42 18.35 40.63 25.82
N SER A 43 18.53 40.47 27.14
CA SER A 43 18.83 39.17 27.73
C SER A 43 17.67 38.18 27.53
N ARG A 44 16.43 38.68 27.60
CA ARG A 44 15.22 37.87 27.40
C ARG A 44 15.12 37.45 25.92
N VAL A 45 15.23 38.43 25.00
CA VAL A 45 15.14 38.19 23.55
C VAL A 45 16.24 37.21 23.07
N ARG A 46 17.47 37.32 23.60
CA ARG A 46 18.55 36.41 23.20
C ARG A 46 18.22 34.97 23.58
N ARG A 47 17.70 34.76 24.81
CA ARG A 47 17.33 33.44 25.31
C ARG A 47 16.17 32.88 24.47
N GLN A 48 15.17 33.73 24.17
CA GLN A 48 14.02 33.32 23.35
C GLN A 48 14.46 32.96 21.93
N LEU A 49 15.44 33.67 21.38
CA LEU A 49 15.98 33.38 20.04
C LEU A 49 16.72 32.03 20.06
N GLN A 50 17.53 31.79 21.10
CA GLN A 50 18.26 30.52 21.20
C GLN A 50 17.32 29.32 21.36
N GLU A 51 16.34 29.40 22.28
CA GLU A 51 15.42 28.28 22.50
C GLU A 51 14.44 28.07 21.32
N THR A 52 14.13 29.12 20.53
CA THR A 52 13.28 28.97 19.34
C THR A 52 14.06 28.26 18.23
N GLU A 53 15.34 28.63 18.05
CA GLU A 53 16.22 28.01 17.07
C GLU A 53 16.45 26.54 17.46
N ALA A 54 16.68 26.26 18.76
CA ALA A 54 16.88 24.88 19.22
C ALA A 54 15.62 24.04 19.01
N ALA A 55 14.41 24.64 19.17
CA ALA A 55 13.16 23.92 18.97
C ALA A 55 12.96 23.52 17.49
N SER A 56 13.47 24.33 16.55
CA SER A 56 13.38 24.00 15.13
C SER A 56 14.23 22.77 14.74
N ARG A 57 15.27 22.44 15.55
CA ARG A 57 16.12 21.26 15.40
C ARG A 57 15.99 20.38 16.66
N GLU A 58 14.78 20.29 17.25
CA GLU A 58 14.59 19.56 18.48
C GLU A 58 14.83 18.08 18.27
N PRO A 59 15.55 17.39 19.17
CA PRO A 59 15.72 15.95 18.99
C PRO A 59 14.38 15.21 19.06
N ILE A 60 14.23 14.19 18.22
CA ILE A 60 13.00 13.44 18.15
C ILE A 60 13.19 12.07 18.83
N ALA A 61 12.40 11.79 19.86
CA ALA A 61 12.46 10.53 20.58
C ALA A 61 11.83 9.37 19.79
N ILE A 62 12.50 8.23 19.73
CA ILE A 62 11.94 7.00 19.19
C ILE A 62 11.42 6.33 20.47
N ILE A 63 10.11 6.13 20.59
CA ILE A 63 9.51 5.54 21.79
C ILE A 63 8.95 4.14 21.57
N GLY A 64 8.84 3.68 20.32
CA GLY A 64 8.36 2.34 20.02
C GLY A 64 8.82 1.90 18.65
N MET A 65 8.99 0.60 18.45
CA MET A 65 9.44 0.05 17.17
C MET A 65 8.78 -1.31 16.94
N ALA A 66 8.74 -1.73 15.70
CA ALA A 66 8.20 -3.03 15.33
C ALA A 66 8.79 -3.47 14.00
N CYS A 67 8.94 -4.78 13.79
CA CYS A 67 9.53 -5.26 12.53
C CYS A 67 9.32 -6.74 12.31
N ARG A 68 9.36 -7.14 11.05
CA ARG A 68 9.35 -8.53 10.61
C ARG A 68 10.35 -8.57 9.48
N LEU A 69 11.46 -9.26 9.70
CA LEU A 69 12.55 -9.32 8.75
C LEU A 69 12.97 -10.78 8.58
N PRO A 70 13.70 -11.12 7.50
CA PRO A 70 14.14 -12.51 7.30
C PRO A 70 14.87 -13.12 8.49
N GLY A 71 14.83 -14.45 8.58
CA GLY A 71 15.49 -15.22 9.64
C GLY A 71 14.72 -15.37 10.96
N GLY A 72 13.39 -15.27 10.92
CA GLY A 72 12.56 -15.43 12.11
C GLY A 72 12.32 -14.19 12.95
N VAL A 73 12.77 -13.03 12.47
CA VAL A 73 12.60 -11.77 13.19
C VAL A 73 11.14 -11.29 13.15
N ASP A 74 10.51 -11.10 14.32
CA ASP A 74 9.19 -10.48 14.45
C ASP A 74 9.20 -9.36 15.52
N SER A 75 10.39 -8.88 15.95
CA SER A 75 10.47 -7.86 16.99
C SER A 75 11.85 -7.21 17.04
N PRO A 76 12.01 -6.01 17.64
CA PRO A 76 13.36 -5.41 17.73
C PRO A 76 14.39 -6.31 18.42
N GLU A 77 14.00 -6.99 19.51
CA GLU A 77 14.88 -7.94 20.20
C GLU A 77 15.22 -9.16 19.32
N GLY A 78 14.28 -9.63 18.50
CA GLY A 78 14.56 -10.73 17.57
C GLY A 78 15.59 -10.29 16.54
N LEU A 79 15.49 -9.03 16.07
CA LEU A 79 16.47 -8.46 15.15
C LEU A 79 17.82 -8.36 15.84
N TRP A 80 17.86 -7.98 17.12
CA TRP A 80 19.11 -7.87 17.85
C TRP A 80 19.77 -9.22 17.98
N GLU A 81 18.99 -10.25 18.33
CA GLU A 81 19.48 -11.63 18.44
C GLU A 81 20.11 -12.07 17.09
N LEU A 82 19.49 -11.68 15.96
CA LEU A 82 20.01 -12.04 14.64
C LEU A 82 21.39 -11.43 14.35
N VAL A 83 21.58 -10.13 14.58
CA VAL A 83 22.87 -9.47 14.32
C VAL A 83 23.90 -9.79 15.43
N ASP A 84 23.46 -10.00 16.69
CA ASP A 84 24.38 -10.34 17.78
C ASP A 84 24.94 -11.73 17.57
N SER A 85 24.10 -12.68 17.12
CA SER A 85 24.58 -14.02 16.79
C SER A 85 25.31 -14.08 15.42
N GLY A 86 25.35 -13.00 14.64
CA GLY A 86 26.02 -12.99 13.34
C GLY A 86 25.37 -13.93 12.34
N THR A 87 24.05 -13.98 12.33
CA THR A 87 23.30 -14.89 11.49
C THR A 87 23.05 -14.38 10.06
N ASP A 88 23.11 -15.30 9.10
CA ASP A 88 22.86 -15.06 7.70
C ASP A 88 21.47 -15.63 7.43
N ALA A 89 20.49 -14.75 7.18
CA ALA A 89 19.11 -15.15 6.95
C ALA A 89 18.76 -15.42 5.47
N ILE A 90 19.74 -15.38 4.54
CA ILE A 90 19.44 -15.66 3.13
C ILE A 90 19.12 -17.15 2.98
N ALA A 91 18.01 -17.47 2.31
CA ALA A 91 17.56 -18.87 2.14
C ALA A 91 16.76 -19.00 0.81
N GLY A 92 16.47 -20.25 0.38
CA GLY A 92 15.75 -20.53 -0.84
C GLY A 92 14.45 -19.78 -1.04
N PHE A 93 14.12 -19.54 -2.31
CA PHE A 93 12.90 -18.85 -2.71
C PHE A 93 11.65 -19.54 -2.14
N PRO A 94 10.56 -18.80 -1.82
CA PRO A 94 9.38 -19.48 -1.26
C PRO A 94 8.77 -20.44 -2.27
N LEU A 95 8.23 -21.56 -1.76
CA LEU A 95 7.66 -22.63 -2.54
C LEU A 95 6.12 -22.66 -2.55
N ASP A 96 5.46 -21.68 -1.90
CA ASP A 96 4.00 -21.61 -1.81
C ASP A 96 3.44 -20.31 -2.44
N ARG A 97 4.10 -19.75 -3.47
CA ARG A 97 3.63 -18.51 -4.10
C ARG A 97 3.37 -18.65 -5.60
N GLY A 98 3.25 -19.88 -6.11
CA GLY A 98 3.01 -20.10 -7.53
C GLY A 98 4.19 -19.80 -8.43
N TRP A 99 5.37 -19.57 -7.86
CA TRP A 99 6.58 -19.26 -8.63
C TRP A 99 7.10 -20.52 -9.29
N ASP A 100 7.67 -20.41 -10.50
CA ASP A 100 8.28 -21.54 -11.17
C ASP A 100 9.74 -21.56 -10.70
N VAL A 101 9.97 -21.84 -9.40
CA VAL A 101 11.32 -21.79 -8.81
C VAL A 101 12.34 -22.64 -9.58
N GLU A 102 11.93 -23.83 -10.05
CA GLU A 102 12.82 -24.71 -10.79
C GLU A 102 13.15 -24.12 -12.17
N GLY A 103 12.12 -23.79 -12.93
CA GLY A 103 12.26 -23.25 -14.28
C GLY A 103 12.88 -21.87 -14.42
N MET A 104 12.76 -21.00 -13.41
CA MET A 104 13.30 -19.65 -13.50
C MET A 104 14.82 -19.57 -13.37
N TYR A 105 15.51 -20.64 -12.92
CA TYR A 105 16.98 -20.57 -12.77
C TYR A 105 17.74 -20.74 -14.11
N ASP A 106 18.79 -19.92 -14.27
CA ASP A 106 19.70 -19.99 -15.40
C ASP A 106 20.94 -19.15 -15.04
N PRO A 107 22.17 -19.69 -15.07
CA PRO A 107 23.34 -18.87 -14.69
C PRO A 107 23.63 -17.70 -15.64
N ASP A 108 23.14 -17.78 -16.90
CA ASP A 108 23.32 -16.73 -17.89
C ASP A 108 22.44 -15.53 -17.54
N ALA A 109 23.05 -14.36 -17.25
CA ALA A 109 22.30 -13.16 -16.89
C ALA A 109 21.43 -12.64 -18.05
N GLU A 110 21.85 -12.86 -19.30
CA GLU A 110 21.10 -12.45 -20.49
C GLU A 110 19.91 -13.36 -20.84
N ALA A 111 19.66 -14.45 -20.08
CA ALA A 111 18.52 -15.33 -20.35
C ALA A 111 17.22 -14.58 -20.02
N PRO A 112 16.26 -14.48 -20.96
CA PRO A 112 15.04 -13.69 -20.66
C PRO A 112 14.05 -14.35 -19.70
N GLY A 113 13.50 -13.55 -18.79
CA GLY A 113 12.55 -14.02 -17.77
C GLY A 113 13.14 -14.91 -16.70
N LYS A 114 14.46 -15.18 -16.76
CA LYS A 114 15.18 -16.04 -15.83
C LYS A 114 15.99 -15.22 -14.82
N THR A 115 16.53 -15.90 -13.81
CA THR A 115 17.38 -15.31 -12.79
C THR A 115 18.48 -16.30 -12.41
N TYR A 116 19.68 -15.80 -12.16
CA TYR A 116 20.77 -16.64 -11.67
C TYR A 116 20.80 -16.72 -10.11
N VAL A 117 19.87 -16.01 -9.43
CA VAL A 117 19.75 -15.99 -7.98
C VAL A 117 18.75 -17.10 -7.59
N LYS A 118 19.11 -17.94 -6.61
CA LYS A 118 18.26 -19.04 -6.10
C LYS A 118 17.83 -18.82 -4.63
N GLU A 119 18.46 -17.88 -3.91
CA GLU A 119 18.18 -17.62 -2.51
C GLU A 119 18.11 -16.12 -2.26
N ALA A 120 17.33 -15.68 -1.25
CA ALA A 120 17.19 -14.27 -0.91
C ALA A 120 16.59 -14.12 0.54
N GLY A 121 16.25 -12.90 1.00
CA GLY A 121 15.65 -12.66 2.30
C GLY A 121 14.14 -12.62 2.16
N PHE A 122 13.42 -13.53 2.82
CA PHE A 122 11.96 -13.60 2.69
C PHE A 122 11.27 -13.69 4.02
N LEU A 123 10.01 -13.26 4.03
CA LEU A 123 9.11 -13.44 5.15
C LEU A 123 8.27 -14.60 4.66
N TYR A 124 8.69 -15.82 4.98
CA TYR A 124 7.97 -17.02 4.52
C TYR A 124 6.53 -17.09 5.07
N ASP A 125 6.17 -16.20 6.04
CA ASP A 125 4.83 -16.08 6.61
C ASP A 125 4.27 -14.70 6.23
N ALA A 126 4.53 -14.20 5.00
CA ALA A 126 4.05 -12.90 4.54
C ALA A 126 2.51 -12.82 4.40
N GLY A 127 1.87 -13.96 4.16
CA GLY A 127 0.42 -14.02 4.03
C GLY A 127 -0.34 -14.26 5.33
N GLU A 128 0.38 -14.46 6.46
CA GLU A 128 -0.26 -14.69 7.75
C GLU A 128 -0.75 -13.34 8.29
N PHE A 129 -2.06 -13.25 8.63
CA PHE A 129 -2.67 -12.01 9.07
C PHE A 129 -3.91 -12.26 9.90
N ASP A 130 -4.14 -11.47 10.97
CA ASP A 130 -5.34 -11.59 11.79
C ASP A 130 -6.33 -10.64 11.16
N ALA A 131 -7.03 -11.12 10.13
CA ALA A 131 -7.99 -10.30 9.40
C ALA A 131 -9.13 -9.84 10.31
N GLY A 132 -9.70 -10.76 11.09
CA GLY A 132 -10.80 -10.47 12.00
C GLY A 132 -10.52 -9.37 12.99
N PHE A 133 -9.29 -9.32 13.55
CA PHE A 133 -8.90 -8.27 14.50
C PHE A 133 -9.19 -6.86 13.95
N PHE A 134 -8.83 -6.61 12.68
CA PHE A 134 -9.02 -5.33 12.02
C PHE A 134 -10.36 -5.22 11.28
N GLY A 135 -11.32 -6.08 11.56
CA GLY A 135 -12.63 -6.06 10.92
C GLY A 135 -12.59 -6.23 9.41
N ILE A 136 -11.67 -7.06 8.92
CA ILE A 136 -11.50 -7.31 7.49
C ILE A 136 -12.00 -8.72 7.20
N SER A 137 -12.87 -8.89 6.19
CA SER A 137 -13.43 -10.21 5.89
C SER A 137 -12.37 -11.14 5.27
N PRO A 138 -12.52 -12.48 5.39
CA PRO A 138 -11.52 -13.38 4.78
C PRO A 138 -11.30 -13.14 3.29
N ARG A 139 -12.35 -12.72 2.57
CA ARG A 139 -12.26 -12.48 1.13
C ARG A 139 -11.57 -11.16 0.81
N GLU A 140 -11.78 -10.10 1.62
CA GLU A 140 -11.06 -8.85 1.43
C GLU A 140 -9.57 -9.10 1.76
N ALA A 141 -9.28 -9.88 2.83
CA ALA A 141 -7.91 -10.19 3.24
C ALA A 141 -7.13 -10.89 2.11
N VAL A 142 -7.75 -11.82 1.37
CA VAL A 142 -7.08 -12.53 0.27
C VAL A 142 -6.72 -11.56 -0.86
N SER A 143 -7.63 -10.64 -1.22
CA SER A 143 -7.37 -9.66 -2.26
C SER A 143 -6.56 -8.45 -1.76
N MET A 144 -6.20 -8.39 -0.46
CA MET A 144 -5.46 -7.28 0.12
C MET A 144 -3.95 -7.53 -0.01
N ASP A 145 -3.21 -6.52 -0.49
CA ASP A 145 -1.76 -6.60 -0.65
C ASP A 145 -1.09 -6.89 0.72
N PRO A 146 -0.26 -7.95 0.84
CA PRO A 146 0.37 -8.23 2.14
C PRO A 146 1.18 -7.07 2.72
N GLN A 147 1.58 -6.09 1.90
CA GLN A 147 2.29 -4.91 2.38
C GLN A 147 1.36 -4.09 3.28
N GLN A 148 0.07 -3.96 2.90
CA GLN A 148 -0.88 -3.25 3.75
C GLN A 148 -1.12 -4.04 5.02
N ARG A 149 -1.27 -5.36 4.93
CA ARG A 149 -1.51 -6.21 6.09
C ARG A 149 -0.35 -6.19 7.09
N LEU A 150 0.89 -6.27 6.57
CA LEU A 150 2.08 -6.25 7.42
C LEU A 150 2.18 -4.91 8.15
N MET A 151 1.86 -3.81 7.47
CA MET A 151 1.90 -2.47 8.06
C MET A 151 0.86 -2.29 9.15
N LEU A 152 -0.31 -2.91 9.02
CA LEU A 152 -1.35 -2.82 10.04
C LEU A 152 -0.92 -3.48 11.37
N GLU A 153 -0.36 -4.70 11.31
CA GLU A 153 0.05 -5.39 12.53
C GLU A 153 1.30 -4.74 13.12
N ALA A 154 2.25 -4.31 12.26
CA ALA A 154 3.46 -3.67 12.75
C ALA A 154 3.14 -2.35 13.42
N SER A 155 2.22 -1.57 12.86
CA SER A 155 1.79 -0.29 13.41
C SER A 155 1.13 -0.48 14.78
N TRP A 156 0.28 -1.49 14.90
CA TRP A 156 -0.38 -1.78 16.16
C TRP A 156 0.68 -2.10 17.25
N GLU A 157 1.62 -3.01 16.91
CA GLU A 157 2.69 -3.44 17.80
C GLU A 157 3.61 -2.30 18.19
N ALA A 158 3.95 -1.39 17.23
CA ALA A 158 4.84 -0.27 17.52
C ALA A 158 4.21 0.70 18.52
N PHE A 159 2.89 0.97 18.40
CA PHE A 159 2.21 1.81 19.39
C PHE A 159 2.19 1.12 20.75
N GLU A 160 1.93 -0.19 20.80
CA GLU A 160 1.94 -0.93 22.06
C GLU A 160 3.32 -0.88 22.71
N ARG A 161 4.43 -1.09 21.93
CA ARG A 161 5.78 -1.02 22.48
C ARG A 161 6.12 0.40 22.97
N ALA A 162 5.45 1.45 22.46
CA ALA A 162 5.63 2.81 22.95
C ALA A 162 4.88 3.07 24.27
N GLY A 163 4.19 2.05 24.82
CA GLY A 163 3.35 2.21 26.00
C GLY A 163 2.09 2.98 25.65
N LEU A 164 1.63 2.92 24.38
CA LEU A 164 0.46 3.64 23.94
C LEU A 164 -0.62 2.64 23.60
N ASP A 165 -1.80 2.80 24.18
CA ASP A 165 -2.95 1.97 23.84
C ASP A 165 -3.34 2.42 22.41
N PRO A 166 -3.18 1.57 21.37
CA PRO A 166 -3.46 2.04 19.99
C PRO A 166 -4.84 2.66 19.79
N ALA A 167 -5.85 2.21 20.56
CA ALA A 167 -7.20 2.76 20.48
C ALA A 167 -7.29 4.17 21.11
N ARG A 168 -6.43 4.52 22.09
CA ARG A 168 -6.43 5.89 22.64
C ARG A 168 -5.78 6.91 21.64
N GLN A 169 -5.27 6.44 20.49
CA GLN A 169 -4.73 7.31 19.45
C GLN A 169 -5.83 7.81 18.48
N ARG A 170 -7.07 7.27 18.60
CA ARG A 170 -8.23 7.69 17.83
C ARG A 170 -8.49 9.20 18.09
N GLY A 171 -8.54 9.99 17.02
CA GLY A 171 -8.77 11.43 17.11
C GLY A 171 -7.57 12.28 17.44
N THR A 172 -6.36 11.70 17.42
CA THR A 172 -5.14 12.44 17.73
C THR A 172 -4.45 12.91 16.44
N ALA A 173 -3.62 13.94 16.54
CA ALA A 173 -2.85 14.43 15.41
C ALA A 173 -1.60 13.53 15.27
N THR A 174 -1.83 12.27 14.87
CA THR A 174 -0.79 11.30 14.66
C THR A 174 -0.63 11.11 13.15
N GLY A 175 0.58 11.37 12.66
CA GLY A 175 0.90 11.26 11.25
C GLY A 175 1.42 9.88 10.92
N VAL A 176 1.31 9.49 9.65
CA VAL A 176 1.77 8.19 9.18
C VAL A 176 2.60 8.46 7.96
N PHE A 177 3.90 8.16 7.99
CA PHE A 177 4.82 8.40 6.88
C PHE A 177 5.39 7.04 6.49
N VAL A 178 5.00 6.49 5.32
CA VAL A 178 5.43 5.15 4.91
C VAL A 178 6.13 5.15 3.59
N GLY A 179 7.26 4.46 3.53
CA GLY A 179 7.97 4.24 2.29
C GLY A 179 7.48 2.93 1.74
N ALA A 180 6.98 2.89 0.50
CA ALA A 180 6.51 1.65 -0.11
C ALA A 180 6.36 1.82 -1.63
N THR A 181 6.37 0.71 -2.38
CA THR A 181 6.15 0.71 -3.84
C THR A 181 5.10 -0.37 -4.18
N ALA A 182 4.54 -0.30 -5.38
CA ALA A 182 3.60 -1.30 -5.88
C ALA A 182 4.42 -2.51 -6.31
N THR A 183 4.13 -3.72 -5.77
CA THR A 183 4.93 -4.89 -6.12
C THR A 183 4.12 -6.00 -6.85
N GLY A 184 2.96 -5.67 -7.40
CA GLY A 184 2.17 -6.59 -8.21
C GLY A 184 1.55 -7.80 -7.54
N TYR A 185 0.93 -7.63 -6.37
CA TYR A 185 0.26 -8.74 -5.68
C TYR A 185 -0.92 -9.23 -6.53
N VAL A 186 -1.70 -8.29 -7.08
CA VAL A 186 -2.79 -8.65 -7.99
C VAL A 186 -2.18 -8.73 -9.39
N SER A 187 -1.82 -9.95 -9.84
CA SER A 187 -1.19 -10.14 -11.16
C SER A 187 -2.25 -10.19 -12.27
N VAL A 192 -8.66 -12.93 -8.66
CA VAL A 192 -9.28 -12.18 -7.57
C VAL A 192 -10.55 -12.92 -7.13
N PRO A 193 -10.82 -13.16 -5.81
CA PRO A 193 -12.07 -13.85 -5.44
C PRO A 193 -13.34 -13.10 -5.86
N GLU A 194 -14.40 -13.87 -6.12
CA GLU A 194 -15.69 -13.33 -6.54
C GLU A 194 -16.29 -12.46 -5.43
N GLY A 195 -16.73 -11.26 -5.78
CA GLY A 195 -17.30 -10.31 -4.82
C GLY A 195 -16.27 -9.57 -4.00
N ALA A 196 -15.07 -9.31 -4.59
CA ALA A 196 -13.98 -8.61 -3.90
C ALA A 196 -13.03 -7.86 -4.85
N GLU A 197 -13.49 -7.48 -6.05
CA GLU A 197 -12.69 -6.70 -6.99
C GLU A 197 -12.63 -5.22 -6.52
N GLY A 198 -13.69 -4.74 -5.85
CA GLY A 198 -13.74 -3.42 -5.25
C GLY A 198 -12.73 -3.32 -4.12
N PHE A 199 -12.68 -4.39 -3.28
CA PHE A 199 -11.72 -4.51 -2.20
C PHE A 199 -10.30 -4.56 -2.75
N ALA A 200 -10.09 -5.24 -3.89
CA ALA A 200 -8.77 -5.36 -4.51
C ALA A 200 -8.23 -4.00 -4.95
N ILE A 201 -9.10 -3.03 -5.31
CA ILE A 201 -8.63 -1.72 -5.75
C ILE A 201 -7.92 -0.97 -4.60
N THR A 202 -8.64 -0.65 -3.52
CA THR A 202 -8.03 0.03 -2.37
C THR A 202 -7.02 -0.89 -1.66
N GLY A 203 -7.29 -2.19 -1.65
CA GLY A 203 -6.41 -3.20 -1.08
C GLY A 203 -5.06 -3.30 -1.74
N ASN A 204 -4.90 -2.73 -2.97
CA ASN A 204 -3.61 -2.75 -3.67
C ASN A 204 -3.11 -1.35 -4.05
N MET A 205 -3.75 -0.27 -3.58
CA MET A 205 -3.27 1.08 -3.85
C MET A 205 -2.17 1.42 -2.86
N THR A 206 -1.01 1.81 -3.39
CA THR A 206 0.20 2.18 -2.63
C THR A 206 -0.13 3.28 -1.61
N ALA A 207 -0.97 4.26 -1.99
CA ALA A 207 -1.39 5.34 -1.09
C ALA A 207 -2.10 4.79 0.16
N VAL A 208 -2.86 3.69 -0.01
CA VAL A 208 -3.61 3.05 1.06
C VAL A 208 -2.69 2.24 2.03
N THR A 209 -1.40 1.99 1.66
CA THR A 209 -0.45 1.35 2.59
C THR A 209 -0.28 2.22 3.85
N SER A 210 -0.33 3.55 3.70
CA SER A 210 -0.27 4.51 4.81
C SER A 210 -1.69 4.89 5.27
N GLY A 211 -2.57 5.20 4.31
CA GLY A 211 -3.95 5.61 4.59
C GLY A 211 -4.79 4.65 5.40
N ARG A 212 -4.66 3.32 5.13
CA ARG A 212 -5.42 2.32 5.88
C ARG A 212 -5.06 2.32 7.37
N ILE A 213 -3.82 2.68 7.73
CA ILE A 213 -3.43 2.73 9.14
C ILE A 213 -4.20 3.84 9.82
N SER A 214 -4.22 5.02 9.21
CA SER A 214 -4.94 6.16 9.74
C SER A 214 -6.44 5.89 9.83
N TYR A 215 -6.99 5.20 8.83
CA TYR A 215 -8.40 4.83 8.82
C TYR A 215 -8.69 3.83 9.97
N THR A 216 -7.97 2.70 10.02
CA THR A 216 -8.18 1.66 11.03
C THR A 216 -8.03 2.18 12.45
N LEU A 217 -7.02 3.04 12.72
CA LEU A 217 -6.76 3.59 14.06
C LEU A 217 -7.37 4.98 14.32
N GLY A 218 -8.11 5.52 13.34
CA GLY A 218 -8.72 6.84 13.44
C GLY A 218 -7.75 7.97 13.74
N LEU A 219 -6.55 7.89 13.12
CA LEU A 219 -5.51 8.90 13.29
C LEU A 219 -5.85 10.07 12.38
N GLN A 220 -5.67 11.29 12.87
CA GLN A 220 -6.06 12.48 12.12
C GLN A 220 -4.92 13.27 11.49
N GLY A 221 -3.66 12.93 11.76
CA GLY A 221 -2.53 13.58 11.12
C GLY A 221 -2.40 13.12 9.68
N PRO A 222 -1.52 13.73 8.87
CA PRO A 222 -1.37 13.26 7.48
C PRO A 222 -0.83 11.85 7.30
N ALA A 223 -1.34 11.08 6.31
CA ALA A 223 -0.81 9.77 5.97
C ALA A 223 -0.19 9.89 4.57
N VAL A 224 1.14 9.82 4.46
CA VAL A 224 1.81 9.97 3.18
C VAL A 224 2.56 8.70 2.80
N THR A 225 2.41 8.26 1.54
CA THR A 225 3.20 7.15 1.04
C THR A 225 4.28 7.79 0.18
N ILE A 226 5.53 7.47 0.50
CA ILE A 226 6.74 8.01 -0.12
C ILE A 226 7.36 6.96 -1.01
N ASP A 227 7.84 7.38 -2.17
CA ASP A 227 8.60 6.51 -3.05
C ASP A 227 9.85 7.24 -3.52
N THR A 228 10.95 6.98 -2.85
CA THR A 228 12.25 7.44 -3.26
C THR A 228 13.12 6.19 -3.43
N ALA A 229 12.52 5.06 -3.94
CA ALA A 229 13.16 3.78 -4.15
C ALA A 229 13.78 3.19 -2.78
N CYS A 230 15.09 2.85 -2.68
CA CYS A 230 15.70 2.20 -1.53
C CYS A 230 15.97 3.12 -0.34
N SER A 231 15.70 4.44 -0.48
CA SER A 231 15.80 5.37 0.64
C SER A 231 14.42 5.76 1.16
N SER A 232 13.30 5.19 0.64
CA SER A 232 11.94 5.60 1.00
C SER A 232 11.66 5.74 2.49
N SER A 233 11.90 4.68 3.29
CA SER A 233 11.59 4.70 4.73
C SER A 233 12.44 5.65 5.54
N LEU A 234 13.68 5.90 5.11
CA LEU A 234 14.53 6.87 5.79
C LEU A 234 14.10 8.29 5.42
N VAL A 235 13.61 8.51 4.19
CA VAL A 235 13.04 9.80 3.82
C VAL A 235 11.74 9.99 4.62
N ALA A 236 10.92 8.94 4.74
CA ALA A 236 9.69 8.96 5.53
C ALA A 236 9.98 9.36 6.99
N LEU A 237 11.08 8.87 7.58
CA LEU A 237 11.49 9.23 8.94
C LEU A 237 11.88 10.70 9.01
N HIS A 238 12.64 11.19 8.01
CA HIS A 238 13.02 12.60 7.90
C HIS A 238 11.76 13.48 7.87
N LEU A 239 10.74 13.10 7.07
CA LEU A 239 9.51 13.89 6.99
C LEU A 239 8.70 13.84 8.26
N ALA A 240 8.67 12.69 8.94
CA ALA A 240 7.95 12.56 10.21
C ALA A 240 8.60 13.49 11.25
N CYS A 241 9.94 13.51 11.30
CA CYS A 241 10.73 14.37 12.18
C CYS A 241 10.43 15.84 11.92
N GLN A 242 10.38 16.26 10.64
CA GLN A 242 10.11 17.66 10.31
C GLN A 242 8.69 18.02 10.63
N SER A 243 7.72 17.10 10.38
CA SER A 243 6.31 17.30 10.72
C SER A 243 6.16 17.57 12.23
N LEU A 244 6.87 16.77 13.07
CA LEU A 244 6.87 16.97 14.50
C LEU A 244 7.54 18.30 14.87
N ARG A 245 8.70 18.62 14.29
CA ARG A 245 9.40 19.89 14.57
C ARG A 245 8.56 21.11 14.23
N GLN A 246 7.70 21.02 13.20
CA GLN A 246 6.81 22.12 12.83
C GLN A 246 5.47 22.13 13.58
N GLY A 247 5.28 21.25 14.55
CA GLY A 247 4.04 21.19 15.32
C GLY A 247 2.85 20.61 14.57
N GLU A 248 3.04 20.09 13.37
CA GLU A 248 1.95 19.51 12.58
C GLU A 248 1.40 18.24 13.23
N CYS A 249 2.28 17.45 13.87
CA CYS A 249 1.95 16.20 14.56
C CYS A 249 2.38 16.28 16.01
N THR A 250 1.70 15.50 16.87
CA THR A 250 2.06 15.30 18.28
C THR A 250 2.90 14.00 18.39
N THR A 251 2.56 12.99 17.58
CA THR A 251 3.23 11.70 17.45
C THR A 251 3.17 11.29 15.97
N ALA A 252 4.06 10.40 15.53
CA ALA A 252 4.02 9.92 14.15
C ALA A 252 4.56 8.50 14.01
N LEU A 253 4.08 7.80 12.99
CA LEU A 253 4.57 6.49 12.59
C LEU A 253 5.46 6.76 11.39
N ALA A 254 6.66 6.18 11.37
CA ALA A 254 7.58 6.32 10.23
C ALA A 254 8.09 4.92 9.94
N GLY A 255 8.01 4.48 8.69
CA GLY A 255 8.47 3.15 8.34
C GLY A 255 8.44 2.83 6.88
N GLY A 256 8.57 1.55 6.58
CA GLY A 256 8.53 1.05 5.23
C GLY A 256 8.19 -0.42 5.17
N VAL A 257 7.84 -0.89 3.98
CA VAL A 257 7.43 -2.28 3.80
C VAL A 257 7.77 -2.75 2.40
N THR A 258 8.16 -4.02 2.31
CA THR A 258 8.51 -4.64 1.03
C THR A 258 8.06 -6.08 1.07
N VAL A 259 7.23 -6.47 0.11
CA VAL A 259 6.80 -7.84 -0.08
C VAL A 259 6.94 -8.07 -1.58
N MET A 260 7.53 -9.18 -1.96
CA MET A 260 7.72 -9.53 -3.35
C MET A 260 6.83 -10.72 -3.64
N PRO A 261 5.56 -10.51 -3.98
CA PRO A 261 4.68 -11.65 -4.30
C PRO A 261 5.03 -12.33 -5.63
N THR A 262 5.74 -11.62 -6.54
CA THR A 262 6.23 -12.15 -7.82
C THR A 262 7.80 -12.18 -7.75
N PRO A 263 8.47 -12.96 -8.61
CA PRO A 263 9.95 -12.97 -8.62
C PRO A 263 10.57 -11.90 -9.56
N THR A 264 9.79 -10.88 -9.98
CA THR A 264 10.22 -9.83 -10.93
C THR A 264 11.52 -9.09 -10.57
N ALA A 265 11.70 -8.67 -9.29
CA ALA A 265 12.92 -7.93 -8.91
C ALA A 265 14.19 -8.77 -9.10
N PHE A 266 14.07 -10.12 -9.01
CA PHE A 266 15.22 -10.99 -9.22
C PHE A 266 15.54 -11.14 -10.71
N THR A 267 14.52 -11.32 -11.55
CA THR A 267 14.75 -11.48 -12.99
C THR A 267 15.26 -10.16 -13.65
N GLU A 268 14.68 -8.99 -13.27
CA GLU A 268 15.07 -7.70 -13.84
C GLU A 268 16.49 -7.23 -13.45
N PHE A 269 16.82 -7.24 -12.13
CA PHE A 269 18.13 -6.75 -11.70
C PHE A 269 19.26 -7.75 -11.93
N SER A 270 18.98 -9.07 -12.01
CA SER A 270 20.04 -10.03 -12.36
C SER A 270 20.41 -9.86 -13.86
N ARG A 271 19.46 -9.41 -14.73
CA ARG A 271 19.79 -9.09 -16.12
C ARG A 271 20.81 -7.92 -16.15
N GLN A 272 20.64 -6.94 -15.25
CA GLN A 272 21.58 -5.81 -15.11
C GLN A 272 22.85 -6.20 -14.34
N ARG A 273 23.01 -7.50 -13.97
CA ARG A 273 24.13 -8.05 -13.21
C ARG A 273 24.37 -7.32 -11.88
N GLY A 274 23.31 -6.75 -11.31
CA GLY A 274 23.40 -6.05 -10.04
C GLY A 274 23.27 -6.97 -8.83
N LEU A 275 22.93 -8.26 -9.03
CA LEU A 275 22.74 -9.18 -7.91
C LEU A 275 23.89 -10.16 -7.70
N ALA A 276 24.11 -10.55 -6.44
CA ALA A 276 25.15 -11.48 -6.09
C ALA A 276 24.72 -12.89 -6.47
N PRO A 277 25.47 -13.63 -7.31
CA PRO A 277 25.07 -15.00 -7.66
C PRO A 277 24.76 -15.90 -6.46
N ASP A 278 25.55 -15.83 -5.38
CA ASP A 278 25.29 -16.66 -4.19
C ASP A 278 24.15 -16.10 -3.29
N GLY A 279 23.69 -14.89 -3.57
CA GLY A 279 22.59 -14.24 -2.86
C GLY A 279 23.00 -13.43 -1.65
N ARG A 280 24.30 -13.25 -1.40
CA ARG A 280 24.76 -12.54 -0.21
C ARG A 280 25.26 -11.13 -0.51
N CYS A 281 24.81 -10.15 0.28
CA CYS A 281 25.27 -8.78 0.14
C CYS A 281 26.55 -8.73 0.98
N LYS A 282 27.71 -8.69 0.34
CA LYS A 282 28.99 -8.72 1.06
C LYS A 282 29.43 -7.29 1.24
N SER A 283 28.77 -6.59 2.13
CA SER A 283 28.98 -5.16 2.36
C SER A 283 30.44 -4.79 2.63
N PHE A 284 31.04 -4.04 1.69
CA PHE A 284 32.40 -3.50 1.75
C PHE A 284 33.52 -4.54 1.64
N ALA A 285 33.19 -5.76 1.19
CA ALA A 285 34.16 -6.84 1.05
C ALA A 285 34.84 -6.84 -0.32
N ALA A 286 36.05 -7.44 -0.40
CA ALA A 286 36.75 -7.62 -1.67
C ALA A 286 35.92 -8.55 -2.57
N ALA A 287 35.29 -9.59 -2.00
CA ALA A 287 34.48 -10.53 -2.75
C ALA A 287 33.10 -9.98 -3.20
N ALA A 288 32.71 -8.73 -2.83
CA ALA A 288 31.41 -8.17 -3.23
C ALA A 288 31.17 -8.28 -4.73
N ASP A 289 30.02 -8.82 -5.11
CA ASP A 289 29.67 -9.02 -6.50
C ASP A 289 28.16 -8.80 -6.72
N GLY A 290 27.59 -7.82 -6.04
CA GLY A 290 26.18 -7.48 -6.17
C GLY A 290 25.41 -7.50 -4.87
N THR A 291 24.19 -6.98 -4.96
CA THR A 291 23.24 -6.91 -3.87
C THR A 291 22.20 -8.05 -4.02
N ASN A 292 21.18 -8.08 -3.14
CA ASN A 292 20.11 -9.07 -3.23
C ASN A 292 18.91 -8.56 -2.46
N TRP A 293 17.71 -8.90 -2.92
CA TRP A 293 16.49 -8.36 -2.35
C TRP A 293 16.01 -9.09 -1.11
N ALA A 294 15.32 -8.35 -0.27
CA ALA A 294 14.74 -8.85 0.95
C ALA A 294 13.35 -8.25 1.15
N GLU A 295 12.51 -9.01 1.84
CA GLU A 295 11.18 -8.60 2.25
C GLU A 295 11.31 -8.10 3.68
N GLY A 296 10.39 -7.24 4.09
CA GLY A 296 10.40 -6.75 5.46
C GLY A 296 9.43 -5.65 5.74
N VAL A 297 9.16 -5.43 7.01
CA VAL A 297 8.35 -4.32 7.47
C VAL A 297 9.12 -3.77 8.67
N ALA A 298 9.22 -2.45 8.77
CA ALA A 298 9.98 -1.82 9.86
C ALA A 298 9.34 -0.50 10.17
N VAL A 299 8.86 -0.29 11.40
CA VAL A 299 8.18 0.95 11.76
C VAL A 299 8.67 1.49 13.08
N LEU A 300 8.60 2.82 13.23
CA LEU A 300 8.96 3.55 14.43
C LEU A 300 7.80 4.43 14.85
N VAL A 301 7.69 4.66 16.13
CA VAL A 301 6.75 5.63 16.68
C VAL A 301 7.69 6.70 17.21
N VAL A 302 7.54 7.93 16.70
CA VAL A 302 8.38 9.06 17.06
C VAL A 302 7.55 10.17 17.67
N GLU A 303 8.20 11.00 18.47
CA GLU A 303 7.56 12.13 19.15
C GLU A 303 8.66 13.14 19.58
N ARG A 304 8.37 14.44 19.73
CA ARG A 304 9.41 15.41 20.17
C ARG A 304 9.95 14.99 21.56
N LEU A 305 11.27 15.08 21.78
CA LEU A 305 11.87 14.65 23.04
C LEU A 305 11.24 15.33 24.26
N SER A 306 10.92 16.62 24.15
CA SER A 306 10.25 17.34 25.23
C SER A 306 8.87 16.73 25.55
N ASP A 307 8.14 16.21 24.53
CA ASP A 307 6.84 15.57 24.74
C ASP A 307 6.97 14.18 25.32
N ALA A 308 8.05 13.45 25.01
CA ALA A 308 8.27 12.12 25.57
C ALA A 308 8.57 12.26 27.06
N ARG A 309 9.39 13.25 27.44
CA ARG A 309 9.74 13.50 28.83
C ARG A 309 8.50 13.96 29.60
N ARG A 310 7.70 14.85 28.99
CA ARG A 310 6.49 15.36 29.64
C ARG A 310 5.48 14.22 29.81
N ASN A 311 5.25 13.42 28.76
CA ASN A 311 4.30 12.31 28.81
C ASN A 311 4.79 11.09 29.58
N GLY A 312 6.03 11.09 30.06
CA GLY A 312 6.56 9.95 30.79
C GLY A 312 6.81 8.73 29.94
N HIS A 313 7.01 8.90 28.63
CA HIS A 313 7.31 7.78 27.75
C HIS A 313 8.79 7.42 27.84
N ARG A 314 9.11 6.13 27.65
CA ARG A 314 10.47 5.63 27.68
C ARG A 314 11.13 5.92 26.32
N VAL A 315 12.21 6.71 26.34
CA VAL A 315 12.93 7.09 25.13
C VAL A 315 13.95 5.99 24.79
N LEU A 316 13.74 5.28 23.68
CA LEU A 316 14.62 4.20 23.26
C LEU A 316 15.92 4.75 22.66
N ALA A 317 15.80 5.84 21.91
CA ALA A 317 16.91 6.52 21.25
C ALA A 317 16.37 7.86 20.71
N VAL A 318 17.25 8.77 20.33
CA VAL A 318 16.86 10.08 19.84
C VAL A 318 17.42 10.27 18.42
N VAL A 319 16.58 10.79 17.52
CA VAL A 319 16.99 11.15 16.17
C VAL A 319 17.42 12.60 16.38
N ARG A 320 18.73 12.82 16.52
CA ARG A 320 19.26 14.14 16.79
C ARG A 320 19.34 15.03 15.53
N GLY A 321 19.75 14.44 14.42
CA GLY A 321 19.87 15.14 13.15
C GLY A 321 19.41 14.29 12.01
N THR A 322 18.90 14.93 10.97
CA THR A 322 18.40 14.22 9.80
C THR A 322 18.52 15.14 8.59
N ALA A 323 18.79 14.56 7.41
CA ALA A 323 18.89 15.34 6.18
C ALA A 323 18.63 14.48 4.98
N ILE A 324 18.10 15.09 3.91
CA ILE A 324 17.84 14.43 2.64
C ILE A 324 18.31 15.35 1.50
N ASN A 325 18.79 14.77 0.41
CA ASN A 325 19.29 15.52 -0.72
C ASN A 325 19.30 14.68 -2.00
N GLN A 326 19.96 15.16 -3.04
CA GLN A 326 20.01 14.46 -4.31
C GLN A 326 21.43 14.37 -4.82
N ASP A 327 21.66 13.31 -5.60
CA ASP A 327 22.91 13.11 -6.31
C ASP A 327 23.13 14.23 -7.33
N GLY A 328 22.04 14.73 -7.93
CA GLY A 328 22.12 15.79 -8.93
C GLY A 328 22.71 15.22 -10.20
N ALA A 329 23.70 15.92 -10.76
CA ALA A 329 24.35 15.50 -12.00
C ALA A 329 25.42 14.43 -11.75
N SER A 330 25.00 13.18 -11.56
CA SER A 330 25.92 12.06 -11.34
C SER A 330 26.38 11.44 -12.69
N ASN A 331 27.24 10.39 -12.66
CA ASN A 331 27.70 9.69 -13.86
C ASN A 331 26.62 8.67 -14.31
N GLY A 332 25.38 9.13 -14.45
CA GLY A 332 24.26 8.29 -14.81
C GLY A 332 23.15 8.35 -13.77
N LEU A 333 21.92 8.15 -14.21
CA LEU A 333 20.74 8.20 -13.35
C LEU A 333 20.79 7.21 -12.19
N SER A 334 21.19 5.95 -12.46
CA SER A 334 21.28 4.91 -11.45
C SER A 334 22.61 4.95 -10.64
N ALA A 335 23.58 5.80 -11.02
CA ALA A 335 24.89 5.83 -10.37
C ALA A 335 24.90 6.62 -9.06
N PRO A 336 25.61 6.17 -8.00
CA PRO A 336 25.71 7.00 -6.79
C PRO A 336 26.77 8.11 -6.93
N ASN A 337 26.65 9.16 -6.12
CA ASN A 337 27.56 10.30 -6.13
C ASN A 337 28.16 10.48 -4.73
N ASP A 338 29.49 10.31 -4.61
CA ASP A 338 30.19 10.43 -3.33
C ASP A 338 30.13 11.86 -2.77
N LEU A 339 30.16 12.87 -3.64
CA LEU A 339 30.10 14.26 -3.19
C LEU A 339 28.72 14.56 -2.59
N ALA A 340 27.64 14.00 -3.17
CA ALA A 340 26.29 14.20 -2.66
C ALA A 340 26.09 13.44 -1.35
N GLN A 341 26.73 12.28 -1.17
CA GLN A 341 26.66 11.52 0.07
C GLN A 341 27.42 12.24 1.17
N GLU A 342 28.56 12.88 0.87
CA GLU A 342 29.28 13.65 1.88
C GLU A 342 28.41 14.86 2.30
N ARG A 343 27.76 15.52 1.33
CA ARG A 343 26.93 16.67 1.62
C ARG A 343 25.71 16.32 2.48
N VAL A 344 25.08 15.16 2.28
CA VAL A 344 23.92 14.77 3.09
C VAL A 344 24.38 14.44 4.51
N ILE A 345 25.57 13.83 4.68
CA ILE A 345 26.13 13.56 6.00
C ILE A 345 26.42 14.90 6.72
N ARG A 346 27.09 15.86 6.06
CA ARG A 346 27.40 17.14 6.69
C ARG A 346 26.14 17.95 6.99
N SER A 347 25.08 17.80 6.19
CA SER A 347 23.81 18.45 6.48
C SER A 347 23.18 17.83 7.75
N ALA A 348 23.24 16.49 7.88
CA ALA A 348 22.68 15.79 9.05
C ALA A 348 23.48 16.15 10.31
N LEU A 349 24.80 16.30 10.19
CA LEU A 349 25.63 16.71 11.31
C LEU A 349 25.32 18.16 11.72
N ASP A 350 25.12 19.07 10.76
CA ASP A 350 24.78 20.46 11.08
C ASP A 350 23.40 20.54 11.72
N ASN A 351 22.41 19.78 11.19
CA ASN A 351 21.07 19.73 11.75
C ASN A 351 21.10 19.24 13.21
N ALA A 352 22.05 18.33 13.56
CA ALA A 352 22.21 17.83 14.92
C ALA A 352 23.08 18.71 15.83
N GLY A 353 23.81 19.66 15.25
CA GLY A 353 24.75 20.47 16.00
C GLY A 353 25.94 19.63 16.43
N LEU A 354 26.39 18.69 15.56
CA LEU A 354 27.50 17.78 15.85
C LEU A 354 28.56 17.80 14.75
N THR A 355 29.76 17.30 15.07
CA THR A 355 30.86 17.15 14.12
C THR A 355 31.09 15.64 13.93
N ALA A 356 31.85 15.28 12.88
CA ALA A 356 32.19 13.89 12.52
C ALA A 356 32.67 13.04 13.71
N SER A 357 33.58 13.58 14.55
CA SER A 357 34.14 12.81 15.66
C SER A 357 33.12 12.46 16.73
N ASP A 358 31.96 13.13 16.78
CA ASP A 358 30.92 12.82 17.76
C ASP A 358 30.17 11.52 17.41
N VAL A 359 30.31 10.99 16.18
CA VAL A 359 29.63 9.79 15.73
C VAL A 359 30.58 8.61 15.82
N ASP A 360 30.17 7.54 16.52
CA ASP A 360 31.00 6.36 16.73
C ASP A 360 30.90 5.36 15.60
N ALA A 361 29.75 5.27 14.94
CA ALA A 361 29.53 4.24 13.93
C ALA A 361 28.51 4.65 12.89
N VAL A 362 28.49 3.98 11.74
CA VAL A 362 27.47 4.17 10.74
C VAL A 362 26.89 2.81 10.36
N GLU A 363 25.56 2.75 10.31
CA GLU A 363 24.83 1.62 9.79
C GLU A 363 24.72 2.08 8.35
N ALA A 364 25.60 1.57 7.52
CA ALA A 364 25.72 2.00 6.14
C ALA A 364 24.59 1.47 5.24
N HIS A 365 24.41 2.06 4.06
CA HIS A 365 23.49 1.55 3.05
C HIS A 365 24.06 0.15 2.63
N GLY A 366 25.38 0.09 2.36
CA GLY A 366 26.17 -1.13 2.15
C GLY A 366 25.49 -2.26 1.41
N THR A 367 25.12 -2.02 0.17
CA THR A 367 24.39 -2.99 -0.63
C THR A 367 25.18 -4.20 -1.08
N GLY A 368 26.51 -4.12 -1.10
CA GLY A 368 27.34 -5.20 -1.59
C GLY A 368 27.62 -5.13 -3.08
N THR A 369 27.27 -4.02 -3.76
CA THR A 369 27.54 -3.87 -5.19
C THR A 369 28.95 -3.35 -5.41
N THR A 370 29.61 -3.79 -6.49
CA THR A 370 30.94 -3.32 -6.82
C THR A 370 30.94 -1.81 -7.12
N LEU A 371 29.83 -1.24 -7.61
CA LEU A 371 29.76 0.19 -7.91
C LEU A 371 29.47 1.04 -6.66
N GLY A 372 28.46 0.65 -5.89
CA GLY A 372 28.03 1.42 -4.74
C GLY A 372 28.94 1.43 -3.53
N ASP A 373 29.42 0.26 -3.14
CA ASP A 373 30.24 0.13 -1.95
C ASP A 373 31.49 1.07 -1.92
N PRO A 374 32.38 1.08 -2.95
CA PRO A 374 33.54 2.00 -2.90
C PRO A 374 33.14 3.45 -2.77
N ILE A 375 32.09 3.87 -3.50
CA ILE A 375 31.60 5.25 -3.46
C ILE A 375 31.09 5.62 -2.05
N GLU A 376 30.35 4.72 -1.39
CA GLU A 376 29.87 4.99 -0.04
C GLU A 376 31.05 5.06 0.95
N ALA A 377 31.99 4.11 0.85
CA ALA A 377 33.15 4.10 1.73
C ALA A 377 34.00 5.37 1.55
N GLN A 378 34.14 5.87 0.30
CA GLN A 378 34.89 7.09 0.03
C GLN A 378 34.19 8.27 0.71
N ALA A 379 32.87 8.39 0.53
CA ALA A 379 32.12 9.47 1.17
C ALA A 379 32.20 9.37 2.70
N LEU A 380 32.14 8.15 3.27
CA LEU A 380 32.30 7.97 4.72
C LEU A 380 33.71 8.36 5.19
N LEU A 381 34.76 8.03 4.41
CA LEU A 381 36.13 8.40 4.74
C LEU A 381 36.32 9.92 4.72
N ALA A 382 35.75 10.61 3.72
CA ALA A 382 35.87 12.06 3.63
C ALA A 382 34.97 12.79 4.66
N ALA A 383 33.68 12.41 4.77
CA ALA A 383 32.77 13.08 5.68
C ALA A 383 33.01 12.79 7.14
N TYR A 384 33.42 11.55 7.48
CA TYR A 384 33.59 11.15 8.87
C TYR A 384 34.99 10.83 9.31
N GLY A 385 35.85 10.38 8.41
CA GLY A 385 37.15 9.87 8.78
C GLY A 385 38.32 10.79 9.02
N HIS A 386 38.18 12.13 8.93
CA HIS A 386 39.37 12.99 9.03
C HIS A 386 39.60 13.78 10.35
N GLU A 387 38.57 14.38 10.95
CA GLU A 387 38.80 15.18 12.18
C GLU A 387 38.45 14.33 13.38
N ARG A 388 39.18 13.22 13.57
CA ARG A 388 38.95 12.29 14.67
C ARG A 388 40.22 11.51 15.04
N PRO A 389 40.30 10.93 16.26
CA PRO A 389 41.48 10.11 16.60
C PRO A 389 41.58 8.86 15.73
N ALA A 390 42.79 8.47 15.33
CA ALA A 390 43.03 7.27 14.54
C ALA A 390 42.62 6.01 15.28
N HIS A 391 42.78 6.00 16.63
CA HIS A 391 42.39 4.91 17.51
C HIS A 391 40.90 4.87 17.86
N ARG A 392 40.09 5.82 17.33
CA ARG A 392 38.62 5.86 17.48
C ARG A 392 38.01 5.98 16.07
N PRO A 393 38.27 5.01 15.17
CA PRO A 393 37.70 5.12 13.83
C PRO A 393 36.20 4.94 13.85
N LEU A 394 35.53 5.44 12.81
CA LEU A 394 34.10 5.23 12.64
C LEU A 394 33.94 3.77 12.26
N ARG A 395 33.13 3.01 13.00
CA ARG A 395 32.93 1.59 12.75
C ARG A 395 31.77 1.44 11.79
N VAL A 396 31.95 0.69 10.71
CA VAL A 396 30.92 0.58 9.68
C VAL A 396 30.45 -0.85 9.50
N GLY A 397 29.14 -1.01 9.40
CA GLY A 397 28.48 -2.28 9.15
C GLY A 397 27.20 -2.09 8.37
N SER A 398 26.55 -3.19 7.99
CA SER A 398 25.29 -3.11 7.25
C SER A 398 24.42 -4.34 7.48
N LEU A 399 23.18 -4.11 7.93
CA LEU A 399 22.15 -5.13 8.14
C LEU A 399 21.89 -5.92 6.85
N LYS A 400 22.19 -5.35 5.68
CA LYS A 400 22.03 -6.03 4.40
C LYS A 400 22.95 -7.26 4.34
N SER A 401 24.10 -7.26 5.05
CA SER A 401 24.97 -8.43 5.09
C SER A 401 24.32 -9.63 5.81
N ASN A 402 23.25 -9.40 6.61
CA ASN A 402 22.55 -10.45 7.33
C ASN A 402 21.31 -10.92 6.58
N ILE A 403 20.46 -9.97 6.14
CA ILE A 403 19.15 -10.27 5.57
C ILE A 403 18.93 -9.91 4.11
N GLY A 404 19.84 -9.13 3.52
CA GLY A 404 19.66 -8.64 2.16
C GLY A 404 19.12 -7.22 2.17
N HIS A 405 18.92 -6.68 0.97
CA HIS A 405 18.46 -5.32 0.78
C HIS A 405 16.91 -5.25 0.80
N ALA A 406 16.33 -4.74 1.91
CA ALA A 406 14.86 -4.68 2.05
C ALA A 406 14.18 -3.52 1.32
N GLY A 407 14.81 -2.96 0.29
CA GLY A 407 14.28 -1.85 -0.50
C GLY A 407 13.67 -0.71 0.30
N PRO A 408 12.41 -0.32 0.03
CA PRO A 408 11.80 0.77 0.82
C PRO A 408 11.94 0.66 2.34
N ALA A 409 11.89 -0.57 2.90
CA ALA A 409 11.98 -0.82 4.34
C ALA A 409 13.40 -0.83 4.91
N ALA A 410 14.42 -0.89 4.05
CA ALA A 410 15.80 -1.05 4.47
C ALA A 410 16.34 0.01 5.44
N GLY A 411 16.02 1.27 5.20
CA GLY A 411 16.55 2.38 6.00
C GLY A 411 16.11 2.35 7.44
N VAL A 412 14.80 2.19 7.68
CA VAL A 412 14.26 2.12 9.04
C VAL A 412 14.62 0.80 9.70
N ALA A 413 14.77 -0.31 8.93
CA ALA A 413 15.24 -1.57 9.51
C ALA A 413 16.65 -1.38 10.14
N GLY A 414 17.50 -0.61 9.45
CA GLY A 414 18.84 -0.28 9.92
C GLY A 414 18.84 0.58 11.17
N VAL A 415 17.85 1.50 11.34
CA VAL A 415 17.79 2.32 12.56
C VAL A 415 17.33 1.40 13.72
N ILE A 416 16.44 0.41 13.49
CA ILE A 416 16.03 -0.51 14.57
C ILE A 416 17.26 -1.29 15.05
N LYS A 417 18.09 -1.76 14.12
CA LYS A 417 19.34 -2.41 14.41
C LYS A 417 20.26 -1.53 15.29
N MET A 418 20.41 -0.25 14.94
CA MET A 418 21.27 0.64 15.70
C MET A 418 20.69 1.05 17.02
N VAL A 419 19.35 1.16 17.13
CA VAL A 419 18.73 1.45 18.42
C VAL A 419 19.00 0.26 19.36
N MET A 420 18.87 -0.98 18.85
CA MET A 420 19.16 -2.15 19.68
C MET A 420 20.63 -2.29 20.01
N ALA A 421 21.54 -1.90 19.08
CA ALA A 421 22.98 -1.88 19.34
C ALA A 421 23.28 -0.90 20.47
N MET A 422 22.66 0.30 20.46
CA MET A 422 22.90 1.28 21.51
C MET A 422 22.37 0.81 22.85
N ARG A 423 21.23 0.12 22.87
CA ARG A 423 20.67 -0.37 24.13
C ARG A 423 21.43 -1.58 24.70
N HIS A 424 21.93 -2.47 23.84
CA HIS A 424 22.74 -3.61 24.29
C HIS A 424 24.24 -3.27 24.50
N GLY A 425 24.69 -2.09 24.08
CA GLY A 425 26.06 -1.65 24.25
C GLY A 425 27.07 -2.38 23.38
N VAL A 426 26.65 -2.88 22.19
CA VAL A 426 27.54 -3.63 21.29
C VAL A 426 27.32 -3.18 19.86
N LEU A 427 28.41 -3.10 19.07
CA LEU A 427 28.36 -2.81 17.65
C LEU A 427 28.52 -4.16 16.96
N PRO A 428 27.44 -4.75 16.40
CA PRO A 428 27.56 -6.11 15.86
C PRO A 428 28.38 -6.25 14.59
N ARG A 429 28.84 -7.48 14.30
CA ARG A 429 29.63 -7.72 13.10
C ARG A 429 28.81 -7.63 11.83
N SER A 430 29.51 -7.30 10.74
CA SER A 430 28.96 -7.21 9.39
C SER A 430 29.52 -8.45 8.68
N LEU A 431 28.64 -9.28 8.10
CA LEU A 431 29.04 -10.57 7.51
C LEU A 431 29.69 -10.50 6.14
N HIS A 432 30.41 -11.60 5.83
CA HIS A 432 31.05 -11.92 4.55
C HIS A 432 32.22 -11.02 4.18
N ILE A 433 32.85 -10.34 5.16
CA ILE A 433 34.02 -9.53 4.82
C ILE A 433 35.23 -10.44 4.88
N ASP A 434 35.65 -10.97 3.72
CA ASP A 434 36.88 -11.75 3.59
C ASP A 434 38.05 -10.78 3.84
N GLU A 435 38.02 -9.64 3.14
CA GLU A 435 39.02 -8.59 3.22
C GLU A 435 38.31 -7.26 2.95
N PRO A 436 38.71 -6.11 3.55
CA PRO A 436 38.09 -4.84 3.13
C PRO A 436 38.37 -4.58 1.64
N THR A 437 37.38 -4.06 0.89
CA THR A 437 37.53 -3.90 -0.55
C THR A 437 38.80 -3.11 -0.96
N PRO A 438 39.62 -3.67 -1.87
CA PRO A 438 40.80 -2.92 -2.34
C PRO A 438 40.44 -1.73 -3.24
N GLN A 439 39.15 -1.58 -3.63
CA GLN A 439 38.68 -0.44 -4.39
C GLN A 439 38.61 0.85 -3.54
N VAL A 440 38.98 0.80 -2.24
CA VAL A 440 38.92 1.92 -1.31
C VAL A 440 40.29 2.14 -0.68
N ASP A 441 40.70 3.41 -0.54
CA ASP A 441 41.97 3.74 0.12
C ASP A 441 41.60 3.87 1.59
N TRP A 442 41.63 2.74 2.29
CA TRP A 442 41.29 2.66 3.71
C TRP A 442 42.27 3.44 4.58
N SER A 443 43.54 3.59 4.14
CA SER A 443 44.53 4.37 4.88
C SER A 443 44.27 5.88 4.84
N SER A 444 43.39 6.35 3.93
CA SER A 444 43.13 7.79 3.75
C SER A 444 42.19 8.41 4.80
N GLY A 445 41.75 7.65 5.78
CA GLY A 445 40.86 8.15 6.82
C GLY A 445 40.61 7.10 7.87
N ALA A 446 40.15 7.53 9.05
CA ALA A 446 39.89 6.61 10.15
C ALA A 446 38.45 6.09 10.13
N VAL A 447 38.22 5.11 9.23
CA VAL A 447 36.94 4.41 9.06
C VAL A 447 37.30 2.93 8.94
N THR A 448 36.78 2.09 9.85
CA THR A 448 37.09 0.66 9.91
C THR A 448 35.80 -0.16 9.83
N LEU A 449 35.83 -1.31 9.15
CA LEU A 449 34.66 -2.17 9.02
C LEU A 449 34.51 -3.04 10.24
N LEU A 450 33.28 -3.41 10.55
CA LEU A 450 32.98 -4.29 11.69
C LEU A 450 33.13 -5.73 11.28
N THR A 451 34.37 -6.14 11.02
CA THR A 451 34.72 -7.53 10.69
C THR A 451 34.50 -8.45 11.94
N GLU A 452 34.51 -7.88 13.15
CA GLU A 452 34.16 -8.60 14.38
C GLU A 452 33.38 -7.64 15.30
N PRO A 453 32.53 -8.15 16.23
CA PRO A 453 31.80 -7.24 17.12
C PRO A 453 32.72 -6.48 18.07
N VAL A 454 32.30 -5.32 18.49
CA VAL A 454 33.08 -4.45 19.38
C VAL A 454 32.15 -3.96 20.49
N ASP A 455 32.68 -3.81 21.70
CA ASP A 455 31.89 -3.25 22.79
C ASP A 455 31.75 -1.75 22.57
N TRP A 456 30.58 -1.21 22.86
CA TRP A 456 30.27 0.20 22.69
C TRP A 456 30.18 0.82 24.10
N PRO A 457 31.25 1.48 24.61
CA PRO A 457 31.19 2.00 25.98
C PRO A 457 30.22 3.16 26.20
N ASP A 458 29.53 3.14 27.34
CA ASP A 458 28.56 4.16 27.75
C ASP A 458 29.25 5.36 28.44
N SER A 459 30.44 5.17 29.02
CA SER A 459 31.14 6.23 29.74
C SER A 459 31.54 7.43 28.88
N ASP A 460 31.80 8.56 29.55
CA ASP A 460 32.26 9.77 28.86
C ASP A 460 31.12 10.52 28.19
N ARG A 461 30.84 10.18 26.93
CA ARG A 461 29.80 10.86 26.13
C ARG A 461 28.69 9.87 25.68
N PRO A 462 27.55 10.37 25.13
CA PRO A 462 26.51 9.45 24.66
C PRO A 462 26.93 8.71 23.39
N ARG A 463 26.43 7.48 23.22
CA ARG A 463 26.72 6.71 22.01
C ARG A 463 25.93 7.36 20.86
N ARG A 464 26.55 7.48 19.69
CA ARG A 464 25.92 8.09 18.53
C ARG A 464 26.26 7.30 17.30
N ALA A 465 25.31 7.22 16.37
CA ALA A 465 25.53 6.50 15.13
C ALA A 465 24.73 7.12 14.00
N GLY A 466 25.27 7.08 12.80
CA GLY A 466 24.58 7.52 11.61
C GLY A 466 23.95 6.33 10.90
N VAL A 467 22.91 6.58 10.10
CA VAL A 467 22.26 5.55 9.29
C VAL A 467 22.08 6.14 7.91
N SER A 468 22.45 5.38 6.87
CA SER A 468 22.35 5.85 5.51
C SER A 468 21.40 5.02 4.68
N ALA A 469 20.79 5.67 3.67
CA ALA A 469 19.93 5.03 2.72
C ALA A 469 19.98 5.83 1.42
N PHE A 470 20.46 5.22 0.37
CA PHE A 470 20.57 5.84 -0.94
C PHE A 470 19.61 5.09 -1.86
N GLY A 471 19.20 5.74 -2.94
CA GLY A 471 18.25 5.16 -3.87
C GLY A 471 18.72 5.25 -5.30
N ILE A 472 18.12 4.43 -6.16
CA ILE A 472 18.44 4.42 -7.58
C ILE A 472 18.00 5.73 -8.25
N SER A 473 16.97 6.41 -7.73
CA SER A 473 16.53 7.69 -8.29
C SER A 473 17.39 8.89 -7.86
N GLY A 474 18.41 8.66 -7.03
CA GLY A 474 19.33 9.71 -6.59
C GLY A 474 19.04 10.41 -5.28
N THR A 475 17.91 10.10 -4.58
CA THR A 475 17.59 10.79 -3.33
C THR A 475 18.24 10.07 -2.13
N ASN A 476 19.11 10.79 -1.42
CA ASN A 476 19.88 10.27 -0.32
C ASN A 476 19.31 10.68 1.01
N ALA A 477 19.57 9.88 2.04
CA ALA A 477 19.10 10.17 3.37
C ALA A 477 20.16 9.75 4.38
N HIS A 478 20.36 10.57 5.40
CA HIS A 478 21.29 10.25 6.47
C HIS A 478 20.67 10.79 7.75
N VAL A 479 20.67 9.96 8.77
CA VAL A 479 20.07 10.24 10.06
C VAL A 479 21.13 10.00 11.13
N ILE A 480 21.14 10.84 12.15
CA ILE A 480 22.10 10.71 13.25
C ILE A 480 21.34 10.41 14.53
N LEU A 481 21.53 9.19 15.05
CA LEU A 481 20.92 8.69 16.27
C LEU A 481 21.85 8.97 17.43
N GLU A 482 21.26 9.21 18.58
CA GLU A 482 21.97 9.42 19.81
C GLU A 482 21.29 8.56 20.86
N GLN A 483 22.08 8.10 21.81
CA GLN A 483 21.63 7.30 22.93
C GLN A 483 20.56 8.04 23.74
N ALA A 484 19.61 7.29 24.31
CA ALA A 484 18.57 7.87 25.17
C ALA A 484 19.21 8.60 26.35
N PRO A 485 18.78 9.84 26.70
CA PRO A 485 19.42 10.52 27.85
C PRO A 485 19.25 9.71 29.15
N THR A 486 20.30 9.67 29.98
CA THR A 486 20.27 8.96 31.27
C THR A 486 19.41 9.68 32.31
N GLN A 487 19.04 10.96 32.10
CA GLN A 487 18.19 11.73 33.00
C GLN A 487 16.71 11.33 32.83
N ASP A 488 16.42 10.03 32.96
CA ASP A 488 15.06 9.47 32.82
C ASP A 488 14.99 8.08 33.44
N PRO A 492 10.18 6.68 43.11
CA PRO A 492 9.71 6.17 44.40
C PRO A 492 8.18 6.11 44.45
N ALA A 493 7.63 4.97 43.98
CA ALA A 493 6.19 4.73 43.87
C ALA A 493 5.67 3.63 44.83
N PRO A 494 4.88 3.96 45.87
CA PRO A 494 4.38 2.90 46.78
C PRO A 494 3.29 2.03 46.15
N PRO A 495 3.19 0.75 46.54
CA PRO A 495 2.21 -0.13 45.90
C PRO A 495 0.75 0.11 46.24
N VAL A 496 -0.16 -0.38 45.39
CA VAL A 496 -1.58 -0.33 45.64
C VAL A 496 -1.99 -1.80 45.91
N PRO A 497 -2.50 -2.13 47.11
CA PRO A 497 -2.81 -3.54 47.39
C PRO A 497 -3.89 -4.11 46.48
N ALA A 498 -3.74 -5.39 46.10
CA ALA A 498 -4.66 -6.11 45.20
C ALA A 498 -4.91 -5.32 43.92
N ALA A 499 -3.83 -4.86 43.27
CA ALA A 499 -3.94 -4.08 42.04
C ALA A 499 -4.44 -5.01 40.92
N PRO A 500 -5.63 -4.79 40.33
CA PRO A 500 -6.09 -5.73 39.28
C PRO A 500 -5.15 -5.82 38.08
N TRP A 501 -4.92 -7.03 37.58
CA TRP A 501 -4.12 -7.25 36.38
C TRP A 501 -5.14 -7.53 35.31
N LEU A 502 -5.33 -6.60 34.36
CA LEU A 502 -6.34 -6.76 33.31
C LEU A 502 -5.76 -7.38 32.06
N LEU A 503 -6.55 -8.24 31.38
CA LEU A 503 -6.20 -8.84 30.09
C LEU A 503 -7.45 -8.94 29.25
N SER A 504 -7.32 -8.73 27.95
CA SER A 504 -8.47 -8.79 27.04
C SER A 504 -8.03 -9.07 25.62
N ALA A 505 -8.93 -9.65 24.83
CA ALA A 505 -8.66 -9.92 23.43
C ALA A 505 -9.95 -9.95 22.59
N LYS A 506 -9.84 -9.90 21.26
CA LYS A 506 -11.00 -9.91 20.39
C LYS A 506 -11.72 -11.28 20.38
N THR A 507 -11.06 -12.38 20.83
CA THR A 507 -11.69 -13.70 20.92
C THR A 507 -11.19 -14.45 22.18
N PRO A 508 -11.90 -15.48 22.68
CA PRO A 508 -11.38 -16.26 23.82
C PRO A 508 -10.02 -16.90 23.53
N ALA A 509 -9.80 -17.46 22.32
CA ALA A 509 -8.51 -18.06 21.99
C ALA A 509 -7.39 -17.01 22.04
N ALA A 510 -7.64 -15.79 21.56
CA ALA A 510 -6.64 -14.74 21.62
C ALA A 510 -6.37 -14.34 23.08
N LEU A 511 -7.38 -14.39 23.96
CA LEU A 511 -7.21 -14.08 25.39
C LEU A 511 -6.36 -15.14 26.08
N ARG A 512 -6.49 -16.41 25.68
CA ARG A 512 -5.66 -17.48 26.24
C ARG A 512 -4.21 -17.26 25.83
N ALA A 513 -3.98 -16.89 24.56
CA ALA A 513 -2.63 -16.60 24.07
C ALA A 513 -2.07 -15.34 24.74
N GLN A 514 -2.92 -14.36 25.10
CA GLN A 514 -2.47 -13.16 25.81
C GLN A 514 -1.92 -13.56 27.17
N ALA A 515 -2.66 -14.44 27.87
CA ALA A 515 -2.26 -14.92 29.19
C ALA A 515 -1.00 -15.77 29.09
N ARG A 516 -0.93 -16.70 28.11
CA ARG A 516 0.24 -17.54 27.93
C ARG A 516 1.50 -16.70 27.65
N ARG A 517 1.41 -15.74 26.71
CA ARG A 517 2.55 -14.86 26.36
C ARG A 517 2.97 -13.98 27.53
N LEU A 518 2.01 -13.53 28.36
CA LEU A 518 2.36 -12.70 29.52
C LEU A 518 3.04 -13.57 30.59
N HIS A 519 2.56 -14.82 30.78
CA HIS A 519 3.14 -15.75 31.74
C HIS A 519 4.60 -16.07 31.36
N THR A 520 4.89 -16.28 30.07
CA THR A 520 6.24 -16.55 29.59
C THR A 520 7.14 -15.32 29.77
N HIS A 521 6.61 -14.15 29.48
CA HIS A 521 7.34 -12.89 29.59
C HIS A 521 7.69 -12.60 31.05
N LEU A 522 6.80 -12.93 31.99
CA LEU A 522 7.08 -12.70 33.41
C LEU A 522 8.04 -13.74 33.98
N ALA A 523 8.09 -14.96 33.41
CA ALA A 523 9.04 -15.98 33.87
C ALA A 523 10.46 -15.53 33.57
N ARG A 524 10.69 -14.88 32.40
CA ARG A 524 12.00 -14.34 32.01
C ARG A 524 12.16 -12.92 32.56
N HIS A 525 12.00 -12.79 33.89
CA HIS A 525 12.09 -11.53 34.61
C HIS A 525 12.35 -11.82 36.12
N PRO A 526 13.45 -11.33 36.76
CA PRO A 526 13.69 -11.69 38.17
C PRO A 526 12.61 -11.27 39.21
N HIS A 527 12.34 -9.95 39.41
CA HIS A 527 11.38 -9.50 40.43
C HIS A 527 10.64 -8.22 40.00
N PRO A 528 9.66 -8.35 39.08
CA PRO A 528 8.94 -7.17 38.62
C PRO A 528 7.90 -6.70 39.63
N ASP A 529 7.76 -5.38 39.80
CA ASP A 529 6.81 -4.79 40.74
C ASP A 529 5.37 -5.06 40.26
N PRO A 530 4.50 -5.71 41.07
CA PRO A 530 3.16 -6.05 40.56
C PRO A 530 2.26 -4.88 40.25
N THR A 531 2.39 -3.76 40.97
CA THR A 531 1.61 -2.57 40.69
C THR A 531 2.07 -1.95 39.36
N ASP A 532 3.38 -2.00 39.05
CA ASP A 532 3.89 -1.49 37.78
C ASP A 532 3.33 -2.30 36.61
N ILE A 533 3.20 -3.63 36.80
CA ILE A 533 2.65 -4.50 35.76
C ILE A 533 1.15 -4.18 35.58
N ALA A 534 0.44 -4.06 36.72
CA ALA A 534 -0.99 -3.72 36.72
C ALA A 534 -1.25 -2.40 35.99
N HIS A 535 -0.43 -1.36 36.24
CA HIS A 535 -0.58 -0.07 35.58
C HIS A 535 -0.32 -0.14 34.08
N ALA A 536 0.71 -0.88 33.65
CA ALA A 536 1.01 -1.02 32.23
C ALA A 536 -0.11 -1.79 31.51
N LEU A 537 -0.61 -2.89 32.11
CA LEU A 537 -1.71 -3.68 31.53
C LEU A 537 -3.01 -2.91 31.40
N ALA A 538 -3.26 -1.96 32.31
CA ALA A 538 -4.51 -1.20 32.32
C ALA A 538 -4.46 0.12 31.57
N THR A 539 -3.27 0.74 31.44
CA THR A 539 -3.18 2.06 30.81
C THR A 539 -2.45 2.08 29.48
N THR A 540 -1.84 0.96 29.04
CA THR A 540 -1.12 0.94 27.74
C THR A 540 -1.66 -0.15 26.80
N ARG A 541 -2.81 -0.78 27.12
CA ARG A 541 -3.37 -1.86 26.30
C ARG A 541 -4.86 -1.68 26.11
N THR A 542 -5.37 -2.05 24.93
CA THR A 542 -6.76 -1.85 24.54
C THR A 542 -7.71 -2.77 25.25
N PRO A 543 -8.85 -2.27 25.81
CA PRO A 543 -9.82 -3.18 26.42
C PRO A 543 -10.73 -3.77 25.34
N HIS A 544 -10.46 -4.98 24.89
CA HIS A 544 -11.27 -5.66 23.90
C HIS A 544 -12.49 -6.38 24.57
N GLU A 545 -13.34 -7.03 23.76
CA GLU A 545 -14.57 -7.66 24.21
C GLU A 545 -14.37 -8.76 25.26
N HIS A 546 -13.52 -9.77 24.99
CA HIS A 546 -13.32 -10.88 25.93
C HIS A 546 -12.31 -10.46 27.00
N ARG A 547 -12.76 -10.32 28.25
CA ARG A 547 -11.95 -9.79 29.35
C ARG A 547 -11.67 -10.75 30.51
N ALA A 548 -10.61 -10.41 31.27
CA ALA A 548 -10.20 -11.16 32.45
C ALA A 548 -9.43 -10.22 33.40
N ALA A 549 -9.53 -10.47 34.72
CA ALA A 549 -8.83 -9.69 35.71
C ALA A 549 -8.34 -10.59 36.85
N LEU A 550 -7.10 -10.39 37.30
CA LEU A 550 -6.54 -11.13 38.43
C LEU A 550 -6.47 -10.15 39.59
N VAL A 551 -7.28 -10.39 40.62
CA VAL A 551 -7.31 -9.51 41.79
C VAL A 551 -6.87 -10.32 42.99
N THR A 552 -5.70 -9.99 43.53
CA THR A 552 -5.16 -10.67 44.71
C THR A 552 -4.06 -9.81 45.35
N ASP A 553 -3.90 -9.94 46.68
CA ASP A 553 -2.82 -9.26 47.42
C ASP A 553 -1.74 -10.28 47.91
N ASP A 554 -1.79 -11.55 47.46
CA ASP A 554 -0.85 -12.60 47.87
C ASP A 554 0.22 -12.88 46.81
N HIS A 555 1.41 -13.33 47.25
CA HIS A 555 2.52 -13.67 46.34
C HIS A 555 2.32 -15.10 45.83
N GLY A 556 2.79 -15.36 44.62
CA GLY A 556 2.67 -16.68 44.02
C GLY A 556 1.28 -17.09 43.58
N THR A 557 0.31 -16.16 43.63
CA THR A 557 -1.07 -16.42 43.23
C THR A 557 -1.34 -15.96 41.79
N ARG A 558 -0.71 -14.86 41.33
CA ARG A 558 -0.99 -14.33 40.00
C ARG A 558 -0.46 -15.20 38.85
N GLY A 559 0.76 -15.73 38.99
CA GLY A 559 1.35 -16.61 37.98
C GLY A 559 0.49 -17.81 37.67
N PRO A 560 0.13 -18.62 38.71
CA PRO A 560 -0.76 -19.75 38.48
C PRO A 560 -2.12 -19.34 37.91
N ALA A 561 -2.70 -18.19 38.34
CA ALA A 561 -3.96 -17.73 37.76
C ALA A 561 -3.82 -17.34 36.27
N LEU A 562 -2.63 -16.84 35.82
CA LEU A 562 -2.40 -16.55 34.40
C LEU A 562 -2.37 -17.85 33.61
N ALA A 563 -1.72 -18.90 34.18
CA ALA A 563 -1.65 -20.21 33.53
C ALA A 563 -3.04 -20.84 33.44
N ALA A 564 -3.91 -20.63 34.45
CA ALA A 564 -5.27 -21.15 34.42
C ALA A 564 -6.04 -20.43 33.28
N LEU A 565 -5.97 -19.10 33.21
CA LEU A 565 -6.59 -18.33 32.14
C LEU A 565 -6.07 -18.80 30.75
N ALA A 566 -4.74 -19.02 30.64
CA ALA A 566 -4.11 -19.51 29.41
C ALA A 566 -4.62 -20.88 28.98
N GLU A 567 -4.97 -21.75 29.93
CA GLU A 567 -5.47 -23.10 29.65
C GLU A 567 -6.99 -23.24 29.70
N GLY A 568 -7.72 -22.16 29.96
CA GLY A 568 -9.18 -22.19 30.04
C GLY A 568 -9.75 -22.72 31.34
N ALA A 569 -8.90 -22.91 32.37
CA ALA A 569 -9.33 -23.39 33.68
C ALA A 569 -9.70 -22.20 34.57
N PRO A 570 -10.63 -22.37 35.55
CA PRO A 570 -10.94 -21.25 36.44
C PRO A 570 -9.96 -21.08 37.60
N ASP A 571 -10.04 -19.97 38.31
CA ASP A 571 -9.21 -19.71 39.49
C ASP A 571 -9.93 -18.70 40.39
N ALA A 572 -9.80 -18.84 41.72
CA ALA A 572 -10.46 -17.96 42.69
C ALA A 572 -10.21 -16.46 42.41
N CYS A 573 -8.95 -16.06 42.16
CA CYS A 573 -8.65 -14.65 41.91
C CYS A 573 -8.82 -14.23 40.42
N LEU A 574 -9.30 -15.14 39.54
CA LEU A 574 -9.48 -14.88 38.13
C LEU A 574 -10.95 -14.60 37.84
N ILE A 575 -11.27 -13.35 37.51
CA ILE A 575 -12.62 -12.91 37.16
C ILE A 575 -12.67 -12.84 35.63
N SER A 576 -13.69 -13.44 35.00
CA SER A 576 -13.79 -13.47 33.53
C SER A 576 -15.17 -13.05 33.03
N GLY A 577 -15.22 -12.47 31.83
CA GLY A 577 -16.48 -12.12 31.21
C GLY A 577 -16.35 -11.42 29.86
N THR A 578 -17.48 -11.28 29.18
CA THR A 578 -17.59 -10.62 27.87
C THR A 578 -18.22 -9.27 28.15
N ALA A 579 -17.61 -8.20 27.65
CA ALA A 579 -18.13 -6.86 27.84
C ALA A 579 -19.42 -6.68 27.03
N LEU A 580 -20.46 -6.12 27.66
CA LEU A 580 -21.72 -5.82 27.01
C LEU A 580 -21.44 -4.66 26.04
N SER A 581 -21.87 -4.80 24.77
CA SER A 581 -21.62 -3.77 23.76
C SER A 581 -22.25 -2.44 24.18
N LYS A 582 -23.52 -2.47 24.65
CA LYS A 582 -24.21 -1.28 25.11
C LYS A 582 -24.96 -1.57 26.42
N GLY A 583 -25.14 -0.52 27.21
CA GLY A 583 -25.84 -0.66 28.48
C GLY A 583 -25.64 0.55 29.37
N ARG A 584 -26.74 1.08 29.92
CA ARG A 584 -26.67 2.23 30.83
C ARG A 584 -26.44 1.72 32.28
N THR A 585 -25.83 2.57 33.13
CA THR A 585 -25.46 2.23 34.50
C THR A 585 -26.37 2.84 35.54
N VAL A 586 -26.69 2.10 36.62
CA VAL A 586 -27.57 2.54 37.71
C VAL A 586 -26.85 2.35 39.03
N PHE A 587 -26.85 3.35 39.91
CA PHE A 587 -26.34 3.17 41.27
C PHE A 587 -27.60 2.90 42.12
N VAL A 588 -27.58 1.79 42.87
CA VAL A 588 -28.69 1.37 43.71
C VAL A 588 -28.33 1.70 45.15
N PHE A 589 -29.23 2.39 45.85
CA PHE A 589 -29.04 2.85 47.21
C PHE A 589 -30.12 2.19 48.06
N PRO A 590 -29.84 1.02 48.63
CA PRO A 590 -30.86 0.35 49.48
C PRO A 590 -31.13 1.11 50.79
N GLY A 591 -32.07 0.60 51.59
CA GLY A 591 -32.39 1.20 52.87
C GLY A 591 -31.79 0.39 54.00
N GLN A 592 -32.64 -0.30 54.74
CA GLN A 592 -32.20 -1.12 55.87
C GLN A 592 -31.42 -2.38 55.42
N GLY A 593 -30.50 -2.82 56.27
CA GLY A 593 -29.85 -4.12 56.14
C GLY A 593 -28.42 -4.24 55.70
N SER A 594 -27.79 -3.18 55.20
CA SER A 594 -26.41 -3.28 54.70
C SER A 594 -25.32 -2.93 55.74
N GLN A 595 -25.72 -2.52 56.95
CA GLN A 595 -24.74 -2.17 57.97
C GLN A 595 -24.00 -3.40 58.53
N TRP A 596 -22.82 -3.13 59.09
CA TRP A 596 -22.01 -4.10 59.81
C TRP A 596 -21.04 -3.34 60.74
N THR A 597 -20.75 -3.89 61.92
CA THR A 597 -19.84 -3.25 62.86
C THR A 597 -18.45 -3.36 62.28
N GLY A 598 -17.92 -2.23 61.81
CA GLY A 598 -16.63 -2.19 61.15
C GLY A 598 -16.72 -1.67 59.73
N MET A 599 -17.94 -1.44 59.17
CA MET A 599 -18.04 -0.91 57.80
C MET A 599 -17.39 0.46 57.71
N GLY A 600 -16.63 0.69 56.66
CA GLY A 600 -15.91 1.94 56.48
C GLY A 600 -14.59 2.04 57.22
N ARG A 601 -14.36 1.21 58.26
CA ARG A 601 -13.12 1.30 59.06
C ARG A 601 -11.80 1.12 58.28
N GLU A 602 -11.67 0.05 57.48
CA GLU A 602 -10.46 -0.20 56.71
C GLU A 602 -10.28 0.88 55.65
N LEU A 603 -11.37 1.23 54.92
CA LEU A 603 -11.30 2.24 53.87
C LEU A 603 -10.90 3.62 54.42
N LEU A 604 -11.34 3.98 55.63
CA LEU A 604 -10.94 5.27 56.22
C LEU A 604 -9.41 5.43 56.29
N HIS A 605 -8.67 4.34 56.52
CA HIS A 605 -7.20 4.39 56.57
C HIS A 605 -6.54 4.21 55.20
N THR A 606 -7.04 3.27 54.38
CA THR A 606 -6.43 2.94 53.08
C THR A 606 -6.97 3.71 51.86
N SER A 607 -7.93 4.63 52.03
CA SER A 607 -8.48 5.39 50.91
C SER A 607 -8.67 6.85 51.31
N PRO A 608 -7.71 7.76 51.03
CA PRO A 608 -7.91 9.17 51.42
C PRO A 608 -9.12 9.85 50.76
N GLU A 609 -9.66 9.29 49.66
CA GLU A 609 -10.81 9.88 48.99
C GLU A 609 -12.06 9.56 49.83
N PHE A 610 -12.27 8.28 50.20
CA PHE A 610 -13.39 7.85 51.03
C PHE A 610 -13.40 8.61 52.36
N ALA A 611 -12.23 8.74 52.99
CA ALA A 611 -12.09 9.49 54.24
C ALA A 611 -12.50 10.96 54.05
N ALA A 612 -12.14 11.58 52.92
CA ALA A 612 -12.54 12.96 52.62
C ALA A 612 -14.07 13.11 52.43
N TYR A 613 -14.74 12.12 51.77
CA TYR A 613 -16.21 12.16 51.59
C TYR A 613 -16.92 11.95 52.93
N ILE A 614 -16.38 11.04 53.77
CA ILE A 614 -16.93 10.79 55.11
C ILE A 614 -16.78 12.07 55.95
N ALA A 615 -15.64 12.76 55.84
CA ALA A 615 -15.42 14.04 56.55
C ALA A 615 -16.45 15.08 56.10
N GLU A 616 -16.85 15.08 54.82
CA GLU A 616 -17.87 16.00 54.30
C GLU A 616 -19.24 15.63 54.89
N CYS A 617 -19.59 14.32 54.90
CA CYS A 617 -20.83 13.81 55.46
C CYS A 617 -20.90 14.15 56.95
N GLU A 618 -19.79 14.03 57.67
CA GLU A 618 -19.77 14.33 59.10
C GLU A 618 -20.07 15.80 59.34
N THR A 619 -19.41 16.73 58.60
CA THR A 619 -19.69 18.16 58.70
C THR A 619 -21.17 18.45 58.41
N ALA A 620 -21.74 17.73 57.43
CA ALA A 620 -23.14 17.90 57.07
C ALA A 620 -24.09 17.37 58.17
N LEU A 621 -23.74 16.29 58.89
CA LEU A 621 -24.60 15.75 59.94
C LEU A 621 -24.44 16.45 61.29
N ASN A 622 -23.26 17.02 61.57
CA ASN A 622 -22.98 17.63 62.87
C ASN A 622 -24.07 18.59 63.40
N ASP A 623 -24.66 19.41 62.53
CA ASP A 623 -25.67 20.38 62.97
C ASP A 623 -26.99 19.73 63.40
N PHE A 624 -27.25 18.49 62.94
CA PHE A 624 -28.49 17.76 63.18
C PHE A 624 -28.35 16.56 64.13
N VAL A 625 -27.12 16.23 64.54
CA VAL A 625 -26.84 15.05 65.33
C VAL A 625 -25.88 15.38 66.51
N ASP A 626 -26.05 14.68 67.66
CA ASP A 626 -25.21 14.87 68.86
C ASP A 626 -23.91 14.04 68.83
N TRP A 627 -23.89 12.94 68.03
CA TRP A 627 -22.78 12.01 67.90
C TRP A 627 -21.85 12.34 66.72
N SER A 628 -20.63 11.75 66.70
CA SER A 628 -19.65 11.97 65.64
C SER A 628 -19.67 10.77 64.69
N LEU A 629 -19.87 11.01 63.38
CA LEU A 629 -19.92 9.95 62.37
C LEU A 629 -18.64 9.12 62.37
N THR A 630 -17.48 9.76 62.47
CA THR A 630 -16.18 9.08 62.47
C THR A 630 -16.10 8.17 63.70
N ASP A 631 -16.45 8.69 64.89
CA ASP A 631 -16.43 7.91 66.13
C ASP A 631 -17.38 6.72 66.04
N VAL A 632 -18.56 6.90 65.43
CA VAL A 632 -19.55 5.83 65.28
C VAL A 632 -19.01 4.75 64.36
N LEU A 633 -18.45 5.13 63.20
CA LEU A 633 -17.93 4.15 62.26
C LEU A 633 -16.76 3.39 62.87
N ARG A 634 -15.87 4.09 63.61
CA ARG A 634 -14.72 3.47 64.27
C ARG A 634 -15.12 2.63 65.50
N GLY A 635 -16.31 2.83 66.04
CA GLY A 635 -16.76 2.10 67.23
C GLY A 635 -16.02 2.57 68.47
N THR A 636 -15.75 3.89 68.56
CA THR A 636 -15.03 4.49 69.67
C THR A 636 -15.85 4.38 70.97
N GLU A 637 -15.14 4.37 72.11
CA GLU A 637 -15.78 4.28 73.42
C GLU A 637 -16.66 5.50 73.64
N GLY A 638 -17.88 5.27 74.13
CA GLY A 638 -18.84 6.34 74.36
C GLY A 638 -19.69 6.68 73.17
N ALA A 639 -19.31 6.23 71.95
CA ALA A 639 -20.09 6.51 70.74
C ALA A 639 -21.23 5.49 70.57
N PRO A 640 -22.37 5.91 69.99
CA PRO A 640 -23.48 4.95 69.81
C PRO A 640 -23.28 3.95 68.66
N GLY A 641 -23.97 2.81 68.74
CA GLY A 641 -23.91 1.75 67.74
C GLY A 641 -25.12 1.71 66.83
N TYR A 642 -25.15 0.77 65.88
CA TYR A 642 -26.23 0.67 64.90
C TYR A 642 -27.56 0.11 65.44
N ASP A 643 -27.63 -0.16 66.76
CA ASP A 643 -28.86 -0.58 67.42
C ASP A 643 -29.90 0.56 67.49
N ARG A 644 -29.48 1.83 67.28
CA ARG A 644 -30.39 2.97 67.28
C ARG A 644 -30.71 3.33 65.82
N VAL A 645 -31.99 3.54 65.48
CA VAL A 645 -32.41 3.89 64.12
C VAL A 645 -31.85 5.26 63.69
N ASP A 646 -31.77 6.20 64.64
CA ASP A 646 -31.29 7.56 64.40
C ASP A 646 -29.76 7.66 64.21
N VAL A 647 -29.03 6.54 64.28
CA VAL A 647 -27.58 6.56 64.03
C VAL A 647 -27.25 5.62 62.85
N VAL A 648 -27.93 4.46 62.72
CA VAL A 648 -27.69 3.55 61.59
C VAL A 648 -28.19 4.14 60.25
N GLN A 649 -29.32 4.85 60.21
CA GLN A 649 -29.83 5.42 58.94
C GLN A 649 -28.91 6.54 58.44
N PRO A 650 -28.49 7.53 59.30
CA PRO A 650 -27.58 8.57 58.80
C PRO A 650 -26.17 8.03 58.54
N ALA A 651 -25.72 6.98 59.27
CA ALA A 651 -24.42 6.35 58.99
C ALA A 651 -24.47 5.60 57.67
N LEU A 652 -25.55 4.84 57.39
CA LEU A 652 -25.69 4.14 56.11
C LEU A 652 -25.76 5.13 54.97
N PHE A 653 -26.46 6.28 55.17
CA PHE A 653 -26.52 7.35 54.18
C PHE A 653 -25.10 7.85 53.83
N ALA A 654 -24.26 8.09 54.85
CA ALA A 654 -22.90 8.57 54.65
C ALA A 654 -22.04 7.55 53.93
N VAL A 655 -22.18 6.25 54.29
CA VAL A 655 -21.40 5.21 53.62
C VAL A 655 -21.80 5.09 52.14
N MET A 656 -23.09 5.02 51.85
CA MET A 656 -23.57 4.90 50.47
C MET A 656 -23.19 6.10 49.61
N VAL A 657 -23.28 7.31 50.17
CA VAL A 657 -22.91 8.51 49.43
C VAL A 657 -21.40 8.48 49.16
N SER A 658 -20.60 8.14 50.17
CA SER A 658 -19.14 8.08 50.03
C SER A 658 -18.69 6.98 49.06
N LEU A 659 -19.37 5.81 49.05
CA LEU A 659 -19.06 4.73 48.11
C LEU A 659 -19.47 5.14 46.69
N ALA A 660 -20.62 5.80 46.50
CA ALA A 660 -21.00 6.34 45.19
C ALA A 660 -19.98 7.38 44.70
N ARG A 661 -19.54 8.31 45.56
CA ARG A 661 -18.53 9.30 45.18
C ARG A 661 -17.22 8.62 44.86
N LEU A 662 -16.85 7.55 45.59
CA LEU A 662 -15.64 6.79 45.32
C LEU A 662 -15.74 6.08 43.94
N TRP A 663 -16.91 5.53 43.56
CA TRP A 663 -17.08 4.93 42.23
C TRP A 663 -16.92 6.01 41.14
N GLN A 664 -17.45 7.23 41.38
CA GLN A 664 -17.37 8.33 40.43
C GLN A 664 -15.92 8.82 40.31
N HIS A 665 -15.19 8.88 41.43
CA HIS A 665 -13.76 9.22 41.43
C HIS A 665 -12.98 8.21 40.55
N HIS A 666 -13.37 6.93 40.59
CA HIS A 666 -12.75 5.89 39.78
C HIS A 666 -13.28 5.83 38.33
N GLY A 667 -14.00 6.86 37.88
CA GLY A 667 -14.50 6.99 36.52
C GLY A 667 -15.86 6.40 36.20
N ILE A 668 -16.61 5.88 37.20
CA ILE A 668 -17.93 5.29 36.92
C ILE A 668 -19.01 6.33 37.19
N HIS A 669 -19.59 6.86 36.11
CA HIS A 669 -20.61 7.90 36.20
C HIS A 669 -21.93 7.24 35.84
N PRO A 670 -22.89 7.18 36.78
CA PRO A 670 -24.15 6.50 36.48
C PRO A 670 -25.06 7.33 35.58
N ASP A 671 -25.83 6.62 34.77
CA ASP A 671 -26.84 7.23 33.89
C ASP A 671 -28.18 7.42 34.64
N ALA A 672 -28.39 6.70 35.74
CA ALA A 672 -29.59 6.77 36.58
C ALA A 672 -29.21 6.36 38.01
N VAL A 673 -30.03 6.73 38.98
CA VAL A 673 -29.86 6.30 40.36
C VAL A 673 -31.24 5.89 40.91
N ILE A 674 -31.25 4.90 41.80
CA ILE A 674 -32.48 4.39 42.41
C ILE A 674 -32.20 4.15 43.88
N GLY A 675 -33.16 4.51 44.72
CA GLY A 675 -33.05 4.33 46.17
C GLY A 675 -34.27 3.64 46.74
N HIS A 676 -34.08 2.96 47.88
CA HIS A 676 -35.12 2.20 48.56
C HIS A 676 -35.36 2.87 49.92
N SER A 677 -36.57 3.43 50.13
CA SER A 677 -36.94 4.08 51.40
C SER A 677 -35.91 5.21 51.75
N GLN A 678 -35.31 5.26 52.96
CA GLN A 678 -34.25 6.22 53.34
C GLN A 678 -33.17 6.32 52.26
N GLY A 679 -32.89 5.21 51.56
CA GLY A 679 -31.90 5.15 50.49
C GLY A 679 -32.13 6.19 49.42
N GLU A 680 -33.39 6.58 49.20
CA GLU A 680 -33.73 7.64 48.25
C GLU A 680 -33.09 8.97 48.62
N ILE A 681 -32.81 9.22 49.91
CA ILE A 681 -32.16 10.48 50.32
C ILE A 681 -30.72 10.50 49.76
N ALA A 682 -29.98 9.38 49.86
CA ALA A 682 -28.64 9.29 49.31
C ALA A 682 -28.70 9.35 47.77
N ALA A 683 -29.70 8.69 47.15
CA ALA A 683 -29.89 8.68 45.70
C ALA A 683 -30.20 10.08 45.20
N ALA A 684 -31.05 10.84 45.90
CA ALA A 684 -31.40 12.22 45.53
C ALA A 684 -30.18 13.15 45.67
N HIS A 685 -29.32 12.90 46.66
CA HIS A 685 -28.11 13.70 46.81
C HIS A 685 -27.14 13.43 45.64
N ILE A 686 -26.85 12.15 45.35
CA ILE A 686 -25.96 11.80 44.23
C ILE A 686 -26.56 12.28 42.90
N ALA A 687 -27.90 12.30 42.77
CA ALA A 687 -28.56 12.81 41.57
C ALA A 687 -28.46 14.34 41.40
N GLY A 688 -28.09 15.07 42.45
CA GLY A 688 -28.00 16.52 42.41
C GLY A 688 -29.25 17.26 42.87
N ALA A 689 -30.31 16.53 43.26
CA ALA A 689 -31.54 17.16 43.74
C ALA A 689 -31.35 17.77 45.11
N LEU A 690 -30.64 17.09 46.02
CA LEU A 690 -30.40 17.58 47.36
C LEU A 690 -28.95 17.89 47.55
N SER A 691 -28.65 19.01 48.25
CA SER A 691 -27.28 19.32 48.66
C SER A 691 -26.93 18.32 49.77
N LEU A 692 -25.65 18.12 50.06
CA LEU A 692 -25.25 17.20 51.13
C LEU A 692 -25.83 17.64 52.50
N GLN A 693 -25.91 18.96 52.75
CA GLN A 693 -26.48 19.48 54.00
C GLN A 693 -27.97 19.17 54.09
N ASP A 694 -28.72 19.40 53.01
CA ASP A 694 -30.15 19.14 53.00
C ASP A 694 -30.45 17.64 53.12
N ALA A 695 -29.70 16.79 52.41
CA ALA A 695 -29.87 15.35 52.50
C ALA A 695 -29.50 14.82 53.90
N ALA A 696 -28.41 15.33 54.50
CA ALA A 696 -28.04 14.94 55.86
C ALA A 696 -29.15 15.35 56.84
N ARG A 697 -29.72 16.55 56.66
CA ARG A 697 -30.81 17.01 57.51
C ARG A 697 -32.02 16.08 57.45
N ILE A 698 -32.44 15.67 56.23
CA ILE A 698 -33.60 14.80 56.08
C ILE A 698 -33.36 13.45 56.76
N VAL A 699 -32.24 12.74 56.44
CA VAL A 699 -31.99 11.43 57.03
C VAL A 699 -31.81 11.50 58.55
N ALA A 700 -31.09 12.50 59.06
CA ALA A 700 -30.90 12.65 60.51
C ALA A 700 -32.21 12.91 61.27
N LEU A 701 -33.02 13.89 60.82
CA LEU A 701 -34.23 14.28 61.52
C LEU A 701 -35.41 13.30 61.30
N ARG A 702 -35.52 12.70 60.09
CA ARG A 702 -36.59 11.75 59.83
C ARG A 702 -36.37 10.46 60.63
N SER A 703 -35.11 10.01 60.78
CA SER A 703 -34.84 8.80 61.57
C SER A 703 -35.03 9.09 63.08
N GLN A 704 -34.74 10.33 63.53
CA GLN A 704 -35.03 10.75 64.91
C GLN A 704 -36.56 10.81 65.10
N ALA A 705 -37.34 11.17 64.05
CA ALA A 705 -38.80 11.22 64.16
C ALA A 705 -39.43 9.83 64.36
N LEU A 706 -38.74 8.75 63.97
CA LEU A 706 -39.25 7.39 64.14
C LEU A 706 -39.22 6.90 65.57
N LEU A 707 -38.34 7.46 66.43
CA LEU A 707 -38.13 6.98 67.80
C LEU A 707 -39.45 6.72 68.61
N PRO A 708 -40.47 7.60 68.62
CA PRO A 708 -41.71 7.29 69.37
C PRO A 708 -42.43 5.99 68.98
N LEU A 709 -42.11 5.39 67.81
CA LEU A 709 -42.77 4.16 67.36
C LEU A 709 -41.98 2.89 67.68
N ALA A 710 -40.96 2.97 68.53
CA ALA A 710 -40.16 1.79 68.88
C ALA A 710 -41.00 0.82 69.67
N GLY A 711 -40.90 -0.46 69.33
CA GLY A 711 -41.62 -1.52 70.02
C GLY A 711 -43.07 -1.71 69.59
N LEU A 712 -43.68 -0.67 68.99
CA LEU A 712 -45.08 -0.75 68.55
C LEU A 712 -45.28 -1.56 67.26
N GLY A 713 -44.21 -1.95 66.58
CA GLY A 713 -44.33 -2.71 65.35
C GLY A 713 -43.01 -3.20 64.79
N GLY A 714 -43.09 -3.80 63.61
CA GLY A 714 -41.93 -4.34 62.94
C GLY A 714 -42.18 -4.61 61.47
N MET A 715 -41.27 -5.35 60.84
CA MET A 715 -41.36 -5.68 59.42
C MET A 715 -40.93 -7.13 59.22
N THR A 716 -41.57 -7.84 58.28
CA THR A 716 -41.27 -9.23 57.99
C THR A 716 -41.26 -9.48 56.48
N SER A 717 -40.20 -10.16 55.98
CA SER A 717 -40.08 -10.50 54.56
C SER A 717 -40.84 -11.78 54.28
N LEU A 718 -41.72 -11.80 53.28
CA LEU A 718 -42.47 -12.98 52.89
C LEU A 718 -41.97 -13.43 51.53
N ALA A 719 -41.75 -14.73 51.36
CA ALA A 719 -41.36 -15.27 50.06
C ALA A 719 -42.66 -15.48 49.27
N LEU A 720 -43.30 -14.38 48.86
CA LEU A 720 -44.55 -14.39 48.12
C LEU A 720 -44.63 -13.26 47.10
N PRO A 721 -45.29 -13.46 45.94
CA PRO A 721 -45.53 -12.30 45.04
C PRO A 721 -46.49 -11.31 45.69
N HIS A 722 -46.41 -10.03 45.29
CA HIS A 722 -47.21 -8.93 45.83
C HIS A 722 -48.71 -9.26 45.96
N ASP A 723 -49.32 -9.82 44.91
CA ASP A 723 -50.75 -10.12 44.94
C ASP A 723 -51.13 -11.14 46.00
N GLN A 724 -50.29 -12.17 46.21
CA GLN A 724 -50.56 -13.19 47.23
C GLN A 724 -50.23 -12.67 48.62
N ALA A 725 -49.23 -11.79 48.75
CA ALA A 725 -48.91 -11.18 50.03
C ALA A 725 -50.07 -10.28 50.48
N LEU A 726 -50.68 -9.54 49.54
CA LEU A 726 -51.82 -8.67 49.83
C LEU A 726 -53.02 -9.52 50.29
N GLN A 727 -53.38 -10.58 49.54
CA GLN A 727 -54.46 -11.50 49.91
C GLN A 727 -54.26 -12.06 51.34
N LEU A 728 -53.02 -12.45 51.68
CA LEU A 728 -52.66 -13.00 52.99
C LEU A 728 -52.93 -12.04 54.15
N ILE A 729 -52.58 -10.75 54.01
CA ILE A 729 -52.72 -9.77 55.09
C ILE A 729 -54.10 -9.06 55.17
N GLN A 730 -55.09 -9.41 54.32
CA GLN A 730 -56.39 -8.71 54.37
C GLN A 730 -57.10 -8.84 55.73
N PRO A 731 -57.13 -10.03 56.39
CA PRO A 731 -57.80 -10.10 57.71
C PRO A 731 -57.40 -9.04 58.74
N TRP A 732 -56.16 -8.55 58.71
CA TRP A 732 -55.69 -7.55 59.69
C TRP A 732 -55.96 -6.10 59.29
N GLY A 733 -56.52 -5.86 58.10
CA GLY A 733 -56.85 -4.52 57.64
C GLY A 733 -55.73 -3.50 57.72
N GLN A 734 -56.01 -2.35 58.37
CA GLN A 734 -55.03 -1.27 58.52
C GLN A 734 -53.87 -1.62 59.48
N ASP A 735 -53.94 -2.73 60.23
CA ASP A 735 -52.86 -3.12 61.13
C ASP A 735 -51.65 -3.72 60.39
N LEU A 736 -51.79 -4.07 59.10
CA LEU A 736 -50.69 -4.57 58.26
C LEU A 736 -50.66 -3.78 56.94
N SER A 737 -49.47 -3.67 56.34
CA SER A 737 -49.25 -2.95 55.09
C SER A 737 -48.20 -3.64 54.25
N ILE A 738 -48.29 -3.49 52.93
CA ILE A 738 -47.27 -3.95 52.02
C ILE A 738 -46.24 -2.82 52.11
N ALA A 739 -45.14 -3.06 52.83
CA ALA A 739 -44.07 -2.09 53.03
C ALA A 739 -43.17 -1.98 51.79
N SER A 740 -42.88 -3.09 51.10
CA SER A 740 -42.06 -3.05 49.88
C SER A 740 -42.29 -4.27 49.00
N VAL A 741 -42.07 -4.10 47.71
CA VAL A 741 -42.19 -5.15 46.69
C VAL A 741 -40.86 -5.04 45.94
N ASN A 742 -39.89 -5.90 46.29
CA ASN A 742 -38.54 -5.87 45.75
C ASN A 742 -38.27 -6.80 44.57
N GLY A 743 -39.00 -7.90 44.49
CA GLY A 743 -38.85 -8.84 43.40
C GLY A 743 -40.12 -9.61 43.11
N PRO A 744 -40.09 -10.45 42.07
CA PRO A 744 -41.30 -11.22 41.73
C PRO A 744 -41.87 -12.07 42.86
N HIS A 745 -41.02 -12.57 43.78
CA HIS A 745 -41.44 -13.42 44.90
C HIS A 745 -40.89 -12.87 46.24
N SER A 746 -40.81 -11.54 46.38
CA SER A 746 -40.26 -10.92 47.58
C SER A 746 -41.05 -9.69 47.99
N THR A 747 -41.87 -9.83 49.04
CA THR A 747 -42.67 -8.73 49.56
C THR A 747 -42.35 -8.54 51.03
N VAL A 748 -42.22 -7.30 51.50
CA VAL A 748 -42.03 -7.01 52.91
C VAL A 748 -43.34 -6.44 53.44
N VAL A 749 -43.75 -6.92 54.62
CA VAL A 749 -44.99 -6.50 55.28
C VAL A 749 -44.63 -5.81 56.59
N SER A 750 -45.35 -4.73 56.94
CA SER A 750 -45.10 -4.05 58.21
C SER A 750 -46.40 -3.78 58.96
N GLY A 751 -46.31 -3.63 60.27
CA GLY A 751 -47.46 -3.34 61.10
C GLY A 751 -47.23 -3.58 62.56
N THR A 752 -48.32 -3.63 63.33
CA THR A 752 -48.29 -3.78 64.77
C THR A 752 -47.70 -5.10 65.21
N THR A 753 -47.13 -5.13 66.43
CA THR A 753 -46.56 -6.34 67.02
C THR A 753 -47.59 -7.47 67.04
N HIS A 754 -48.84 -7.14 67.45
CA HIS A 754 -49.94 -8.09 67.54
C HIS A 754 -50.25 -8.71 66.17
N ALA A 755 -50.47 -7.90 65.15
CA ALA A 755 -50.82 -8.41 63.83
C ALA A 755 -49.68 -9.18 63.17
N LEU A 756 -48.41 -8.84 63.44
CA LEU A 756 -47.28 -9.58 62.87
C LEU A 756 -47.16 -10.95 63.52
N ASP A 757 -47.36 -11.02 64.85
CA ASP A 757 -47.35 -12.30 65.58
C ASP A 757 -48.42 -13.23 65.01
N GLU A 758 -49.62 -12.69 64.75
CA GLU A 758 -50.72 -13.46 64.19
C GLU A 758 -50.40 -13.90 62.75
N LEU A 759 -49.86 -12.98 61.92
CA LEU A 759 -49.43 -13.28 60.55
C LEU A 759 -48.39 -14.39 60.53
N HIS A 760 -47.43 -14.36 61.47
CA HIS A 760 -46.40 -15.39 61.56
C HIS A 760 -46.99 -16.75 61.85
N THR A 761 -48.01 -16.83 62.72
CA THR A 761 -48.69 -18.09 63.02
C THR A 761 -49.45 -18.57 61.76
N THR A 762 -50.08 -17.66 61.02
CA THR A 762 -50.76 -17.99 59.77
C THR A 762 -49.76 -18.52 58.75
N CYS A 763 -48.56 -17.90 58.68
CA CYS A 763 -47.49 -18.32 57.80
C CYS A 763 -47.03 -19.74 58.16
N ASP A 764 -46.91 -20.02 59.46
CA ASP A 764 -46.53 -21.36 59.96
C ASP A 764 -47.55 -22.40 59.49
N THR A 765 -48.84 -22.09 59.63
CA THR A 765 -49.93 -22.97 59.18
C THR A 765 -49.93 -23.19 57.65
N GLN A 766 -49.86 -22.09 56.84
CA GLN A 766 -49.94 -22.16 55.37
C GLN A 766 -48.66 -22.54 54.64
N GLY A 767 -47.53 -22.53 55.32
CA GLY A 767 -46.26 -22.89 54.69
C GLY A 767 -45.72 -21.81 53.78
N VAL A 768 -45.89 -20.54 54.17
CA VAL A 768 -45.35 -19.43 53.39
C VAL A 768 -44.15 -18.92 54.21
N ARG A 769 -42.93 -19.00 53.60
CA ARG A 769 -41.69 -18.64 54.29
C ARG A 769 -41.68 -17.17 54.63
N ALA A 770 -41.38 -16.86 55.89
CA ALA A 770 -41.37 -15.49 56.38
C ALA A 770 -40.20 -15.31 57.35
N ARG A 771 -39.48 -14.20 57.21
CA ARG A 771 -38.32 -13.90 58.03
C ARG A 771 -38.49 -12.53 58.64
N ARG A 772 -38.45 -12.44 59.96
CA ARG A 772 -38.57 -11.17 60.65
C ARG A 772 -37.35 -10.29 60.35
N ILE A 773 -37.57 -9.02 60.01
CA ILE A 773 -36.49 -8.07 59.77
C ILE A 773 -36.08 -7.54 61.15
N PRO A 774 -34.77 -7.52 61.51
CA PRO A 774 -34.39 -7.08 62.86
C PRO A 774 -34.47 -5.56 63.07
N VAL A 775 -35.69 -5.01 63.00
CA VAL A 775 -36.01 -3.60 63.21
C VAL A 775 -37.10 -3.50 64.26
N ASP A 776 -37.08 -2.42 65.02
CA ASP A 776 -38.08 -2.19 66.08
C ASP A 776 -39.15 -1.17 65.69
N TYR A 777 -39.29 -0.85 64.37
CA TYR A 777 -40.23 0.14 63.85
C TYR A 777 -40.94 -0.43 62.65
N ALA A 778 -42.22 -0.06 62.48
CA ALA A 778 -42.99 -0.48 61.33
C ALA A 778 -43.09 0.66 60.33
N SER A 779 -42.03 0.85 59.55
CA SER A 779 -42.02 1.88 58.50
C SER A 779 -42.94 1.40 57.38
N HIS A 780 -43.50 2.36 56.63
CA HIS A 780 -44.41 2.07 55.52
C HIS A 780 -45.71 1.42 56.00
N SER A 781 -46.18 1.83 57.20
CA SER A 781 -47.45 1.35 57.79
C SER A 781 -48.24 2.54 58.32
N ALA A 782 -49.51 2.32 58.72
CA ALA A 782 -50.35 3.37 59.25
C ALA A 782 -49.73 4.05 60.48
N GLN A 783 -48.88 3.35 61.25
CA GLN A 783 -48.24 3.93 62.43
C GLN A 783 -47.42 5.19 62.17
N VAL A 784 -46.91 5.41 60.94
CA VAL A 784 -46.11 6.62 60.69
C VAL A 784 -47.05 7.86 60.50
N GLU A 785 -48.40 7.68 60.49
CA GLU A 785 -49.33 8.81 60.45
C GLU A 785 -49.24 9.59 61.77
N SER A 786 -49.07 8.90 62.91
CA SER A 786 -48.95 9.54 64.22
C SER A 786 -47.71 10.43 64.38
N ILE A 787 -46.73 10.35 63.46
CA ILE A 787 -45.53 11.20 63.49
C ILE A 787 -45.41 12.04 62.20
N ARG A 788 -46.51 12.18 61.43
CA ARG A 788 -46.50 12.91 60.17
C ARG A 788 -45.96 14.34 60.28
N ASP A 789 -46.41 15.10 61.29
CA ASP A 789 -45.96 16.48 61.47
C ASP A 789 -44.45 16.58 61.71
N THR A 790 -43.91 15.74 62.60
CA THR A 790 -42.47 15.74 62.88
C THR A 790 -41.67 15.26 61.65
N VAL A 791 -42.23 14.31 60.85
CA VAL A 791 -41.55 13.86 59.64
C VAL A 791 -41.56 14.97 58.56
N LEU A 792 -42.64 15.74 58.45
CA LEU A 792 -42.69 16.86 57.52
C LEU A 792 -41.72 17.96 57.97
N GLN A 793 -41.59 18.18 59.28
CA GLN A 793 -40.63 19.16 59.82
C GLN A 793 -39.18 18.83 59.46
N ALA A 794 -38.82 17.52 59.39
CA ALA A 794 -37.46 17.07 59.05
C ALA A 794 -36.91 17.71 57.78
N ALA A 795 -37.77 17.97 56.79
CA ALA A 795 -37.34 18.57 55.53
C ALA A 795 -37.74 20.05 55.40
N THR A 796 -37.90 20.78 56.52
CA THR A 796 -38.24 22.21 56.44
C THR A 796 -37.03 23.00 55.93
N GLY A 797 -37.30 23.98 55.06
CA GLY A 797 -36.25 24.82 54.50
C GLY A 797 -35.41 24.18 53.41
N ILE A 798 -35.69 22.93 53.02
CA ILE A 798 -34.94 22.28 51.94
C ILE A 798 -35.27 22.98 50.62
N ASN A 799 -34.29 23.10 49.72
CA ASN A 799 -34.51 23.71 48.40
C ASN A 799 -34.22 22.64 47.34
N PRO A 800 -35.17 21.72 47.05
CA PRO A 800 -34.90 20.67 46.07
C PRO A 800 -34.62 21.21 44.68
N GLN A 801 -33.49 20.81 44.10
CA GLN A 801 -33.02 21.28 42.79
C GLN A 801 -33.28 20.25 41.70
N PRO A 802 -33.25 20.60 40.39
CA PRO A 802 -33.39 19.57 39.36
C PRO A 802 -32.19 18.62 39.37
N THR A 803 -32.40 17.38 38.95
CA THR A 803 -31.35 16.37 38.92
C THR A 803 -30.44 16.48 37.70
N THR A 804 -29.14 16.21 37.90
CA THR A 804 -28.15 16.10 36.84
C THR A 804 -28.02 14.60 36.39
N ILE A 805 -28.48 13.65 37.22
CA ILE A 805 -28.53 12.22 36.88
C ILE A 805 -29.97 11.82 37.20
N PRO A 806 -30.73 11.27 36.24
CA PRO A 806 -32.13 10.89 36.54
C PRO A 806 -32.33 10.03 37.79
N LEU A 807 -33.33 10.40 38.64
CA LEU A 807 -33.73 9.71 39.87
C LEU A 807 -34.99 8.92 39.55
N TYR A 808 -34.90 7.59 39.55
CA TYR A 808 -36.04 6.71 39.34
C TYR A 808 -36.63 6.44 40.72
N SER A 809 -37.75 7.14 41.00
CA SER A 809 -38.42 7.11 42.30
C SER A 809 -39.06 5.76 42.61
N THR A 810 -38.80 5.20 43.81
CA THR A 810 -39.49 4.00 44.24
C THR A 810 -40.84 4.33 44.91
N VAL A 811 -41.23 5.63 45.01
CA VAL A 811 -42.54 6.03 45.52
C VAL A 811 -43.52 6.01 44.35
N THR A 812 -43.11 6.54 43.17
CA THR A 812 -43.94 6.63 41.97
C THR A 812 -43.66 5.56 40.90
N GLY A 813 -42.52 4.86 40.97
CA GLY A 813 -42.16 3.86 39.97
C GLY A 813 -41.65 4.42 38.65
N GLN A 814 -41.43 5.75 38.57
CA GLN A 814 -40.97 6.40 37.34
C GLN A 814 -39.90 7.46 37.65
N PRO A 815 -39.16 8.00 36.63
CA PRO A 815 -38.27 9.15 36.90
C PRO A 815 -39.05 10.32 37.48
N ILE A 816 -38.43 11.08 38.38
CA ILE A 816 -39.09 12.19 39.05
C ILE A 816 -38.25 13.46 38.97
N ASP A 817 -38.88 14.63 38.87
CA ASP A 817 -38.16 15.89 38.84
C ASP A 817 -37.61 16.14 40.24
N GLY A 818 -36.35 16.53 40.32
CA GLY A 818 -35.68 16.81 41.58
C GLY A 818 -36.39 17.86 42.40
N THR A 819 -37.01 18.84 41.71
CA THR A 819 -37.79 19.91 42.34
C THR A 819 -39.04 19.41 43.05
N GLN A 820 -39.49 18.15 42.81
CA GLN A 820 -40.67 17.56 43.47
C GLN A 820 -40.35 16.86 44.80
N LEU A 821 -39.06 16.74 45.18
CA LEU A 821 -38.64 16.03 46.38
C LEU A 821 -38.71 16.94 47.60
N ASP A 822 -39.91 17.44 47.88
CA ASP A 822 -40.22 18.33 49.00
C ASP A 822 -40.53 17.53 50.29
N ALA A 823 -40.91 18.21 51.39
CA ALA A 823 -41.23 17.56 52.66
C ALA A 823 -42.34 16.51 52.57
N ASP A 824 -43.39 16.78 51.78
CA ASP A 824 -44.48 15.80 51.65
C ASP A 824 -43.99 14.54 50.91
N TYR A 825 -43.04 14.70 49.97
CA TYR A 825 -42.44 13.56 49.27
C TYR A 825 -41.73 12.64 50.27
N TRP A 826 -40.94 13.20 51.21
CA TRP A 826 -40.22 12.40 52.18
C TRP A 826 -41.12 11.77 53.23
N TYR A 827 -42.33 12.32 53.46
CA TYR A 827 -43.27 11.69 54.35
C TYR A 827 -43.90 10.51 53.59
N THR A 828 -44.33 10.74 52.34
CA THR A 828 -44.95 9.71 51.48
C THR A 828 -44.01 8.54 51.28
N ASN A 829 -42.70 8.83 51.18
CA ASN A 829 -41.66 7.82 51.03
C ASN A 829 -41.66 6.88 52.25
N LEU A 830 -41.75 7.45 53.45
CA LEU A 830 -41.74 6.69 54.68
C LEU A 830 -43.07 6.01 54.96
N ARG A 831 -44.20 6.60 54.54
CA ARG A 831 -45.54 6.05 54.81
C ARG A 831 -45.96 4.99 53.83
N HIS A 832 -45.65 5.16 52.54
CA HIS A 832 -46.14 4.27 51.51
C HIS A 832 -45.10 3.27 50.97
N THR A 833 -45.64 2.25 50.27
CA THR A 833 -44.90 1.13 49.70
C THR A 833 -43.70 1.55 48.87
N VAL A 834 -42.58 0.81 49.03
CA VAL A 834 -41.38 1.02 48.25
C VAL A 834 -41.56 0.10 47.04
N ARG A 835 -41.81 0.68 45.87
CA ARG A 835 -42.06 -0.04 44.62
C ARG A 835 -40.74 -0.31 43.92
N PHE A 836 -39.85 -1.02 44.60
CA PHE A 836 -38.52 -1.29 44.07
C PHE A 836 -38.52 -2.19 42.81
N GLU A 837 -39.32 -3.25 42.78
CA GLU A 837 -39.42 -4.15 41.62
C GLU A 837 -39.98 -3.41 40.39
N GLU A 838 -41.06 -2.62 40.56
CA GLU A 838 -41.68 -1.88 39.48
C GLU A 838 -40.72 -0.86 38.90
N THR A 839 -40.01 -0.13 39.77
CA THR A 839 -39.05 0.87 39.33
C THR A 839 -37.86 0.17 38.63
N THR A 840 -37.46 -1.04 39.09
CA THR A 840 -36.41 -1.82 38.44
C THR A 840 -36.85 -2.19 37.03
N ARG A 841 -38.12 -2.61 36.86
CA ARG A 841 -38.65 -2.94 35.54
C ARG A 841 -38.67 -1.72 34.62
N ALA A 842 -38.83 -0.50 35.18
CA ALA A 842 -38.78 0.72 34.34
C ALA A 842 -37.34 1.00 33.91
N LEU A 843 -36.34 0.71 34.78
CA LEU A 843 -34.93 0.91 34.42
C LEU A 843 -34.51 -0.08 33.34
N LEU A 844 -34.89 -1.36 33.48
CA LEU A 844 -34.60 -2.36 32.45
C LEU A 844 -35.28 -1.99 31.13
N GLY A 845 -36.49 -1.45 31.20
CA GLY A 845 -37.24 -1.03 30.02
C GLY A 845 -36.69 0.19 29.31
N SER A 846 -35.75 0.92 29.91
CA SER A 846 -35.15 2.12 29.32
C SER A 846 -33.62 1.93 29.05
N GLY A 847 -33.18 0.68 28.86
CA GLY A 847 -31.80 0.36 28.48
C GLY A 847 -30.75 0.35 29.56
N HIS A 848 -31.15 0.14 30.82
CA HIS A 848 -30.20 0.05 31.92
C HIS A 848 -29.83 -1.41 32.06
N ARG A 849 -28.52 -1.71 31.95
CA ARG A 849 -28.02 -3.08 31.98
C ARG A 849 -26.95 -3.33 33.05
N HIS A 850 -26.49 -2.31 33.78
CA HIS A 850 -25.48 -2.49 34.84
C HIS A 850 -26.04 -1.86 36.10
N PHE A 851 -26.17 -2.64 37.18
CA PHE A 851 -26.68 -2.17 38.44
C PHE A 851 -25.59 -2.31 39.48
N ILE A 852 -25.14 -1.19 40.05
CA ILE A 852 -24.11 -1.21 41.07
C ILE A 852 -24.74 -0.80 42.38
N GLU A 853 -24.79 -1.71 43.35
CA GLU A 853 -25.28 -1.40 44.68
C GLU A 853 -24.09 -0.79 45.44
N THR A 854 -24.17 0.52 45.75
CA THR A 854 -23.07 1.25 46.38
C THR A 854 -23.21 1.14 47.90
N THR A 855 -22.99 -0.08 48.43
CA THR A 855 -23.19 -0.36 49.84
C THR A 855 -22.06 -1.12 50.51
N ALA A 856 -22.08 -1.08 51.87
CA ALA A 856 -21.20 -1.84 52.75
C ALA A 856 -21.48 -3.38 52.61
N HIS A 857 -22.69 -3.78 52.18
CA HIS A 857 -23.04 -5.19 51.99
C HIS A 857 -24.25 -5.30 51.01
N PRO A 858 -24.27 -6.28 50.08
CA PRO A 858 -25.38 -6.33 49.09
C PRO A 858 -26.72 -6.86 49.61
N VAL A 859 -27.72 -6.00 49.74
CA VAL A 859 -29.04 -6.40 50.26
C VAL A 859 -30.15 -6.44 49.19
N LEU A 860 -30.04 -5.68 48.08
CA LEU A 860 -31.03 -5.73 47.01
C LEU A 860 -30.56 -6.47 45.76
N ALA A 861 -29.38 -7.14 45.80
CA ALA A 861 -28.84 -7.82 44.64
C ALA A 861 -29.65 -9.04 44.24
N LEU A 862 -30.06 -9.89 45.20
CA LEU A 862 -30.83 -11.10 44.88
C LEU A 862 -32.17 -10.69 44.26
N ALA A 863 -32.85 -9.69 44.85
CA ALA A 863 -34.11 -9.15 44.33
C ALA A 863 -33.94 -8.62 42.90
N LEU A 864 -32.83 -7.90 42.62
CA LEU A 864 -32.51 -7.39 41.27
C LEU A 864 -32.32 -8.55 40.30
N GLU A 865 -31.50 -9.55 40.66
CA GLU A 865 -31.24 -10.73 39.81
C GLU A 865 -32.56 -11.46 39.48
N GLU A 866 -33.50 -11.46 40.43
CA GLU A 866 -34.81 -12.11 40.35
C GLU A 866 -35.72 -11.38 39.34
N THR A 867 -35.77 -10.03 39.38
CA THR A 867 -36.56 -9.22 38.43
C THR A 867 -35.94 -9.31 37.04
N ILE A 868 -34.60 -9.28 36.95
CA ILE A 868 -33.88 -9.40 35.68
C ILE A 868 -34.18 -10.75 35.04
N GLU A 869 -34.24 -11.82 35.86
CA GLU A 869 -34.54 -13.17 35.39
C GLU A 869 -35.93 -13.17 34.76
N ALA A 870 -36.95 -12.70 35.53
CA ALA A 870 -38.36 -12.61 35.11
C ALA A 870 -38.57 -11.83 33.82
N THR A 871 -37.85 -10.71 33.64
CA THR A 871 -37.97 -9.89 32.44
C THR A 871 -37.25 -10.49 31.23
N GLY A 872 -36.17 -11.22 31.46
CA GLY A 872 -35.38 -11.83 30.41
C GLY A 872 -34.33 -10.88 29.84
N SER A 873 -33.81 -9.97 30.68
CA SER A 873 -32.79 -8.99 30.28
C SER A 873 -31.39 -9.55 30.43
N ASP A 874 -30.43 -9.02 29.67
CA ASP A 874 -29.03 -9.44 29.76
C ASP A 874 -28.29 -8.47 30.69
N ALA A 875 -28.92 -8.07 31.81
CA ALA A 875 -28.36 -7.12 32.77
C ALA A 875 -27.48 -7.79 33.83
N ARG A 876 -26.57 -7.01 34.40
CA ARG A 876 -25.60 -7.44 35.40
C ARG A 876 -25.80 -6.66 36.70
N VAL A 877 -25.49 -7.30 37.83
CA VAL A 877 -25.61 -6.71 39.16
C VAL A 877 -24.32 -6.98 39.90
N THR A 878 -23.66 -5.93 40.40
CA THR A 878 -22.45 -6.06 41.21
C THR A 878 -22.59 -5.16 42.45
N GLY A 879 -22.01 -5.60 43.56
CA GLY A 879 -22.00 -4.83 44.80
C GLY A 879 -20.73 -4.01 44.91
N THR A 880 -20.42 -3.50 46.11
CA THR A 880 -19.20 -2.74 46.34
C THR A 880 -18.40 -3.55 47.40
N LEU A 881 -18.81 -3.48 48.68
CA LEU A 881 -18.20 -4.21 49.77
C LEU A 881 -19.19 -5.27 50.25
N ARG A 882 -18.67 -6.27 50.96
CA ARG A 882 -19.45 -7.33 51.62
C ARG A 882 -19.16 -7.17 53.12
N ARG A 883 -20.00 -7.76 53.97
CA ARG A 883 -19.79 -7.75 55.42
C ARG A 883 -18.41 -8.40 55.73
N ASP A 884 -17.58 -7.74 56.56
CA ASP A 884 -16.22 -8.20 56.88
C ASP A 884 -15.22 -8.12 55.71
N HIS A 885 -15.58 -7.44 54.61
CA HIS A 885 -14.72 -7.25 53.45
C HIS A 885 -14.87 -5.79 53.01
N GLY A 886 -14.31 -4.89 53.80
CA GLY A 886 -14.38 -3.47 53.52
C GLY A 886 -13.04 -2.87 53.10
N ASP A 887 -12.16 -3.72 52.57
CA ASP A 887 -10.80 -3.33 52.18
C ASP A 887 -10.66 -3.04 50.67
N LEU A 888 -9.45 -2.63 50.23
CA LEU A 888 -9.18 -2.36 48.83
C LEU A 888 -9.22 -3.62 47.98
N THR A 889 -8.97 -4.80 48.55
CA THR A 889 -9.07 -6.06 47.80
C THR A 889 -10.50 -6.27 47.30
N GLN A 890 -11.47 -5.99 48.16
CA GLN A 890 -12.88 -6.14 47.81
C GLN A 890 -13.31 -5.03 46.88
N LEU A 891 -12.90 -3.78 47.15
CA LEU A 891 -13.21 -2.64 46.27
C LEU A 891 -12.68 -2.88 44.85
N HIS A 892 -11.43 -3.35 44.73
CA HIS A 892 -10.78 -3.64 43.48
C HIS A 892 -11.38 -4.86 42.80
N THR A 893 -11.89 -5.84 43.57
CA THR A 893 -12.59 -7.00 43.02
C THR A 893 -13.89 -6.51 42.36
N ALA A 894 -14.60 -5.57 43.03
CA ALA A 894 -15.83 -5.00 42.50
C ALA A 894 -15.55 -4.18 41.25
N LEU A 895 -14.51 -3.32 41.28
CA LEU A 895 -14.12 -2.53 40.12
C LEU A 895 -13.73 -3.41 38.94
N ALA A 896 -12.97 -4.49 39.19
CA ALA A 896 -12.54 -5.39 38.11
C ALA A 896 -13.73 -6.16 37.54
N THR A 897 -14.65 -6.62 38.40
CA THR A 897 -15.84 -7.35 37.95
C THR A 897 -16.69 -6.45 37.02
N ALA A 898 -16.95 -5.21 37.43
CA ALA A 898 -17.69 -4.25 36.62
C ALA A 898 -16.99 -3.99 35.27
N TRP A 899 -15.65 -3.80 35.28
CA TRP A 899 -14.86 -3.59 34.06
C TRP A 899 -15.03 -4.78 33.11
N THR A 900 -14.93 -5.96 33.66
CA THR A 900 -15.08 -7.24 32.95
C THR A 900 -16.43 -7.30 32.19
N HIS A 901 -17.50 -6.73 32.78
CA HIS A 901 -18.83 -6.67 32.18
C HIS A 901 -18.98 -5.55 31.11
N GLY A 902 -18.01 -4.63 31.02
CA GLY A 902 -18.03 -3.55 30.06
C GLY A 902 -18.09 -2.16 30.68
N ILE A 903 -18.01 -2.03 32.01
CA ILE A 903 -18.04 -0.70 32.63
C ILE A 903 -16.69 -0.04 32.44
N ASP A 904 -16.67 1.18 31.92
CA ASP A 904 -15.43 1.92 31.73
C ASP A 904 -14.96 2.42 33.09
N VAL A 905 -13.72 2.09 33.45
CA VAL A 905 -13.09 2.46 34.70
C VAL A 905 -11.87 3.33 34.37
N ASP A 906 -11.67 4.39 35.15
CA ASP A 906 -10.51 5.23 35.02
C ASP A 906 -9.41 4.55 35.85
N TRP A 907 -8.63 3.66 35.22
CA TRP A 907 -7.58 2.93 35.94
C TRP A 907 -6.45 3.84 36.45
N THR A 908 -6.34 5.07 35.96
CA THR A 908 -5.39 6.06 36.48
C THR A 908 -5.83 6.46 37.89
N ALA A 909 -7.14 6.71 38.11
CA ALA A 909 -7.64 7.06 39.43
C ALA A 909 -7.44 5.89 40.42
N VAL A 910 -7.59 4.65 39.94
CA VAL A 910 -7.43 3.44 40.74
C VAL A 910 -5.97 3.12 41.05
N LEU A 911 -5.08 3.14 40.03
CA LEU A 911 -3.68 2.72 40.12
C LEU A 911 -2.62 3.81 40.16
N GLY A 912 -3.00 5.08 40.12
CA GLY A 912 -2.03 6.17 40.10
C GLY A 912 -1.76 6.67 38.69
N ASP A 913 -1.38 7.93 38.57
CA ASP A 913 -1.14 8.59 37.29
C ASP A 913 0.04 7.98 36.52
N ARG A 914 1.21 7.89 37.18
CA ARG A 914 2.41 7.39 36.53
C ARG A 914 3.07 6.32 37.39
N ARG A 915 3.67 5.35 36.72
CA ARG A 915 4.50 4.32 37.31
C ARG A 915 5.73 4.19 36.39
N THR A 916 6.75 3.42 36.82
CA THR A 916 7.91 3.18 35.98
C THR A 916 7.42 2.33 34.77
N PRO A 917 7.58 2.78 33.51
CA PRO A 917 7.03 1.98 32.39
C PRO A 917 7.49 0.53 32.37
N PHE A 918 6.54 -0.40 32.25
CA PHE A 918 6.84 -1.83 32.19
C PHE A 918 6.50 -2.31 30.78
N GLU A 919 7.50 -2.73 30.01
CA GLU A 919 7.24 -3.23 28.65
C GLU A 919 6.55 -4.58 28.74
N LEU A 920 5.51 -4.76 27.94
CA LEU A 920 4.70 -5.97 27.91
C LEU A 920 4.76 -6.59 26.51
N PRO A 921 4.40 -7.88 26.34
CA PRO A 921 4.30 -8.42 24.98
C PRO A 921 3.23 -7.68 24.16
N THR A 922 3.40 -7.69 22.85
CA THR A 922 2.42 -7.09 21.95
C THR A 922 1.25 -8.05 21.73
N TYR A 923 0.16 -7.58 21.11
CA TYR A 923 -1.07 -8.35 20.95
C TYR A 923 -0.84 -9.75 20.34
N ALA A 924 -1.47 -10.76 20.93
CA ALA A 924 -1.36 -12.14 20.47
C ALA A 924 -2.23 -12.33 19.22
N PHE A 925 -1.76 -11.81 18.07
CA PHE A 925 -2.50 -11.92 16.81
C PHE A 925 -2.76 -13.38 16.45
N GLN A 926 -4.00 -13.67 16.06
CA GLN A 926 -4.48 -15.00 15.68
C GLN A 926 -4.54 -15.00 14.19
N ARG A 927 -3.41 -15.34 13.57
CA ARG A 927 -3.27 -15.21 12.13
C ARG A 927 -3.72 -16.42 11.33
N GLN A 928 -4.06 -16.16 10.05
CA GLN A 928 -4.41 -17.16 9.05
C GLN A 928 -3.75 -16.77 7.73
N ARG A 929 -3.55 -17.75 6.86
CA ARG A 929 -2.89 -17.52 5.58
C ARG A 929 -3.89 -16.97 4.59
N TYR A 930 -3.54 -15.85 3.95
CA TYR A 930 -4.38 -15.19 2.96
C TYR A 930 -3.46 -14.85 1.79
N TRP A 931 -3.51 -15.67 0.72
CA TRP A 931 -2.65 -15.48 -0.42
C TRP A 931 -3.41 -15.78 -1.70
N LEU A 932 -3.33 -14.85 -2.65
CA LEU A 932 -3.98 -14.93 -3.95
C LEU A 932 -3.25 -16.01 -4.75
N GLU A 933 -3.97 -17.04 -5.24
CA GLU A 933 -3.33 -18.11 -6.04
C GLU A 933 -3.47 -17.89 -7.56
N GLU B 28 26.77 61.83 32.42
CA GLU B 28 27.87 61.72 31.48
C GLU B 28 27.39 61.48 30.04
N ASP B 29 28.23 61.81 29.06
CA ASP B 29 27.90 61.62 27.64
C ASP B 29 28.04 60.16 27.19
N ARG B 30 28.90 59.38 27.88
CA ARG B 30 29.14 57.96 27.56
C ARG B 30 27.87 57.11 27.65
N LEU B 31 26.96 57.44 28.59
CA LEU B 31 25.71 56.69 28.75
C LEU B 31 24.78 56.92 27.55
N ARG B 32 24.75 58.14 27.02
CA ARG B 32 23.93 58.46 25.85
C ARG B 32 24.45 57.68 24.64
N ASP B 33 25.79 57.63 24.45
CA ASP B 33 26.40 56.89 23.36
C ASP B 33 26.20 55.38 23.52
N TYR B 34 26.23 54.88 24.77
CA TYR B 34 26.02 53.46 25.07
C TYR B 34 24.57 53.06 24.80
N LEU B 35 23.58 53.89 25.22
CA LEU B 35 22.17 53.60 25.00
C LEU B 35 21.85 53.51 23.51
N LYS B 36 22.36 54.44 22.70
CA LYS B 36 22.12 54.46 21.26
C LYS B 36 22.56 53.14 20.59
N ARG B 37 23.77 52.64 20.93
CA ARG B 37 24.26 51.38 20.37
C ARG B 37 23.59 50.14 21.01
N ALA B 38 23.14 50.24 22.27
CA ALA B 38 22.46 49.12 22.94
C ALA B 38 21.04 48.91 22.38
N THR B 39 20.24 49.98 22.24
CA THR B 39 18.88 49.87 21.69
C THR B 39 18.91 49.40 20.23
N ALA B 40 19.98 49.70 19.47
CA ALA B 40 20.14 49.24 18.10
C ALA B 40 20.35 47.70 18.07
N ASP B 41 21.09 47.17 19.06
CA ASP B 41 21.32 45.74 19.21
C ASP B 41 20.01 45.04 19.59
N LEU B 42 19.20 45.67 20.48
CA LEU B 42 17.90 45.15 20.90
C LEU B 42 16.92 45.14 19.71
N SER B 43 16.94 46.20 18.89
CA SER B 43 16.10 46.30 17.69
C SER B 43 16.48 45.21 16.67
N ARG B 44 17.78 44.93 16.53
CA ARG B 44 18.28 43.90 15.62
C ARG B 44 17.94 42.49 16.15
N VAL B 45 17.95 42.31 17.48
CA VAL B 45 17.65 41.03 18.13
C VAL B 45 16.17 40.69 18.04
N ARG B 46 15.29 41.66 18.35
CA ARG B 46 13.85 41.47 18.26
C ARG B 46 13.42 41.12 16.83
N ARG B 47 14.07 41.73 15.83
CA ARG B 47 13.76 41.46 14.42
C ARG B 47 14.14 40.04 14.07
N GLN B 48 15.33 39.59 14.52
CA GLN B 48 15.81 38.24 14.26
C GLN B 48 14.93 37.20 14.99
N LEU B 49 14.39 37.55 16.18
CA LEU B 49 13.49 36.66 16.92
C LEU B 49 12.15 36.54 16.18
N GLN B 50 11.61 37.68 15.70
CA GLN B 50 10.35 37.71 14.97
C GLN B 50 10.46 36.92 13.66
N GLU B 51 11.55 37.12 12.91
CA GLU B 51 11.75 36.41 11.64
C GLU B 51 11.91 34.90 11.85
N THR B 52 12.59 34.49 12.93
CA THR B 52 12.81 33.06 13.22
C THR B 52 11.53 32.37 13.67
N GLU B 53 10.71 33.05 14.49
CA GLU B 53 9.46 32.47 14.97
C GLU B 53 8.49 32.30 13.80
N ALA B 54 8.35 33.32 12.95
CA ALA B 54 7.44 33.29 11.80
C ALA B 54 7.98 32.51 10.59
N ALA B 55 9.22 31.99 10.64
CA ALA B 55 9.78 31.24 9.52
C ALA B 55 8.95 29.99 9.20
N SER B 56 8.42 29.30 10.22
CA SER B 56 7.59 28.09 10.04
C SER B 56 6.24 28.38 9.36
N ARG B 57 5.83 29.65 9.29
CA ARG B 57 4.59 30.07 8.62
C ARG B 57 4.88 31.22 7.62
N GLU B 58 6.13 31.36 7.12
CA GLU B 58 6.47 32.42 6.19
C GLU B 58 5.69 32.25 4.88
N PRO B 59 5.25 33.34 4.22
CA PRO B 59 4.58 33.15 2.92
C PRO B 59 5.54 32.59 1.88
N ILE B 60 5.04 31.70 1.01
CA ILE B 60 5.87 31.08 -0.04
C ILE B 60 5.45 31.63 -1.41
N ALA B 61 6.35 32.34 -2.08
CA ALA B 61 6.08 32.91 -3.39
C ALA B 61 6.01 31.85 -4.50
N ILE B 62 5.02 31.93 -5.36
CA ILE B 62 4.92 31.11 -6.55
C ILE B 62 5.56 32.02 -7.61
N ILE B 63 6.69 31.59 -8.20
CA ILE B 63 7.40 32.42 -9.18
C ILE B 63 7.29 31.88 -10.60
N GLY B 64 6.93 30.62 -10.79
CA GLY B 64 6.77 30.06 -12.12
C GLY B 64 5.77 28.93 -12.11
N MET B 65 5.15 28.68 -13.26
CA MET B 65 4.15 27.63 -13.39
C MET B 65 4.20 27.07 -14.80
N ALA B 66 3.79 25.82 -14.94
CA ALA B 66 3.71 25.16 -16.24
C ALA B 66 2.68 24.07 -16.21
N CYS B 67 2.03 23.80 -17.34
CA CYS B 67 0.98 22.79 -17.36
C CYS B 67 0.61 22.38 -18.76
N ARG B 68 0.13 21.13 -18.88
CA ARG B 68 -0.47 20.59 -20.10
C ARG B 68 -1.71 19.88 -19.59
N LEU B 69 -2.87 20.39 -19.96
CA LEU B 69 -4.14 19.86 -19.51
C LEU B 69 -5.06 19.66 -20.73
N PRO B 70 -6.15 18.88 -20.59
CA PRO B 70 -7.04 18.66 -21.75
C PRO B 70 -7.57 19.94 -22.39
N GLY B 71 -7.92 19.85 -23.67
CA GLY B 71 -8.47 20.97 -24.42
C GLY B 71 -7.43 21.84 -25.11
N GLY B 72 -6.24 21.30 -25.35
CA GLY B 72 -5.16 22.06 -25.98
C GLY B 72 -4.37 22.95 -25.04
N VAL B 73 -4.57 22.81 -23.73
CA VAL B 73 -3.86 23.61 -22.75
C VAL B 73 -2.40 23.14 -22.69
N ASP B 74 -1.46 24.08 -22.82
CA ASP B 74 -0.03 23.82 -22.73
C ASP B 74 0.73 24.95 -21.98
N SER B 75 0.00 25.85 -21.30
CA SER B 75 0.60 26.95 -20.55
C SER B 75 -0.41 27.53 -19.54
N PRO B 76 0.02 28.24 -18.49
CA PRO B 76 -0.96 28.87 -17.57
C PRO B 76 -1.96 29.81 -18.25
N GLU B 77 -1.55 30.55 -19.31
CA GLU B 77 -2.48 31.44 -20.02
C GLU B 77 -3.48 30.63 -20.84
N GLY B 78 -3.06 29.48 -21.38
CA GLY B 78 -3.97 28.61 -22.11
C GLY B 78 -5.02 28.04 -21.16
N LEU B 79 -4.61 27.73 -19.91
CA LEU B 79 -5.55 27.27 -18.90
C LEU B 79 -6.56 28.38 -18.59
N TRP B 80 -6.09 29.62 -18.48
CA TRP B 80 -6.95 30.75 -18.24
C TRP B 80 -7.97 30.92 -19.37
N GLU B 81 -7.51 30.95 -20.62
CA GLU B 81 -8.38 31.10 -21.78
C GLU B 81 -9.42 29.98 -21.88
N LEU B 82 -9.19 28.81 -21.25
CA LEU B 82 -10.14 27.71 -21.26
C LEU B 82 -11.26 27.93 -20.22
N VAL B 83 -10.90 28.33 -18.99
CA VAL B 83 -11.87 28.55 -17.93
C VAL B 83 -12.61 29.87 -18.11
N ASP B 84 -11.90 30.90 -18.60
CA ASP B 84 -12.46 32.23 -18.89
C ASP B 84 -13.57 32.12 -19.96
N SER B 85 -13.38 31.25 -20.96
CA SER B 85 -14.35 31.03 -22.03
C SER B 85 -15.35 29.88 -21.74
N GLY B 86 -15.33 29.32 -20.51
CA GLY B 86 -16.22 28.25 -20.09
C GLY B 86 -16.19 27.03 -21.00
N THR B 87 -14.99 26.65 -21.48
CA THR B 87 -14.87 25.55 -22.42
C THR B 87 -14.90 24.19 -21.74
N ASP B 88 -15.65 23.25 -22.32
CA ASP B 88 -15.73 21.88 -21.85
C ASP B 88 -14.77 21.06 -22.72
N ALA B 89 -13.63 20.63 -22.13
CA ALA B 89 -12.59 19.90 -22.83
C ALA B 89 -12.79 18.39 -22.89
N ILE B 90 -13.93 17.86 -22.40
CA ILE B 90 -14.18 16.42 -22.45
C ILE B 90 -14.41 16.06 -23.93
N ALA B 91 -13.74 15.00 -24.40
CA ALA B 91 -13.81 14.58 -25.81
C ALA B 91 -13.40 13.09 -25.95
N GLY B 92 -13.70 12.50 -27.12
CA GLY B 92 -13.43 11.11 -27.44
C GLY B 92 -12.12 10.51 -26.99
N PHE B 93 -12.11 9.19 -26.78
CA PHE B 93 -10.92 8.46 -26.36
C PHE B 93 -9.85 8.46 -27.47
N PRO B 94 -8.54 8.41 -27.15
CA PRO B 94 -7.53 8.44 -28.22
C PRO B 94 -7.55 7.26 -29.20
N LEU B 95 -7.34 7.55 -30.49
CA LEU B 95 -7.32 6.55 -31.56
C LEU B 95 -5.88 6.07 -31.90
N ASP B 96 -4.84 6.65 -31.27
CA ASP B 96 -3.44 6.31 -31.55
C ASP B 96 -2.76 5.58 -30.38
N ARG B 97 -3.49 4.72 -29.63
CA ARG B 97 -2.91 4.00 -28.50
C ARG B 97 -3.21 2.49 -28.46
N GLY B 98 -3.72 1.92 -29.56
CA GLY B 98 -4.02 0.50 -29.64
C GLY B 98 -5.12 0.01 -28.71
N TRP B 99 -6.04 0.90 -28.28
CA TRP B 99 -7.13 0.51 -27.38
C TRP B 99 -8.25 -0.25 -28.11
N LYS B 118 -16.88 6.69 -23.12
CA LYS B 118 -16.89 7.13 -24.52
C LYS B 118 -16.07 8.41 -24.71
N GLU B 119 -16.10 9.34 -23.73
CA GLU B 119 -15.35 10.59 -23.75
C GLU B 119 -14.71 10.86 -22.38
N ALA B 120 -13.60 11.61 -22.36
CA ALA B 120 -12.87 11.97 -21.14
C ALA B 120 -11.81 13.09 -21.43
N GLY B 121 -11.15 13.61 -20.39
CA GLY B 121 -10.10 14.63 -20.55
C GLY B 121 -8.78 13.99 -20.91
N PHE B 122 -8.26 14.23 -22.12
CA PHE B 122 -7.01 13.62 -22.56
C PHE B 122 -5.95 14.62 -22.98
N LEU B 123 -4.71 14.15 -22.99
CA LEU B 123 -3.56 14.83 -23.54
C LEU B 123 -3.27 13.99 -24.76
N TYR B 124 -3.85 14.34 -25.91
CA TYR B 124 -3.64 13.59 -27.14
C TYR B 124 -2.18 13.55 -27.59
N ASP B 125 -1.36 14.51 -27.13
CA ASP B 125 0.08 14.57 -27.44
C ASP B 125 0.91 14.10 -26.22
N ALA B 126 0.39 13.17 -25.41
CA ALA B 126 1.12 12.66 -24.23
C ALA B 126 2.42 11.92 -24.59
N GLY B 127 2.48 11.38 -25.81
CA GLY B 127 3.68 10.70 -26.31
C GLY B 127 4.67 11.61 -26.99
N GLU B 128 4.30 12.89 -27.26
CA GLU B 128 5.19 13.87 -27.92
C GLU B 128 6.25 14.37 -26.93
N PHE B 129 7.54 14.17 -27.24
CA PHE B 129 8.62 14.54 -26.34
C PHE B 129 9.86 14.93 -27.11
N ASP B 130 10.61 15.92 -26.62
CA ASP B 130 11.87 16.32 -27.25
C ASP B 130 12.96 15.58 -26.50
N ALA B 131 13.19 14.33 -26.88
CA ALA B 131 14.19 13.48 -26.24
C ALA B 131 15.59 14.02 -26.43
N GLY B 132 15.87 14.54 -27.62
CA GLY B 132 17.18 15.11 -27.94
C GLY B 132 17.59 16.23 -27.00
N PHE B 133 16.65 17.13 -26.70
CA PHE B 133 16.87 18.25 -25.80
C PHE B 133 17.43 17.81 -24.44
N PHE B 134 16.86 16.74 -23.86
CA PHE B 134 17.25 16.24 -22.55
C PHE B 134 18.36 15.18 -22.55
N GLY B 135 18.98 14.91 -23.70
CA GLY B 135 20.04 13.92 -23.80
C GLY B 135 19.57 12.49 -23.72
N ILE B 136 18.31 12.24 -24.10
CA ILE B 136 17.72 10.91 -24.03
C ILE B 136 17.67 10.31 -25.42
N SER B 137 18.15 9.08 -25.58
CA SER B 137 18.13 8.40 -26.88
C SER B 137 16.71 7.94 -27.26
N PRO B 138 16.40 7.74 -28.55
CA PRO B 138 15.03 7.28 -28.90
C PRO B 138 14.63 5.98 -28.21
N ARG B 139 15.56 5.00 -28.05
CA ARG B 139 15.25 3.76 -27.34
C ARG B 139 14.92 3.99 -25.87
N GLU B 140 15.64 4.92 -25.20
CA GLU B 140 15.37 5.23 -23.80
C GLU B 140 14.03 5.98 -23.70
N ALA B 141 13.71 6.86 -24.67
CA ALA B 141 12.47 7.63 -24.68
C ALA B 141 11.24 6.75 -24.91
N VAL B 142 11.32 5.75 -25.82
CA VAL B 142 10.18 4.87 -26.09
C VAL B 142 9.77 4.05 -24.84
N SER B 143 10.74 3.53 -24.09
CA SER B 143 10.46 2.75 -22.87
C SER B 143 10.31 3.63 -21.61
N MET B 144 10.28 4.97 -21.76
CA MET B 144 10.13 5.90 -20.65
C MET B 144 8.66 6.22 -20.49
N ASP B 145 8.14 6.13 -19.27
CA ASP B 145 6.76 6.43 -18.95
C ASP B 145 6.43 7.89 -19.34
N PRO B 146 5.38 8.16 -20.15
CA PRO B 146 5.10 9.56 -20.54
C PRO B 146 4.95 10.52 -19.38
N GLN B 147 4.60 10.06 -18.17
CA GLN B 147 4.51 10.91 -16.97
C GLN B 147 5.89 11.50 -16.63
N GLN B 148 6.98 10.72 -16.82
CA GLN B 148 8.35 11.20 -16.58
C GLN B 148 8.71 12.23 -17.63
N ARG B 149 8.39 11.95 -18.90
CA ARG B 149 8.68 12.83 -20.03
C ARG B 149 7.93 14.17 -19.92
N LEU B 150 6.66 14.13 -19.51
CA LEU B 150 5.84 15.33 -19.32
C LEU B 150 6.36 16.16 -18.16
N MET B 151 6.81 15.51 -17.09
CA MET B 151 7.38 16.22 -15.94
C MET B 151 8.70 16.90 -16.28
N LEU B 152 9.47 16.38 -17.26
CA LEU B 152 10.72 17.02 -17.68
C LEU B 152 10.44 18.32 -18.45
N GLU B 153 9.63 18.27 -19.53
CA GLU B 153 9.35 19.47 -20.30
C GLU B 153 8.66 20.54 -19.44
N ALA B 154 7.64 20.14 -18.64
CA ALA B 154 6.92 21.08 -17.76
C ALA B 154 7.83 21.74 -16.72
N SER B 155 8.77 21.01 -16.13
CA SER B 155 9.68 21.56 -15.13
C SER B 155 10.66 22.53 -15.76
N TRP B 156 11.11 22.25 -16.98
CA TRP B 156 12.01 23.17 -17.69
C TRP B 156 11.26 24.49 -17.95
N GLU B 157 10.00 24.38 -18.41
CA GLU B 157 9.14 25.54 -18.69
C GLU B 157 8.82 26.34 -17.45
N ALA B 158 8.54 25.68 -16.31
CA ALA B 158 8.20 26.37 -15.07
C ALA B 158 9.37 27.20 -14.56
N PHE B 159 10.61 26.71 -14.72
CA PHE B 159 11.80 27.49 -14.33
C PHE B 159 11.99 28.65 -15.29
N GLU B 160 11.71 28.46 -16.59
CA GLU B 160 11.82 29.55 -17.56
C GLU B 160 10.79 30.63 -17.25
N ARG B 161 9.55 30.25 -16.88
CA ARG B 161 8.51 31.22 -16.50
C ARG B 161 8.81 31.89 -15.14
N ALA B 162 9.67 31.30 -14.30
CA ALA B 162 10.12 31.91 -13.07
C ALA B 162 11.23 32.97 -13.31
N GLY B 163 11.65 33.18 -14.57
CA GLY B 163 12.74 34.08 -14.91
C GLY B 163 14.09 33.49 -14.54
N LEU B 164 14.19 32.14 -14.53
CA LEU B 164 15.41 31.45 -14.15
C LEU B 164 15.91 30.62 -15.31
N ASP B 165 17.21 30.72 -15.62
CA ASP B 165 17.83 29.87 -16.63
C ASP B 165 17.90 28.46 -15.95
N PRO B 166 17.18 27.42 -16.45
CA PRO B 166 17.22 26.11 -15.75
C PRO B 166 18.61 25.51 -15.63
N ALA B 167 19.55 25.83 -16.56
CA ALA B 167 20.92 25.35 -16.51
C ALA B 167 21.68 25.98 -15.34
N ARG B 168 21.38 27.24 -14.98
CA ARG B 168 22.05 27.88 -13.82
C ARG B 168 21.52 27.33 -12.46
N GLN B 169 20.55 26.41 -12.48
CA GLN B 169 20.05 25.77 -11.27
C GLN B 169 20.90 24.53 -10.88
N ARG B 170 21.90 24.13 -11.69
CA ARG B 170 22.79 23.02 -11.36
C ARG B 170 23.60 23.41 -10.12
N GLY B 171 23.69 22.47 -9.16
CA GLY B 171 24.43 22.70 -7.93
C GLY B 171 23.67 23.46 -6.86
N THR B 172 22.39 23.81 -7.11
CA THR B 172 21.58 24.56 -6.16
C THR B 172 20.76 23.60 -5.27
N ALA B 173 20.33 24.12 -4.11
CA ALA B 173 19.52 23.37 -3.16
C ALA B 173 18.07 23.46 -3.63
N THR B 174 17.80 22.90 -4.82
CA THR B 174 16.47 22.93 -5.38
C THR B 174 15.84 21.56 -5.17
N GLY B 175 14.71 21.54 -4.46
CA GLY B 175 13.97 20.32 -4.21
C GLY B 175 12.94 20.06 -5.29
N VAL B 176 12.49 18.80 -5.41
CA VAL B 176 11.49 18.39 -6.39
C VAL B 176 10.47 17.51 -5.65
N PHE B 177 9.21 17.93 -5.56
CA PHE B 177 8.16 17.19 -4.87
C PHE B 177 7.07 16.88 -5.87
N VAL B 178 6.90 15.61 -6.22
CA VAL B 178 5.93 15.22 -7.25
C VAL B 178 4.90 14.27 -6.71
N GLY B 179 3.65 14.53 -7.01
CA GLY B 179 2.57 13.63 -6.69
C GLY B 179 2.30 12.79 -7.92
N ALA B 180 2.57 11.49 -7.88
CA ALA B 180 2.39 10.62 -9.04
C ALA B 180 2.08 9.21 -8.62
N THR B 181 1.40 8.46 -9.50
CA THR B 181 1.08 7.06 -9.29
C THR B 181 1.54 6.27 -10.51
N ALA B 182 1.89 5.00 -10.28
CA ALA B 182 2.32 4.12 -11.35
C ALA B 182 1.14 3.70 -12.20
N THR B 183 1.33 3.77 -13.52
CA THR B 183 0.33 3.38 -14.51
C THR B 183 0.90 2.21 -15.35
N GLY B 184 0.08 1.63 -16.22
CA GLY B 184 0.48 0.46 -17.00
C GLY B 184 1.15 0.77 -18.32
N TYR B 185 2.12 1.73 -18.34
CA TYR B 185 2.79 2.06 -19.60
C TYR B 185 3.60 0.86 -20.10
N VAL B 186 4.40 0.26 -19.20
CA VAL B 186 5.15 -0.95 -19.50
C VAL B 186 4.67 -1.99 -18.50
N SER B 187 4.22 -3.15 -19.00
CA SER B 187 3.74 -4.26 -18.18
C SER B 187 4.90 -4.91 -17.42
N GLU B 191 8.08 -6.21 -24.32
CA GLU B 191 7.85 -5.57 -25.63
C GLU B 191 8.77 -4.34 -25.88
N VAL B 192 9.70 -4.01 -24.96
CA VAL B 192 10.60 -2.87 -25.11
C VAL B 192 11.76 -3.21 -26.08
N PRO B 193 12.44 -2.21 -26.69
CA PRO B 193 13.57 -2.54 -27.60
C PRO B 193 14.64 -3.42 -26.96
N GLU B 194 15.38 -4.20 -27.79
CA GLU B 194 16.42 -5.09 -27.28
C GLU B 194 17.56 -4.26 -26.68
N GLY B 195 18.02 -4.63 -25.49
CA GLY B 195 19.07 -3.90 -24.79
C GLY B 195 18.54 -2.77 -23.92
N ALA B 196 17.36 -2.20 -24.27
CA ALA B 196 16.74 -1.12 -23.49
C ALA B 196 16.07 -1.61 -22.19
N GLU B 197 16.37 -2.82 -21.70
CA GLU B 197 15.78 -3.34 -20.46
C GLU B 197 16.19 -2.51 -19.23
N GLY B 198 17.43 -2.05 -19.18
CA GLY B 198 17.91 -1.20 -18.10
C GLY B 198 17.15 0.12 -18.05
N PHE B 199 16.81 0.66 -19.23
CA PHE B 199 16.04 1.88 -19.35
C PHE B 199 14.58 1.67 -18.93
N ALA B 200 14.01 0.49 -19.18
CA ALA B 200 12.64 0.19 -18.79
C ALA B 200 12.49 0.24 -17.27
N ILE B 201 13.54 -0.20 -16.51
CA ILE B 201 13.50 -0.20 -15.05
C ILE B 201 13.38 1.24 -14.50
N THR B 202 14.37 2.11 -14.74
CA THR B 202 14.30 3.49 -14.26
C THR B 202 13.18 4.27 -14.97
N GLY B 203 12.95 3.98 -16.25
CA GLY B 203 11.93 4.62 -17.05
C GLY B 203 10.51 4.42 -16.59
N ASN B 204 10.26 3.43 -15.70
CA ASN B 204 8.92 3.18 -15.15
C ASN B 204 8.92 3.12 -13.62
N MET B 205 9.88 3.76 -12.95
CA MET B 205 9.89 3.82 -11.50
C MET B 205 9.32 5.13 -11.10
N THR B 206 8.26 5.13 -10.31
CA THR B 206 7.57 6.32 -9.82
C THR B 206 8.54 7.27 -9.11
N ALA B 207 9.55 6.72 -8.40
CA ALA B 207 10.58 7.53 -7.73
C ALA B 207 11.41 8.35 -8.73
N VAL B 208 11.63 7.81 -9.93
CA VAL B 208 12.41 8.48 -10.96
C VAL B 208 11.63 9.63 -11.62
N THR B 209 10.28 9.68 -11.49
CA THR B 209 9.47 10.79 -11.99
C THR B 209 9.92 12.11 -11.36
N SER B 210 10.39 12.08 -10.11
CA SER B 210 10.93 13.26 -9.44
C SER B 210 12.47 13.31 -9.59
N GLY B 211 13.14 12.20 -9.31
CA GLY B 211 14.60 12.10 -9.39
C GLY B 211 15.22 12.44 -10.74
N ARG B 212 14.51 12.12 -11.84
CA ARG B 212 14.97 12.41 -13.19
C ARG B 212 15.12 13.90 -13.43
N ILE B 213 14.25 14.70 -12.84
CA ILE B 213 14.32 16.15 -12.97
C ILE B 213 15.58 16.66 -12.30
N SER B 214 15.88 16.16 -11.11
CA SER B 214 17.08 16.51 -10.37
C SER B 214 18.35 16.02 -11.07
N TYR B 215 18.31 14.83 -11.71
CA TYR B 215 19.44 14.30 -12.45
C TYR B 215 19.72 15.17 -13.68
N THR B 216 18.71 15.38 -14.54
CA THR B 216 18.83 16.13 -15.79
C THR B 216 19.25 17.59 -15.59
N LEU B 217 18.73 18.23 -14.54
CA LEU B 217 19.04 19.63 -14.25
C LEU B 217 20.11 19.83 -13.17
N GLY B 218 20.69 18.74 -12.64
CA GLY B 218 21.73 18.83 -11.62
C GLY B 218 21.29 19.51 -10.33
N LEU B 219 20.08 19.25 -9.90
CA LEU B 219 19.53 19.85 -8.68
C LEU B 219 19.97 19.02 -7.48
N GLN B 220 20.36 19.67 -6.37
CA GLN B 220 20.89 18.98 -5.20
C GLN B 220 19.94 18.85 -4.00
N GLY B 221 18.79 19.49 -4.01
CA GLY B 221 17.80 19.32 -2.96
C GLY B 221 17.11 17.98 -3.13
N PRO B 222 16.31 17.52 -2.13
CA PRO B 222 15.67 16.21 -2.25
C PRO B 222 14.68 16.11 -3.40
N ALA B 223 14.57 14.95 -4.04
CA ALA B 223 13.56 14.69 -5.06
C ALA B 223 12.68 13.61 -4.46
N VAL B 224 11.43 13.93 -4.17
CA VAL B 224 10.53 13.00 -3.51
C VAL B 224 9.28 12.81 -4.34
N THR B 225 8.93 11.55 -4.67
CA THR B 225 7.65 11.26 -5.30
C THR B 225 6.73 10.78 -4.18
N ILE B 226 5.54 11.36 -4.09
CA ILE B 226 4.59 10.99 -3.05
C ILE B 226 3.29 10.53 -3.70
N ASP B 227 2.60 9.63 -3.03
CA ASP B 227 1.34 9.10 -3.51
C ASP B 227 0.34 9.12 -2.37
N THR B 228 -0.55 10.12 -2.39
CA THR B 228 -1.71 10.22 -1.50
C THR B 228 -2.97 10.21 -2.39
N ALA B 229 -2.97 9.35 -3.44
CA ALA B 229 -4.06 9.19 -4.37
C ALA B 229 -4.42 10.60 -5.05
N CYS B 230 -5.70 11.03 -5.20
CA CYS B 230 -6.06 12.25 -5.90
C CYS B 230 -5.77 13.55 -5.14
N SER B 231 -5.04 13.49 -4.01
CA SER B 231 -4.57 14.69 -3.31
C SER B 231 -3.03 14.85 -3.45
N SER B 232 -2.34 13.95 -4.18
CA SER B 232 -0.89 13.91 -4.31
C SER B 232 -0.20 15.25 -4.61
N SER B 233 -0.56 15.95 -5.71
CA SER B 233 0.12 17.20 -6.06
C SER B 233 -0.05 18.33 -5.02
N LEU B 234 -1.19 18.38 -4.32
CA LEU B 234 -1.39 19.41 -3.30
C LEU B 234 -0.62 19.06 -2.02
N VAL B 235 -0.48 17.76 -1.70
CA VAL B 235 0.37 17.34 -0.58
C VAL B 235 1.85 17.62 -0.96
N ALA B 236 2.24 17.43 -2.24
CA ALA B 236 3.61 17.72 -2.67
C ALA B 236 3.89 19.21 -2.53
N LEU B 237 2.92 20.08 -2.83
CA LEU B 237 3.06 21.52 -2.63
C LEU B 237 3.27 21.84 -1.16
N HIS B 238 2.48 21.22 -0.28
CA HIS B 238 2.61 21.38 1.16
C HIS B 238 4.00 20.95 1.64
N LEU B 239 4.50 19.81 1.13
CA LEU B 239 5.84 19.36 1.49
C LEU B 239 6.95 20.27 0.95
N ALA B 240 6.78 20.84 -0.25
CA ALA B 240 7.76 21.79 -0.81
C ALA B 240 7.76 23.07 0.04
N CYS B 241 6.56 23.54 0.43
CA CYS B 241 6.40 24.70 1.31
C CYS B 241 7.08 24.42 2.67
N GLN B 242 6.84 23.24 3.29
CA GLN B 242 7.51 22.89 4.54
C GLN B 242 9.03 22.85 4.37
N SER B 243 9.52 22.24 3.28
CA SER B 243 10.97 22.17 3.01
C SER B 243 11.59 23.57 2.91
N LEU B 244 10.94 24.50 2.21
CA LEU B 244 11.41 25.88 2.12
C LEU B 244 11.37 26.57 3.49
N ARG B 245 10.28 26.38 4.25
CA ARG B 245 10.12 26.97 5.58
C ARG B 245 11.10 26.42 6.62
N GLN B 246 11.64 25.21 6.41
CA GLN B 246 12.68 24.64 7.29
C GLN B 246 14.11 25.07 6.87
N GLY B 247 14.25 25.75 5.72
CA GLY B 247 15.54 26.16 5.19
C GLY B 247 16.28 25.02 4.53
N GLU B 248 15.58 23.95 4.15
CA GLU B 248 16.17 22.75 3.53
C GLU B 248 16.52 23.03 2.07
N CYS B 249 15.66 23.77 1.38
CA CYS B 249 15.80 24.16 -0.01
C CYS B 249 15.81 25.69 -0.12
N THR B 250 16.39 26.21 -1.19
CA THR B 250 16.35 27.64 -1.53
C THR B 250 15.18 27.85 -2.53
N THR B 251 14.95 26.88 -3.43
CA THR B 251 13.86 26.87 -4.40
C THR B 251 13.33 25.43 -4.48
N ALA B 252 12.10 25.26 -4.98
CA ALA B 252 11.54 23.92 -5.13
C ALA B 252 10.51 23.85 -6.24
N LEU B 253 10.40 22.68 -6.85
CA LEU B 253 9.37 22.36 -7.83
C LEU B 253 8.34 21.55 -7.06
N ALA B 254 7.06 21.84 -7.26
CA ALA B 254 5.98 21.10 -6.61
C ALA B 254 4.95 20.86 -7.66
N GLY B 255 4.56 19.61 -7.88
CA GLY B 255 3.57 19.32 -8.90
C GLY B 255 3.05 17.91 -8.93
N GLY B 256 2.42 17.57 -10.05
CA GLY B 256 1.88 16.25 -10.26
C GLY B 256 1.63 15.96 -11.72
N VAL B 257 1.43 14.69 -12.02
CA VAL B 257 1.23 14.24 -13.39
C VAL B 257 0.36 12.99 -13.39
N THR B 258 -0.46 12.84 -14.45
CA THR B 258 -1.32 11.68 -14.64
C THR B 258 -1.35 11.38 -16.14
N VAL B 259 -1.13 10.14 -16.51
CA VAL B 259 -1.25 9.65 -17.88
C VAL B 259 -1.96 8.31 -17.77
N MET B 260 -2.89 8.03 -18.68
CA MET B 260 -3.61 6.78 -18.69
C MET B 260 -3.26 6.12 -20.00
N PRO B 261 -2.16 5.36 -20.05
CA PRO B 261 -1.76 4.72 -21.32
C PRO B 261 -2.71 3.62 -21.78
N THR B 262 -3.35 2.95 -20.82
CA THR B 262 -4.30 1.88 -21.07
C THR B 262 -5.67 2.26 -20.50
N PRO B 263 -6.78 1.74 -21.07
CA PRO B 263 -8.10 2.04 -20.49
C PRO B 263 -8.31 1.13 -19.28
N THR B 264 -8.29 1.69 -18.06
CA THR B 264 -8.41 0.88 -16.84
C THR B 264 -9.21 1.60 -15.74
N ALA B 265 -8.87 2.86 -15.45
CA ALA B 265 -9.59 3.65 -14.44
C ALA B 265 -11.08 3.80 -14.80
N PHE B 266 -11.40 3.79 -16.12
CA PHE B 266 -12.79 3.89 -16.60
C PHE B 266 -13.56 2.59 -16.34
N THR B 267 -12.87 1.43 -16.26
CA THR B 267 -13.53 0.13 -16.00
C THR B 267 -13.86 -0.02 -14.50
N GLU B 268 -12.98 0.50 -13.61
CA GLU B 268 -13.14 0.42 -12.16
C GLU B 268 -14.01 1.58 -11.65
N GLY B 274 -17.39 6.02 -9.02
CA GLY B 274 -18.65 6.28 -9.72
C GLY B 274 -18.48 7.19 -10.91
N LEU B 275 -18.60 6.65 -12.14
CA LEU B 275 -18.41 7.42 -13.36
C LEU B 275 -19.69 8.11 -13.85
N ALA B 276 -19.51 9.28 -14.47
CA ALA B 276 -20.62 10.06 -15.00
C ALA B 276 -21.00 9.46 -16.37
N PRO B 277 -22.26 9.06 -16.63
CA PRO B 277 -22.58 8.48 -17.95
C PRO B 277 -22.18 9.36 -19.15
N ASP B 278 -22.51 10.66 -19.13
CA ASP B 278 -22.14 11.57 -20.21
C ASP B 278 -20.64 12.01 -20.18
N GLY B 279 -19.89 11.59 -19.16
CA GLY B 279 -18.48 11.90 -19.00
C GLY B 279 -18.15 13.28 -18.45
N ARG B 280 -19.15 14.02 -17.94
CA ARG B 280 -18.92 15.37 -17.40
C ARG B 280 -19.02 15.41 -15.87
N CYS B 281 -18.06 16.08 -15.22
CA CYS B 281 -18.04 16.26 -13.77
C CYS B 281 -18.88 17.50 -13.51
N LYS B 282 -20.10 17.32 -12.99
CA LYS B 282 -21.02 18.43 -12.76
C LYS B 282 -20.91 18.84 -11.30
N SER B 283 -19.82 19.53 -10.98
CA SER B 283 -19.48 19.91 -9.60
C SER B 283 -20.57 20.70 -8.85
N PHE B 284 -21.11 20.10 -7.78
CA PHE B 284 -22.14 20.66 -6.89
C PHE B 284 -23.49 20.93 -7.58
N ALA B 285 -23.76 20.28 -8.72
CA ALA B 285 -25.02 20.44 -9.45
C ALA B 285 -26.01 19.38 -9.01
N ALA B 286 -27.32 19.62 -9.20
CA ALA B 286 -28.34 18.63 -8.86
C ALA B 286 -28.19 17.39 -9.76
N ALA B 287 -27.86 17.58 -11.04
CA ALA B 287 -27.69 16.48 -11.97
C ALA B 287 -26.36 15.71 -11.78
N ALA B 288 -25.54 15.99 -10.73
CA ALA B 288 -24.27 15.28 -10.49
C ALA B 288 -24.50 13.78 -10.40
N ASP B 289 -23.79 13.01 -11.25
CA ASP B 289 -23.97 11.56 -11.34
C ASP B 289 -22.63 10.82 -11.49
N GLY B 290 -21.59 11.33 -10.84
CA GLY B 290 -20.26 10.75 -10.91
C GLY B 290 -19.20 11.66 -11.48
N THR B 291 -17.95 11.22 -11.33
CA THR B 291 -16.77 11.92 -11.80
C THR B 291 -16.31 11.29 -13.15
N ASN B 292 -15.23 11.83 -13.75
CA ASN B 292 -14.60 11.30 -14.94
C ASN B 292 -13.11 11.66 -14.90
N TRP B 293 -12.25 10.80 -15.42
CA TRP B 293 -10.81 10.97 -15.31
C TRP B 293 -10.20 11.78 -16.44
N ALA B 294 -9.08 12.45 -16.12
CA ALA B 294 -8.36 13.32 -17.03
C ALA B 294 -6.84 13.12 -16.89
N GLU B 295 -6.13 13.25 -18.02
CA GLU B 295 -4.68 13.23 -18.06
C GLU B 295 -4.19 14.67 -17.91
N GLY B 296 -3.00 14.85 -17.36
CA GLY B 296 -2.46 16.19 -17.17
C GLY B 296 -1.15 16.26 -16.44
N VAL B 297 -0.51 17.43 -16.51
CA VAL B 297 0.71 17.74 -15.77
C VAL B 297 0.61 19.20 -15.33
N ALA B 298 1.03 19.49 -14.11
CA ALA B 298 0.98 20.85 -13.58
C ALA B 298 2.06 20.95 -12.53
N VAL B 299 2.91 21.96 -12.65
CA VAL B 299 4.03 22.14 -11.73
C VAL B 299 4.16 23.62 -11.40
N LEU B 300 4.76 23.89 -10.25
CA LEU B 300 5.02 25.24 -9.78
C LEU B 300 6.46 25.32 -9.32
N VAL B 301 7.04 26.50 -9.40
CA VAL B 301 8.37 26.76 -8.88
C VAL B 301 8.05 27.69 -7.72
N VAL B 302 8.45 27.29 -6.52
CA VAL B 302 8.17 28.06 -5.31
C VAL B 302 9.48 28.44 -4.62
N GLU B 303 9.41 29.51 -3.85
CA GLU B 303 10.57 30.07 -3.15
C GLU B 303 10.05 30.85 -1.95
N ARG B 304 10.84 31.02 -0.88
CA ARG B 304 10.41 31.83 0.28
C ARG B 304 10.22 33.28 -0.20
N LEU B 305 9.09 33.92 0.14
CA LEU B 305 8.78 35.29 -0.29
C LEU B 305 9.93 36.28 -0.01
N SER B 306 10.61 36.15 1.14
CA SER B 306 11.74 37.01 1.47
C SER B 306 12.87 36.85 0.44
N ASP B 307 13.10 35.62 -0.05
CA ASP B 307 14.11 35.36 -1.07
C ASP B 307 13.67 35.88 -2.43
N ALA B 308 12.39 35.76 -2.79
CA ALA B 308 11.90 36.26 -4.08
C ALA B 308 12.06 37.79 -4.16
N ARG B 309 11.74 38.51 -3.06
CA ARG B 309 11.86 39.95 -2.97
C ARG B 309 13.34 40.33 -3.09
N ARG B 310 14.22 39.60 -2.38
CA ARG B 310 15.67 39.83 -2.35
C ARG B 310 16.34 39.57 -3.72
N ASN B 311 15.96 38.46 -4.39
CA ASN B 311 16.50 38.10 -5.70
C ASN B 311 15.85 38.83 -6.88
N GLY B 312 14.79 39.61 -6.62
CA GLY B 312 14.12 40.36 -7.67
C GLY B 312 13.26 39.51 -8.57
N HIS B 313 12.77 38.35 -8.08
CA HIS B 313 11.90 37.50 -8.88
C HIS B 313 10.49 38.05 -8.86
N ARG B 314 9.76 37.91 -9.97
CA ARG B 314 8.37 38.37 -10.03
C ARG B 314 7.51 37.32 -9.31
N VAL B 315 6.69 37.77 -8.35
CA VAL B 315 5.79 36.91 -7.58
C VAL B 315 4.45 36.86 -8.33
N LEU B 316 3.98 35.65 -8.67
CA LEU B 316 2.69 35.47 -9.35
C LEU B 316 1.55 35.44 -8.32
N ALA B 317 1.77 34.75 -7.22
CA ALA B 317 0.84 34.64 -6.09
C ALA B 317 1.63 34.13 -4.86
N VAL B 318 1.05 34.15 -3.67
CA VAL B 318 1.73 33.70 -2.47
C VAL B 318 0.92 32.61 -1.75
N VAL B 319 1.58 31.48 -1.40
CA VAL B 319 0.94 30.43 -0.63
C VAL B 319 1.07 30.95 0.78
N ARG B 320 0.00 31.51 1.31
CA ARG B 320 -0.05 32.10 2.64
C ARG B 320 -0.13 31.00 3.71
N GLY B 321 -0.91 29.96 3.43
CA GLY B 321 -0.99 28.83 4.35
C GLY B 321 -1.34 27.53 3.69
N THR B 322 -0.91 26.44 4.31
CA THR B 322 -1.14 25.10 3.80
C THR B 322 -1.32 24.15 4.98
N ALA B 323 -2.09 23.07 4.75
CA ALA B 323 -2.25 22.04 5.77
C ALA B 323 -2.66 20.72 5.15
N ILE B 324 -2.25 19.63 5.79
CA ILE B 324 -2.59 18.28 5.37
C ILE B 324 -3.06 17.46 6.59
N ASN B 325 -4.03 16.58 6.39
CA ASN B 325 -4.55 15.76 7.48
C ASN B 325 -5.20 14.48 6.93
N GLN B 326 -5.87 13.74 7.82
CA GLN B 326 -6.55 12.50 7.48
C GLN B 326 -8.00 12.50 7.93
N ASP B 327 -8.82 11.77 7.16
CA ASP B 327 -10.22 11.52 7.48
C ASP B 327 -10.33 10.72 8.77
N GLY B 328 -9.39 9.78 8.98
CA GLY B 328 -9.36 8.95 10.15
C GLY B 328 -10.43 7.90 10.03
N ALA B 329 -11.17 7.66 11.11
CA ALA B 329 -12.25 6.69 11.14
C ALA B 329 -13.48 7.23 10.43
N SER B 330 -13.49 7.19 9.09
CA SER B 330 -14.64 7.61 8.30
C SER B 330 -15.60 6.40 8.11
N ASN B 331 -16.79 6.61 7.54
CA ASN B 331 -17.74 5.52 7.31
C ASN B 331 -17.34 4.80 6.02
N GLY B 332 -16.21 4.12 6.07
CA GLY B 332 -15.62 3.42 4.92
C GLY B 332 -14.29 4.04 4.55
N LEU B 333 -13.36 3.24 4.04
CA LEU B 333 -12.03 3.70 3.67
C LEU B 333 -12.09 4.75 2.55
N SER B 334 -12.88 4.48 1.51
CA SER B 334 -13.01 5.36 0.36
C SER B 334 -13.96 6.56 0.58
N ALA B 335 -14.70 6.60 1.71
CA ALA B 335 -15.67 7.67 1.96
C ALA B 335 -15.03 8.96 2.53
N PRO B 336 -15.45 10.15 2.07
CA PRO B 336 -14.89 11.38 2.64
C PRO B 336 -15.48 11.72 4.02
N ASN B 337 -14.87 12.68 4.73
CA ASN B 337 -15.28 13.04 6.08
C ASN B 337 -15.39 14.54 6.19
N ASP B 338 -16.62 15.07 6.38
CA ASP B 338 -16.85 16.52 6.50
C ASP B 338 -16.09 17.15 7.69
N LEU B 339 -16.04 16.47 8.84
CA LEU B 339 -15.34 16.99 10.02
C LEU B 339 -13.83 17.15 9.78
N ALA B 340 -13.21 16.21 9.05
CA ALA B 340 -11.79 16.26 8.72
C ALA B 340 -11.48 17.33 7.67
N GLN B 341 -12.39 17.54 6.71
CA GLN B 341 -12.22 18.59 5.71
C GLN B 341 -12.35 19.97 6.39
N GLU B 342 -13.21 20.12 7.42
CA GLU B 342 -13.30 21.38 8.16
C GLU B 342 -12.00 21.59 8.92
N ARG B 343 -11.49 20.53 9.59
CA ARG B 343 -10.25 20.60 10.36
C ARG B 343 -9.05 21.00 9.49
N VAL B 344 -8.94 20.50 8.24
CA VAL B 344 -7.81 20.86 7.38
C VAL B 344 -7.94 22.29 6.89
N ILE B 345 -9.18 22.78 6.63
CA ILE B 345 -9.40 24.16 6.21
C ILE B 345 -8.97 25.09 7.35
N ARG B 346 -9.37 24.78 8.58
CA ARG B 346 -9.04 25.59 9.74
C ARG B 346 -7.53 25.55 10.05
N SER B 347 -6.86 24.41 9.79
CA SER B 347 -5.42 24.32 9.99
C SER B 347 -4.69 25.20 8.98
N ALA B 348 -5.15 25.22 7.72
CA ALA B 348 -4.57 26.06 6.68
C ALA B 348 -4.75 27.54 7.04
N LEU B 349 -5.95 27.90 7.55
CA LEU B 349 -6.24 29.27 7.99
C LEU B 349 -5.38 29.68 9.19
N ASP B 350 -5.26 28.80 10.19
CA ASP B 350 -4.42 29.05 11.37
C ASP B 350 -2.97 29.25 10.95
N ASN B 351 -2.48 28.40 10.04
CA ASN B 351 -1.12 28.49 9.53
C ASN B 351 -0.90 29.82 8.77
N ALA B 352 -1.91 30.28 8.03
CA ALA B 352 -1.85 31.55 7.30
C ALA B 352 -2.04 32.80 8.18
N GLY B 353 -2.51 32.63 9.42
CA GLY B 353 -2.80 33.75 10.29
C GLY B 353 -4.03 34.50 9.79
N LEU B 354 -5.03 33.76 9.28
CA LEU B 354 -6.26 34.32 8.70
C LEU B 354 -7.52 33.69 9.31
N THR B 355 -8.67 34.30 9.02
CA THR B 355 -9.99 33.83 9.42
C THR B 355 -10.81 33.53 8.15
N ALA B 356 -11.92 32.79 8.30
CA ALA B 356 -12.80 32.42 7.18
C ALA B 356 -13.17 33.61 6.27
N SER B 357 -13.57 34.74 6.85
CA SER B 357 -13.96 35.91 6.07
C SER B 357 -12.82 36.51 5.24
N ASP B 358 -11.56 36.19 5.55
CA ASP B 358 -10.43 36.71 4.76
C ASP B 358 -10.28 36.03 3.40
N VAL B 359 -10.91 34.86 3.20
CA VAL B 359 -10.82 34.11 1.95
C VAL B 359 -12.06 34.38 1.10
N ASP B 360 -11.88 34.80 -0.16
CA ASP B 360 -12.98 35.14 -1.06
C ASP B 360 -13.56 33.97 -1.83
N ALA B 361 -12.76 32.95 -2.17
CA ALA B 361 -13.24 31.86 -3.01
C ALA B 361 -12.49 30.55 -2.74
N VAL B 362 -13.03 29.41 -3.22
CA VAL B 362 -12.37 28.14 -3.13
C VAL B 362 -12.44 27.45 -4.50
N GLU B 363 -11.33 26.85 -4.88
CA GLU B 363 -11.17 25.99 -6.01
C GLU B 363 -11.33 24.64 -5.33
N ALA B 364 -12.55 24.13 -5.37
CA ALA B 364 -12.90 22.91 -4.68
C ALA B 364 -12.37 21.68 -5.37
N HIS B 365 -12.28 20.56 -4.62
CA HIS B 365 -11.95 19.23 -5.14
C HIS B 365 -13.10 18.87 -6.14
N GLY B 366 -14.36 19.11 -5.75
CA GLY B 366 -15.57 18.99 -6.57
C GLY B 366 -15.52 18.07 -7.77
N THR B 367 -15.44 16.78 -7.48
CA THR B 367 -15.33 15.74 -8.50
C THR B 367 -16.62 15.49 -9.29
N GLY B 368 -17.75 15.88 -8.75
CA GLY B 368 -19.05 15.69 -9.40
C GLY B 368 -19.75 14.41 -8.98
N THR B 369 -19.31 13.76 -7.88
CA THR B 369 -19.95 12.54 -7.39
C THR B 369 -21.07 12.85 -6.41
N THR B 370 -22.09 11.98 -6.34
CA THR B 370 -23.19 12.14 -5.39
C THR B 370 -22.71 12.01 -3.94
N LEU B 371 -21.71 11.16 -3.70
CA LEU B 371 -21.15 10.97 -2.37
C LEU B 371 -20.33 12.21 -1.92
N GLY B 372 -19.32 12.57 -2.70
CA GLY B 372 -18.37 13.63 -2.34
C GLY B 372 -18.86 15.05 -2.32
N ASP B 373 -19.52 15.50 -3.40
CA ASP B 373 -19.95 16.89 -3.54
C ASP B 373 -20.72 17.46 -2.32
N PRO B 374 -21.77 16.77 -1.79
CA PRO B 374 -22.47 17.34 -0.63
C PRO B 374 -21.57 17.45 0.60
N ILE B 375 -20.78 16.41 0.90
CA ILE B 375 -19.86 16.37 2.03
C ILE B 375 -18.89 17.57 1.98
N GLU B 376 -18.27 17.81 0.81
CA GLU B 376 -17.37 18.94 0.65
C GLU B 376 -18.08 20.28 0.88
N ALA B 377 -19.26 20.47 0.27
CA ALA B 377 -20.03 21.71 0.47
C ALA B 377 -20.39 21.92 1.94
N GLN B 378 -20.74 20.84 2.69
CA GLN B 378 -21.05 20.94 4.12
C GLN B 378 -19.81 21.46 4.89
N ALA B 379 -18.63 20.92 4.59
CA ALA B 379 -17.40 21.35 5.24
C ALA B 379 -17.06 22.79 4.86
N LEU B 380 -17.32 23.20 3.61
CA LEU B 380 -17.11 24.58 3.19
C LEU B 380 -18.08 25.53 3.88
N LEU B 381 -19.34 25.11 4.07
CA LEU B 381 -20.33 25.92 4.76
C LEU B 381 -19.97 26.09 6.23
N ALA B 382 -19.53 25.03 6.90
CA ALA B 382 -19.17 25.10 8.30
C ALA B 382 -17.83 25.85 8.53
N ALA B 383 -16.77 25.51 7.79
CA ALA B 383 -15.47 26.13 7.96
C ALA B 383 -15.36 27.55 7.40
N TYR B 384 -15.98 27.84 6.24
CA TYR B 384 -15.89 29.16 5.61
C TYR B 384 -17.18 30.00 5.58
N GLY B 385 -18.34 29.36 5.74
CA GLY B 385 -19.64 30.02 5.61
C GLY B 385 -20.14 30.89 6.74
N HIS B 386 -19.58 30.76 7.95
CA HIS B 386 -20.01 31.54 9.10
C HIS B 386 -19.00 32.64 9.48
N GLU B 387 -19.43 33.62 10.28
CA GLU B 387 -18.58 34.71 10.74
C GLU B 387 -18.06 35.56 9.56
N ARG B 388 -18.91 35.74 8.53
CA ARG B 388 -18.57 36.54 7.36
C ARG B 388 -19.81 37.28 6.87
N PRO B 389 -19.65 38.40 6.12
CA PRO B 389 -20.85 39.11 5.64
C PRO B 389 -21.66 38.25 4.67
N ALA B 390 -22.97 38.11 4.87
CA ALA B 390 -23.82 37.32 3.96
C ALA B 390 -23.74 37.81 2.51
N HIS B 391 -23.51 39.12 2.32
CA HIS B 391 -23.34 39.75 0.99
C HIS B 391 -21.93 39.56 0.38
N ARG B 392 -21.00 38.89 1.09
CA ARG B 392 -19.65 38.56 0.61
C ARG B 392 -19.47 37.05 0.81
N PRO B 393 -20.28 36.21 0.13
CA PRO B 393 -20.17 34.77 0.34
C PRO B 393 -18.96 34.18 -0.33
N LEU B 394 -18.55 32.99 0.13
CA LEU B 394 -17.43 32.29 -0.48
C LEU B 394 -17.89 31.80 -1.85
N ARG B 395 -17.11 32.06 -2.90
CA ARG B 395 -17.46 31.61 -4.25
C ARG B 395 -16.77 30.28 -4.51
N VAL B 396 -17.52 29.27 -4.93
CA VAL B 396 -16.98 27.92 -5.12
C VAL B 396 -17.07 27.47 -6.56
N GLY B 397 -15.98 26.91 -7.06
CA GLY B 397 -15.92 26.39 -8.42
C GLY B 397 -14.93 25.26 -8.53
N SER B 398 -14.95 24.56 -9.67
CA SER B 398 -14.04 23.44 -9.87
C SER B 398 -13.62 23.26 -11.32
N LEU B 399 -12.30 23.26 -11.54
CA LEU B 399 -11.68 23.01 -12.85
C LEU B 399 -12.07 21.62 -13.41
N LYS B 400 -12.53 20.69 -12.54
CA LYS B 400 -12.94 19.37 -12.99
C LYS B 400 -14.16 19.43 -13.90
N SER B 401 -15.00 20.46 -13.76
CA SER B 401 -16.15 20.65 -14.65
C SER B 401 -15.71 21.01 -16.09
N ASN B 402 -14.53 21.62 -16.24
CA ASN B 402 -13.96 21.99 -17.53
C ASN B 402 -13.20 20.82 -18.18
N ILE B 403 -12.26 20.16 -17.44
CA ILE B 403 -11.37 19.13 -17.99
C ILE B 403 -11.50 17.70 -17.47
N GLY B 404 -12.13 17.52 -16.32
CA GLY B 404 -12.23 16.22 -15.67
C GLY B 404 -11.29 16.13 -14.48
N HIS B 405 -11.43 15.06 -13.69
CA HIS B 405 -10.61 14.79 -12.51
C HIS B 405 -9.18 14.34 -12.92
N ALA B 406 -8.17 15.22 -12.80
CA ALA B 406 -6.79 14.88 -13.20
C ALA B 406 -6.01 14.03 -12.18
N GLY B 407 -6.68 13.48 -11.15
CA GLY B 407 -6.08 12.61 -10.15
C GLY B 407 -4.90 13.22 -9.41
N PRO B 408 -3.72 12.56 -9.38
CA PRO B 408 -2.55 13.16 -8.71
C PRO B 408 -2.28 14.62 -9.10
N ALA B 409 -2.41 14.99 -10.41
CA ALA B 409 -2.18 16.36 -10.89
C ALA B 409 -3.35 17.38 -10.66
N ALA B 410 -4.52 16.96 -10.16
CA ALA B 410 -5.68 17.86 -10.01
C ALA B 410 -5.49 19.10 -9.10
N GLY B 411 -4.87 18.91 -7.93
CA GLY B 411 -4.72 19.98 -6.95
C GLY B 411 -3.90 21.16 -7.44
N VAL B 412 -2.72 20.90 -8.04
CA VAL B 412 -1.86 21.97 -8.54
C VAL B 412 -2.45 22.57 -9.83
N ALA B 413 -3.18 21.77 -10.66
CA ALA B 413 -3.86 22.34 -11.81
C ALA B 413 -4.90 23.40 -11.33
N GLY B 414 -5.52 23.16 -10.16
CA GLY B 414 -6.44 24.10 -9.51
C GLY B 414 -5.72 25.32 -8.97
N VAL B 415 -4.49 25.15 -8.42
CA VAL B 415 -3.68 26.27 -7.94
C VAL B 415 -3.30 27.16 -9.12
N ILE B 416 -2.92 26.57 -10.28
CA ILE B 416 -2.61 27.37 -11.46
C ILE B 416 -3.85 28.15 -11.91
N LYS B 417 -5.01 27.52 -11.86
CA LYS B 417 -6.26 28.17 -12.24
C LYS B 417 -6.55 29.38 -11.34
N MET B 418 -6.38 29.24 -10.02
CA MET B 418 -6.66 30.34 -9.09
C MET B 418 -5.61 31.44 -9.16
N VAL B 419 -4.34 31.12 -9.48
CA VAL B 419 -3.32 32.17 -9.66
C VAL B 419 -3.71 33.03 -10.88
N MET B 420 -4.18 32.38 -11.96
CA MET B 420 -4.58 33.09 -13.16
C MET B 420 -5.86 33.87 -12.92
N ALA B 421 -6.77 33.37 -12.08
CA ALA B 421 -8.00 34.09 -11.74
C ALA B 421 -7.64 35.34 -10.92
N MET B 422 -6.65 35.25 -10.02
CA MET B 422 -6.22 36.38 -9.21
C MET B 422 -5.52 37.43 -10.07
N ARG B 423 -4.66 37.01 -11.00
CA ARG B 423 -3.94 37.95 -11.86
C ARG B 423 -4.87 38.64 -12.88
N HIS B 424 -5.92 37.93 -13.35
CA HIS B 424 -6.88 38.51 -14.27
C HIS B 424 -8.01 39.27 -13.56
N GLY B 425 -8.20 39.06 -12.26
CA GLY B 425 -9.23 39.74 -11.48
C GLY B 425 -10.64 39.21 -11.70
N VAL B 426 -10.78 37.95 -12.13
CA VAL B 426 -12.10 37.36 -12.42
C VAL B 426 -12.17 35.95 -11.88
N LEU B 427 -13.30 35.58 -11.28
CA LEU B 427 -13.56 34.23 -10.80
C LEU B 427 -14.39 33.55 -11.90
N PRO B 428 -13.83 32.64 -12.71
CA PRO B 428 -14.60 32.05 -13.81
C PRO B 428 -15.69 31.08 -13.35
N ARG B 429 -16.65 30.80 -14.25
CA ARG B 429 -17.75 29.89 -13.92
C ARG B 429 -17.30 28.42 -13.86
N SER B 430 -18.02 27.63 -13.08
CA SER B 430 -17.87 26.19 -12.96
C SER B 430 -19.03 25.62 -13.83
N LEU B 431 -18.70 24.76 -14.80
CA LEU B 431 -19.68 24.26 -15.77
C LEU B 431 -20.72 23.23 -15.26
N HIS B 432 -21.82 23.14 -16.03
CA HIS B 432 -22.91 22.17 -15.87
C HIS B 432 -23.75 22.30 -14.58
N ILE B 433 -23.86 23.50 -13.99
CA ILE B 433 -24.71 23.67 -12.80
C ILE B 433 -26.12 24.03 -13.24
N ASP B 434 -27.00 23.02 -13.37
CA ASP B 434 -28.40 23.26 -13.69
C ASP B 434 -29.04 23.98 -12.48
N GLU B 435 -28.76 23.48 -11.26
CA GLU B 435 -29.18 24.07 -10.00
C GLU B 435 -28.19 23.64 -8.88
N PRO B 436 -27.99 24.43 -7.80
CA PRO B 436 -27.14 23.94 -6.69
C PRO B 436 -27.78 22.72 -6.05
N THR B 437 -27.05 21.60 -5.95
CA THR B 437 -27.54 20.32 -5.45
C THR B 437 -28.41 20.44 -4.18
N PRO B 438 -29.62 19.81 -4.18
CA PRO B 438 -30.47 19.87 -2.98
C PRO B 438 -29.99 18.99 -1.82
N GLN B 439 -28.92 18.18 -2.01
CA GLN B 439 -28.38 17.38 -0.91
C GLN B 439 -27.59 18.24 0.12
N VAL B 440 -27.48 19.57 -0.12
CA VAL B 440 -26.78 20.54 0.72
C VAL B 440 -27.78 21.62 1.17
N ASP B 441 -27.70 22.05 2.44
CA ASP B 441 -28.54 23.13 2.93
C ASP B 441 -27.74 24.39 2.69
N TRP B 442 -27.93 24.98 1.51
CA TRP B 442 -27.23 26.21 1.09
C TRP B 442 -27.67 27.45 1.90
N SER B 443 -28.77 27.37 2.69
CA SER B 443 -29.21 28.47 3.53
C SER B 443 -28.44 28.51 4.87
N SER B 444 -27.78 27.42 5.28
CA SER B 444 -27.07 27.36 6.55
C SER B 444 -25.70 28.07 6.57
N GLY B 445 -25.35 28.82 5.53
CA GLY B 445 -24.06 29.50 5.49
C GLY B 445 -23.86 30.31 4.23
N ALA B 446 -22.93 31.27 4.28
CA ALA B 446 -22.66 32.18 3.16
C ALA B 446 -21.63 31.59 2.20
N VAL B 447 -22.08 30.59 1.41
CA VAL B 447 -21.26 29.91 0.40
C VAL B 447 -22.12 29.79 -0.85
N THR B 448 -21.63 30.32 -1.97
CA THR B 448 -22.32 30.38 -3.25
C THR B 448 -21.48 29.74 -4.37
N LEU B 449 -22.14 29.08 -5.33
CA LEU B 449 -21.46 28.46 -6.47
C LEU B 449 -21.22 29.48 -7.57
N LEU B 450 -20.18 29.25 -8.38
CA LEU B 450 -19.86 30.14 -9.50
C LEU B 450 -20.60 29.67 -10.72
N THR B 451 -21.92 29.84 -10.70
CA THR B 451 -22.81 29.49 -11.80
C THR B 451 -22.52 30.34 -13.04
N GLU B 452 -22.04 31.58 -12.85
CA GLU B 452 -21.63 32.49 -13.92
C GLU B 452 -20.34 33.24 -13.49
N PRO B 453 -19.55 33.80 -14.43
CA PRO B 453 -18.33 34.53 -14.02
C PRO B 453 -18.64 35.74 -13.13
N VAL B 454 -17.72 36.05 -12.20
CA VAL B 454 -17.87 37.19 -11.28
C VAL B 454 -16.55 37.96 -11.22
N ASP B 455 -16.61 39.30 -11.07
CA ASP B 455 -15.40 40.09 -10.94
C ASP B 455 -14.82 39.92 -9.52
N TRP B 456 -13.52 40.11 -9.37
CA TRP B 456 -12.82 39.98 -8.10
C TRP B 456 -12.12 41.32 -7.76
N PRO B 457 -12.64 42.12 -6.79
CA PRO B 457 -11.99 43.40 -6.46
C PRO B 457 -10.69 43.22 -5.64
N ASP B 458 -9.82 44.24 -5.66
CA ASP B 458 -8.54 44.24 -4.92
C ASP B 458 -8.20 45.60 -4.27
N SER B 459 -9.16 46.52 -4.18
CA SER B 459 -8.91 47.84 -3.57
C SER B 459 -8.77 47.77 -2.03
N ASP B 460 -9.74 47.13 -1.36
CA ASP B 460 -9.79 47.03 0.11
C ASP B 460 -8.72 46.15 0.73
N ARG B 461 -8.46 44.98 0.16
CA ARG B 461 -7.49 44.03 0.69
C ARG B 461 -7.01 43.08 -0.43
N PRO B 462 -5.94 42.27 -0.22
CA PRO B 462 -5.51 41.36 -1.29
C PRO B 462 -6.51 40.25 -1.56
N ARG B 463 -6.62 39.83 -2.82
CA ARG B 463 -7.50 38.72 -3.19
C ARG B 463 -6.94 37.43 -2.55
N ARG B 464 -7.81 36.59 -2.01
CA ARG B 464 -7.40 35.37 -1.34
C ARG B 464 -8.32 34.22 -1.73
N ALA B 465 -7.75 33.01 -1.95
CA ALA B 465 -8.55 31.85 -2.35
C ALA B 465 -7.97 30.55 -1.85
N GLY B 466 -8.83 29.63 -1.43
CA GLY B 466 -8.44 28.31 -0.99
C GLY B 466 -8.49 27.33 -2.14
N VAL B 467 -7.67 26.28 -2.09
CA VAL B 467 -7.65 25.22 -3.10
C VAL B 467 -7.66 23.93 -2.30
N SER B 468 -8.59 23.02 -2.62
CA SER B 468 -8.73 21.77 -1.89
C SER B 468 -8.40 20.57 -2.75
N ALA B 469 -7.95 19.47 -2.09
CA ALA B 469 -7.66 18.20 -2.75
C ALA B 469 -7.80 17.07 -1.74
N PHE B 470 -8.70 16.13 -2.03
CA PHE B 470 -8.96 14.99 -1.15
C PHE B 470 -8.69 13.71 -1.93
N GLY B 471 -8.38 12.63 -1.22
CA GLY B 471 -8.05 11.36 -1.84
C GLY B 471 -8.85 10.21 -1.28
N ILE B 472 -8.88 9.11 -2.02
CA ILE B 472 -9.55 7.88 -1.63
C ILE B 472 -8.84 7.25 -0.42
N SER B 473 -7.51 7.41 -0.30
CA SER B 473 -6.79 6.89 0.87
C SER B 473 -7.05 7.72 2.17
N GLY B 474 -7.83 8.80 2.06
CA GLY B 474 -8.24 9.61 3.20
C GLY B 474 -7.39 10.81 3.57
N THR B 475 -6.34 11.14 2.81
CA THR B 475 -5.45 12.26 3.19
C THR B 475 -5.90 13.51 2.37
N ASN B 476 -6.15 14.60 3.10
CA ASN B 476 -6.71 15.82 2.60
C ASN B 476 -5.68 16.91 2.61
N ALA B 477 -5.87 17.88 1.73
CA ALA B 477 -4.98 19.01 1.60
C ALA B 477 -5.80 20.24 1.25
N HIS B 478 -5.43 21.37 1.87
CA HIS B 478 -6.06 22.66 1.61
C HIS B 478 -4.96 23.71 1.67
N VAL B 479 -4.89 24.54 0.65
CA VAL B 479 -3.92 25.61 0.54
C VAL B 479 -4.66 26.94 0.43
N ILE B 480 -4.09 28.00 0.99
CA ILE B 480 -4.66 29.33 0.91
C ILE B 480 -3.67 30.21 0.13
N LEU B 481 -4.15 30.77 -0.99
CA LEU B 481 -3.38 31.61 -1.87
C LEU B 481 -3.79 33.05 -1.64
N GLU B 482 -2.85 33.95 -1.78
CA GLU B 482 -3.04 35.37 -1.62
C GLU B 482 -2.39 36.03 -2.83
N GLN B 483 -2.97 37.11 -3.28
CA GLN B 483 -2.48 37.90 -4.40
C GLN B 483 -1.05 38.37 -4.15
N ALA B 484 -0.24 38.45 -5.21
CA ALA B 484 1.13 38.93 -5.09
C ALA B 484 1.11 40.40 -4.64
N PRO B 485 1.92 40.78 -3.63
CA PRO B 485 1.91 42.19 -3.20
C PRO B 485 2.41 43.15 -4.28
N THR B 486 2.10 44.43 -4.15
CA THR B 486 2.52 45.44 -5.12
C THR B 486 4.07 45.52 -5.07
N GLN B 487 4.73 45.20 -6.21
CA GLN B 487 6.18 45.18 -6.30
C GLN B 487 6.70 46.59 -6.50
N ASP B 488 7.47 47.12 -5.53
CA ASP B 488 8.01 48.46 -5.65
C ASP B 488 9.10 48.48 -6.74
N PRO B 489 8.97 49.24 -7.85
CA PRO B 489 10.01 49.25 -8.88
C PRO B 489 11.38 49.70 -8.37
N GLN B 491 14.70 51.63 -8.50
CA GLN B 491 15.22 52.81 -9.19
C GLN B 491 15.33 52.54 -10.70
N PRO B 492 14.74 53.40 -11.56
CA PRO B 492 14.85 53.15 -13.01
C PRO B 492 16.26 53.42 -13.55
N ALA B 493 16.99 52.35 -13.88
CA ALA B 493 18.35 52.49 -14.41
C ALA B 493 18.31 53.00 -15.87
N PRO B 494 19.38 53.65 -16.36
CA PRO B 494 19.36 54.09 -17.77
C PRO B 494 19.46 52.93 -18.76
N PRO B 495 19.03 53.13 -20.01
CA PRO B 495 19.17 52.05 -21.01
C PRO B 495 20.61 51.93 -21.51
N VAL B 496 20.98 50.75 -22.03
CA VAL B 496 22.32 50.54 -22.60
C VAL B 496 22.10 50.56 -24.12
N PRO B 497 22.83 51.43 -24.84
CA PRO B 497 22.63 51.50 -26.30
C PRO B 497 23.09 50.24 -27.02
N ALA B 498 22.34 49.82 -28.08
CA ALA B 498 22.61 48.64 -28.89
C ALA B 498 22.79 47.40 -28.00
N ALA B 499 21.81 47.17 -27.14
CA ALA B 499 21.80 46.07 -26.20
C ALA B 499 21.54 44.80 -27.01
N PRO B 500 22.48 43.81 -27.07
CA PRO B 500 22.20 42.62 -27.89
C PRO B 500 21.01 41.79 -27.40
N TRP B 501 20.20 41.30 -28.33
CA TRP B 501 19.07 40.43 -28.04
C TRP B 501 19.55 39.04 -28.42
N LEU B 502 19.73 38.14 -27.44
CA LEU B 502 20.26 36.80 -27.72
C LEU B 502 19.16 35.77 -27.87
N LEU B 503 19.39 34.80 -28.76
CA LEU B 503 18.47 33.68 -28.99
C LEU B 503 19.29 32.45 -29.32
N SER B 504 18.89 31.29 -28.78
CA SER B 504 19.60 30.06 -29.03
C SER B 504 18.71 28.85 -28.86
N ALA B 505 19.07 27.77 -29.53
CA ALA B 505 18.34 26.52 -29.45
C ALA B 505 19.23 25.32 -29.85
N LYS B 506 18.82 24.12 -29.48
CA LYS B 506 19.60 22.91 -29.69
C LYS B 506 19.74 22.50 -31.16
N THR B 507 18.87 22.99 -32.05
CA THR B 507 18.94 22.68 -33.48
C THR B 507 18.61 23.94 -34.29
N PRO B 508 19.04 24.02 -35.58
CA PRO B 508 18.67 25.20 -36.38
C PRO B 508 17.17 25.41 -36.50
N ALA B 509 16.39 24.32 -36.70
CA ALA B 509 14.93 24.40 -36.80
C ALA B 509 14.31 24.99 -35.53
N ALA B 510 14.82 24.59 -34.35
CA ALA B 510 14.34 25.10 -33.07
C ALA B 510 14.69 26.58 -32.89
N LEU B 511 15.84 27.05 -33.43
CA LEU B 511 16.20 28.46 -33.33
C LEU B 511 15.23 29.31 -34.15
N ARG B 512 14.82 28.81 -35.32
CA ARG B 512 13.84 29.50 -36.15
C ARG B 512 12.50 29.62 -35.40
N ALA B 513 12.13 28.56 -34.65
CA ALA B 513 10.90 28.54 -33.86
C ALA B 513 11.01 29.50 -32.65
N GLN B 514 12.21 29.66 -32.05
CA GLN B 514 12.41 30.60 -30.95
C GLN B 514 12.14 32.02 -31.45
N ALA B 515 12.72 32.39 -32.60
CA ALA B 515 12.57 33.72 -33.21
C ALA B 515 11.11 33.96 -33.58
N ARG B 516 10.46 32.97 -34.18
CA ARG B 516 9.04 33.07 -34.57
C ARG B 516 8.15 33.30 -33.33
N ARG B 517 8.39 32.54 -32.24
CA ARG B 517 7.58 32.66 -31.01
C ARG B 517 7.88 33.96 -30.28
N LEU B 518 9.12 34.41 -30.23
CA LEU B 518 9.47 35.68 -29.61
C LEU B 518 8.85 36.84 -30.43
N HIS B 519 8.86 36.74 -31.77
CA HIS B 519 8.27 37.77 -32.61
C HIS B 519 6.77 37.91 -32.33
N THR B 520 6.04 36.78 -32.27
CA THR B 520 4.60 36.76 -31.98
C THR B 520 4.30 37.31 -30.59
N HIS B 521 5.16 36.99 -29.62
CA HIS B 521 5.03 37.45 -28.23
C HIS B 521 5.14 38.97 -28.13
N LEU B 522 6.11 39.56 -28.80
CA LEU B 522 6.31 41.02 -28.79
C LEU B 522 5.21 41.76 -29.57
N ALA B 523 4.68 41.14 -30.64
CA ALA B 523 3.61 41.74 -31.42
C ALA B 523 2.28 41.76 -30.65
N ARG B 524 1.95 40.68 -29.95
CA ARG B 524 0.70 40.58 -29.20
C ARG B 524 0.72 41.36 -27.88
N HIS B 525 1.91 41.59 -27.29
CA HIS B 525 2.03 42.25 -25.99
C HIS B 525 2.77 43.57 -26.05
N PRO B 526 2.25 44.69 -25.49
CA PRO B 526 3.09 45.90 -25.35
C PRO B 526 4.23 45.54 -24.38
N HIS B 527 5.46 45.84 -24.76
CA HIS B 527 6.65 45.38 -24.05
C HIS B 527 7.53 46.53 -23.52
N PRO B 528 8.41 46.25 -22.51
CA PRO B 528 9.26 47.31 -21.95
C PRO B 528 10.36 47.78 -22.92
N ASP B 529 11.27 48.67 -22.45
CA ASP B 529 12.34 49.18 -23.32
C ASP B 529 13.25 48.01 -23.79
N PRO B 530 13.89 48.11 -24.98
CA PRO B 530 14.70 46.99 -25.47
C PRO B 530 15.77 46.45 -24.53
N THR B 531 16.23 47.25 -23.56
CA THR B 531 17.25 46.83 -22.59
C THR B 531 16.67 45.77 -21.61
N ASP B 532 15.41 45.93 -21.20
CA ASP B 532 14.76 44.97 -20.32
C ASP B 532 14.56 43.64 -21.05
N ILE B 533 14.22 43.69 -22.35
CA ILE B 533 14.05 42.47 -23.13
C ILE B 533 15.43 41.82 -23.37
N ALA B 534 16.47 42.63 -23.58
CA ALA B 534 17.82 42.10 -23.77
C ALA B 534 18.30 41.37 -22.51
N HIS B 535 18.07 41.96 -21.32
CA HIS B 535 18.48 41.36 -20.05
C HIS B 535 17.75 40.06 -19.79
N ALA B 536 16.47 39.98 -20.16
CA ALA B 536 15.69 38.75 -19.93
C ALA B 536 16.20 37.66 -20.87
N LEU B 537 16.45 37.99 -22.14
CA LEU B 537 16.96 37.01 -23.11
C LEU B 537 18.36 36.50 -22.76
N ALA B 538 19.21 37.36 -22.16
CA ALA B 538 20.58 37.02 -21.83
C ALA B 538 20.81 36.41 -20.43
N THR B 539 19.91 36.64 -19.45
CA THR B 539 20.11 36.16 -18.08
C THR B 539 19.07 35.16 -17.59
N THR B 540 17.94 34.99 -18.31
CA THR B 540 16.89 34.06 -17.87
C THR B 540 16.67 32.91 -18.86
N ARG B 541 17.60 32.70 -19.84
CA ARG B 541 17.47 31.67 -20.85
C ARG B 541 18.81 31.01 -21.13
N THR B 542 18.80 29.67 -21.33
CA THR B 542 20.02 28.87 -21.53
C THR B 542 20.69 29.12 -22.88
N PRO B 543 22.02 29.32 -22.91
CA PRO B 543 22.70 29.45 -24.21
C PRO B 543 22.95 28.07 -24.81
N HIS B 544 22.13 27.66 -25.78
CA HIS B 544 22.29 26.38 -26.47
C HIS B 544 23.27 26.50 -27.66
N GLU B 545 23.49 25.40 -28.42
CA GLU B 545 24.46 25.32 -29.54
C GLU B 545 24.24 26.31 -30.70
N HIS B 546 23.01 26.39 -31.27
CA HIS B 546 22.76 27.27 -32.41
C HIS B 546 22.35 28.64 -31.91
N ARG B 547 23.20 29.66 -32.15
CA ARG B 547 23.02 31.00 -31.60
C ARG B 547 22.79 32.11 -32.65
N ALA B 548 22.13 33.16 -32.20
CA ALA B 548 21.83 34.33 -32.99
C ALA B 548 21.68 35.54 -32.07
N ALA B 549 22.26 36.66 -32.47
CA ALA B 549 22.20 37.90 -31.71
C ALA B 549 21.74 39.04 -32.63
N LEU B 550 20.99 39.99 -32.08
CA LEU B 550 20.45 41.14 -32.79
C LEU B 550 21.06 42.37 -32.13
N VAL B 551 21.98 43.07 -32.83
CA VAL B 551 22.65 44.23 -32.27
C VAL B 551 22.31 45.47 -33.04
N THR B 552 21.51 46.37 -32.44
CA THR B 552 21.14 47.62 -33.10
C THR B 552 20.59 48.61 -32.10
N ASP B 553 20.84 49.91 -32.31
CA ASP B 553 20.25 50.94 -31.46
C ASP B 553 19.01 51.58 -32.16
N ASP B 554 18.65 51.17 -33.41
CA ASP B 554 17.52 51.74 -34.15
C ASP B 554 16.20 51.04 -33.82
N HIS B 555 15.10 51.74 -34.15
CA HIS B 555 13.73 51.25 -34.02
C HIS B 555 13.30 50.63 -35.38
N GLY B 556 12.27 49.79 -35.37
CA GLY B 556 11.79 49.13 -36.59
C GLY B 556 12.79 48.21 -37.28
N THR B 557 13.73 47.62 -36.52
CA THR B 557 14.80 46.77 -37.07
C THR B 557 14.84 45.37 -36.43
N ARG B 558 14.66 45.27 -35.11
CA ARG B 558 14.71 43.98 -34.41
C ARG B 558 13.58 43.04 -34.83
N GLY B 559 12.40 43.59 -35.10
CA GLY B 559 11.26 42.83 -35.59
C GLY B 559 11.53 42.18 -36.92
N PRO B 560 11.79 42.96 -37.99
CA PRO B 560 12.10 42.34 -39.29
C PRO B 560 13.30 41.38 -39.23
N ALA B 561 14.29 41.65 -38.35
CA ALA B 561 15.44 40.76 -38.18
C ALA B 561 15.01 39.41 -37.57
N LEU B 562 14.06 39.43 -36.61
CA LEU B 562 13.54 38.20 -36.02
C LEU B 562 12.78 37.42 -37.09
N ALA B 563 11.95 38.09 -37.90
CA ALA B 563 11.20 37.45 -38.96
C ALA B 563 12.14 36.80 -39.99
N ALA B 564 13.28 37.46 -40.29
CA ALA B 564 14.31 36.93 -41.19
C ALA B 564 14.97 35.70 -40.56
N LEU B 565 15.27 35.76 -39.25
CA LEU B 565 15.85 34.63 -38.51
C LEU B 565 14.89 33.45 -38.48
N ALA B 566 13.59 33.71 -38.34
CA ALA B 566 12.58 32.65 -38.31
C ALA B 566 12.44 31.98 -39.68
N GLU B 567 12.69 32.71 -40.78
CA GLU B 567 12.59 32.15 -42.13
C GLU B 567 13.93 31.63 -42.68
N GLY B 568 15.05 31.86 -41.97
CA GLY B 568 16.37 31.41 -42.38
C GLY B 568 17.15 32.38 -43.26
N ALA B 569 16.62 33.60 -43.47
CA ALA B 569 17.26 34.63 -44.28
C ALA B 569 18.18 35.53 -43.43
N PRO B 570 19.19 36.19 -44.03
CA PRO B 570 20.07 37.07 -43.22
C PRO B 570 19.52 38.49 -43.06
N ASP B 571 20.11 39.26 -42.13
CA ASP B 571 19.73 40.65 -41.86
C ASP B 571 20.96 41.40 -41.35
N ALA B 572 21.05 42.69 -41.66
CA ALA B 572 22.20 43.52 -41.29
C ALA B 572 22.55 43.45 -39.80
N CYS B 573 21.56 43.59 -38.88
CA CYS B 573 21.82 43.54 -37.44
C CYS B 573 21.82 42.12 -36.85
N LEU B 574 21.69 41.08 -37.69
CA LEU B 574 21.62 39.68 -37.25
C LEU B 574 22.98 38.98 -37.39
N ILE B 575 23.52 38.47 -36.27
CA ILE B 575 24.78 37.73 -36.18
C ILE B 575 24.43 36.27 -35.86
N SER B 576 24.92 35.30 -36.66
CA SER B 576 24.61 33.89 -36.46
C SER B 576 25.87 33.03 -36.37
N GLY B 577 25.70 31.83 -35.81
CA GLY B 577 26.80 30.88 -35.69
C GLY B 577 26.49 29.73 -34.76
N THR B 578 27.36 28.73 -34.81
CA THR B 578 27.27 27.52 -34.01
C THR B 578 28.30 27.64 -32.90
N ALA B 579 27.91 27.37 -31.66
CA ALA B 579 28.79 27.48 -30.52
C ALA B 579 29.66 26.22 -30.33
N LEU B 580 30.84 26.42 -29.74
CA LEU B 580 31.77 25.36 -29.39
C LEU B 580 31.68 25.18 -27.88
N LYS B 582 33.64 22.50 -26.52
CA LYS B 582 34.91 22.67 -25.82
C LYS B 582 35.87 23.60 -26.59
N GLY B 583 36.91 24.07 -25.89
CA GLY B 583 37.92 24.95 -26.48
C GLY B 583 38.38 26.05 -25.55
N ARG B 584 39.70 26.26 -25.46
CA ARG B 584 40.27 27.32 -24.63
C ARG B 584 40.34 28.66 -25.39
N THR B 585 40.45 29.77 -24.64
CA THR B 585 40.49 31.12 -25.19
C THR B 585 41.87 31.74 -25.08
N VAL B 586 42.27 32.49 -26.10
CA VAL B 586 43.54 33.20 -26.20
C VAL B 586 43.24 34.67 -26.47
N PHE B 587 43.92 35.58 -25.78
CA PHE B 587 43.85 37.02 -26.05
C PHE B 587 45.09 37.29 -26.91
N VAL B 588 44.88 37.86 -28.11
CA VAL B 588 45.93 38.15 -29.07
C VAL B 588 46.26 39.63 -29.01
N PHE B 589 47.56 39.97 -28.93
CA PHE B 589 48.07 41.34 -28.83
C PHE B 589 49.02 41.60 -29.99
N PRO B 590 48.55 42.14 -31.13
CA PRO B 590 49.47 42.44 -32.24
C PRO B 590 50.41 43.61 -31.92
N GLY B 591 51.29 43.93 -32.86
CA GLY B 591 52.22 45.04 -32.69
C GLY B 591 51.75 46.27 -33.46
N GLN B 592 52.24 46.39 -34.66
CA GLN B 592 51.99 47.51 -35.55
C GLN B 592 50.67 47.32 -36.32
N GLY B 593 49.94 48.41 -36.58
CA GLY B 593 48.80 48.39 -37.49
C GLY B 593 47.40 48.57 -36.96
N SER B 594 47.16 48.39 -35.66
CA SER B 594 45.80 48.51 -35.11
C SER B 594 45.36 49.92 -34.78
N GLN B 595 46.27 50.89 -34.76
CA GLN B 595 45.92 52.26 -34.40
C GLN B 595 45.09 52.97 -35.44
N TRP B 596 44.36 53.97 -34.99
CA TRP B 596 43.61 54.89 -35.83
C TRP B 596 43.39 56.17 -35.05
N THR B 597 43.49 57.32 -35.71
CA THR B 597 43.29 58.63 -35.05
C THR B 597 41.88 58.70 -34.48
N GLY B 598 41.76 58.98 -33.18
CA GLY B 598 40.46 59.00 -32.52
C GLY B 598 40.08 57.69 -31.83
N MET B 599 40.99 56.68 -31.79
CA MET B 599 40.67 55.41 -31.13
C MET B 599 40.60 55.63 -29.61
N GLY B 600 39.62 55.01 -28.97
CA GLY B 600 39.44 55.12 -27.53
C GLY B 600 38.71 56.35 -27.04
N ARG B 601 38.48 57.37 -27.90
CA ARG B 601 37.82 58.61 -27.47
C ARG B 601 36.32 58.41 -27.16
N GLU B 602 35.58 57.69 -28.02
CA GLU B 602 34.17 57.39 -27.76
C GLU B 602 34.05 56.52 -26.50
N LEU B 603 34.94 55.50 -26.35
CA LEU B 603 34.93 54.62 -25.17
C LEU B 603 35.31 55.37 -23.89
N LEU B 604 36.22 56.36 -23.94
CA LEU B 604 36.55 57.15 -22.74
C LEU B 604 35.31 57.91 -22.22
N HIS B 605 34.46 58.40 -23.13
N HIS B 605 34.47 58.39 -23.16
CA HIS B 605 33.26 59.11 -22.70
CA HIS B 605 33.25 59.16 -22.88
C HIS B 605 32.17 58.16 -22.21
C HIS B 605 32.07 58.28 -22.40
N THR B 606 31.93 57.05 -22.92
CA THR B 606 30.82 56.13 -22.60
C THR B 606 31.14 54.85 -21.78
N SER B 607 32.40 54.55 -21.44
CA SER B 607 32.75 53.35 -20.67
C SER B 607 33.57 53.69 -19.41
N PRO B 608 32.93 53.80 -18.22
CA PRO B 608 33.73 54.12 -17.01
C PRO B 608 34.82 53.12 -16.69
N GLU B 609 34.62 51.84 -17.06
CA GLU B 609 35.59 50.79 -16.85
C GLU B 609 36.82 51.06 -17.71
N PHE B 610 36.64 51.28 -19.03
CA PHE B 610 37.75 51.59 -19.93
C PHE B 610 38.46 52.88 -19.51
N ALA B 611 37.69 53.88 -19.06
CA ALA B 611 38.26 55.14 -18.59
C ALA B 611 39.17 54.91 -17.39
N ALA B 612 38.76 54.01 -16.48
CA ALA B 612 39.56 53.65 -15.30
C ALA B 612 40.87 52.94 -15.69
N TYR B 613 40.82 52.00 -16.67
CA TYR B 613 42.02 51.28 -17.09
C TYR B 613 42.98 52.22 -17.83
N ILE B 614 42.46 53.13 -18.68
CA ILE B 614 43.29 54.10 -19.40
C ILE B 614 43.95 55.04 -18.39
N ALA B 615 43.22 55.47 -17.34
CA ALA B 615 43.77 56.35 -16.31
C ALA B 615 44.94 55.67 -15.60
N GLU B 616 44.81 54.38 -15.29
CA GLU B 616 45.90 53.62 -14.66
C GLU B 616 47.11 53.57 -15.59
N CYS B 617 46.88 53.31 -16.90
CA CYS B 617 47.95 53.28 -17.89
C CYS B 617 48.66 54.63 -17.97
N GLU B 618 47.91 55.73 -17.83
CA GLU B 618 48.48 57.07 -17.86
C GLU B 618 49.42 57.29 -16.68
N THR B 619 48.99 56.90 -15.45
CA THR B 619 49.83 57.05 -14.26
C THR B 619 51.14 56.28 -14.41
N ALA B 620 51.10 55.09 -15.03
CA ALA B 620 52.31 54.30 -15.25
C ALA B 620 53.23 54.91 -16.31
N LEU B 621 52.67 55.39 -17.42
CA LEU B 621 53.47 55.98 -18.50
C LEU B 621 54.10 57.35 -18.19
N ASN B 622 53.52 58.14 -17.25
CA ASN B 622 54.04 59.47 -16.93
C ASN B 622 55.49 59.53 -16.48
N ASP B 623 55.98 58.50 -15.78
CA ASP B 623 57.36 58.49 -15.31
C ASP B 623 58.39 58.26 -16.43
N PHE B 624 57.96 57.92 -17.66
CA PHE B 624 58.86 57.62 -18.78
C PHE B 624 58.51 58.34 -20.08
N VAL B 625 57.52 59.24 -20.06
CA VAL B 625 56.99 59.92 -21.24
C VAL B 625 56.69 61.40 -20.89
N ASP B 626 56.84 62.31 -21.87
CA ASP B 626 56.60 63.76 -21.68
C ASP B 626 55.30 64.17 -22.38
N TRP B 627 54.23 63.42 -22.12
CA TRP B 627 52.90 63.69 -22.71
C TRP B 627 51.81 62.93 -21.96
N SER B 628 50.56 63.36 -22.11
CA SER B 628 49.43 62.72 -21.43
C SER B 628 48.74 61.73 -22.38
N LEU B 629 48.56 60.47 -21.94
CA LEU B 629 47.90 59.42 -22.72
C LEU B 629 46.48 59.83 -23.06
N THR B 630 45.75 60.37 -22.07
CA THR B 630 44.37 60.86 -22.24
C THR B 630 44.33 61.92 -23.33
N ASP B 631 45.25 62.88 -23.27
CA ASP B 631 45.31 63.95 -24.26
C ASP B 631 45.59 63.43 -25.67
N VAL B 632 46.49 62.46 -25.80
CA VAL B 632 46.83 61.86 -27.10
C VAL B 632 45.62 61.11 -27.69
N LEU B 633 44.96 60.25 -26.89
CA LEU B 633 43.81 59.48 -27.35
C LEU B 633 42.66 60.38 -27.78
N ARG B 634 42.41 61.44 -27.00
CA ARG B 634 41.36 62.40 -27.32
C ARG B 634 41.73 63.36 -28.45
N GLY B 635 43.03 63.57 -28.68
CA GLY B 635 43.53 64.48 -29.71
C GLY B 635 43.41 65.91 -29.23
N THR B 636 43.75 66.17 -27.97
CA THR B 636 43.61 67.51 -27.42
C THR B 636 44.71 68.41 -27.94
N GLU B 637 44.43 69.72 -27.88
CA GLU B 637 45.30 70.80 -28.33
C GLU B 637 46.66 70.70 -27.66
N GLY B 638 47.69 70.41 -28.43
CA GLY B 638 49.06 70.27 -27.94
C GLY B 638 49.60 68.86 -27.87
N ALA B 639 48.73 67.84 -28.02
CA ALA B 639 49.16 66.44 -27.91
C ALA B 639 49.78 65.87 -29.19
N PRO B 640 50.82 65.03 -29.09
CA PRO B 640 51.40 64.41 -30.30
C PRO B 640 50.50 63.31 -30.87
N GLY B 641 50.65 63.04 -32.17
CA GLY B 641 49.85 62.06 -32.88
C GLY B 641 50.55 60.74 -33.12
N TYR B 642 49.86 59.80 -33.76
CA TYR B 642 50.41 58.46 -33.99
C TYR B 642 51.48 58.39 -35.10
N ASP B 643 51.85 59.52 -35.68
CA ASP B 643 52.96 59.56 -36.64
C ASP B 643 54.32 59.27 -35.95
N ARG B 644 54.43 59.52 -34.61
CA ARG B 644 55.64 59.27 -33.84
C ARG B 644 55.61 57.83 -33.30
N VAL B 645 56.72 57.08 -33.47
CA VAL B 645 56.79 55.70 -32.98
C VAL B 645 56.74 55.66 -31.44
N ASP B 646 57.36 56.64 -30.78
CA ASP B 646 57.42 56.69 -29.32
C ASP B 646 56.10 57.07 -28.66
N VAL B 647 55.06 57.48 -29.42
CA VAL B 647 53.75 57.75 -28.84
C VAL B 647 52.78 56.63 -29.30
N VAL B 648 52.89 56.14 -30.55
CA VAL B 648 51.98 55.09 -31.03
C VAL B 648 52.17 53.72 -30.33
N GLN B 649 53.42 53.31 -30.03
CA GLN B 649 53.63 52.01 -29.38
C GLN B 649 53.08 52.04 -27.93
N PRO B 650 53.37 53.06 -27.10
CA PRO B 650 52.81 53.10 -25.74
C PRO B 650 51.30 53.32 -25.70
N ALA B 651 50.73 54.01 -26.71
CA ALA B 651 49.29 54.24 -26.80
C ALA B 651 48.62 52.93 -27.20
N LEU B 652 49.19 52.19 -28.17
CA LEU B 652 48.63 50.89 -28.55
C LEU B 652 48.70 49.93 -27.37
N PHE B 653 49.81 49.97 -26.60
CA PHE B 653 49.96 49.19 -25.37
C PHE B 653 48.78 49.46 -24.40
N ALA B 654 48.46 50.73 -24.15
CA ALA B 654 47.39 51.09 -23.23
C ALA B 654 46.01 50.71 -23.76
N VAL B 655 45.77 50.88 -25.07
CA VAL B 655 44.48 50.51 -25.66
C VAL B 655 44.30 48.98 -25.57
N MET B 656 45.33 48.19 -25.94
CA MET B 656 45.24 46.73 -25.89
C MET B 656 45.08 46.23 -24.48
N VAL B 657 45.84 46.79 -23.53
CA VAL B 657 45.75 46.38 -22.12
C VAL B 657 44.37 46.71 -21.56
N SER B 658 43.88 47.94 -21.79
CA SER B 658 42.57 48.36 -21.31
C SER B 658 41.42 47.61 -21.96
N LEU B 659 41.52 47.28 -23.25
CA LEU B 659 40.48 46.49 -23.93
C LEU B 659 40.49 45.05 -23.42
N ALA B 660 41.67 44.50 -23.09
CA ALA B 660 41.79 43.16 -22.50
C ALA B 660 41.16 43.15 -21.08
N ARG B 661 41.46 44.17 -20.25
CA ARG B 661 40.85 44.31 -18.91
C ARG B 661 39.33 44.47 -19.03
N LEU B 662 38.86 45.16 -20.09
CA LEU B 662 37.43 45.36 -20.35
C LEU B 662 36.77 44.03 -20.72
N TRP B 663 37.41 43.19 -21.55
CA TRP B 663 36.87 41.85 -21.85
C TRP B 663 36.77 41.02 -20.54
N GLN B 664 37.80 41.11 -19.66
CA GLN B 664 37.80 40.41 -18.36
C GLN B 664 36.67 40.92 -17.48
N HIS B 665 36.39 42.24 -17.51
CA HIS B 665 35.29 42.84 -16.78
C HIS B 665 33.96 42.25 -17.25
N HIS B 666 33.81 42.01 -18.56
CA HIS B 666 32.61 41.38 -19.12
C HIS B 666 32.61 39.84 -19.02
N GLY B 667 33.44 39.28 -18.13
CA GLY B 667 33.47 37.86 -17.83
C GLY B 667 34.35 36.96 -18.66
N ILE B 668 35.16 37.52 -19.59
CA ILE B 668 36.01 36.69 -20.46
C ILE B 668 37.40 36.65 -19.90
N HIS B 669 37.79 35.50 -19.35
CA HIS B 669 39.10 35.31 -18.76
C HIS B 669 39.92 34.42 -19.69
N PRO B 670 41.04 34.93 -20.22
CA PRO B 670 41.82 34.11 -21.16
C PRO B 670 42.58 32.96 -20.51
N ASP B 671 42.63 31.84 -21.22
CA ASP B 671 43.42 30.68 -20.80
C ASP B 671 44.90 30.85 -21.22
N ALA B 672 45.17 31.69 -22.24
CA ALA B 672 46.51 31.96 -22.74
C ALA B 672 46.54 33.33 -23.43
N VAL B 673 47.73 33.93 -23.52
CA VAL B 673 47.88 35.20 -24.21
C VAL B 673 49.09 35.10 -25.15
N ILE B 674 48.98 35.74 -26.33
CA ILE B 674 50.01 35.73 -27.35
C ILE B 674 50.16 37.17 -27.86
N GLY B 675 51.39 37.59 -28.09
CA GLY B 675 51.70 38.92 -28.56
C GLY B 675 52.65 38.90 -29.74
N HIS B 676 52.63 39.96 -30.53
CA HIS B 676 53.44 40.11 -31.73
C HIS B 676 54.36 41.29 -31.51
N SER B 677 55.68 41.04 -31.45
CA SER B 677 56.67 42.10 -31.28
C SER B 677 56.36 43.00 -30.03
N GLN B 678 55.97 44.26 -30.20
CA GLN B 678 55.63 45.17 -29.11
C GLN B 678 54.48 44.61 -28.28
N GLY B 679 53.51 43.98 -28.96
CA GLY B 679 52.33 43.39 -28.35
C GLY B 679 52.63 42.43 -27.22
N GLU B 680 53.82 41.82 -27.22
CA GLU B 680 54.25 40.93 -26.15
C GLU B 680 54.41 41.66 -24.83
N ILE B 681 54.67 42.97 -24.82
CA ILE B 681 54.78 43.73 -23.56
C ILE B 681 53.39 43.81 -22.94
N ALA B 682 52.35 44.13 -23.75
CA ALA B 682 50.99 44.16 -23.25
C ALA B 682 50.54 42.76 -22.85
N ALA B 683 50.90 41.74 -23.65
CA ALA B 683 50.55 40.36 -23.35
C ALA B 683 51.20 39.90 -22.06
N ALA B 684 52.49 40.23 -21.85
CA ALA B 684 53.21 39.87 -20.63
C ALA B 684 52.60 40.54 -19.41
N HIS B 685 52.12 41.77 -19.55
CA HIS B 685 51.47 42.47 -18.45
C HIS B 685 50.17 41.74 -18.07
N ILE B 686 49.28 41.49 -19.05
CA ILE B 686 48.04 40.75 -18.79
C ILE B 686 48.34 39.34 -18.22
N ALA B 687 49.45 38.74 -18.65
CA ALA B 687 49.87 37.43 -18.15
C ALA B 687 50.34 37.44 -16.69
N GLY B 688 50.45 38.61 -16.05
CA GLY B 688 50.95 38.70 -14.68
C GLY B 688 52.46 38.68 -14.55
N ALA B 689 53.19 38.51 -15.67
CA ALA B 689 54.64 38.49 -15.66
C ALA B 689 55.24 39.88 -15.42
N LEU B 690 54.61 40.92 -15.99
CA LEU B 690 55.07 42.30 -15.86
C LEU B 690 54.00 43.16 -15.17
N SER B 691 54.41 44.01 -14.22
CA SER B 691 53.48 44.93 -13.58
C SER B 691 53.15 46.08 -14.57
N LEU B 692 52.14 46.92 -14.26
CA LEU B 692 51.80 48.01 -15.17
C LEU B 692 52.95 49.01 -15.27
N GLN B 693 53.61 49.36 -14.14
CA GLN B 693 54.76 50.27 -14.18
C GLN B 693 55.94 49.68 -14.95
N ASP B 694 56.20 48.38 -14.82
CA ASP B 694 57.31 47.73 -15.52
C ASP B 694 57.01 47.58 -17.02
N ALA B 695 55.77 47.24 -17.40
CA ALA B 695 55.43 47.09 -18.82
C ALA B 695 55.40 48.46 -19.50
N ALA B 696 54.86 49.48 -18.81
CA ALA B 696 54.85 50.85 -19.34
C ALA B 696 56.29 51.35 -19.56
N ARG B 697 57.23 50.97 -18.68
CA ARG B 697 58.62 51.38 -18.82
C ARG B 697 59.26 50.82 -20.09
N ILE B 698 59.12 49.48 -20.32
CA ILE B 698 59.71 48.81 -21.48
C ILE B 698 59.18 49.37 -22.79
N VAL B 699 57.86 49.49 -22.95
CA VAL B 699 57.28 49.96 -24.22
C VAL B 699 57.61 51.43 -24.47
N ALA B 700 57.63 52.27 -23.41
CA ALA B 700 57.93 53.69 -23.58
C ALA B 700 59.41 53.91 -23.95
N LEU B 701 60.34 53.32 -23.18
CA LEU B 701 61.77 53.52 -23.41
C LEU B 701 62.29 52.73 -24.62
N ARG B 702 61.70 51.56 -24.95
CA ARG B 702 62.12 50.80 -26.12
C ARG B 702 61.71 51.51 -27.41
N SER B 703 60.51 52.13 -27.45
CA SER B 703 60.05 52.86 -28.63
C SER B 703 60.81 54.19 -28.80
N GLN B 704 61.26 54.81 -27.69
CA GLN B 704 62.10 56.00 -27.77
C GLN B 704 63.52 55.63 -28.28
N ALA B 705 64.01 54.43 -27.92
CA ALA B 705 65.31 53.95 -28.39
C ALA B 705 65.32 53.74 -29.91
N LEU B 706 64.17 53.42 -30.51
CA LEU B 706 64.08 53.23 -31.96
C LEU B 706 64.27 54.51 -32.77
N LEU B 707 63.97 55.70 -32.19
CA LEU B 707 64.03 56.97 -32.91
C LEU B 707 65.31 57.18 -33.79
N PRO B 708 66.55 56.91 -33.31
CA PRO B 708 67.73 57.05 -34.20
C PRO B 708 67.68 56.29 -35.54
N LEU B 709 66.82 55.25 -35.66
CA LEU B 709 66.67 54.44 -36.88
C LEU B 709 65.68 55.06 -37.90
N ALA B 710 64.94 56.13 -37.53
CA ALA B 710 63.93 56.77 -38.39
C ALA B 710 64.42 57.11 -39.79
N GLY B 711 63.69 56.66 -40.80
CA GLY B 711 64.01 56.91 -42.19
C GLY B 711 65.04 55.96 -42.79
N LEU B 712 65.94 55.37 -41.97
CA LEU B 712 66.96 54.45 -42.49
C LEU B 712 66.41 53.09 -42.92
N GLY B 713 65.19 52.74 -42.55
CA GLY B 713 64.62 51.45 -42.91
C GLY B 713 63.12 51.39 -42.85
N GLY B 714 62.57 50.20 -43.06
CA GLY B 714 61.13 49.97 -43.05
C GLY B 714 60.76 48.51 -43.04
N MET B 715 59.50 48.19 -43.40
CA MET B 715 58.96 46.82 -43.42
C MET B 715 57.94 46.64 -44.54
N THR B 716 57.88 45.44 -45.14
CA THR B 716 56.96 45.10 -46.24
C THR B 716 56.31 43.72 -46.04
N SER B 717 55.01 43.60 -46.33
CA SER B 717 54.28 42.35 -46.22
C SER B 717 54.26 41.68 -47.57
N LEU B 718 54.53 40.38 -47.64
CA LEU B 718 54.56 39.60 -48.86
C LEU B 718 53.55 38.46 -48.77
N ALA B 719 52.82 38.19 -49.86
CA ALA B 719 51.87 37.07 -49.89
C ALA B 719 52.59 35.81 -50.39
N LEU B 720 53.57 35.35 -49.60
CA LEU B 720 54.37 34.16 -49.91
C LEU B 720 54.66 33.37 -48.65
N PRO B 721 54.78 32.01 -48.71
CA PRO B 721 55.22 31.28 -47.50
C PRO B 721 56.65 31.68 -47.07
N HIS B 722 57.03 31.32 -45.83
CA HIS B 722 58.34 31.64 -45.27
C HIS B 722 59.51 31.22 -46.19
N ASP B 723 59.51 29.97 -46.66
CA ASP B 723 60.59 29.45 -47.50
C ASP B 723 60.75 30.22 -48.83
N GLN B 724 59.64 30.52 -49.52
CA GLN B 724 59.70 31.26 -50.78
C GLN B 724 60.13 32.71 -50.51
N ALA B 725 59.65 33.31 -49.40
CA ALA B 725 60.07 34.67 -49.04
C ALA B 725 61.57 34.71 -48.71
N LEU B 726 62.10 33.66 -48.04
CA LEU B 726 63.53 33.59 -47.73
C LEU B 726 64.37 33.29 -48.99
N GLN B 727 63.79 32.63 -50.00
CA GLN B 727 64.46 32.35 -51.27
C GLN B 727 64.58 33.66 -52.08
N LEU B 728 63.55 34.51 -52.05
CA LEU B 728 63.56 35.78 -52.77
C LEU B 728 64.51 36.82 -52.15
N ILE B 729 64.50 36.96 -50.82
CA ILE B 729 65.31 37.94 -50.05
C ILE B 729 66.85 37.75 -50.17
N GLN B 730 67.33 36.62 -50.72
CA GLN B 730 68.77 36.27 -50.78
C GLN B 730 69.72 37.33 -51.39
N PRO B 731 69.41 37.96 -52.55
CA PRO B 731 70.37 38.93 -53.14
C PRO B 731 70.64 40.24 -52.38
N TRP B 732 70.18 40.39 -51.12
CA TRP B 732 70.41 41.61 -50.33
C TRP B 732 71.20 41.38 -49.02
N GLY B 733 71.54 40.13 -48.69
CA GLY B 733 72.29 39.82 -47.48
C GLY B 733 71.68 40.35 -46.21
N GLN B 734 72.53 40.89 -45.30
CA GLN B 734 72.07 41.45 -44.03
C GLN B 734 71.27 42.77 -44.15
N ASP B 735 71.18 43.38 -45.34
CA ASP B 735 70.38 44.61 -45.49
C ASP B 735 68.88 44.35 -45.28
N LEU B 736 68.43 43.08 -45.43
CA LEU B 736 67.05 42.66 -45.23
C LEU B 736 66.99 41.41 -44.31
N SER B 737 65.85 41.21 -43.63
CA SER B 737 65.63 40.09 -42.71
C SER B 737 64.16 39.66 -42.70
N ILE B 738 63.89 38.40 -42.30
CA ILE B 738 62.52 37.94 -42.15
C ILE B 738 62.09 38.52 -40.81
N ALA B 739 61.15 39.45 -40.83
CA ALA B 739 60.67 40.13 -39.64
C ALA B 739 59.59 39.34 -38.92
N SER B 740 58.64 38.76 -39.66
CA SER B 740 57.57 37.96 -39.05
C SER B 740 57.02 36.95 -40.05
N VAL B 741 56.51 35.83 -39.52
CA VAL B 741 55.89 34.76 -40.29
C VAL B 741 54.56 34.59 -39.58
N ASN B 742 53.49 35.10 -40.19
CA ASN B 742 52.16 35.16 -39.57
C ASN B 742 51.22 34.05 -40.01
N GLY B 743 51.31 33.64 -41.25
CA GLY B 743 50.47 32.58 -41.78
C GLY B 743 51.12 31.88 -42.95
N PRO B 744 50.46 30.82 -43.45
CA PRO B 744 51.06 30.07 -44.58
C PRO B 744 51.38 30.86 -45.84
N HIS B 745 50.82 32.08 -46.01
CA HIS B 745 51.08 32.93 -47.17
C HIS B 745 51.14 34.39 -46.69
N SER B 746 51.90 34.66 -45.61
CA SER B 746 52.03 36.00 -45.06
C SER B 746 53.34 36.15 -44.29
N THR B 747 54.33 36.78 -44.91
CA THR B 747 55.64 37.00 -44.30
C THR B 747 56.00 38.48 -44.41
N VAL B 748 56.45 39.11 -43.33
CA VAL B 748 56.90 40.49 -43.38
C VAL B 748 58.44 40.48 -43.43
N VAL B 749 59.00 41.36 -44.24
CA VAL B 749 60.46 41.52 -44.42
C VAL B 749 60.82 42.93 -43.97
N SER B 750 61.98 43.11 -43.33
CA SER B 750 62.42 44.42 -42.87
C SER B 750 63.88 44.68 -43.16
N GLY B 751 64.23 45.95 -43.32
CA GLY B 751 65.60 46.34 -43.60
C GLY B 751 65.73 47.77 -44.07
N THR B 752 66.87 48.08 -44.67
CA THR B 752 67.18 49.44 -45.13
C THR B 752 66.22 49.90 -46.27
N THR B 753 65.87 51.20 -46.28
CA THR B 753 64.93 51.77 -47.26
C THR B 753 65.39 51.66 -48.72
N HIS B 754 66.65 51.31 -48.97
CA HIS B 754 67.18 51.19 -50.32
C HIS B 754 66.88 49.78 -50.83
N ALA B 755 67.33 48.75 -50.07
CA ALA B 755 67.10 47.34 -50.39
C ALA B 755 65.62 46.98 -50.50
N LEU B 756 64.72 47.70 -49.78
CA LEU B 756 63.28 47.45 -49.86
C LEU B 756 62.71 47.98 -51.17
N ASP B 757 63.16 49.16 -51.63
CA ASP B 757 62.70 49.72 -52.90
C ASP B 757 63.09 48.79 -54.06
N GLU B 758 64.29 48.18 -53.98
CA GLU B 758 64.74 47.24 -55.00
C GLU B 758 63.92 45.94 -54.93
N LEU B 759 63.58 45.48 -53.71
CA LEU B 759 62.78 44.28 -53.49
C LEU B 759 61.35 44.49 -54.04
N HIS B 760 60.78 45.70 -53.90
CA HIS B 760 59.44 45.96 -54.44
C HIS B 760 59.48 45.95 -55.99
N THR B 761 60.58 46.42 -56.59
CA THR B 761 60.80 46.36 -58.05
C THR B 761 60.85 44.89 -58.49
N THR B 762 61.52 44.03 -57.71
CA THR B 762 61.62 42.61 -58.02
C THR B 762 60.25 41.95 -57.91
N CYS B 763 59.52 42.24 -56.84
CA CYS B 763 58.17 41.71 -56.66
C CYS B 763 57.22 42.18 -57.77
N ASP B 764 57.46 43.38 -58.33
CA ASP B 764 56.66 43.90 -59.44
C ASP B 764 56.87 43.03 -60.70
N THR B 765 58.09 42.51 -60.92
CA THR B 765 58.36 41.66 -62.07
C THR B 765 57.69 40.30 -61.91
N GLN B 766 57.80 39.67 -60.73
CA GLN B 766 57.15 38.37 -60.45
C GLN B 766 55.76 38.62 -59.89
N GLY B 767 54.84 37.68 -60.12
CA GLY B 767 53.48 37.78 -59.63
C GLY B 767 53.39 37.48 -58.15
N VAL B 768 53.77 38.45 -57.31
CA VAL B 768 53.74 38.35 -55.85
C VAL B 768 53.11 39.62 -55.31
N ARG B 769 52.13 39.48 -54.43
CA ARG B 769 51.49 40.64 -53.82
C ARG B 769 52.39 41.13 -52.70
N ALA B 770 52.75 42.42 -52.71
CA ALA B 770 53.64 43.00 -51.72
C ALA B 770 53.11 44.38 -51.33
N ARG B 771 52.94 44.62 -50.02
CA ARG B 771 52.40 45.88 -49.51
C ARG B 771 53.37 46.46 -48.49
N ARG B 772 53.82 47.69 -48.72
CA ARG B 772 54.73 48.37 -47.80
C ARG B 772 53.96 48.81 -46.54
N ILE B 773 54.43 48.42 -45.35
CA ILE B 773 53.83 48.81 -44.07
C ILE B 773 54.15 50.29 -43.85
N PRO B 774 53.20 51.13 -43.39
CA PRO B 774 53.52 52.55 -43.17
C PRO B 774 54.28 52.77 -41.86
N VAL B 775 55.57 52.53 -41.91
CA VAL B 775 56.50 52.71 -40.78
C VAL B 775 57.89 52.98 -41.36
N ASP B 776 58.66 53.88 -40.73
CA ASP B 776 59.99 54.21 -41.23
C ASP B 776 61.08 53.76 -40.24
N TYR B 777 60.97 52.49 -39.77
CA TYR B 777 61.92 51.82 -38.88
C TYR B 777 62.03 50.36 -39.30
N ALA B 778 63.23 49.78 -39.29
CA ALA B 778 63.42 48.39 -39.68
C ALA B 778 63.50 47.47 -38.46
N SER B 779 62.36 47.25 -37.80
CA SER B 779 62.29 46.35 -36.65
C SER B 779 62.56 44.91 -37.11
N HIS B 780 63.13 44.09 -36.25
CA HIS B 780 63.45 42.71 -36.57
C HIS B 780 64.47 42.58 -37.72
N SER B 781 65.48 43.47 -37.75
CA SER B 781 66.54 43.48 -38.77
C SER B 781 67.91 43.75 -38.13
N ALA B 782 69.01 43.53 -38.88
CA ALA B 782 70.37 43.78 -38.39
C ALA B 782 70.56 45.23 -37.92
N GLN B 783 69.68 46.16 -38.30
CA GLN B 783 69.77 47.56 -37.90
C GLN B 783 69.59 47.79 -36.41
N VAL B 784 68.70 47.03 -35.74
CA VAL B 784 68.48 47.26 -34.30
C VAL B 784 69.71 46.86 -33.45
N GLU B 785 70.79 46.33 -34.07
CA GLU B 785 72.06 46.09 -33.36
C GLU B 785 72.73 47.44 -33.02
N SER B 786 72.46 48.51 -33.83
CA SER B 786 72.98 49.87 -33.59
C SER B 786 72.44 50.47 -32.28
N ILE B 787 71.24 50.06 -31.84
CA ILE B 787 70.62 50.55 -30.60
C ILE B 787 70.52 49.44 -29.53
N ARG B 788 71.32 48.37 -29.63
CA ARG B 788 71.27 47.24 -28.71
C ARG B 788 71.44 47.64 -27.24
N ASP B 789 72.47 48.43 -26.91
CA ASP B 789 72.74 48.85 -25.53
C ASP B 789 71.62 49.77 -24.99
N THR B 790 71.06 50.66 -25.82
CA THR B 790 69.98 51.53 -25.36
C THR B 790 68.69 50.73 -25.16
N VAL B 791 68.40 49.78 -26.06
CA VAL B 791 67.22 48.91 -25.94
C VAL B 791 67.37 48.01 -24.68
N LEU B 792 68.61 47.61 -24.31
CA LEU B 792 68.87 46.84 -23.10
C LEU B 792 68.65 47.71 -21.86
N GLN B 793 69.06 48.99 -21.92
CA GLN B 793 68.84 49.96 -20.84
C GLN B 793 67.34 50.25 -20.63
N ALA B 794 66.54 50.18 -21.70
CA ALA B 794 65.10 50.41 -21.65
C ALA B 794 64.38 49.44 -20.70
N ALA B 795 64.92 48.24 -20.51
CA ALA B 795 64.32 47.22 -19.67
C ALA B 795 65.13 46.92 -18.40
N THR B 796 66.01 47.85 -17.97
CA THR B 796 66.79 47.67 -16.72
C THR B 796 65.94 48.12 -15.54
N GLY B 797 66.14 47.49 -14.38
CA GLY B 797 65.37 47.81 -13.19
C GLY B 797 63.95 47.28 -13.27
N ILE B 798 63.75 46.16 -13.99
CA ILE B 798 62.45 45.49 -14.10
C ILE B 798 62.48 44.25 -13.19
N ASN B 799 61.31 43.82 -12.70
CA ASN B 799 61.17 42.64 -11.85
C ASN B 799 60.30 41.62 -12.58
N PRO B 800 60.85 40.86 -13.54
CA PRO B 800 60.03 39.88 -14.27
C PRO B 800 59.52 38.79 -13.34
N GLN B 801 58.21 38.78 -13.10
CA GLN B 801 57.53 37.85 -12.18
C GLN B 801 56.98 36.60 -12.90
N PRO B 802 56.66 35.49 -12.20
CA PRO B 802 56.04 34.34 -12.89
C PRO B 802 54.66 34.69 -13.43
N THR B 803 54.25 33.98 -14.48
CA THR B 803 52.99 34.19 -15.18
C THR B 803 51.79 33.55 -14.44
N THR B 804 50.65 34.27 -14.37
CA THR B 804 49.40 33.74 -13.80
C THR B 804 48.53 33.11 -14.92
N ILE B 805 48.68 33.58 -16.18
CA ILE B 805 48.01 33.05 -17.37
C ILE B 805 49.15 32.69 -18.37
N PRO B 806 49.17 31.50 -19.00
CA PRO B 806 50.28 31.18 -19.92
C PRO B 806 50.52 32.19 -21.04
N LEU B 807 51.79 32.58 -21.25
CA LEU B 807 52.23 33.51 -22.30
C LEU B 807 52.92 32.64 -23.35
N TYR B 808 52.36 32.56 -24.56
CA TYR B 808 52.98 31.81 -25.64
C TYR B 808 53.84 32.80 -26.39
N SER B 809 55.16 32.69 -26.20
CA SER B 809 56.12 33.60 -26.80
C SER B 809 56.25 33.39 -28.29
N THR B 810 56.24 34.48 -29.05
CA THR B 810 56.49 34.44 -30.50
C THR B 810 58.01 34.59 -30.82
N VAL B 811 58.88 34.59 -29.78
CA VAL B 811 60.32 34.58 -29.91
C VAL B 811 60.79 33.13 -29.93
N THR B 812 60.18 32.26 -29.08
CA THR B 812 60.52 30.84 -28.96
C THR B 812 59.49 29.89 -29.59
N GLY B 813 58.28 30.36 -29.83
CA GLY B 813 57.21 29.51 -30.36
C GLY B 813 56.53 28.63 -29.32
N GLN B 814 56.87 28.78 -28.03
CA GLN B 814 56.32 27.93 -26.96
C GLN B 814 55.95 28.79 -25.72
N PRO B 815 55.26 28.21 -24.70
CA PRO B 815 55.07 28.94 -23.44
C PRO B 815 56.42 29.26 -22.80
N ILE B 816 56.48 30.35 -22.03
CA ILE B 816 57.72 30.80 -21.40
C ILE B 816 57.44 31.23 -19.98
N ASP B 817 58.42 31.03 -19.09
CA ASP B 817 58.27 31.46 -17.70
C ASP B 817 58.39 32.98 -17.69
N GLY B 818 57.49 33.65 -16.98
CA GLY B 818 57.52 35.11 -16.90
C GLY B 818 58.82 35.67 -16.36
N THR B 819 59.55 34.88 -15.56
CA THR B 819 60.83 35.31 -14.99
C THR B 819 61.95 35.42 -16.05
N GLN B 820 61.76 34.82 -17.25
CA GLN B 820 62.68 34.87 -18.37
C GLN B 820 62.50 36.13 -19.23
N LEU B 821 61.48 36.97 -18.97
CA LEU B 821 61.21 38.18 -19.74
C LEU B 821 62.06 39.32 -19.20
N ASP B 822 63.37 39.13 -19.25
CA ASP B 822 64.40 40.04 -18.77
C ASP B 822 64.84 41.05 -19.88
N ALA B 823 65.85 41.89 -19.59
CA ALA B 823 66.31 42.90 -20.52
C ALA B 823 66.74 42.34 -21.88
N ASP B 824 67.56 41.27 -21.91
CA ASP B 824 68.02 40.70 -23.18
C ASP B 824 66.87 40.04 -23.95
N TYR B 825 65.81 39.56 -23.25
CA TYR B 825 64.65 39.00 -23.91
C TYR B 825 63.95 40.09 -24.74
N TRP B 826 63.74 41.28 -24.17
CA TRP B 826 63.06 42.35 -24.88
C TRP B 826 63.90 42.88 -26.05
N TYR B 827 65.24 42.82 -25.97
CA TYR B 827 66.09 43.17 -27.10
C TYR B 827 65.88 42.10 -28.21
N THR B 828 65.84 40.81 -27.82
CA THR B 828 65.65 39.69 -28.74
C THR B 828 64.31 39.76 -29.42
N ASN B 829 63.26 40.20 -28.71
CA ASN B 829 61.91 40.35 -29.27
C ASN B 829 61.94 41.37 -30.40
N LEU B 830 62.65 42.47 -30.22
CA LEU B 830 62.77 43.53 -31.22
C LEU B 830 63.69 43.15 -32.39
N ARG B 831 64.70 42.31 -32.15
CA ARG B 831 65.69 41.94 -33.17
C ARG B 831 65.35 40.75 -34.06
N HIS B 832 64.77 39.68 -33.47
N HIS B 832 64.74 39.69 -33.51
CA HIS B 832 64.47 38.39 -34.10
CA HIS B 832 64.51 38.48 -34.29
C HIS B 832 63.08 38.30 -34.74
C HIS B 832 63.08 38.28 -34.74
N THR B 833 62.91 37.33 -35.68
CA THR B 833 61.64 37.03 -36.35
C THR B 833 60.53 36.73 -35.35
N VAL B 834 59.35 37.27 -35.63
CA VAL B 834 58.16 37.03 -34.83
C VAL B 834 57.59 35.75 -35.44
N ARG B 835 57.70 34.62 -34.71
CA ARG B 835 57.19 33.33 -35.15
C ARG B 835 55.74 33.23 -34.72
N PHE B 836 54.87 34.03 -35.34
CA PHE B 836 53.47 34.07 -34.97
C PHE B 836 52.67 32.85 -35.47
N GLU B 837 52.92 32.38 -36.71
CA GLU B 837 52.22 31.21 -37.23
C GLU B 837 52.57 29.97 -36.42
N GLU B 838 53.87 29.78 -36.14
CA GLU B 838 54.34 28.62 -35.38
C GLU B 838 53.74 28.62 -33.97
N THR B 839 53.67 29.81 -33.35
CA THR B 839 53.10 29.94 -32.00
C THR B 839 51.56 29.73 -32.02
N THR B 840 50.90 30.08 -33.14
CA THR B 840 49.46 29.84 -33.35
C THR B 840 49.26 28.33 -33.45
N ARG B 841 50.10 27.64 -34.23
CA ARG B 841 50.07 26.19 -34.39
C ARG B 841 50.25 25.47 -33.04
N ALA B 842 51.08 26.02 -32.15
CA ALA B 842 51.29 25.43 -30.81
C ALA B 842 50.02 25.64 -29.97
N LEU B 843 49.42 26.83 -30.02
CA LEU B 843 48.17 27.10 -29.31
C LEU B 843 47.05 26.17 -29.79
N LEU B 844 46.92 25.97 -31.11
CA LEU B 844 45.90 25.08 -31.66
C LEU B 844 46.12 23.65 -31.19
N GLY B 845 47.38 23.22 -31.13
CA GLY B 845 47.74 21.90 -30.64
C GLY B 845 47.43 21.69 -29.18
N SER B 846 47.54 22.73 -28.34
CA SER B 846 47.22 22.63 -26.90
C SER B 846 45.74 22.98 -26.56
N GLY B 847 44.82 22.78 -27.51
CA GLY B 847 43.38 22.92 -27.31
C GLY B 847 42.76 24.31 -27.32
N HIS B 848 43.37 25.27 -28.01
CA HIS B 848 42.85 26.62 -28.08
C HIS B 848 42.00 26.81 -29.34
N ARG B 849 40.73 27.25 -29.16
CA ARG B 849 39.79 27.37 -30.26
C ARG B 849 39.15 28.77 -30.40
N HIS B 850 39.35 29.68 -29.43
CA HIS B 850 38.80 31.04 -29.50
C HIS B 850 39.92 32.04 -29.38
N PHE B 851 40.12 32.85 -30.41
CA PHE B 851 41.17 33.87 -30.42
C PHE B 851 40.48 35.22 -30.44
N ILE B 852 40.70 36.02 -29.38
CA ILE B 852 40.13 37.35 -29.25
C ILE B 852 41.25 38.38 -29.39
N GLU B 853 41.21 39.20 -30.46
CA GLU B 853 42.17 40.27 -30.62
C GLU B 853 41.70 41.44 -29.80
N THR B 854 42.41 41.78 -28.71
CA THR B 854 41.99 42.89 -27.84
C THR B 854 42.54 44.18 -28.40
N THR B 855 42.08 44.56 -29.59
CA THR B 855 42.59 45.71 -30.32
C THR B 855 41.56 46.73 -30.79
N ALA B 856 42.07 47.93 -31.13
CA ALA B 856 41.29 49.02 -31.71
C ALA B 856 40.88 48.68 -33.17
N HIS B 857 41.53 47.69 -33.82
CA HIS B 857 41.20 47.29 -35.20
C HIS B 857 41.83 45.90 -35.51
N PRO B 858 41.19 44.96 -36.26
CA PRO B 858 41.84 43.64 -36.47
C PRO B 858 43.05 43.67 -37.41
N VAL B 859 44.18 43.11 -36.98
CA VAL B 859 45.45 43.07 -37.71
C VAL B 859 45.87 41.64 -38.06
N LEU B 860 45.79 40.72 -37.10
CA LEU B 860 46.21 39.35 -37.31
C LEU B 860 45.07 38.39 -37.57
N ALA B 861 43.81 38.86 -37.61
CA ALA B 861 42.66 38.00 -37.83
C ALA B 861 42.74 37.17 -39.12
N LEU B 862 43.10 37.78 -40.25
CA LEU B 862 43.19 37.05 -41.51
C LEU B 862 44.31 36.02 -41.45
N ALA B 863 45.45 36.41 -40.87
CA ALA B 863 46.59 35.49 -40.73
C ALA B 863 46.23 34.31 -39.84
N LEU B 864 45.57 34.54 -38.69
CA LEU B 864 45.15 33.49 -37.76
C LEU B 864 44.19 32.54 -38.48
N GLU B 865 43.20 33.09 -39.20
CA GLU B 865 42.24 32.30 -39.96
C GLU B 865 42.89 31.47 -41.05
N GLU B 866 43.95 31.99 -41.65
CA GLU B 866 44.69 31.28 -42.69
C GLU B 866 45.39 30.07 -42.07
N THR B 867 45.99 30.24 -40.87
CA THR B 867 46.68 29.15 -40.15
C THR B 867 45.68 28.09 -39.68
N ILE B 868 44.53 28.51 -39.13
CA ILE B 868 43.45 27.63 -38.66
C ILE B 868 42.94 26.74 -39.80
N GLU B 869 42.88 27.29 -41.02
CA GLU B 869 42.45 26.56 -42.22
C GLU B 869 43.50 25.54 -42.63
N ALA B 870 44.80 25.88 -42.50
CA ALA B 870 45.89 24.97 -42.82
C ALA B 870 45.88 23.75 -41.91
N THR B 871 45.60 23.95 -40.60
CA THR B 871 45.56 22.84 -39.63
C THR B 871 44.21 22.09 -39.64
N GLY B 872 43.16 22.67 -40.20
CA GLY B 872 41.85 22.05 -40.25
C GLY B 872 41.13 22.01 -38.92
N SER B 873 41.31 23.06 -38.09
CA SER B 873 40.67 23.15 -36.77
C SER B 873 39.33 23.88 -36.84
N ASP B 874 38.46 23.61 -35.86
CA ASP B 874 37.15 24.28 -35.74
C ASP B 874 37.29 25.72 -35.16
N ALA B 875 38.52 26.17 -34.82
CA ALA B 875 38.83 27.47 -34.19
C ALA B 875 38.22 28.68 -34.90
N ARG B 876 38.01 29.77 -34.14
CA ARG B 876 37.45 31.00 -34.68
C ARG B 876 38.07 32.26 -34.06
N VAL B 877 38.08 33.36 -34.84
CA VAL B 877 38.70 34.63 -34.46
C VAL B 877 37.70 35.79 -34.47
N THR B 878 37.80 36.67 -33.47
CA THR B 878 36.98 37.86 -33.34
C THR B 878 37.83 39.02 -32.84
N GLY B 879 37.52 40.24 -33.28
CA GLY B 879 38.21 41.42 -32.82
C GLY B 879 37.45 42.11 -31.71
N THR B 880 37.82 43.34 -31.39
CA THR B 880 37.14 44.15 -30.40
C THR B 880 36.53 45.34 -31.17
N LEU B 881 37.32 46.39 -31.49
CA LEU B 881 36.86 47.54 -32.23
C LEU B 881 37.36 47.44 -33.67
N ARG B 882 36.86 48.34 -34.52
CA ARG B 882 37.30 48.51 -35.91
C ARG B 882 37.60 49.98 -36.09
N ARG B 883 38.40 50.34 -37.10
CA ARG B 883 38.71 51.75 -37.42
C ARG B 883 37.40 52.55 -37.62
N ASP B 884 37.29 53.69 -36.93
CA ASP B 884 36.12 54.57 -36.94
C ASP B 884 34.88 53.94 -36.29
N HIS B 885 35.06 52.90 -35.48
CA HIS B 885 33.96 52.22 -34.81
C HIS B 885 34.45 51.76 -33.45
N GLY B 886 34.69 52.72 -32.56
CA GLY B 886 35.18 52.42 -31.22
C GLY B 886 34.18 52.78 -30.15
N ASP B 887 32.90 52.53 -30.40
CA ASP B 887 31.81 52.87 -29.50
C ASP B 887 31.19 51.64 -28.83
N LEU B 888 30.20 51.83 -27.92
CA LEU B 888 29.55 50.71 -27.25
C LEU B 888 28.81 49.81 -28.24
N THR B 889 28.31 50.34 -29.35
CA THR B 889 27.63 49.55 -30.37
C THR B 889 28.58 48.51 -30.95
N GLN B 890 29.83 48.91 -31.24
CA GLN B 890 30.81 47.99 -31.79
C GLN B 890 31.28 47.03 -30.69
N LEU B 891 31.47 47.51 -29.46
CA LEU B 891 31.90 46.66 -28.35
C LEU B 891 30.87 45.56 -28.10
N HIS B 892 29.57 45.91 -28.17
CA HIS B 892 28.49 44.97 -28.00
C HIS B 892 28.40 44.00 -29.18
N THR B 893 28.70 44.47 -30.40
CA THR B 893 28.76 43.61 -31.58
C THR B 893 29.88 42.56 -31.41
N ALA B 894 31.04 42.95 -30.88
CA ALA B 894 32.15 42.01 -30.69
C ALA B 894 31.83 41.00 -29.59
N LEU B 895 31.20 41.44 -28.48
CA LEU B 895 30.78 40.58 -27.39
C LEU B 895 29.73 39.58 -27.87
N ALA B 896 28.72 40.05 -28.62
CA ALA B 896 27.68 39.19 -29.14
C ALA B 896 28.26 38.20 -30.16
N THR B 897 29.21 38.63 -30.98
CA THR B 897 29.85 37.76 -31.95
C THR B 897 30.65 36.68 -31.23
N ALA B 898 31.41 37.06 -30.20
CA ALA B 898 32.20 36.09 -29.44
C ALA B 898 31.24 35.09 -28.75
N TRP B 899 30.12 35.58 -28.17
CA TRP B 899 29.09 34.74 -27.54
C TRP B 899 28.55 33.73 -28.55
N THR B 900 28.25 34.17 -29.75
CA THR B 900 27.78 33.34 -30.86
C THR B 900 28.73 32.13 -31.13
N HIS B 901 30.06 32.30 -31.01
CA HIS B 901 31.01 31.20 -31.22
C HIS B 901 31.13 30.24 -30.00
N GLY B 902 30.48 30.57 -28.88
CA GLY B 902 30.45 29.74 -27.68
C GLY B 902 31.24 30.29 -26.51
N ILE B 903 31.78 31.52 -26.60
CA ILE B 903 32.53 32.07 -25.47
C ILE B 903 31.49 32.64 -24.47
N ASP B 904 31.72 32.41 -23.18
CA ASP B 904 30.78 32.78 -22.13
C ASP B 904 30.95 34.23 -21.71
N VAL B 905 29.93 35.05 -21.93
CA VAL B 905 29.95 36.46 -21.57
C VAL B 905 29.09 36.65 -20.32
N ASP B 906 29.57 37.46 -19.36
CA ASP B 906 28.79 37.83 -18.19
C ASP B 906 27.90 39.01 -18.66
N TRP B 907 26.70 38.68 -19.13
CA TRP B 907 25.78 39.69 -19.64
C TRP B 907 25.23 40.62 -18.55
N THR B 908 25.38 40.28 -17.24
CA THR B 908 24.98 41.22 -16.18
C THR B 908 25.98 42.38 -16.14
N ALA B 909 27.27 42.14 -16.42
CA ALA B 909 28.27 43.20 -16.47
C ALA B 909 27.98 44.16 -17.65
N VAL B 910 27.43 43.62 -18.76
CA VAL B 910 27.10 44.40 -19.96
C VAL B 910 25.76 45.16 -19.82
N LEU B 911 24.68 44.45 -19.42
CA LEU B 911 23.30 44.95 -19.34
C LEU B 911 22.81 45.40 -17.95
N GLY B 912 23.64 45.30 -16.92
CA GLY B 912 23.26 45.67 -15.56
C GLY B 912 22.81 44.48 -14.74
N ASP B 913 23.05 44.55 -13.42
CA ASP B 913 22.71 43.47 -12.51
C ASP B 913 21.21 43.16 -12.41
N ARG B 914 20.36 44.19 -12.45
CA ARG B 914 18.92 43.97 -12.32
C ARG B 914 18.11 44.90 -13.22
N ARG B 915 17.01 44.37 -13.76
CA ARG B 915 16.07 45.11 -14.61
C ARG B 915 14.64 44.66 -14.21
N THR B 916 13.59 45.37 -14.69
CA THR B 916 12.22 44.95 -14.40
C THR B 916 11.98 43.62 -15.16
N PRO B 917 11.60 42.51 -14.48
CA PRO B 917 11.45 41.23 -15.23
C PRO B 917 10.50 41.31 -16.41
N PHE B 918 10.81 40.58 -17.48
CA PHE B 918 9.99 40.52 -18.68
C PHE B 918 9.80 39.07 -19.05
N GLU B 919 8.57 38.56 -18.92
CA GLU B 919 8.30 37.16 -19.26
C GLU B 919 8.47 36.93 -20.75
N LEU B 920 9.19 35.89 -21.09
CA LEU B 920 9.44 35.48 -22.47
C LEU B 920 8.73 34.15 -22.73
N PRO B 921 8.50 33.75 -24.00
CA PRO B 921 7.97 32.41 -24.26
C PRO B 921 8.93 31.34 -23.75
N THR B 922 8.41 30.14 -23.55
CA THR B 922 9.24 29.03 -23.11
C THR B 922 9.87 28.33 -24.33
N TYR B 923 10.86 27.48 -24.10
CA TYR B 923 11.61 26.79 -25.15
C TYR B 923 10.73 26.11 -26.18
N ALA B 924 11.05 26.33 -27.45
CA ALA B 924 10.34 25.74 -28.58
C ALA B 924 10.76 24.29 -28.76
N PHE B 925 10.19 23.39 -27.94
CA PHE B 925 10.53 21.98 -27.99
C PHE B 925 10.19 21.38 -29.36
N GLN B 926 11.12 20.58 -29.89
CA GLN B 926 10.97 19.89 -31.16
C GLN B 926 10.60 18.48 -30.78
N ARG B 927 9.33 18.28 -30.48
CA ARG B 927 8.85 17.01 -30.02
C ARG B 927 8.72 15.97 -31.15
N GLN B 928 8.95 14.70 -30.79
CA GLN B 928 8.81 13.52 -31.65
C GLN B 928 7.90 12.54 -30.91
N ARG B 929 7.21 11.66 -31.64
CA ARG B 929 6.29 10.72 -31.01
C ARG B 929 7.02 9.48 -30.48
N TYR B 930 6.77 9.12 -29.20
CA TYR B 930 7.37 7.97 -28.57
C TYR B 930 6.28 7.23 -27.79
N TRP B 931 5.73 6.14 -28.36
CA TRP B 931 4.66 5.39 -27.69
C TRP B 931 4.82 3.89 -27.92
N LEU B 932 5.03 3.11 -26.84
CA LEU B 932 5.16 1.66 -26.99
C LEU B 932 3.87 1.06 -27.46
N GLU B 933 3.88 0.49 -28.67
CA GLU B 933 2.71 -0.13 -29.28
C GLU B 933 2.51 -1.53 -28.65
N PRO B 934 1.46 -1.76 -27.82
CA PRO B 934 1.29 -3.09 -27.23
C PRO B 934 0.56 -4.06 -28.15
N THR C 1 4.95 -20.55 -18.15
CA THR C 1 3.95 -20.88 -19.18
C THR C 1 4.17 -22.31 -19.77
N SER C 2 3.25 -22.77 -20.64
CA SER C 2 3.32 -24.08 -21.31
C SER C 2 3.52 -23.89 -22.83
N ALA C 3 3.80 -24.98 -23.58
CA ALA C 3 4.00 -24.90 -25.03
C ALA C 3 2.69 -24.60 -25.76
N GLU C 4 1.54 -25.10 -25.25
CA GLU C 4 0.24 -24.82 -25.87
C GLU C 4 -0.13 -23.35 -25.70
N ALA C 5 0.19 -22.75 -24.53
CA ALA C 5 -0.09 -21.35 -24.26
C ALA C 5 0.74 -20.45 -25.17
N ARG C 6 2.04 -20.76 -25.35
CA ARG C 6 2.91 -19.99 -26.25
C ARG C 6 2.39 -20.02 -27.68
N PHE C 7 1.86 -21.18 -28.12
CA PHE C 7 1.31 -21.37 -29.45
C PHE C 7 0.18 -20.36 -29.72
N TRP C 8 -0.80 -20.26 -28.81
CA TRP C 8 -1.93 -19.36 -29.00
C TRP C 8 -1.54 -17.89 -28.92
N ASP C 9 -0.46 -17.55 -28.20
CA ASP C 9 0.01 -16.17 -28.14
C ASP C 9 0.51 -15.75 -29.52
N ALA C 10 1.24 -16.64 -30.22
CA ALA C 10 1.75 -16.37 -31.57
C ALA C 10 0.63 -16.30 -32.61
N VAL C 11 -0.49 -17.01 -32.38
CA VAL C 11 -1.66 -16.99 -33.26
C VAL C 11 -2.37 -15.63 -33.14
N GLU C 12 -2.65 -15.20 -31.90
CA GLU C 12 -3.34 -13.93 -31.63
C GLU C 12 -2.50 -12.73 -32.04
N ASP C 13 -1.20 -12.76 -31.73
CA ASP C 13 -0.29 -11.68 -32.12
C ASP C 13 -0.03 -11.63 -33.66
N GLU C 14 -0.37 -12.73 -34.38
CA GLU C 14 -0.18 -12.87 -35.82
C GLU C 14 1.32 -12.77 -36.18
N ASP C 15 2.15 -13.43 -35.36
CA ASP C 15 3.60 -13.48 -35.51
C ASP C 15 3.94 -14.83 -36.12
N LEU C 16 4.19 -14.86 -37.45
CA LEU C 16 4.51 -16.10 -38.16
C LEU C 16 5.87 -16.66 -37.76
N GLU C 17 6.87 -15.79 -37.52
CA GLU C 17 8.21 -16.22 -37.11
C GLU C 17 8.16 -16.99 -35.79
N ALA C 18 7.47 -16.46 -34.77
CA ALA C 18 7.36 -17.11 -33.47
C ALA C 18 6.47 -18.36 -33.50
N LEU C 19 5.50 -18.41 -34.42
CA LEU C 19 4.59 -19.55 -34.55
C LEU C 19 5.33 -20.83 -34.97
N VAL C 20 6.20 -20.75 -35.99
CA VAL C 20 6.97 -21.92 -36.43
C VAL C 20 8.04 -22.31 -35.38
N ALA C 21 8.50 -21.35 -34.55
CA ALA C 21 9.45 -21.62 -33.47
C ALA C 21 8.75 -22.37 -32.32
N ALA C 22 7.48 -22.04 -32.04
CA ALA C 22 6.70 -22.71 -30.98
C ALA C 22 6.41 -24.18 -31.31
N ILE C 23 6.39 -24.55 -32.62
CA ILE C 23 6.14 -25.92 -33.09
C ILE C 23 7.38 -26.41 -33.94
N GLY C 24 7.31 -27.62 -34.51
CA GLY C 24 8.40 -28.16 -35.31
C GLY C 24 8.60 -27.45 -36.64
N ALA C 30 5.83 -22.26 -44.69
CA ALA C 30 5.44 -21.24 -45.66
C ALA C 30 3.91 -21.16 -45.78
N SER C 31 3.23 -22.32 -45.94
CA SER C 31 1.77 -22.39 -46.05
C SER C 31 1.02 -21.82 -44.82
N TRP C 32 1.74 -21.47 -43.73
CA TRP C 32 1.15 -20.87 -42.54
C TRP C 32 0.63 -19.45 -42.80
N ALA C 33 1.13 -18.76 -43.84
CA ALA C 33 0.69 -17.40 -44.18
C ALA C 33 -0.83 -17.31 -44.42
N GLY C 34 -1.39 -18.27 -45.14
CA GLY C 34 -2.82 -18.30 -45.43
C GLY C 34 -3.67 -18.84 -44.29
N VAL C 35 -3.08 -19.73 -43.49
CA VAL C 35 -3.75 -20.36 -42.34
C VAL C 35 -3.91 -19.39 -41.16
N LEU C 36 -2.87 -18.62 -40.85
CA LEU C 36 -2.84 -17.73 -39.69
C LEU C 36 -4.01 -16.71 -39.60
N PRO C 37 -4.45 -16.00 -40.65
CA PRO C 37 -5.56 -15.05 -40.50
C PRO C 37 -6.89 -15.71 -40.15
N ALA C 38 -7.22 -16.85 -40.80
CA ALA C 38 -8.46 -17.58 -40.53
C ALA C 38 -8.43 -18.19 -39.12
N LEU C 39 -7.27 -18.68 -38.67
CA LEU C 39 -7.10 -19.28 -37.35
C LEU C 39 -7.24 -18.21 -36.25
N ALA C 40 -6.60 -17.04 -36.44
CA ALA C 40 -6.71 -15.94 -35.49
C ALA C 40 -8.15 -15.40 -35.42
N GLY C 41 -8.86 -15.42 -36.55
CA GLY C 41 -10.25 -15.00 -36.62
C GLY C 41 -11.17 -15.97 -35.88
N TRP C 42 -10.85 -17.27 -35.96
CA TRP C 42 -11.59 -18.31 -35.24
C TRP C 42 -11.38 -18.13 -33.72
N ARG C 43 -10.13 -17.87 -33.31
CA ARG C 43 -9.78 -17.63 -31.90
C ARG C 43 -10.52 -16.39 -31.35
N ARG C 44 -10.75 -15.36 -32.19
CA ARG C 44 -11.47 -14.14 -31.80
C ARG C 44 -12.96 -14.44 -31.56
N ARG C 45 -13.57 -15.28 -32.42
CA ARG C 45 -14.98 -15.64 -32.27
C ARG C 45 -15.22 -16.50 -31.02
N GLN C 46 -14.21 -17.27 -30.56
CA GLN C 46 -14.34 -18.07 -29.35
C GLN C 46 -14.33 -17.18 -28.11
N ARG C 47 -13.50 -16.11 -28.12
CA ARG C 47 -13.46 -15.14 -27.02
C ARG C 47 -14.80 -14.41 -26.91
N GLU C 48 -15.41 -14.07 -28.06
CA GLU C 48 -16.72 -13.41 -28.09
C GLU C 48 -17.83 -14.39 -27.69
N GLN C 49 -17.66 -15.71 -27.96
CA GLN C 49 -18.62 -16.74 -27.55
C GLN C 49 -18.60 -16.88 -26.03
N SER C 50 -17.41 -16.83 -25.39
CA SER C 50 -17.31 -16.90 -23.93
C SER C 50 -17.96 -15.67 -23.28
N ALA C 51 -17.84 -14.48 -23.93
CA ALA C 51 -18.48 -13.24 -23.46
C ALA C 51 -20.01 -13.33 -23.63
N LEU C 52 -20.48 -13.99 -24.71
CA LEU C 52 -21.90 -14.22 -25.00
C LEU C 52 -22.48 -15.17 -23.94
N ASP C 53 -21.72 -16.21 -23.54
CA ASP C 53 -22.15 -17.17 -22.52
C ASP C 53 -22.33 -16.49 -21.15
N ASP C 54 -21.54 -15.45 -20.86
CA ASP C 54 -21.64 -14.69 -19.61
C ASP C 54 -22.96 -13.87 -19.53
N LEU C 55 -23.60 -13.58 -20.69
CA LEU C 55 -24.84 -12.80 -20.77
C LEU C 55 -26.13 -13.63 -20.53
N ARG C 56 -26.05 -14.96 -20.65
CA ARG C 56 -27.23 -15.82 -20.54
C ARG C 56 -27.65 -16.15 -19.10
N TYR C 57 -28.95 -15.91 -18.79
CA TYR C 57 -29.61 -16.23 -17.52
C TYR C 57 -31.04 -16.74 -17.82
N LYS C 58 -31.71 -17.31 -16.81
CA LYS C 58 -33.06 -17.83 -16.97
C LYS C 58 -33.80 -17.79 -15.65
N VAL C 59 -35.06 -17.37 -15.66
CA VAL C 59 -35.89 -17.33 -14.45
C VAL C 59 -36.37 -18.76 -14.20
N THR C 60 -36.15 -19.29 -13.00
CA THR C 60 -36.56 -20.64 -12.61
C THR C 60 -37.36 -20.62 -11.29
N TRP C 61 -38.04 -21.73 -10.97
CA TRP C 61 -38.84 -21.85 -9.76
C TRP C 61 -38.30 -22.99 -8.90
N LYS C 62 -37.69 -22.62 -7.76
CA LYS C 62 -37.07 -23.53 -6.79
C LYS C 62 -38.09 -24.03 -5.76
N PRO C 63 -38.28 -25.36 -5.58
CA PRO C 63 -39.19 -25.81 -4.50
C PRO C 63 -38.59 -25.50 -3.13
N THR C 64 -39.40 -25.06 -2.16
CA THR C 64 -38.91 -24.72 -0.82
C THR C 64 -39.85 -25.26 0.25
N ALA C 65 -39.26 -25.74 1.37
CA ALA C 65 -40.03 -26.27 2.49
C ALA C 65 -40.74 -25.13 3.24
N VAL C 66 -41.91 -25.43 3.81
CA VAL C 66 -42.72 -24.45 4.54
C VAL C 66 -43.00 -24.97 5.96
N ASP C 68 -44.86 -23.90 9.08
CA ASP C 68 -45.44 -24.92 9.95
C ASP C 68 -46.30 -24.29 11.05
N GLY C 69 -47.41 -23.67 10.64
CA GLY C 69 -48.35 -23.03 11.56
C GLY C 69 -47.89 -21.65 12.00
N ALA C 70 -47.69 -20.74 11.04
CA ALA C 70 -47.25 -19.37 11.33
C ALA C 70 -48.32 -18.58 12.08
N SER C 71 -47.89 -17.70 13.00
CA SER C 71 -48.80 -16.89 13.80
C SER C 71 -49.07 -15.53 13.14
N ALA C 72 -50.36 -15.22 12.88
CA ALA C 72 -50.76 -13.95 12.27
C ALA C 72 -51.10 -12.94 13.38
N THR C 73 -50.73 -11.66 13.18
CA THR C 73 -50.94 -10.59 14.17
C THR C 73 -51.71 -9.41 13.55
N GLY C 74 -52.42 -8.68 14.40
CA GLY C 74 -53.17 -7.50 13.98
C GLY C 74 -54.35 -7.79 13.08
N THR C 75 -54.85 -6.76 12.37
CA THR C 75 -55.97 -6.90 11.44
C THR C 75 -55.44 -6.93 10.00
N TRP C 76 -55.99 -7.82 9.17
CA TRP C 76 -55.57 -8.01 7.80
C TRP C 76 -56.64 -7.52 6.83
N LEU C 77 -56.42 -6.36 6.18
CA LEU C 77 -57.37 -5.80 5.23
C LEU C 77 -57.30 -6.57 3.90
N VAL C 78 -58.33 -7.35 3.59
CA VAL C 78 -58.40 -8.13 2.36
C VAL C 78 -59.21 -7.38 1.30
N VAL C 79 -58.54 -6.73 0.32
CA VAL C 79 -59.22 -6.01 -0.75
C VAL C 79 -59.60 -7.03 -1.84
N VAL C 80 -60.82 -6.93 -2.42
CA VAL C 80 -61.33 -7.93 -3.37
C VAL C 80 -62.28 -7.33 -4.43
N PRO C 81 -62.34 -7.85 -5.70
CA PRO C 81 -63.33 -7.31 -6.65
C PRO C 81 -64.76 -7.72 -6.26
N GLU C 82 -65.73 -6.85 -6.53
CA GLU C 82 -67.15 -7.07 -6.20
C GLU C 82 -67.74 -8.31 -6.88
N SER C 83 -67.19 -8.71 -8.02
CA SER C 83 -67.65 -9.90 -8.76
C SER C 83 -67.36 -11.20 -8.00
N LEU C 84 -66.16 -11.33 -7.40
CA LEU C 84 -65.73 -12.52 -6.69
C LEU C 84 -66.11 -12.57 -5.20
N ALA C 85 -66.57 -11.45 -4.61
CA ALA C 85 -66.94 -11.44 -3.20
C ALA C 85 -68.13 -12.38 -2.94
N GLY C 86 -68.10 -13.09 -1.81
CA GLY C 86 -69.16 -14.03 -1.42
C GLY C 86 -68.88 -15.49 -1.73
N GLY C 87 -67.80 -15.78 -2.45
CA GLY C 87 -67.42 -17.15 -2.80
C GLY C 87 -66.01 -17.22 -3.36
N GLY C 88 -65.48 -18.42 -3.45
CA GLY C 88 -64.14 -18.66 -4.00
C GLY C 88 -63.02 -18.33 -3.04
N TRP C 89 -61.91 -17.77 -3.57
CA TRP C 89 -60.74 -17.40 -2.76
C TRP C 89 -61.04 -16.40 -1.63
N PRO C 90 -61.87 -15.36 -1.84
CA PRO C 90 -62.14 -14.40 -0.75
C PRO C 90 -62.70 -15.00 0.54
N VAL C 91 -63.53 -16.06 0.45
CA VAL C 91 -64.10 -16.70 1.63
C VAL C 91 -63.02 -17.50 2.39
N VAL C 92 -62.28 -18.37 1.69
CA VAL C 92 -61.26 -19.20 2.36
C VAL C 92 -60.08 -18.37 2.91
N VAL C 93 -59.68 -17.25 2.24
CA VAL C 93 -58.57 -16.44 2.79
C VAL C 93 -59.02 -15.73 4.08
N ALA C 94 -60.27 -15.24 4.12
CA ALA C 94 -60.80 -14.57 5.31
C ALA C 94 -60.82 -15.51 6.52
N ARG C 95 -61.13 -16.80 6.31
CA ARG C 95 -61.13 -17.77 7.42
C ARG C 95 -59.70 -18.12 7.83
N ALA C 96 -58.79 -18.29 6.86
CA ALA C 96 -57.41 -18.67 7.17
C ALA C 96 -56.69 -17.65 8.07
N VAL C 97 -56.95 -16.34 7.90
CA VAL C 97 -56.32 -15.32 8.75
C VAL C 97 -56.96 -15.35 10.14
N ASP C 98 -58.29 -15.58 10.22
CA ASP C 98 -59.01 -15.69 11.48
C ASP C 98 -58.52 -16.90 12.28
N GLN C 99 -58.24 -18.02 11.59
CA GLN C 99 -57.71 -19.24 12.21
C GLN C 99 -56.34 -18.95 12.84
N ALA C 100 -55.45 -18.26 12.09
CA ALA C 100 -54.10 -17.93 12.54
C ALA C 100 -54.02 -16.82 13.62
N GLY C 101 -55.14 -16.16 13.93
CA GLY C 101 -55.16 -15.13 14.96
C GLY C 101 -55.68 -13.77 14.47
N GLY C 102 -55.32 -13.41 13.26
CA GLY C 102 -55.70 -12.12 12.67
C GLY C 102 -57.20 -11.88 12.53
N ARG C 103 -57.55 -10.64 12.20
CA ARG C 103 -58.92 -10.20 11.99
C ARG C 103 -59.13 -9.81 10.52
N PRO C 104 -59.91 -10.57 9.73
CA PRO C 104 -60.10 -10.17 8.33
C PRO C 104 -61.08 -9.02 8.15
N VAL C 105 -60.78 -8.09 7.22
CA VAL C 105 -61.67 -6.99 6.87
C VAL C 105 -61.75 -7.08 5.34
N VAL C 106 -62.76 -7.80 4.84
CA VAL C 106 -62.93 -8.05 3.42
C VAL C 106 -63.64 -6.88 2.73
N LEU C 107 -62.87 -5.97 2.16
CA LEU C 107 -63.40 -4.80 1.46
C LEU C 107 -63.73 -5.12 -0.01
N SER C 108 -65.04 -5.26 -0.33
CA SER C 108 -65.52 -5.53 -1.68
C SER C 108 -65.57 -4.23 -2.49
N VAL C 109 -64.87 -4.18 -3.63
CA VAL C 109 -64.78 -2.97 -4.43
C VAL C 109 -65.05 -3.26 -5.91
N ASP C 110 -65.86 -2.41 -6.56
CA ASP C 110 -66.19 -2.54 -7.98
C ASP C 110 -65.07 -2.06 -8.91
N ALA C 111 -65.18 -2.36 -10.21
CA ALA C 111 -64.17 -2.00 -11.22
C ALA C 111 -63.90 -0.48 -11.31
N ALA C 112 -64.92 0.37 -11.11
CA ALA C 112 -64.73 1.81 -11.22
C ALA C 112 -63.96 2.40 -10.02
N ASP C 113 -64.38 2.07 -8.78
CA ASP C 113 -63.67 2.55 -7.58
C ASP C 113 -62.29 1.91 -7.44
N GLY C 114 -62.12 0.69 -7.96
CA GLY C 114 -60.86 -0.05 -7.88
C GLY C 114 -59.74 0.50 -8.73
N ALA C 115 -60.06 1.06 -9.90
CA ALA C 115 -59.07 1.63 -10.81
C ALA C 115 -58.80 3.14 -10.57
N ASP C 116 -59.36 3.72 -9.50
CA ASP C 116 -59.21 5.14 -9.16
C ASP C 116 -58.65 5.23 -7.73
N ARG C 117 -57.50 5.89 -7.55
CA ARG C 117 -56.86 6.00 -6.23
C ARG C 117 -57.64 6.82 -5.21
N SER C 118 -58.32 7.89 -5.64
CA SER C 118 -59.09 8.73 -4.71
C SER C 118 -60.28 7.94 -4.17
N ARG C 119 -61.02 7.26 -5.05
CA ARG C 119 -62.17 6.47 -4.62
C ARG C 119 -61.72 5.23 -3.86
N LEU C 120 -60.64 4.58 -4.30
CA LEU C 120 -60.14 3.39 -3.61
C LEU C 120 -59.65 3.75 -2.20
N GLY C 121 -58.88 4.83 -2.09
CA GLY C 121 -58.39 5.32 -0.80
C GLY C 121 -59.50 5.72 0.14
N LEU C 122 -60.60 6.28 -0.40
CA LEU C 122 -61.77 6.66 0.39
C LEU C 122 -62.51 5.42 0.87
N ARG C 123 -62.64 4.38 0.02
CA ARG C 123 -63.29 3.12 0.39
C ARG C 123 -62.45 2.36 1.43
N ILE C 124 -61.12 2.45 1.36
CA ILE C 124 -60.22 1.83 2.34
C ILE C 124 -60.37 2.56 3.66
N HIS C 125 -60.36 3.90 3.62
CA HIS C 125 -60.53 4.73 4.81
C HIS C 125 -61.88 4.44 5.50
N GLU C 126 -62.95 4.23 4.72
CA GLU C 126 -64.28 3.94 5.28
C GLU C 126 -64.38 2.52 5.81
N ALA C 127 -63.71 1.54 5.17
CA ALA C 127 -63.74 0.16 5.63
C ALA C 127 -62.99 0.02 6.95
N LEU C 128 -61.85 0.71 7.09
CA LEU C 128 -61.06 0.67 8.31
C LEU C 128 -61.80 1.41 9.43
N GLY C 129 -62.40 2.55 9.10
CA GLY C 129 -63.16 3.34 10.06
C GLY C 129 -62.29 3.87 11.20
N GLU C 130 -62.89 4.05 12.37
CA GLU C 130 -62.17 4.54 13.56
C GLU C 130 -61.25 3.49 14.22
N GLY C 131 -61.36 2.22 13.83
CA GLY C 131 -60.58 1.15 14.42
C GLY C 131 -59.08 1.22 14.20
N PRO C 132 -58.35 0.26 14.78
CA PRO C 132 -56.88 0.28 14.63
C PRO C 132 -56.39 0.09 13.20
N VAL C 133 -55.20 0.62 12.89
CA VAL C 133 -54.61 0.47 11.56
C VAL C 133 -54.29 -1.00 11.29
N PRO C 134 -54.42 -1.48 10.04
CA PRO C 134 -54.10 -2.88 9.75
C PRO C 134 -52.60 -3.18 9.77
N ASP C 135 -52.23 -4.43 10.02
CA ASP C 135 -50.82 -4.87 10.01
C ASP C 135 -50.43 -5.33 8.60
N ALA C 136 -51.35 -6.02 7.91
CA ALA C 136 -51.15 -6.49 6.53
C ALA C 136 -52.34 -6.11 5.65
N VAL C 137 -52.10 -6.01 4.33
CA VAL C 137 -53.13 -5.71 3.34
C VAL C 137 -52.94 -6.76 2.25
N VAL C 138 -53.84 -7.76 2.21
CA VAL C 138 -53.80 -8.83 1.22
C VAL C 138 -54.73 -8.44 0.09
N SER C 139 -54.20 -8.21 -1.10
CA SER C 139 -55.00 -7.80 -2.24
C SER C 139 -55.31 -8.95 -3.19
N LEU C 140 -56.60 -9.18 -3.48
CA LEU C 140 -57.05 -10.16 -4.45
C LEU C 140 -57.62 -9.44 -5.71
N LEU C 141 -57.27 -8.15 -5.94
CA LEU C 141 -57.77 -7.37 -7.06
C LEU C 141 -57.26 -7.89 -8.40
N ALA C 142 -56.06 -8.49 -8.44
CA ALA C 142 -55.52 -9.04 -9.68
C ALA C 142 -56.34 -10.21 -10.24
N LEU C 143 -57.23 -10.81 -9.43
CA LEU C 143 -58.08 -11.92 -9.87
C LEU C 143 -59.25 -11.47 -10.80
N ASP C 144 -59.19 -10.23 -11.36
CA ASP C 144 -60.18 -9.73 -12.30
C ASP C 144 -59.58 -9.87 -13.73
N PRO C 145 -60.17 -10.72 -14.61
CA PRO C 145 -59.61 -10.88 -15.97
C PRO C 145 -60.09 -9.85 -16.99
N SER C 146 -61.03 -8.97 -16.64
CA SER C 146 -61.58 -8.00 -17.58
C SER C 146 -60.61 -6.85 -17.89
N ALA C 147 -60.90 -6.13 -18.99
CA ALA C 147 -60.14 -4.96 -19.42
C ALA C 147 -60.80 -3.70 -18.82
N LEU C 148 -60.05 -2.59 -18.76
CA LEU C 148 -60.55 -1.35 -18.18
C LEU C 148 -61.62 -0.68 -19.12
N PRO C 149 -62.71 -0.05 -18.61
CA PRO C 149 -63.70 0.54 -19.54
C PRO C 149 -63.17 1.68 -20.40
N GLY C 150 -63.24 1.51 -21.72
CA GLY C 150 -62.78 2.51 -22.68
C GLY C 150 -61.30 2.45 -23.01
N LEU C 151 -60.49 1.81 -22.14
CA LEU C 151 -59.06 1.62 -22.36
C LEU C 151 -58.83 0.10 -22.41
N PRO C 152 -59.10 -0.55 -23.56
CA PRO C 152 -59.00 -2.03 -23.60
C PRO C 152 -57.64 -2.64 -23.37
N ASP C 153 -56.56 -1.91 -23.67
CA ASP C 153 -55.21 -2.43 -23.49
C ASP C 153 -54.72 -2.41 -22.03
N VAL C 154 -55.43 -1.71 -21.12
CA VAL C 154 -55.07 -1.66 -19.70
C VAL C 154 -55.88 -2.76 -18.98
N PRO C 155 -55.26 -3.85 -18.46
CA PRO C 155 -56.05 -4.84 -17.71
C PRO C 155 -56.57 -4.25 -16.39
N GLN C 156 -57.75 -4.72 -15.93
CA GLN C 156 -58.33 -4.27 -14.65
C GLN C 156 -57.36 -4.61 -13.50
N ALA C 157 -56.73 -5.79 -13.58
CA ALA C 157 -55.76 -6.27 -12.59
C ALA C 157 -54.62 -5.26 -12.36
N LEU C 158 -54.06 -4.70 -13.45
CA LEU C 158 -52.95 -3.74 -13.36
C LEU C 158 -53.41 -2.38 -12.84
N ALA C 159 -54.49 -1.83 -13.40
CA ALA C 159 -55.02 -0.52 -12.98
C ALA C 159 -55.40 -0.54 -11.51
N SER C 160 -56.00 -1.64 -11.02
CA SER C 160 -56.39 -1.78 -9.62
C SER C 160 -55.18 -1.89 -8.70
N THR C 161 -54.16 -2.67 -9.09
CA THR C 161 -52.95 -2.84 -8.28
C THR C 161 -52.20 -1.52 -8.15
N ALA C 162 -52.10 -0.75 -9.24
CA ALA C 162 -51.44 0.54 -9.23
C ALA C 162 -52.24 1.51 -8.37
N ALA C 163 -53.58 1.58 -8.56
CA ALA C 163 -54.42 2.46 -7.75
C ALA C 163 -54.37 2.10 -6.26
N LEU C 164 -54.17 0.81 -5.91
CA LEU C 164 -54.12 0.38 -4.51
C LEU C 164 -52.84 0.85 -3.81
N VAL C 165 -51.66 0.57 -4.40
CA VAL C 165 -50.39 0.95 -3.77
C VAL C 165 -50.31 2.48 -3.55
N GLN C 166 -50.80 3.27 -4.52
CA GLN C 166 -50.77 4.71 -4.41
C GLN C 166 -51.89 5.22 -3.47
N ALA C 167 -53.04 4.53 -3.37
CA ALA C 167 -54.07 4.91 -2.39
C ALA C 167 -53.53 4.69 -0.97
N LEU C 168 -52.80 3.58 -0.75
CA LEU C 168 -52.19 3.26 0.54
C LEU C 168 -51.11 4.29 0.90
N LEU C 169 -50.37 4.81 -0.10
CA LEU C 169 -49.37 5.86 0.12
C LEU C 169 -50.06 7.17 0.47
N ASP C 170 -51.23 7.47 -0.14
CA ASP C 170 -51.99 8.68 0.17
C ASP C 170 -52.51 8.64 1.61
N LEU C 171 -52.89 7.46 2.11
CA LEU C 171 -53.37 7.29 3.48
C LEU C 171 -52.20 7.20 4.49
N GLY C 172 -51.10 6.58 4.08
CA GLY C 172 -49.91 6.42 4.91
C GLY C 172 -50.13 5.44 6.04
N LEU C 173 -50.71 4.27 5.72
CA LEU C 173 -51.06 3.27 6.73
C LEU C 173 -49.88 2.45 7.29
N GLU C 174 -48.73 2.37 6.57
CA GLU C 174 -47.54 1.63 7.03
C GLU C 174 -47.71 0.10 7.02
N ALA C 175 -48.90 -0.42 6.66
CA ALA C 175 -49.13 -1.86 6.60
C ALA C 175 -48.36 -2.49 5.44
N ARG C 176 -48.01 -3.78 5.56
CA ARG C 176 -47.30 -4.49 4.50
C ARG C 176 -48.33 -5.04 3.47
N LEU C 177 -48.18 -4.65 2.20
CA LEU C 177 -49.08 -5.03 1.10
C LEU C 177 -48.62 -6.30 0.40
N TRP C 178 -49.35 -7.40 0.59
CA TRP C 178 -49.07 -8.65 -0.09
C TRP C 178 -50.07 -8.74 -1.24
N CYS C 179 -49.57 -8.82 -2.47
CA CYS C 179 -50.44 -8.87 -3.65
C CYS C 179 -50.62 -10.32 -4.10
N VAL C 180 -51.87 -10.82 -4.02
CA VAL C 180 -52.21 -12.19 -4.41
C VAL C 180 -52.72 -12.22 -5.85
N THR C 181 -52.41 -13.31 -6.54
CA THR C 181 -52.68 -13.53 -7.96
C THR C 181 -52.94 -15.02 -8.26
N SER C 182 -53.38 -15.36 -9.48
CA SER C 182 -53.67 -16.76 -9.84
C SER C 182 -53.41 -17.01 -11.31
N GLY C 183 -52.47 -17.91 -11.61
CA GLY C 183 -52.10 -18.25 -12.98
C GLY C 183 -51.28 -17.18 -13.67
N ALA C 184 -50.52 -16.38 -12.89
CA ALA C 184 -49.66 -15.34 -13.43
C ALA C 184 -48.26 -15.87 -13.78
N VAL C 185 -47.83 -16.98 -13.15
CA VAL C 185 -46.52 -17.60 -13.35
C VAL C 185 -46.68 -19.12 -13.57
N SER C 186 -45.71 -19.74 -14.26
CA SER C 186 -45.67 -21.19 -14.50
C SER C 186 -44.38 -21.71 -13.86
N VAL C 187 -44.51 -22.60 -12.87
CA VAL C 187 -43.35 -23.11 -12.11
C VAL C 187 -42.71 -24.33 -12.76
N SER C 188 -43.50 -25.22 -13.39
CA SER C 188 -42.96 -26.45 -13.97
C SER C 188 -43.21 -26.63 -15.47
N GLY C 189 -43.43 -25.54 -16.22
CA GLY C 189 -43.63 -25.61 -17.67
C GLY C 189 -44.99 -26.20 -18.03
N ALA C 190 -45.12 -27.54 -17.91
CA ALA C 190 -46.40 -28.24 -18.10
C ALA C 190 -47.44 -27.89 -17.01
N ASP C 191 -47.06 -27.03 -16.01
CA ASP C 191 -47.94 -26.52 -14.95
C ASP C 191 -49.16 -25.84 -15.60
N GLY C 192 -48.91 -25.01 -16.62
CA GLY C 192 -49.95 -24.31 -17.35
C GLY C 192 -49.49 -22.96 -17.84
N PRO C 193 -50.00 -22.46 -18.99
CA PRO C 193 -49.56 -21.14 -19.47
C PRO C 193 -50.12 -19.99 -18.61
N SER C 194 -49.37 -18.90 -18.51
CA SER C 194 -49.75 -17.75 -17.68
C SER C 194 -50.73 -16.79 -18.35
N ALA C 195 -51.39 -15.95 -17.54
CA ALA C 195 -52.34 -14.96 -18.01
C ALA C 195 -51.60 -13.63 -18.19
N PRO C 196 -51.64 -12.98 -19.38
CA PRO C 196 -50.92 -11.69 -19.51
C PRO C 196 -51.42 -10.56 -18.63
N GLU C 197 -52.72 -10.58 -18.28
CA GLU C 197 -53.31 -9.56 -17.41
C GLU C 197 -52.73 -9.66 -16.00
N GLN C 198 -52.51 -10.90 -15.51
CA GLN C 198 -51.96 -11.13 -14.17
C GLN C 198 -50.44 -11.09 -14.14
N ALA C 199 -49.76 -11.41 -15.26
CA ALA C 199 -48.30 -11.33 -15.32
C ALA C 199 -47.84 -9.88 -15.26
N ALA C 200 -48.60 -8.96 -15.90
CA ALA C 200 -48.35 -7.51 -15.86
C ALA C 200 -48.26 -7.02 -14.40
N VAL C 201 -49.07 -7.61 -13.50
CA VAL C 201 -49.07 -7.29 -12.07
C VAL C 201 -47.72 -7.62 -11.43
N TRP C 202 -47.04 -8.69 -11.86
CA TRP C 202 -45.72 -9.05 -11.32
C TRP C 202 -44.68 -8.06 -11.80
N GLY C 203 -44.75 -7.67 -13.07
CA GLY C 203 -43.87 -6.64 -13.63
C GLY C 203 -44.00 -5.33 -12.89
N PHE C 204 -45.25 -4.96 -12.54
CA PHE C 204 -45.53 -3.78 -11.75
C PHE C 204 -44.97 -3.97 -10.33
N GLY C 205 -45.28 -5.11 -9.73
CA GLY C 205 -44.89 -5.48 -8.37
C GLY C 205 -43.41 -5.46 -8.07
N ARG C 206 -42.56 -5.91 -9.00
CA ARG C 206 -41.11 -5.88 -8.79
C ARG C 206 -40.63 -4.44 -8.72
N VAL C 207 -41.18 -3.55 -9.57
CA VAL C 207 -40.83 -2.14 -9.57
C VAL C 207 -41.34 -1.47 -8.29
N ALA C 208 -42.56 -1.82 -7.85
CA ALA C 208 -43.15 -1.32 -6.62
C ALA C 208 -42.30 -1.75 -5.40
N GLY C 209 -41.77 -2.97 -5.43
CA GLY C 209 -40.90 -3.50 -4.40
C GLY C 209 -39.63 -2.71 -4.18
N LEU C 210 -39.11 -2.10 -5.23
CA LEU C 210 -37.89 -1.30 -5.15
C LEU C 210 -38.21 0.18 -4.88
N GLU C 211 -39.35 0.68 -5.38
CA GLU C 211 -39.74 2.06 -5.15
C GLU C 211 -40.24 2.28 -3.71
N HIS C 212 -41.05 1.34 -3.19
CA HIS C 212 -41.61 1.40 -1.84
C HIS C 212 -41.32 0.06 -1.14
N PRO C 213 -40.08 -0.14 -0.67
CA PRO C 213 -39.73 -1.43 -0.08
C PRO C 213 -40.48 -1.82 1.19
N HIS C 214 -40.73 -0.85 2.10
CA HIS C 214 -41.47 -1.14 3.33
C HIS C 214 -42.92 -1.51 3.02
N LEU C 215 -43.62 -0.68 2.24
CA LEU C 215 -45.01 -0.90 1.88
C LEU C 215 -45.21 -2.25 1.17
N TRP C 216 -44.48 -2.48 0.09
CA TRP C 216 -44.63 -3.72 -0.67
C TRP C 216 -43.99 -4.93 0.03
N ALA C 217 -44.79 -5.97 0.35
CA ALA C 217 -44.30 -7.18 1.00
C ALA C 217 -43.89 -8.21 -0.05
N GLY C 218 -44.70 -8.36 -1.11
CA GLY C 218 -44.41 -9.29 -2.18
C GLY C 218 -45.61 -9.76 -2.95
N LEU C 219 -45.41 -10.82 -3.74
CA LEU C 219 -46.41 -11.47 -4.59
C LEU C 219 -46.47 -12.96 -4.28
N VAL C 220 -47.68 -13.54 -4.35
CA VAL C 220 -47.90 -14.97 -4.11
C VAL C 220 -48.90 -15.47 -5.16
N ASP C 221 -48.48 -16.41 -6.01
CA ASP C 221 -49.38 -16.97 -7.03
C ASP C 221 -50.14 -18.15 -6.44
N LEU C 222 -51.42 -18.29 -6.83
CA LEU C 222 -52.31 -19.34 -6.32
C LEU C 222 -52.75 -20.31 -7.43
N PRO C 223 -53.12 -21.56 -7.06
CA PRO C 223 -53.62 -22.50 -8.07
C PRO C 223 -55.04 -22.14 -8.57
N PRO C 224 -55.61 -22.88 -9.56
CA PRO C 224 -56.94 -22.50 -10.07
C PRO C 224 -58.09 -22.65 -9.06
N GLU C 225 -58.30 -23.85 -8.50
CA GLU C 225 -59.40 -24.11 -7.58
C GLU C 225 -59.07 -23.64 -6.16
N ALA C 226 -60.05 -23.01 -5.49
CA ALA C 226 -59.88 -22.54 -4.11
C ALA C 226 -59.86 -23.75 -3.15
N ASP C 227 -59.12 -23.65 -2.04
CA ASP C 227 -58.96 -24.75 -1.09
C ASP C 227 -58.68 -24.24 0.32
N GLU C 228 -59.02 -25.04 1.36
CA GLU C 228 -58.78 -24.68 2.75
C GLU C 228 -57.29 -24.83 3.09
N ARG C 229 -56.66 -25.93 2.65
CA ARG C 229 -55.24 -26.22 2.88
C ARG C 229 -54.35 -25.19 2.18
N THR C 230 -54.71 -24.78 0.95
CA THR C 230 -53.95 -23.77 0.22
C THR C 230 -54.07 -22.41 0.90
N ALA C 231 -55.28 -22.04 1.35
CA ALA C 231 -55.51 -20.78 2.07
C ALA C 231 -54.69 -20.73 3.36
N ALA C 232 -54.54 -21.88 4.05
CA ALA C 232 -53.73 -21.99 5.27
C ALA C 232 -52.24 -21.77 4.93
N ARG C 233 -51.75 -22.35 3.83
CA ARG C 233 -50.36 -22.14 3.40
C ARG C 233 -50.15 -20.70 2.92
N LEU C 234 -51.19 -20.03 2.39
CA LEU C 234 -51.11 -18.64 1.94
C LEU C 234 -50.81 -17.75 3.15
N VAL C 235 -51.61 -17.86 4.23
CA VAL C 235 -51.36 -17.06 5.44
C VAL C 235 -50.05 -17.46 6.14
N GLY C 236 -49.63 -18.72 5.97
CA GLY C 236 -48.37 -19.24 6.51
C GLY C 236 -47.14 -18.55 5.96
N VAL C 237 -47.16 -18.14 4.67
CA VAL C 237 -46.02 -17.44 4.08
C VAL C 237 -46.13 -15.91 4.28
N LEU C 238 -47.35 -15.35 4.40
CA LEU C 238 -47.51 -13.91 4.61
C LEU C 238 -47.08 -13.53 6.03
N ALA C 239 -47.62 -14.24 7.05
CA ALA C 239 -47.28 -13.98 8.45
C ALA C 239 -45.93 -14.59 8.85
N GLY C 240 -45.49 -15.65 8.18
CA GLY C 240 -44.26 -16.35 8.49
C GLY C 240 -42.98 -15.57 8.30
N ALA C 241 -41.90 -16.04 8.95
CA ALA C 241 -40.57 -15.41 8.90
C ALA C 241 -39.78 -15.79 7.63
N GLY C 242 -40.44 -15.72 6.48
CA GLY C 242 -39.83 -16.02 5.20
C GLY C 242 -39.49 -14.76 4.43
N GLY C 243 -38.23 -14.60 4.05
CA GLY C 243 -37.77 -13.44 3.30
C GLY C 243 -37.96 -13.58 1.80
N GLU C 244 -38.98 -14.34 1.37
CA GLU C 244 -39.27 -14.59 -0.03
C GLU C 244 -40.39 -13.64 -0.47
N ASP C 245 -40.12 -12.76 -1.45
CA ASP C 245 -41.12 -11.81 -1.96
C ASP C 245 -41.80 -12.25 -3.27
N GLN C 246 -41.43 -13.41 -3.83
CA GLN C 246 -42.02 -13.92 -5.06
C GLN C 246 -42.18 -15.41 -4.92
N VAL C 247 -43.37 -15.84 -4.46
CA VAL C 247 -43.67 -17.27 -4.23
C VAL C 247 -44.90 -17.68 -5.08
N ALA C 248 -45.05 -18.99 -5.28
CA ALA C 248 -46.16 -19.56 -6.02
C ALA C 248 -46.55 -20.88 -5.36
N LEU C 249 -47.83 -21.01 -5.01
CA LEU C 249 -48.35 -22.19 -4.34
C LEU C 249 -49.05 -23.09 -5.33
N ARG C 250 -48.81 -24.40 -5.21
CA ARG C 250 -49.42 -25.43 -6.06
C ARG C 250 -49.79 -26.63 -5.19
N SER C 251 -50.45 -27.65 -5.77
CA SER C 251 -50.79 -28.87 -5.04
C SER C 251 -49.51 -29.57 -4.53
N SER C 252 -48.44 -29.54 -5.37
CA SER C 252 -47.12 -30.12 -5.07
C SER C 252 -46.47 -29.54 -3.81
N GLY C 253 -46.54 -28.21 -3.64
CA GLY C 253 -45.95 -27.53 -2.49
C GLY C 253 -45.69 -26.06 -2.77
N VAL C 254 -44.67 -25.48 -2.10
CA VAL C 254 -44.31 -24.07 -2.26
C VAL C 254 -43.10 -23.93 -3.19
N PHE C 255 -43.09 -22.89 -4.04
CA PHE C 255 -42.00 -22.59 -4.97
C PHE C 255 -41.60 -21.13 -4.85
N VAL C 256 -40.33 -20.80 -5.13
CA VAL C 256 -39.83 -19.43 -5.09
C VAL C 256 -39.08 -19.08 -6.38
N ARG C 257 -39.24 -17.84 -6.85
CA ARG C 257 -38.63 -17.36 -8.08
C ARG C 257 -37.15 -17.13 -7.86
N ARG C 258 -36.32 -17.57 -8.82
CA ARG C 258 -34.86 -17.44 -8.74
C ARG C 258 -34.27 -17.22 -10.11
N LEU C 259 -33.34 -16.27 -10.26
CA LEU C 259 -32.61 -16.08 -11.51
C LEU C 259 -31.35 -16.94 -11.43
N VAL C 260 -30.97 -17.61 -12.52
CA VAL C 260 -29.77 -18.46 -12.54
C VAL C 260 -29.12 -18.43 -13.91
N ARG C 261 -27.78 -18.61 -13.96
CA ARG C 261 -27.07 -18.62 -15.23
C ARG C 261 -27.48 -19.84 -16.04
N ALA C 262 -27.75 -19.67 -17.34
CA ALA C 262 -28.11 -20.80 -18.19
C ALA C 262 -26.82 -21.52 -18.57
N PRO C 263 -26.68 -22.85 -18.34
CA PRO C 263 -25.42 -23.53 -18.70
C PRO C 263 -25.00 -23.31 -20.16
N ALA C 264 -23.70 -23.07 -20.39
CA ALA C 264 -23.16 -22.82 -21.73
C ALA C 264 -23.42 -23.97 -22.69
N SER C 265 -23.70 -23.65 -23.97
CA SER C 265 -23.98 -24.62 -25.02
C SER C 265 -22.83 -25.66 -25.17
N GLU C 266 -21.63 -25.22 -25.59
CA GLU C 266 -20.46 -26.08 -25.78
C GLU C 266 -20.68 -27.27 -26.74
N VAL C 267 -21.72 -27.19 -27.60
CA VAL C 267 -22.05 -28.26 -28.56
C VAL C 267 -22.65 -27.61 -29.83
N PRO C 268 -22.30 -28.06 -31.07
CA PRO C 268 -22.88 -27.41 -32.27
C PRO C 268 -24.40 -27.19 -32.26
N ALA C 269 -24.85 -25.97 -32.59
CA ALA C 269 -26.28 -25.66 -32.67
C ALA C 269 -26.73 -25.98 -34.10
N VAL C 270 -26.97 -27.28 -34.39
CA VAL C 270 -27.36 -27.75 -35.73
C VAL C 270 -28.84 -27.51 -36.04
N ARG C 271 -29.25 -26.23 -35.98
CA ARG C 271 -30.60 -25.78 -36.35
C ARG C 271 -30.46 -24.33 -36.80
N SER C 272 -29.54 -24.10 -37.77
CA SER C 272 -29.17 -22.79 -38.31
C SER C 272 -30.34 -21.87 -38.57
N TRP C 273 -30.17 -20.59 -38.23
CA TRP C 273 -31.17 -19.55 -38.43
C TRP C 273 -31.28 -19.29 -39.94
N LYS C 274 -32.21 -20.00 -40.61
CA LYS C 274 -32.41 -19.91 -42.05
C LYS C 274 -33.43 -18.81 -42.37
N PRO C 275 -32.98 -17.59 -42.76
CA PRO C 275 -33.94 -16.53 -43.08
C PRO C 275 -34.39 -16.58 -44.54
N GLY C 276 -35.48 -15.92 -44.82
CA GLY C 276 -36.05 -15.87 -46.15
C GLY C 276 -37.39 -15.15 -46.15
N GLY C 277 -38.20 -15.38 -47.19
CA GLY C 277 -39.53 -14.79 -47.34
C GLY C 277 -39.63 -13.32 -46.93
N THR C 278 -40.41 -13.03 -45.88
CA THR C 278 -40.56 -11.68 -45.35
C THR C 278 -40.50 -11.69 -43.82
N VAL C 279 -39.55 -10.94 -43.25
CA VAL C 279 -39.38 -10.81 -41.81
C VAL C 279 -40.00 -9.49 -41.35
N LEU C 280 -41.17 -9.55 -40.71
CA LEU C 280 -41.87 -8.35 -40.24
C LEU C 280 -41.14 -7.86 -38.98
N VAL C 281 -40.76 -6.57 -38.93
CA VAL C 281 -40.04 -5.99 -37.79
C VAL C 281 -40.71 -4.69 -37.36
N THR C 282 -41.43 -4.68 -36.22
CA THR C 282 -42.07 -3.46 -35.73
C THR C 282 -41.02 -2.57 -35.04
N GLY C 283 -41.22 -1.27 -35.13
CA GLY C 283 -40.28 -0.30 -34.59
C GLY C 283 -38.92 -0.38 -35.27
N GLY C 284 -38.92 -0.66 -36.58
CA GLY C 284 -37.71 -0.84 -37.38
C GLY C 284 -36.85 0.39 -37.53
N THR C 285 -37.45 1.58 -37.61
CA THR C 285 -36.70 2.83 -37.72
C THR C 285 -36.07 3.27 -36.36
N GLY C 286 -36.54 2.70 -35.24
CA GLY C 286 -36.03 3.03 -33.92
C GLY C 286 -34.66 2.46 -33.61
N GLY C 287 -34.20 2.67 -32.38
CA GLY C 287 -32.90 2.23 -31.90
C GLY C 287 -32.61 0.76 -32.04
N LEU C 288 -33.36 -0.08 -31.30
CA LEU C 288 -33.17 -1.54 -31.34
C LEU C 288 -33.65 -2.15 -32.66
N GLY C 289 -34.69 -1.58 -33.26
CA GLY C 289 -35.21 -2.05 -34.54
C GLY C 289 -34.21 -1.98 -35.66
N ARG C 290 -33.43 -0.88 -35.73
CA ARG C 290 -32.41 -0.72 -36.76
C ARG C 290 -31.29 -1.76 -36.61
N GLN C 291 -30.92 -2.11 -35.36
CA GLN C 291 -29.88 -3.10 -35.12
C GLN C 291 -30.34 -4.51 -35.54
N VAL C 292 -31.63 -4.83 -35.34
CA VAL C 292 -32.21 -6.10 -35.73
C VAL C 292 -32.26 -6.20 -37.27
N ALA C 293 -32.59 -5.09 -37.95
CA ALA C 293 -32.64 -5.05 -39.40
C ALA C 293 -31.24 -5.32 -40.00
N ARG C 294 -30.19 -4.74 -39.40
CA ARG C 294 -28.81 -4.95 -39.85
C ARG C 294 -28.44 -6.44 -39.73
N TRP C 295 -28.77 -7.06 -38.60
CA TRP C 295 -28.50 -8.48 -38.33
C TRP C 295 -29.19 -9.40 -39.34
N LEU C 296 -30.48 -9.14 -39.64
CA LEU C 296 -31.24 -9.96 -40.57
C LEU C 296 -30.72 -9.83 -42.01
N ALA C 297 -30.43 -8.61 -42.47
CA ALA C 297 -29.92 -8.40 -43.83
C ALA C 297 -28.52 -9.02 -44.00
N ARG C 298 -27.69 -9.01 -42.95
CA ARG C 298 -26.35 -9.63 -43.00
C ARG C 298 -26.44 -11.16 -43.01
N GLY C 299 -27.43 -11.71 -42.31
CA GLY C 299 -27.65 -13.16 -42.26
C GLY C 299 -28.17 -13.78 -43.55
N GLY C 300 -28.64 -12.96 -44.48
CA GLY C 300 -29.13 -13.40 -45.77
C GLY C 300 -30.64 -13.45 -45.90
N ALA C 301 -31.32 -12.38 -45.47
CA ALA C 301 -32.78 -12.30 -45.59
C ALA C 301 -33.19 -11.96 -47.02
N ASP C 302 -34.43 -12.31 -47.40
CA ASP C 302 -34.94 -12.02 -48.74
C ASP C 302 -35.64 -10.65 -48.77
N HIS C 303 -36.58 -10.41 -47.84
CA HIS C 303 -37.35 -9.17 -47.77
C HIS C 303 -37.59 -8.79 -46.31
N LEU C 304 -37.23 -7.55 -45.92
CA LEU C 304 -37.39 -7.07 -44.54
C LEU C 304 -38.48 -6.00 -44.51
N LEU C 305 -39.68 -6.35 -44.04
CA LEU C 305 -40.79 -5.40 -43.95
C LEU C 305 -40.73 -4.62 -42.64
N LEU C 306 -39.96 -3.52 -42.63
CA LEU C 306 -39.83 -2.68 -41.43
C LEU C 306 -41.13 -1.89 -41.25
N VAL C 307 -41.60 -1.76 -40.00
CA VAL C 307 -42.84 -1.03 -39.70
C VAL C 307 -42.57 -0.03 -38.56
N SER C 308 -43.31 1.09 -38.55
CA SER C 308 -43.18 2.14 -37.52
C SER C 308 -44.27 3.22 -37.71
N ARG C 309 -44.44 4.13 -36.74
CA ARG C 309 -45.43 5.20 -36.87
C ARG C 309 -45.01 6.29 -37.92
N ARG C 310 -43.72 6.31 -38.33
CA ARG C 310 -43.15 7.34 -39.21
C ARG C 310 -42.88 6.80 -40.62
N GLY C 311 -42.28 5.62 -40.72
CA GLY C 311 -41.97 5.02 -42.01
C GLY C 311 -40.77 5.65 -42.68
N VAL C 312 -40.93 6.13 -43.93
CA VAL C 312 -39.83 6.77 -44.66
C VAL C 312 -39.54 8.17 -44.08
N ASP C 313 -40.57 8.88 -43.58
CA ASP C 313 -40.37 10.21 -43.00
C ASP C 313 -39.86 10.14 -41.54
N ALA C 314 -38.90 9.23 -41.26
CA ALA C 314 -38.30 9.08 -39.93
C ALA C 314 -36.97 9.86 -39.86
N PRO C 315 -36.23 9.82 -38.73
CA PRO C 315 -34.98 10.58 -38.64
C PRO C 315 -33.87 10.11 -39.59
N GLY C 316 -33.58 8.81 -39.59
CA GLY C 316 -32.55 8.22 -40.44
C GLY C 316 -33.04 7.07 -41.28
N ALA C 317 -34.23 7.21 -41.89
CA ALA C 317 -34.80 6.15 -42.72
C ALA C 317 -34.04 6.05 -44.05
N ASP C 318 -33.78 7.19 -44.73
CA ASP C 318 -33.04 7.17 -45.99
C ASP C 318 -31.61 6.66 -45.78
N GLU C 319 -31.00 6.98 -44.63
CA GLU C 319 -29.65 6.51 -44.33
C GLU C 319 -29.66 5.00 -44.13
N LEU C 320 -30.64 4.47 -43.37
CA LEU C 320 -30.76 3.03 -43.11
C LEU C 320 -31.08 2.21 -44.37
N VAL C 321 -32.01 2.70 -45.22
CA VAL C 321 -32.38 1.99 -46.45
C VAL C 321 -31.18 1.91 -47.41
N ASP C 322 -30.38 2.98 -47.50
CA ASP C 322 -29.19 2.99 -48.36
C ASP C 322 -28.07 2.07 -47.84
N GLU C 323 -28.09 1.69 -46.54
CA GLU C 323 -27.10 0.76 -46.00
C GLU C 323 -27.64 -0.67 -46.23
N LEU C 324 -28.89 -0.94 -45.81
CA LEU C 324 -29.55 -2.25 -45.93
C LEU C 324 -29.57 -2.83 -47.35
N THR C 325 -29.75 -1.99 -48.37
CA THR C 325 -29.80 -2.45 -49.75
C THR C 325 -28.50 -3.15 -50.19
N ASP C 326 -27.34 -2.68 -49.69
CA ASP C 326 -26.05 -3.26 -50.04
C ASP C 326 -25.81 -4.67 -49.46
N LEU C 327 -26.57 -5.07 -48.42
CA LEU C 327 -26.39 -6.39 -47.79
C LEU C 327 -26.97 -7.55 -48.63
N GLY C 328 -28.05 -7.30 -49.37
CA GLY C 328 -28.67 -8.30 -50.23
C GLY C 328 -30.09 -8.66 -49.86
N ALA C 329 -30.96 -7.65 -49.68
CA ALA C 329 -32.36 -7.86 -49.33
C ALA C 329 -33.22 -6.66 -49.72
N ARG C 330 -34.47 -6.89 -50.12
CA ARG C 330 -35.37 -5.80 -50.50
C ARG C 330 -35.97 -5.22 -49.23
N VAL C 331 -36.04 -3.88 -49.13
CA VAL C 331 -36.58 -3.20 -47.96
C VAL C 331 -37.86 -2.46 -48.36
N THR C 332 -38.91 -2.58 -47.52
CA THR C 332 -40.20 -1.91 -47.74
C THR C 332 -40.67 -1.42 -46.38
N VAL C 333 -40.33 -0.18 -46.02
CA VAL C 333 -40.72 0.38 -44.72
C VAL C 333 -42.14 0.97 -44.82
N ALA C 334 -42.88 1.01 -43.71
CA ALA C 334 -44.26 1.51 -43.71
C ALA C 334 -44.60 2.35 -42.48
N ALA C 335 -45.49 3.34 -42.67
CA ALA C 335 -45.97 4.23 -41.61
C ALA C 335 -47.35 3.77 -41.17
N CYS C 336 -47.41 2.76 -40.29
CA CYS C 336 -48.66 2.22 -39.78
C CYS C 336 -48.54 1.94 -38.27
N ASP C 337 -49.58 2.29 -37.51
CA ASP C 337 -49.61 2.11 -36.06
C ASP C 337 -49.99 0.68 -35.74
N VAL C 338 -49.15 -0.04 -34.99
CA VAL C 338 -49.43 -1.44 -34.62
C VAL C 338 -50.59 -1.59 -33.62
N ALA C 339 -51.01 -0.51 -32.95
CA ALA C 339 -52.12 -0.56 -31.99
C ALA C 339 -53.47 -0.75 -32.67
N ASP C 340 -53.73 -0.05 -33.80
CA ASP C 340 -55.00 -0.14 -34.52
C ASP C 340 -55.10 -1.49 -35.25
N ARG C 341 -56.17 -2.27 -35.00
CA ARG C 341 -56.34 -3.57 -35.63
C ARG C 341 -56.61 -3.47 -37.14
N ASP C 342 -57.39 -2.46 -37.57
CA ASP C 342 -57.69 -2.28 -38.99
C ASP C 342 -56.45 -1.87 -39.80
N ALA C 343 -55.47 -1.20 -39.17
CA ALA C 343 -54.23 -0.80 -39.85
C ALA C 343 -53.32 -2.01 -40.08
N VAL C 344 -53.29 -2.97 -39.13
CA VAL C 344 -52.46 -4.18 -39.26
C VAL C 344 -53.09 -5.15 -40.29
N GLN C 345 -54.44 -5.23 -40.34
CA GLN C 345 -55.14 -6.10 -41.29
C GLN C 345 -54.78 -5.74 -42.75
N ARG C 346 -54.82 -4.43 -43.08
CA ARG C 346 -54.46 -3.95 -44.43
C ARG C 346 -52.93 -3.96 -44.69
N LEU C 347 -52.11 -3.96 -43.63
CA LEU C 347 -50.64 -4.00 -43.79
C LEU C 347 -50.17 -5.39 -44.23
N LEU C 348 -50.84 -6.46 -43.77
CA LEU C 348 -50.50 -7.84 -44.12
C LEU C 348 -51.10 -8.27 -45.48
N SER C 349 -51.27 -7.32 -46.43
CA SER C 349 -51.80 -7.63 -47.75
C SER C 349 -51.28 -6.61 -48.79
N GLU C 350 -51.35 -5.30 -48.47
CA GLU C 350 -50.88 -4.24 -49.37
C GLU C 350 -49.35 -4.20 -49.48
N GLN C 351 -48.62 -4.28 -48.34
CA GLN C 351 -47.16 -4.19 -48.32
C GLN C 351 -46.44 -5.54 -48.50
N VAL C 352 -46.92 -6.62 -47.86
CA VAL C 352 -46.27 -7.93 -48.00
C VAL C 352 -46.59 -8.56 -49.37
N PRO C 353 -45.58 -8.83 -50.22
CA PRO C 353 -45.89 -9.42 -51.53
C PRO C 353 -46.20 -10.92 -51.44
N SER C 354 -46.80 -11.47 -52.52
CA SER C 354 -47.17 -12.88 -52.56
C SER C 354 -45.96 -13.82 -52.75
N ASP C 355 -44.95 -13.38 -53.52
CA ASP C 355 -43.76 -14.21 -53.76
C ASP C 355 -42.95 -14.48 -52.48
N ALA C 356 -42.93 -13.53 -51.53
CA ALA C 356 -42.20 -13.67 -50.26
C ALA C 356 -43.18 -13.56 -49.07
N PRO C 357 -43.84 -14.66 -48.67
CA PRO C 357 -44.80 -14.57 -47.56
C PRO C 357 -44.16 -14.33 -46.19
N LEU C 358 -44.98 -13.93 -45.20
CA LEU C 358 -44.50 -13.66 -43.84
C LEU C 358 -44.00 -14.93 -43.17
N THR C 359 -42.69 -15.00 -42.88
CA THR C 359 -42.07 -16.17 -42.25
C THR C 359 -41.80 -15.94 -40.76
N ALA C 360 -41.33 -14.73 -40.38
CA ALA C 360 -41.03 -14.42 -38.99
C ALA C 360 -41.50 -13.02 -38.61
N VAL C 361 -41.74 -12.80 -37.30
CA VAL C 361 -42.18 -11.51 -36.76
C VAL C 361 -41.26 -11.16 -35.58
N ILE C 362 -40.75 -9.92 -35.55
CA ILE C 362 -39.87 -9.43 -34.49
C ILE C 362 -40.50 -8.16 -33.91
N HIS C 363 -41.20 -8.30 -32.78
CA HIS C 363 -41.86 -7.17 -32.16
C HIS C 363 -40.91 -6.37 -31.28
N THR C 364 -40.62 -5.11 -31.69
CA THR C 364 -39.73 -4.22 -30.94
C THR C 364 -40.35 -2.80 -30.78
N ALA C 365 -41.68 -2.66 -30.88
CA ALA C 365 -42.35 -1.36 -30.81
C ALA C 365 -42.70 -1.01 -29.36
N ALA C 366 -42.45 0.25 -28.95
CA ALA C 366 -42.75 0.73 -27.59
C ALA C 366 -42.81 2.26 -27.54
N VAL C 367 -43.69 2.81 -26.68
CA VAL C 367 -43.78 4.26 -26.49
C VAL C 367 -42.76 4.67 -25.42
N LEU C 368 -42.05 5.78 -25.63
CA LEU C 368 -40.99 6.25 -24.73
C LEU C 368 -41.48 6.90 -23.43
N ASP C 369 -42.48 6.30 -22.77
CA ASP C 369 -43.00 6.82 -21.52
C ASP C 369 -42.43 6.03 -20.34
N ASP C 370 -42.03 6.74 -19.29
CA ASP C 370 -41.46 6.16 -18.07
C ASP C 370 -41.70 7.13 -16.91
N GLY C 371 -42.03 6.60 -15.73
CA GLY C 371 -42.30 7.44 -14.58
C GLY C 371 -42.45 6.67 -13.29
N VAL C 372 -42.43 7.42 -12.18
CA VAL C 372 -42.57 6.88 -10.82
C VAL C 372 -44.04 6.40 -10.61
N ILE C 373 -44.27 5.44 -9.67
CA ILE C 373 -45.62 4.89 -9.42
C ILE C 373 -46.65 5.97 -9.08
N ASP C 374 -46.26 6.95 -8.24
CA ASP C 374 -47.15 8.04 -7.82
C ASP C 374 -47.74 8.82 -9.00
N SER C 375 -46.92 9.15 -10.01
CA SER C 375 -47.37 9.92 -11.18
C SER C 375 -48.13 9.11 -12.25
N LEU C 376 -48.24 7.79 -12.11
CA LEU C 376 -48.91 6.97 -13.13
C LEU C 376 -50.43 7.11 -13.09
N SER C 377 -51.07 6.93 -14.25
CA SER C 377 -52.52 7.00 -14.41
C SER C 377 -53.00 5.97 -15.46
N PRO C 378 -54.29 5.58 -15.47
CA PRO C 378 -54.76 4.62 -16.49
C PRO C 378 -54.64 5.11 -17.93
N GLU C 379 -54.78 6.41 -18.16
CA GLU C 379 -54.66 6.99 -19.50
C GLU C 379 -53.22 6.87 -19.99
N ARG C 380 -52.25 7.16 -19.10
CA ARG C 380 -50.82 7.08 -19.40
C ARG C 380 -50.40 5.63 -19.71
N MET C 381 -51.02 4.64 -19.03
CA MET C 381 -50.74 3.22 -19.26
C MET C 381 -51.34 2.71 -20.57
N GLU C 382 -52.44 3.31 -21.06
CA GLU C 382 -53.07 2.89 -22.31
C GLU C 382 -52.14 3.14 -23.49
N GLN C 383 -51.46 4.30 -23.50
CA GLN C 383 -50.56 4.68 -24.58
C GLN C 383 -49.43 3.63 -24.78
N VAL C 384 -48.82 3.17 -23.69
CA VAL C 384 -47.73 2.20 -23.75
C VAL C 384 -48.24 0.80 -24.12
N LEU C 385 -49.25 0.32 -23.40
CA LEU C 385 -49.82 -1.02 -23.64
C LEU C 385 -50.57 -1.12 -24.97
N ARG C 386 -50.90 0.01 -25.63
CA ARG C 386 -51.59 -0.01 -26.92
C ARG C 386 -50.68 -0.67 -27.96
N VAL C 387 -49.40 -0.26 -28.01
CA VAL C 387 -48.46 -0.79 -28.99
C VAL C 387 -47.71 -2.04 -28.48
N LYS C 388 -47.18 -2.00 -27.24
CA LYS C 388 -46.39 -3.09 -26.68
C LYS C 388 -47.16 -4.43 -26.61
N VAL C 389 -48.33 -4.44 -25.95
CA VAL C 389 -49.12 -5.66 -25.80
C VAL C 389 -50.15 -5.77 -26.93
N GLY C 390 -50.88 -4.68 -27.18
CA GLY C 390 -51.92 -4.65 -28.22
C GLY C 390 -51.43 -4.98 -29.61
N GLY C 391 -50.22 -4.54 -29.94
CA GLY C 391 -49.63 -4.82 -31.25
C GLY C 391 -49.25 -6.27 -31.39
N ALA C 392 -48.75 -6.89 -30.31
CA ALA C 392 -48.35 -8.28 -30.31
C ALA C 392 -49.53 -9.25 -30.50
N VAL C 393 -50.65 -9.01 -29.82
CA VAL C 393 -51.83 -9.87 -29.95
C VAL C 393 -52.49 -9.70 -31.33
N HIS C 394 -52.54 -8.47 -31.86
CA HIS C 394 -53.12 -8.23 -33.18
C HIS C 394 -52.30 -8.94 -34.26
N LEU C 395 -50.97 -8.88 -34.18
CA LEU C 395 -50.10 -9.54 -35.16
C LEU C 395 -50.21 -11.07 -35.05
N TYR C 396 -50.28 -11.60 -33.82
CA TYR C 396 -50.39 -13.03 -33.61
C TYR C 396 -51.70 -13.61 -34.15
N GLU C 397 -52.85 -12.99 -33.80
CA GLU C 397 -54.17 -13.45 -34.22
C GLU C 397 -54.38 -13.44 -35.73
N LEU C 398 -53.83 -12.46 -36.44
CA LEU C 398 -53.97 -12.37 -37.89
C LEU C 398 -53.02 -13.33 -38.63
N THR C 399 -51.82 -13.59 -38.07
CA THR C 399 -50.85 -14.49 -38.69
C THR C 399 -51.05 -15.96 -38.30
N ARG C 400 -52.25 -16.36 -37.82
CA ARG C 400 -52.49 -17.76 -37.46
C ARG C 400 -52.55 -18.64 -38.71
N GLU C 401 -53.07 -18.11 -39.83
CA GLU C 401 -53.15 -18.85 -41.10
C GLU C 401 -51.80 -18.83 -41.86
N SER C 402 -50.71 -19.16 -41.15
CA SER C 402 -49.36 -19.19 -41.75
C SER C 402 -48.36 -19.83 -40.78
N ASP C 403 -47.65 -20.88 -41.22
CA ASP C 403 -46.68 -21.59 -40.36
C ASP C 403 -45.41 -20.76 -40.19
N LEU C 404 -45.36 -19.94 -39.12
CA LEU C 404 -44.20 -19.09 -38.85
C LEU C 404 -43.01 -19.89 -38.33
N SER C 405 -41.80 -19.40 -38.64
CA SER C 405 -40.55 -20.00 -38.17
C SER C 405 -40.23 -19.49 -36.76
N ALA C 406 -40.48 -18.19 -36.51
CA ALA C 406 -40.23 -17.57 -35.21
C ALA C 406 -41.08 -16.32 -35.02
N PHE C 407 -41.45 -16.04 -33.76
CA PHE C 407 -42.21 -14.85 -33.39
C PHE C 407 -41.58 -14.36 -32.09
N VAL C 408 -40.47 -13.65 -32.21
CA VAL C 408 -39.75 -13.15 -31.05
C VAL C 408 -40.40 -11.87 -30.55
N LEU C 409 -40.55 -11.76 -29.22
CA LEU C 409 -41.11 -10.59 -28.56
C LEU C 409 -39.97 -9.99 -27.74
N PHE C 410 -39.74 -8.68 -27.87
CA PHE C 410 -38.67 -8.02 -27.13
C PHE C 410 -39.14 -7.57 -25.75
N SER C 411 -38.81 -8.35 -24.72
CA SER C 411 -39.11 -8.03 -23.33
C SER C 411 -37.93 -7.17 -22.76
N SER C 412 -37.78 -7.05 -21.42
CA SER C 412 -36.71 -6.25 -20.83
C SER C 412 -36.34 -6.73 -19.45
N PHE C 413 -35.14 -6.33 -19.01
CA PHE C 413 -34.61 -6.61 -17.66
C PHE C 413 -35.51 -6.03 -16.56
N GLY C 414 -36.27 -4.97 -16.86
CA GLY C 414 -37.23 -4.37 -15.95
C GLY C 414 -38.30 -5.37 -15.56
N SER C 415 -38.66 -6.29 -16.46
CA SER C 415 -39.61 -7.35 -16.13
C SER C 415 -38.90 -8.46 -15.33
N THR C 416 -37.76 -8.97 -15.84
CA THR C 416 -37.03 -10.07 -15.21
C THR C 416 -36.74 -9.86 -13.71
N PHE C 417 -36.18 -8.71 -13.32
CA PHE C 417 -35.88 -8.44 -11.91
C PHE C 417 -36.48 -7.11 -11.40
N GLY C 418 -36.67 -6.14 -12.29
CA GLY C 418 -37.24 -4.85 -11.92
C GLY C 418 -36.18 -3.81 -11.60
N LEU C 419 -36.52 -2.53 -11.84
CA LEU C 419 -35.64 -1.38 -11.57
C LEU C 419 -36.56 -0.18 -11.23
N PRO C 420 -36.27 0.69 -10.23
CA PRO C 420 -37.17 1.82 -9.96
C PRO C 420 -37.45 2.72 -11.17
N GLY C 421 -38.65 3.28 -11.21
CA GLY C 421 -39.07 4.17 -12.29
C GLY C 421 -39.59 3.49 -13.55
N LEU C 422 -39.72 2.15 -13.56
CA LEU C 422 -40.21 1.41 -14.73
C LEU C 422 -41.62 0.85 -14.49
N GLY C 423 -42.47 1.62 -13.82
CA GLY C 423 -43.83 1.20 -13.53
C GLY C 423 -44.74 1.14 -14.73
N ASN C 424 -44.49 2.00 -15.74
CA ASN C 424 -45.28 2.03 -16.99
C ASN C 424 -44.37 1.51 -18.11
N TYR C 425 -43.71 0.37 -17.87
CA TYR C 425 -42.77 -0.21 -18.81
C TYR C 425 -42.63 -1.73 -18.57
N ALA C 426 -42.32 -2.13 -17.32
CA ALA C 426 -42.15 -3.53 -16.94
C ALA C 426 -43.44 -4.38 -17.03
N PRO C 427 -44.65 -3.86 -16.73
CA PRO C 427 -45.85 -4.69 -16.84
C PRO C 427 -46.11 -5.19 -18.25
N GLY C 428 -45.91 -4.32 -19.25
CA GLY C 428 -46.07 -4.69 -20.66
C GLY C 428 -45.08 -5.76 -21.09
N ASN C 429 -43.84 -5.67 -20.59
CA ASN C 429 -42.80 -6.65 -20.89
C ASN C 429 -43.11 -7.99 -20.22
N ALA C 430 -43.63 -7.97 -18.99
CA ALA C 430 -44.04 -9.18 -18.28
C ALA C 430 -45.24 -9.83 -18.98
N ALA C 431 -46.15 -9.02 -19.57
CA ALA C 431 -47.29 -9.53 -20.32
C ALA C 431 -46.82 -10.25 -21.58
N LEU C 432 -45.75 -9.75 -22.24
CA LEU C 432 -45.20 -10.40 -23.43
C LEU C 432 -44.67 -11.79 -23.07
N GLU C 433 -43.99 -11.91 -21.91
CA GLU C 433 -43.46 -13.20 -21.44
C GLU C 433 -44.59 -14.22 -21.27
N ALA C 434 -45.73 -13.77 -20.70
CA ALA C 434 -46.91 -14.62 -20.52
C ALA C 434 -47.55 -15.01 -21.85
N LEU C 435 -47.61 -14.07 -22.82
CA LEU C 435 -48.17 -14.33 -24.14
C LEU C 435 -47.33 -15.37 -24.85
N ALA C 436 -45.99 -15.29 -24.74
CA ALA C 436 -45.08 -16.23 -25.39
C ALA C 436 -45.35 -17.68 -24.93
N GLU C 437 -45.47 -17.91 -23.60
CA GLU C 437 -45.73 -19.26 -23.10
C GLU C 437 -47.16 -19.73 -23.37
N GLN C 438 -48.10 -18.80 -23.57
CA GLN C 438 -49.48 -19.13 -23.93
C GLN C 438 -49.53 -19.54 -25.42
N TRP C 439 -48.71 -18.90 -26.27
CA TRP C 439 -48.63 -19.19 -27.70
C TRP C 439 -47.82 -20.47 -27.96
N ARG C 440 -46.79 -20.77 -27.13
CA ARG C 440 -46.04 -22.02 -27.26
C ARG C 440 -46.95 -23.21 -26.91
N ALA C 441 -47.86 -23.04 -25.92
CA ALA C 441 -48.84 -24.07 -25.55
C ALA C 441 -49.79 -24.37 -26.71
N GLU C 442 -50.10 -23.37 -27.54
CA GLU C 442 -50.92 -23.55 -28.74
C GLU C 442 -50.15 -24.21 -29.92
N GLY C 443 -48.93 -24.69 -29.69
CA GLY C 443 -48.10 -25.31 -30.71
C GLY C 443 -47.49 -24.33 -31.69
N ARG C 444 -47.38 -23.04 -31.31
CA ARG C 444 -46.80 -22.00 -32.16
C ARG C 444 -45.42 -21.57 -31.65
N PRO C 445 -44.51 -21.13 -32.55
CA PRO C 445 -43.18 -20.70 -32.08
C PRO C 445 -43.18 -19.29 -31.51
N ALA C 446 -42.65 -19.13 -30.28
CA ALA C 446 -42.58 -17.82 -29.64
C ALA C 446 -41.41 -17.79 -28.66
N THR C 447 -40.77 -16.62 -28.52
CA THR C 447 -39.63 -16.45 -27.63
C THR C 447 -39.69 -15.07 -27.01
N ALA C 448 -39.69 -14.99 -25.68
CA ALA C 448 -39.71 -13.70 -24.97
C ALA C 448 -38.31 -13.44 -24.42
N VAL C 449 -37.55 -12.55 -25.07
CA VAL C 449 -36.18 -12.25 -24.67
C VAL C 449 -36.13 -11.11 -23.67
N GLY C 450 -35.68 -11.40 -22.46
CA GLY C 450 -35.49 -10.37 -21.43
C GLY C 450 -34.21 -9.61 -21.72
N TRP C 451 -34.32 -8.59 -22.57
CA TRP C 451 -33.16 -7.79 -23.00
C TRP C 451 -32.65 -6.78 -22.00
N GLY C 452 -31.33 -6.59 -21.99
CA GLY C 452 -30.68 -5.54 -21.22
C GLY C 452 -30.61 -4.27 -22.05
N THR C 453 -29.82 -3.29 -21.59
CA THR C 453 -29.65 -2.03 -22.35
C THR C 453 -28.78 -2.33 -23.58
N TRP C 454 -29.04 -1.65 -24.72
CA TRP C 454 -28.31 -1.90 -25.98
C TRP C 454 -27.20 -0.83 -26.27
N ALA C 455 -27.48 0.26 -27.03
CA ALA C 455 -26.45 1.25 -27.37
C ALA C 455 -27.09 2.52 -27.94
N THR C 470 -28.39 3.99 -15.65
CA THR C 470 -28.53 2.72 -14.94
C THR C 470 -27.14 2.19 -14.57
N HIS C 471 -26.94 1.88 -13.28
CA HIS C 471 -25.66 1.37 -12.75
C HIS C 471 -25.68 -0.15 -12.65
N GLY C 472 -24.50 -0.75 -12.81
CA GLY C 472 -24.36 -2.19 -12.76
C GLY C 472 -24.62 -2.86 -14.09
N ILE C 473 -25.70 -2.46 -14.77
CA ILE C 473 -26.08 -3.01 -16.06
C ILE C 473 -25.30 -2.33 -17.19
N HIS C 474 -24.29 -3.02 -17.74
CA HIS C 474 -23.50 -2.51 -18.85
C HIS C 474 -24.29 -2.60 -20.16
N GLU C 475 -24.04 -1.67 -21.08
CA GLU C 475 -24.71 -1.64 -22.38
C GLU C 475 -24.17 -2.75 -23.28
N LEU C 476 -25.07 -3.53 -23.89
CA LEU C 476 -24.70 -4.63 -24.79
C LEU C 476 -24.29 -4.07 -26.14
N GLU C 477 -23.21 -4.59 -26.74
CA GLU C 477 -22.82 -4.16 -28.07
C GLU C 477 -23.83 -4.83 -29.04
N PRO C 478 -24.52 -4.07 -29.91
CA PRO C 478 -25.54 -4.71 -30.78
C PRO C 478 -25.12 -5.98 -31.51
N ALA C 479 -23.86 -6.07 -31.95
CA ALA C 479 -23.36 -7.25 -32.65
C ALA C 479 -23.40 -8.50 -31.75
N LEU C 480 -22.98 -8.37 -30.47
CA LEU C 480 -22.99 -9.49 -29.53
C LEU C 480 -24.43 -9.84 -29.10
N ALA C 481 -25.33 -8.83 -29.01
CA ALA C 481 -26.72 -9.05 -28.62
C ALA C 481 -27.50 -9.80 -29.70
N THR C 482 -27.38 -9.40 -30.98
CA THR C 482 -28.06 -10.11 -32.07
C THR C 482 -27.50 -11.54 -32.26
N ALA C 483 -26.23 -11.78 -31.88
CA ALA C 483 -25.63 -13.11 -31.94
C ALA C 483 -26.26 -14.00 -30.86
N ALA C 484 -26.50 -13.45 -29.66
CA ALA C 484 -27.15 -14.18 -28.56
C ALA C 484 -28.59 -14.52 -28.93
N LEU C 485 -29.30 -13.59 -29.59
CA LEU C 485 -30.67 -13.81 -30.05
C LEU C 485 -30.69 -14.93 -31.08
N GLU C 486 -29.75 -14.89 -32.03
CA GLU C 486 -29.65 -15.89 -33.10
C GLU C 486 -29.41 -17.28 -32.51
N GLN C 487 -28.47 -17.42 -31.55
CA GLN C 487 -28.20 -18.70 -30.92
C GLN C 487 -29.39 -19.20 -30.09
N ALA C 488 -30.15 -18.27 -29.49
CA ALA C 488 -31.37 -18.63 -28.74
C ALA C 488 -32.45 -19.12 -29.71
N LEU C 489 -32.57 -18.50 -30.90
CA LEU C 489 -33.55 -18.93 -31.90
C LEU C 489 -33.16 -20.30 -32.46
N GLU C 490 -31.85 -20.53 -32.71
CA GLU C 490 -31.33 -21.82 -33.20
C GLU C 490 -31.69 -22.94 -32.19
N ARG C 491 -31.58 -22.64 -30.89
CA ARG C 491 -32.03 -23.53 -29.82
C ARG C 491 -33.53 -23.24 -29.62
N ASP C 492 -34.28 -24.17 -29.02
CA ASP C 492 -35.69 -23.93 -28.73
C ASP C 492 -35.72 -23.24 -27.35
N GLU C 493 -35.04 -22.09 -27.25
CA GLU C 493 -34.89 -21.32 -26.01
C GLU C 493 -36.20 -20.57 -25.77
N SER C 494 -36.94 -21.00 -24.74
CA SER C 494 -38.25 -20.43 -24.41
C SER C 494 -38.21 -18.94 -23.98
N SER C 495 -37.63 -18.63 -22.80
CA SER C 495 -37.61 -17.26 -22.29
C SER C 495 -36.18 -16.88 -21.83
N PRO C 496 -35.26 -16.67 -22.79
CA PRO C 496 -33.88 -16.33 -22.40
C PRO C 496 -33.71 -14.89 -21.94
N VAL C 497 -32.85 -14.71 -20.95
CA VAL C 497 -32.51 -13.41 -20.37
C VAL C 497 -31.08 -13.13 -20.85
N ILE C 498 -30.90 -12.12 -21.72
CA ILE C 498 -29.58 -11.78 -22.26
C ILE C 498 -29.19 -10.39 -21.76
N ILE C 499 -28.24 -10.31 -20.82
CA ILE C 499 -27.83 -9.03 -20.23
C ILE C 499 -26.41 -9.09 -19.66
N ASP C 500 -25.67 -7.96 -19.74
CA ASP C 500 -24.33 -7.84 -19.20
C ASP C 500 -24.43 -7.18 -17.83
N ILE C 501 -24.37 -7.99 -16.75
CA ILE C 501 -24.48 -7.50 -15.38
C ILE C 501 -23.13 -7.48 -14.69
N ASP C 502 -22.83 -6.39 -13.97
CA ASP C 502 -21.64 -6.28 -13.13
C ASP C 502 -22.18 -6.68 -11.77
N TRP C 503 -22.34 -7.99 -11.55
CA TRP C 503 -22.92 -8.57 -10.34
C TRP C 503 -22.38 -8.03 -9.02
N GLU C 504 -21.13 -7.59 -8.99
CA GLU C 504 -20.53 -7.09 -7.77
C GLU C 504 -21.24 -5.82 -7.25
N ARG C 505 -21.33 -4.78 -8.09
CA ARG C 505 -22.00 -3.54 -7.70
C ARG C 505 -23.53 -3.64 -7.81
N PHE C 506 -24.04 -4.41 -8.78
CA PHE C 506 -25.48 -4.55 -8.97
C PHE C 506 -26.18 -5.24 -7.80
N ALA C 507 -25.67 -6.40 -7.35
CA ALA C 507 -26.28 -7.15 -6.26
C ALA C 507 -26.25 -6.39 -4.94
N VAL C 508 -25.24 -5.53 -4.72
CA VAL C 508 -25.16 -4.74 -3.49
C VAL C 508 -26.17 -3.59 -3.56
N ALA C 509 -26.23 -2.87 -4.70
CA ALA C 509 -27.17 -1.74 -4.86
C ALA C 509 -28.63 -2.19 -4.82
N PHE C 510 -28.93 -3.39 -5.38
CA PHE C 510 -30.28 -3.95 -5.38
C PHE C 510 -30.70 -4.31 -3.94
N HIS C 511 -29.76 -4.86 -3.16
CA HIS C 511 -29.97 -5.24 -1.75
C HIS C 511 -30.09 -3.98 -0.87
N ALA C 512 -29.39 -2.89 -1.22
CA ALA C 512 -29.48 -1.63 -0.47
C ALA C 512 -30.89 -1.05 -0.59
N LYS C 513 -31.49 -1.13 -1.79
CA LYS C 513 -32.85 -0.64 -2.01
C LYS C 513 -33.85 -1.60 -1.35
N ARG C 514 -33.73 -2.92 -1.64
CA ARG C 514 -34.61 -3.96 -1.09
C ARG C 514 -33.82 -5.26 -0.87
N PRO C 515 -33.71 -5.81 0.37
CA PRO C 515 -33.00 -7.08 0.53
C PRO C 515 -33.83 -8.24 0.00
N THR C 516 -33.31 -8.97 -1.00
CA THR C 516 -34.04 -10.07 -1.63
C THR C 516 -33.20 -11.36 -1.74
N ARG C 517 -33.90 -12.50 -1.86
CA ARG C 517 -33.29 -13.83 -2.03
C ARG C 517 -33.32 -14.31 -3.50
N GLY C 518 -33.78 -13.48 -4.45
CA GLY C 518 -33.88 -13.85 -5.85
C GLY C 518 -32.59 -14.20 -6.56
N PHE C 519 -31.50 -13.49 -6.23
CA PHE C 519 -30.19 -13.74 -6.85
C PHE C 519 -29.33 -14.65 -5.96
N GLU C 520 -29.93 -15.71 -5.41
CA GLU C 520 -29.26 -16.65 -4.52
C GLU C 520 -28.46 -17.71 -5.28
N LEU C 521 -29.03 -18.26 -6.36
CA LEU C 521 -28.37 -19.31 -7.17
C LEU C 521 -27.26 -18.79 -8.10
N VAL C 522 -27.12 -17.46 -8.29
CA VAL C 522 -26.03 -16.92 -9.10
C VAL C 522 -24.81 -16.85 -8.16
N PRO C 523 -23.70 -17.60 -8.39
CA PRO C 523 -22.58 -17.52 -7.44
C PRO C 523 -21.98 -16.12 -7.27
N GLU C 524 -21.88 -15.35 -8.37
CA GLU C 524 -21.32 -13.99 -8.36
C GLU C 524 -22.13 -13.05 -7.46
N ALA C 525 -23.47 -13.10 -7.54
CA ALA C 525 -24.34 -12.25 -6.74
C ALA C 525 -24.35 -12.69 -5.28
N GLN C 526 -24.40 -14.01 -5.03
CA GLN C 526 -24.36 -14.58 -3.68
C GLN C 526 -23.08 -14.16 -2.97
N ALA C 527 -21.94 -14.23 -3.69
CA ALA C 527 -20.66 -13.84 -3.11
C ALA C 527 -20.63 -12.33 -2.82
N ALA C 528 -21.02 -11.47 -3.78
CA ALA C 528 -20.99 -10.01 -3.63
C ALA C 528 -21.47 -9.50 -2.25
N LEU C 529 -22.59 -10.02 -1.74
CA LEU C 529 -23.16 -9.60 -0.44
C LEU C 529 -22.42 -10.12 0.79
N GLU C 530 -21.76 -11.27 0.71
CA GLU C 530 -21.09 -11.87 1.87
C GLU C 530 -19.94 -10.98 2.35
N THR D 1 -11.95 -25.42 -23.11
CA THR D 1 -13.30 -25.39 -23.67
C THR D 1 -13.48 -26.48 -24.74
N SER D 2 -14.72 -26.98 -24.91
CA SER D 2 -15.02 -28.04 -25.87
C SER D 2 -14.78 -27.63 -27.34
N ALA D 3 -14.85 -26.32 -27.67
CA ALA D 3 -14.58 -25.87 -29.03
C ALA D 3 -13.08 -26.01 -29.35
N GLU D 4 -12.23 -25.66 -28.37
CA GLU D 4 -10.78 -25.79 -28.46
C GLU D 4 -10.40 -27.28 -28.51
N ALA D 5 -11.12 -28.14 -27.76
CA ALA D 5 -10.90 -29.59 -27.78
C ALA D 5 -11.30 -30.17 -29.13
N ARG D 6 -12.44 -29.76 -29.70
CA ARG D 6 -12.88 -30.23 -31.01
C ARG D 6 -11.91 -29.81 -32.12
N PHE D 7 -11.22 -28.66 -31.95
CA PHE D 7 -10.21 -28.21 -32.90
C PHE D 7 -9.04 -29.19 -32.86
N TRP D 8 -8.53 -29.53 -31.65
CA TRP D 8 -7.43 -30.46 -31.52
C TRP D 8 -7.79 -31.87 -31.96
N ASP D 9 -9.06 -32.29 -31.83
CA ASP D 9 -9.49 -33.61 -32.29
C ASP D 9 -9.31 -33.71 -33.82
N ALA D 10 -9.68 -32.67 -34.57
CA ALA D 10 -9.52 -32.64 -36.02
C ALA D 10 -8.05 -32.55 -36.44
N VAL D 11 -7.23 -31.84 -35.64
CA VAL D 11 -5.80 -31.70 -35.92
C VAL D 11 -5.09 -33.05 -35.74
N GLU D 12 -5.35 -33.73 -34.60
CA GLU D 12 -4.72 -35.01 -34.29
C GLU D 12 -5.17 -36.12 -35.25
N ASP D 13 -6.47 -36.18 -35.59
CA ASP D 13 -6.98 -37.16 -36.56
C ASP D 13 -6.56 -36.83 -38.01
N GLU D 14 -6.04 -35.59 -38.26
CA GLU D 14 -5.58 -35.12 -39.57
C GLU D 14 -6.74 -35.01 -40.58
N ASP D 15 -7.94 -34.65 -40.09
CA ASP D 15 -9.11 -34.46 -40.94
C ASP D 15 -9.08 -33.03 -41.47
N LEU D 16 -8.82 -32.86 -42.78
CA LEU D 16 -8.74 -31.55 -43.41
C LEU D 16 -10.14 -30.96 -43.62
N GLU D 17 -11.09 -31.77 -44.12
CA GLU D 17 -12.46 -31.33 -44.39
C GLU D 17 -13.15 -30.74 -43.15
N ALA D 18 -12.95 -31.36 -41.98
CA ALA D 18 -13.54 -30.89 -40.73
C ALA D 18 -12.87 -29.61 -40.22
N LEU D 19 -11.53 -29.53 -40.34
CA LEU D 19 -10.77 -28.39 -39.83
C LEU D 19 -10.97 -27.09 -40.60
N VAL D 20 -11.09 -27.14 -41.93
CA VAL D 20 -11.27 -25.92 -42.71
C VAL D 20 -12.61 -25.25 -42.35
N ALA D 21 -13.67 -26.04 -42.17
CA ALA D 21 -14.98 -25.52 -41.80
C ALA D 21 -14.97 -24.94 -40.38
N ALA D 22 -14.36 -25.64 -39.42
CA ALA D 22 -14.28 -25.18 -38.04
C ALA D 22 -13.29 -24.03 -37.90
N ALA D 30 -6.20 -26.38 -50.17
CA ALA D 30 -6.11 -25.33 -49.16
C ALA D 30 -4.70 -25.25 -48.54
N SER D 31 -4.37 -24.11 -47.92
CA SER D 31 -3.07 -23.90 -47.27
C SER D 31 -2.87 -24.76 -45.99
N TRP D 32 -3.94 -25.38 -45.47
CA TRP D 32 -3.83 -26.25 -44.30
C TRP D 32 -3.13 -27.58 -44.63
N ALA D 33 -3.18 -28.04 -45.91
CA ALA D 33 -2.59 -29.31 -46.33
C ALA D 33 -1.13 -29.53 -45.89
N GLY D 34 -0.27 -28.53 -46.06
CA GLY D 34 1.13 -28.62 -45.69
C GLY D 34 1.43 -28.31 -44.23
N VAL D 35 0.52 -27.58 -43.57
CA VAL D 35 0.62 -27.16 -42.17
C VAL D 35 0.18 -28.26 -41.21
N LEU D 36 -0.96 -28.90 -41.51
CA LEU D 36 -1.62 -29.87 -40.64
C LEU D 36 -0.71 -31.03 -40.13
N PRO D 37 0.10 -31.74 -40.96
CA PRO D 37 0.94 -32.81 -40.39
C PRO D 37 2.06 -32.30 -39.49
N ALA D 38 2.51 -31.06 -39.68
CA ALA D 38 3.52 -30.44 -38.83
C ALA D 38 2.92 -30.05 -37.47
N LEU D 39 1.65 -29.58 -37.49
CA LEU D 39 0.92 -29.19 -36.27
C LEU D 39 0.51 -30.45 -35.49
N ALA D 40 0.04 -31.51 -36.19
CA ALA D 40 -0.34 -32.78 -35.58
C ALA D 40 0.85 -33.49 -34.95
N GLY D 41 2.04 -33.34 -35.57
CA GLY D 41 3.26 -33.93 -35.06
C GLY D 41 3.72 -33.23 -33.80
N TRP D 42 3.60 -31.89 -33.77
CA TRP D 42 3.94 -31.10 -32.57
C TRP D 42 3.00 -31.47 -31.44
N ARG D 43 1.69 -31.60 -31.73
CA ARG D 43 0.71 -31.97 -30.72
C ARG D 43 0.94 -33.40 -30.22
N ARG D 44 1.40 -34.31 -31.10
CA ARG D 44 1.71 -35.70 -30.74
C ARG D 44 2.94 -35.74 -29.81
N ARG D 45 3.99 -34.96 -30.13
CA ARG D 45 5.19 -34.86 -29.31
C ARG D 45 4.88 -34.28 -27.92
N GLN D 46 3.95 -33.33 -27.83
CA GLN D 46 3.57 -32.73 -26.55
C GLN D 46 2.81 -33.73 -25.66
N ARG D 47 1.99 -34.62 -26.25
CA ARG D 47 1.31 -35.66 -25.46
C ARG D 47 2.32 -36.67 -24.92
N GLU D 48 3.32 -37.04 -25.75
CA GLU D 48 4.38 -37.97 -25.37
C GLU D 48 5.21 -37.35 -24.25
N GLN D 49 5.57 -36.05 -24.37
CA GLN D 49 6.35 -35.36 -23.34
C GLN D 49 5.52 -35.28 -22.04
N SER D 50 4.24 -34.95 -22.14
CA SER D 50 3.35 -34.87 -20.99
C SER D 50 3.24 -36.22 -20.25
N ALA D 51 3.30 -37.35 -20.98
CA ALA D 51 3.23 -38.68 -20.38
C ALA D 51 4.46 -38.98 -19.51
N LEU D 52 5.66 -38.58 -19.98
CA LEU D 52 6.90 -38.79 -19.23
C LEU D 52 6.97 -37.86 -18.03
N ASP D 53 6.56 -36.59 -18.21
CA ASP D 53 6.60 -35.58 -17.17
C ASP D 53 5.72 -35.89 -15.98
N ASP D 54 4.57 -36.56 -16.20
CA ASP D 54 3.68 -36.93 -15.08
C ASP D 54 4.35 -37.90 -14.10
N LEU D 55 5.31 -38.70 -14.58
CA LEU D 55 6.05 -39.63 -13.74
C LEU D 55 7.17 -38.95 -12.94
N ARG D 56 7.57 -37.73 -13.30
CA ARG D 56 8.73 -37.06 -12.71
C ARG D 56 8.45 -36.13 -11.51
N TYR D 57 9.19 -36.37 -10.42
CA TYR D 57 9.17 -35.58 -9.20
C TYR D 57 10.61 -35.39 -8.68
N LYS D 58 10.77 -34.63 -7.62
CA LYS D 58 12.05 -34.46 -6.95
C LYS D 58 11.83 -34.07 -5.51
N VAL D 59 12.73 -34.49 -4.62
CA VAL D 59 12.67 -34.11 -3.23
C VAL D 59 13.25 -32.69 -3.13
N THR D 60 12.60 -31.85 -2.35
CA THR D 60 13.01 -30.46 -2.17
C THR D 60 12.83 -30.06 -0.71
N TRP D 61 13.44 -28.95 -0.31
CA TRP D 61 13.36 -28.46 1.06
C TRP D 61 12.63 -27.14 1.06
N LYS D 62 11.50 -27.08 1.76
CA LYS D 62 10.68 -25.87 1.79
C LYS D 62 11.10 -24.98 2.95
N PRO D 63 11.57 -23.75 2.71
CA PRO D 63 11.90 -22.88 3.85
C PRO D 63 10.61 -22.49 4.54
N THR D 64 10.55 -22.66 5.85
CA THR D 64 9.34 -22.37 6.61
C THR D 64 9.60 -21.32 7.68
N ALA D 65 8.55 -20.59 8.04
CA ALA D 65 8.65 -19.57 9.06
C ALA D 65 8.98 -20.19 10.41
N VAL D 66 9.83 -19.49 11.18
CA VAL D 66 10.27 -19.92 12.50
C VAL D 66 9.13 -19.63 13.48
N ALA D 67 8.56 -20.67 14.11
CA ALA D 67 7.47 -20.50 15.04
C ALA D 67 7.98 -20.27 16.48
N ASP D 68 7.15 -19.63 17.32
CA ASP D 68 7.49 -19.32 18.70
C ASP D 68 7.09 -20.52 19.59
N GLY D 69 7.76 -21.65 19.32
CA GLY D 69 7.55 -22.96 19.94
C GLY D 69 7.09 -23.01 21.39
N ALA D 70 6.33 -24.07 21.72
CA ALA D 70 5.79 -24.29 23.08
C ALA D 70 6.86 -24.82 24.03
N SER D 71 6.61 -24.74 25.36
CA SER D 71 7.55 -25.21 26.38
C SER D 71 7.71 -26.74 26.36
N ALA D 72 8.86 -27.24 26.85
CA ALA D 72 9.16 -28.66 26.92
C ALA D 72 8.24 -29.34 27.93
N THR D 73 7.10 -29.86 27.44
CA THR D 73 6.09 -30.47 28.30
C THR D 73 6.51 -31.85 28.82
N GLY D 74 6.94 -31.91 30.09
CA GLY D 74 7.33 -33.14 30.77
C GLY D 74 8.83 -33.38 30.85
N THR D 75 9.20 -34.58 31.35
CA THR D 75 10.60 -35.01 31.48
C THR D 75 11.05 -35.62 30.16
N TRP D 76 12.23 -35.22 29.66
CA TRP D 76 12.74 -35.66 28.36
C TRP D 76 14.04 -36.47 28.51
N LEU D 77 14.06 -37.69 27.96
CA LEU D 77 15.24 -38.56 28.03
C LEU D 77 16.12 -38.28 26.81
N VAL D 78 17.30 -37.66 27.00
CA VAL D 78 18.21 -37.38 25.88
C VAL D 78 19.30 -38.46 25.79
N VAL D 79 19.13 -39.44 24.88
CA VAL D 79 20.07 -40.54 24.71
C VAL D 79 21.28 -40.05 23.91
N VAL D 80 22.43 -39.89 24.58
CA VAL D 80 23.68 -39.35 24.03
C VAL D 80 24.74 -40.45 23.90
N PRO D 81 25.54 -40.52 22.80
CA PRO D 81 26.62 -41.53 22.75
C PRO D 81 27.82 -41.13 23.61
N GLU D 82 28.59 -42.14 24.07
CA GLU D 82 29.76 -41.92 24.92
C GLU D 82 30.90 -41.27 24.14
N SER D 83 31.16 -41.75 22.91
CA SER D 83 32.22 -41.24 22.03
C SER D 83 32.31 -39.70 21.98
N LEU D 84 31.17 -39.02 21.82
CA LEU D 84 31.14 -37.56 21.79
C LEU D 84 31.29 -36.99 23.20
N ALA D 85 30.55 -37.56 24.20
CA ALA D 85 30.56 -37.11 25.60
C ALA D 85 30.03 -35.63 25.70
N GLY D 86 29.88 -35.09 26.92
CA GLY D 86 29.45 -33.71 27.09
C GLY D 86 30.49 -32.75 26.54
N GLY D 87 30.27 -32.27 25.32
CA GLY D 87 31.18 -31.36 24.65
C GLY D 87 30.54 -30.36 23.71
N GLY D 88 29.95 -30.84 22.62
CA GLY D 88 29.32 -30.00 21.59
C GLY D 88 27.81 -29.95 21.62
N TRP D 89 27.16 -30.81 20.83
CA TRP D 89 25.70 -30.86 20.76
C TRP D 89 25.03 -31.32 22.07
N PRO D 90 25.54 -32.35 22.78
CA PRO D 90 24.87 -32.79 24.02
C PRO D 90 24.74 -31.72 25.11
N VAL D 91 25.74 -30.83 25.26
CA VAL D 91 25.71 -29.78 26.28
C VAL D 91 24.64 -28.74 25.97
N VAL D 92 24.54 -28.28 24.70
CA VAL D 92 23.56 -27.25 24.34
C VAL D 92 22.12 -27.80 24.32
N VAL D 93 21.89 -29.04 23.83
CA VAL D 93 20.52 -29.57 23.78
C VAL D 93 19.95 -29.78 25.18
N ALA D 94 20.75 -30.28 26.14
CA ALA D 94 20.31 -30.46 27.52
C ALA D 94 19.99 -29.11 28.17
N ARG D 95 20.83 -28.09 27.92
CA ARG D 95 20.61 -26.74 28.44
C ARG D 95 19.34 -26.13 27.81
N ALA D 96 19.07 -26.41 26.54
CA ALA D 96 17.89 -25.90 25.85
C ALA D 96 16.63 -26.55 26.41
N VAL D 97 16.64 -27.87 26.69
CA VAL D 97 15.45 -28.54 27.24
C VAL D 97 15.18 -27.98 28.65
N ASP D 98 16.26 -27.78 29.44
CA ASP D 98 16.16 -27.23 30.80
C ASP D 98 15.54 -25.83 30.78
N GLN D 99 16.07 -24.92 29.96
CA GLN D 99 15.57 -23.55 29.88
C GLN D 99 14.18 -23.44 29.23
N ALA D 100 13.77 -24.44 28.41
CA ALA D 100 12.42 -24.45 27.83
C ALA D 100 11.34 -24.98 28.80
N GLY D 101 11.67 -25.18 30.07
CA GLY D 101 10.72 -25.67 31.07
C GLY D 101 10.51 -27.16 31.03
N GLY D 102 11.62 -27.90 31.03
CA GLY D 102 11.63 -29.36 31.01
C GLY D 102 12.80 -29.90 31.81
N ARG D 103 12.70 -31.16 32.27
CA ARG D 103 13.77 -31.79 33.06
C ARG D 103 14.50 -32.83 32.21
N PRO D 104 15.70 -32.52 31.68
CA PRO D 104 16.43 -33.52 30.89
C PRO D 104 17.19 -34.51 31.76
N VAL D 105 17.37 -35.74 31.26
CA VAL D 105 18.13 -36.79 31.93
C VAL D 105 19.06 -37.39 30.88
N VAL D 106 20.34 -36.97 30.90
CA VAL D 106 21.32 -37.42 29.92
C VAL D 106 21.69 -38.87 30.18
N LEU D 107 21.83 -39.67 29.10
CA LEU D 107 22.16 -41.09 29.18
C LEU D 107 23.33 -41.37 28.22
N SER D 108 24.55 -41.52 28.76
CA SER D 108 25.72 -41.82 27.94
C SER D 108 25.71 -43.32 27.60
N VAL D 109 25.95 -43.69 26.33
CA VAL D 109 25.87 -45.10 25.90
C VAL D 109 27.10 -45.53 25.11
N ASP D 110 27.59 -46.77 25.34
CA ASP D 110 28.73 -47.33 24.60
C ASP D 110 28.33 -47.67 23.17
N ALA D 111 29.30 -47.79 22.25
CA ALA D 111 29.03 -48.15 20.87
C ALA D 111 28.40 -49.55 20.79
N ALA D 112 28.91 -50.50 21.60
CA ALA D 112 28.37 -51.85 21.63
C ALA D 112 26.98 -51.89 22.27
N ASP D 113 26.77 -51.09 23.34
CA ASP D 113 25.48 -51.03 24.01
C ASP D 113 24.40 -50.37 23.14
N GLY D 114 24.80 -49.38 22.34
CA GLY D 114 23.88 -48.68 21.45
C GLY D 114 23.36 -49.55 20.33
N ALA D 115 24.22 -50.44 19.81
CA ALA D 115 23.83 -51.33 18.71
C ALA D 115 22.91 -52.45 19.17
N ASP D 116 23.10 -52.97 20.39
CA ASP D 116 22.31 -54.09 20.89
C ASP D 116 20.94 -53.65 21.43
N ARG D 117 19.90 -54.38 21.05
CA ARG D 117 18.51 -54.13 21.45
C ARG D 117 18.31 -54.32 22.96
N SER D 118 18.57 -55.54 23.47
CA SER D 118 18.38 -55.88 24.88
C SER D 118 19.28 -55.08 25.82
N ARG D 119 20.52 -54.79 25.41
CA ARG D 119 21.46 -54.06 26.27
C ARG D 119 21.05 -52.60 26.41
N LEU D 120 20.64 -51.95 25.29
CA LEU D 120 20.21 -50.56 25.32
C LEU D 120 18.93 -50.40 26.16
N GLY D 121 17.98 -51.31 25.97
CA GLY D 121 16.73 -51.31 26.73
C GLY D 121 16.95 -51.42 28.23
N LEU D 122 17.94 -52.21 28.65
CA LEU D 122 18.28 -52.38 30.07
C LEU D 122 18.86 -51.07 30.60
N ARG D 123 19.77 -50.44 29.84
CA ARG D 123 20.37 -49.16 30.20
C ARG D 123 19.31 -48.05 30.33
N ILE D 124 18.26 -48.07 29.48
CA ILE D 124 17.18 -47.08 29.54
C ILE D 124 16.36 -47.27 30.82
N HIS D 125 15.96 -48.53 31.11
CA HIS D 125 15.19 -48.85 32.33
C HIS D 125 16.01 -48.50 33.58
N GLU D 126 17.34 -48.64 33.52
CA GLU D 126 18.27 -48.30 34.61
C GLU D 126 18.31 -46.78 34.85
N ALA D 127 18.40 -45.97 33.78
CA ALA D 127 18.47 -44.52 33.90
C ALA D 127 17.15 -43.87 34.33
N LEU D 128 16.02 -44.29 33.76
CA LEU D 128 14.71 -43.74 34.11
C LEU D 128 13.97 -44.53 35.21
N GLY D 129 14.66 -45.44 35.90
CA GLY D 129 14.06 -46.29 36.93
C GLY D 129 13.44 -45.58 38.12
N GLU D 130 14.19 -44.69 38.76
CA GLU D 130 13.70 -43.96 39.94
C GLU D 130 12.70 -42.86 39.56
N GLY D 131 13.00 -42.10 38.50
CA GLY D 131 12.16 -41.00 38.04
C GLY D 131 10.88 -41.41 37.34
N PRO D 132 10.12 -40.41 36.82
CA PRO D 132 8.85 -40.72 36.16
C PRO D 132 9.00 -41.18 34.70
N VAL D 133 7.92 -41.72 34.12
CA VAL D 133 7.90 -42.20 32.74
C VAL D 133 7.98 -40.93 31.86
N PRO D 134 8.94 -40.86 30.93
CA PRO D 134 9.07 -39.63 30.10
C PRO D 134 7.95 -39.47 29.09
N ASP D 135 7.75 -38.22 28.65
CA ASP D 135 6.77 -37.86 27.64
C ASP D 135 7.42 -37.75 26.24
N ALA D 136 8.77 -37.63 26.16
CA ALA D 136 9.50 -37.55 24.91
C ALA D 136 10.94 -38.07 25.08
N VAL D 137 11.49 -38.67 24.01
CA VAL D 137 12.86 -39.18 23.96
C VAL D 137 13.55 -38.48 22.79
N VAL D 138 14.75 -37.92 23.01
CA VAL D 138 15.50 -37.22 21.97
C VAL D 138 16.84 -37.93 21.80
N SER D 139 17.01 -38.68 20.70
CA SER D 139 18.22 -39.46 20.46
C SER D 139 19.27 -38.71 19.63
N LEU D 140 20.48 -38.55 20.21
CA LEU D 140 21.63 -38.00 19.51
C LEU D 140 22.61 -39.15 19.11
N LEU D 141 22.19 -40.44 19.16
CA LEU D 141 23.06 -41.57 18.83
C LEU D 141 23.47 -41.61 17.36
N ALA D 142 22.69 -41.00 16.46
CA ALA D 142 23.05 -40.97 15.05
C ALA D 142 24.28 -40.11 14.75
N LEU D 143 24.74 -39.28 15.71
CA LEU D 143 25.87 -38.38 15.48
C LEU D 143 27.25 -39.08 15.44
N ASP D 144 27.36 -40.39 15.76
CA ASP D 144 28.65 -41.10 15.67
C ASP D 144 28.84 -41.59 14.22
N PRO D 145 29.88 -41.11 13.49
CA PRO D 145 30.04 -41.53 12.09
C PRO D 145 30.77 -42.86 11.87
N SER D 146 31.23 -43.52 12.95
CA SER D 146 31.98 -44.77 12.84
C SER D 146 31.13 -45.95 12.31
N ALA D 147 31.79 -47.01 11.80
CA ALA D 147 31.14 -48.21 11.30
C ALA D 147 30.96 -49.23 12.46
N LEU D 148 30.01 -50.17 12.30
CA LEU D 148 29.73 -51.14 13.36
C LEU D 148 30.88 -52.15 13.51
N PRO D 149 31.38 -52.44 14.74
CA PRO D 149 32.47 -53.42 14.85
C PRO D 149 32.05 -54.81 14.36
N GLY D 150 32.85 -55.39 13.46
CA GLY D 150 32.57 -56.70 12.89
C GLY D 150 31.80 -56.64 11.58
N LEU D 151 30.79 -55.75 11.51
CA LEU D 151 29.96 -55.55 10.32
C LEU D 151 30.29 -54.16 9.74
N PRO D 152 31.25 -54.04 8.81
CA PRO D 152 31.63 -52.70 8.32
C PRO D 152 30.59 -51.96 7.49
N ASP D 153 29.74 -52.68 6.73
CA ASP D 153 28.72 -52.03 5.92
C ASP D 153 27.55 -51.46 6.75
N VAL D 154 27.37 -51.92 8.00
CA VAL D 154 26.33 -51.39 8.88
C VAL D 154 26.90 -50.16 9.59
N PRO D 155 26.31 -48.96 9.42
CA PRO D 155 26.81 -47.80 10.19
C PRO D 155 26.31 -47.85 11.63
N GLN D 156 27.10 -47.29 12.55
CA GLN D 156 26.73 -47.25 13.97
C GLN D 156 25.42 -46.47 14.17
N ALA D 157 25.20 -45.40 13.36
CA ALA D 157 24.01 -44.56 13.44
C ALA D 157 22.72 -45.34 13.16
N LEU D 158 22.70 -46.17 12.09
CA LEU D 158 21.52 -46.95 11.71
C LEU D 158 21.25 -48.05 12.73
N ALA D 159 22.30 -48.73 13.20
CA ALA D 159 22.17 -49.80 14.19
C ALA D 159 21.65 -49.28 15.53
N SER D 160 22.17 -48.12 16.00
CA SER D 160 21.72 -47.54 17.26
C SER D 160 20.26 -47.07 17.18
N THR D 161 19.87 -46.42 16.07
CA THR D 161 18.49 -45.96 15.87
C THR D 161 17.52 -47.14 15.78
N ALA D 162 17.96 -48.27 15.19
CA ALA D 162 17.13 -49.46 15.10
C ALA D 162 16.96 -50.09 16.49
N ALA D 163 18.05 -50.19 17.26
CA ALA D 163 17.98 -50.76 18.60
C ALA D 163 17.16 -49.90 19.56
N LEU D 164 17.19 -48.56 19.41
CA LEU D 164 16.45 -47.67 20.31
C LEU D 164 14.94 -47.76 20.09
N VAL D 165 14.49 -47.77 18.83
CA VAL D 165 13.05 -47.85 18.52
C VAL D 165 12.47 -49.20 18.97
N GLN D 166 13.12 -50.31 18.62
CA GLN D 166 12.62 -51.64 19.02
C GLN D 166 12.78 -51.87 20.54
N ALA D 167 13.70 -51.15 21.23
CA ALA D 167 13.81 -51.26 22.69
C ALA D 167 12.62 -50.56 23.36
N LEU D 168 12.13 -49.45 22.77
CA LEU D 168 10.98 -48.71 23.32
C LEU D 168 9.68 -49.54 23.21
N LEU D 169 9.57 -50.43 22.21
CA LEU D 169 8.41 -51.33 22.09
C LEU D 169 8.49 -52.42 23.16
N ASP D 170 9.70 -52.96 23.42
CA ASP D 170 9.93 -53.98 24.44
C ASP D 170 9.61 -53.40 25.80
N LEU D 171 10.15 -52.19 26.09
CA LEU D 171 9.90 -51.54 27.39
C LEU D 171 8.43 -51.11 27.55
N GLY D 172 7.78 -50.76 26.45
CA GLY D 172 6.37 -50.36 26.46
C GLY D 172 6.16 -48.92 26.86
N LEU D 173 7.12 -48.04 26.56
CA LEU D 173 7.01 -46.63 26.90
C LEU D 173 6.18 -45.91 25.85
N GLU D 174 5.38 -44.93 26.29
CA GLU D 174 4.52 -44.13 25.42
C GLU D 174 5.24 -42.92 24.82
N ALA D 175 6.35 -42.44 25.45
CA ALA D 175 7.13 -41.28 24.99
C ALA D 175 7.43 -41.31 23.50
N ARG D 176 7.21 -40.18 22.81
CA ARG D 176 7.48 -40.09 21.38
C ARG D 176 8.98 -39.89 21.18
N LEU D 177 9.56 -40.58 20.19
CA LEU D 177 10.99 -40.56 19.87
C LEU D 177 11.29 -39.61 18.72
N TRP D 178 12.16 -38.64 18.96
CA TRP D 178 12.63 -37.71 17.96
C TRP D 178 14.09 -38.03 17.74
N CYS D 179 14.47 -38.48 16.54
CA CYS D 179 15.86 -38.81 16.24
C CYS D 179 16.50 -37.63 15.53
N VAL D 180 17.63 -37.11 16.06
CA VAL D 180 18.33 -35.98 15.44
C VAL D 180 19.59 -36.47 14.72
N THR D 181 19.96 -35.80 13.63
CA THR D 181 21.14 -36.10 12.82
C THR D 181 21.91 -34.78 12.52
N SER D 182 23.04 -34.86 11.80
CA SER D 182 23.82 -33.70 11.39
C SER D 182 24.54 -34.03 10.08
N GLY D 183 24.11 -33.40 8.99
CA GLY D 183 24.65 -33.68 7.67
C GLY D 183 24.01 -34.88 7.00
N ALA D 184 22.83 -35.34 7.44
CA ALA D 184 22.11 -36.43 6.78
C ALA D 184 21.43 -35.95 5.49
N VAL D 185 21.03 -34.66 5.45
CA VAL D 185 20.34 -34.06 4.30
C VAL D 185 21.03 -32.77 3.88
N SER D 186 20.88 -32.41 2.60
CA SER D 186 21.44 -31.18 2.02
C SER D 186 20.28 -30.34 1.49
N VAL D 187 20.01 -29.18 2.10
CA VAL D 187 18.86 -28.34 1.73
C VAL D 187 19.14 -27.41 0.54
N SER D 188 20.41 -27.09 0.24
CA SER D 188 20.74 -26.19 -0.87
C SER D 188 22.14 -26.54 -1.45
N GLY D 189 22.54 -25.85 -2.53
CA GLY D 189 23.84 -26.07 -3.15
C GLY D 189 24.97 -25.74 -2.20
N ALA D 190 24.89 -24.61 -1.51
CA ALA D 190 25.90 -24.19 -0.53
C ALA D 190 26.06 -25.21 0.59
N ASP D 191 24.95 -25.88 0.97
CA ASP D 191 24.96 -26.91 2.01
C ASP D 191 25.81 -28.07 1.51
N GLY D 192 26.68 -28.58 2.37
CA GLY D 192 27.60 -29.65 1.99
C GLY D 192 26.91 -30.95 1.61
N PRO D 193 27.63 -31.87 0.94
CA PRO D 193 27.00 -33.15 0.57
C PRO D 193 26.65 -33.97 1.81
N SER D 194 25.61 -34.79 1.70
CA SER D 194 25.12 -35.58 2.82
C SER D 194 25.98 -36.80 3.14
N ALA D 195 26.21 -37.05 4.43
CA ALA D 195 26.96 -38.19 4.95
C ALA D 195 26.06 -39.44 4.81
N PRO D 196 26.41 -40.45 4.00
CA PRO D 196 25.49 -41.60 3.85
C PRO D 196 25.19 -42.41 5.10
N GLU D 197 26.12 -42.48 6.07
CA GLU D 197 25.85 -43.20 7.30
C GLU D 197 24.70 -42.56 8.08
N GLN D 198 24.52 -41.22 7.97
CA GLN D 198 23.43 -40.50 8.62
C GLN D 198 22.18 -40.45 7.73
N ALA D 199 22.33 -40.45 6.40
CA ALA D 199 21.18 -40.48 5.49
C ALA D 199 20.43 -41.81 5.60
N ALA D 200 21.13 -42.92 5.90
CA ALA D 200 20.50 -44.23 6.09
C ALA D 200 19.49 -44.19 7.27
N VAL D 201 19.74 -43.35 8.29
CA VAL D 201 18.85 -43.18 9.43
C VAL D 201 17.53 -42.55 8.96
N TRP D 202 17.58 -41.63 7.99
CA TRP D 202 16.36 -41.01 7.44
C TRP D 202 15.53 -42.02 6.66
N GLY D 203 16.19 -42.91 5.90
CA GLY D 203 15.52 -43.98 5.17
C GLY D 203 14.80 -44.90 6.13
N PHE D 204 15.47 -45.23 7.25
CA PHE D 204 14.88 -46.06 8.30
C PHE D 204 13.73 -45.34 9.02
N GLY D 205 13.92 -44.07 9.35
CA GLY D 205 12.96 -43.26 10.09
C GLY D 205 11.62 -43.07 9.41
N ARG D 206 11.61 -42.96 8.07
CA ARG D 206 10.35 -42.83 7.34
C ARG D 206 9.54 -44.14 7.46
N VAL D 207 10.22 -45.31 7.41
CA VAL D 207 9.55 -46.61 7.56
C VAL D 207 9.06 -46.76 9.00
N ALA D 208 9.93 -46.47 9.98
CA ALA D 208 9.57 -46.52 11.40
C ALA D 208 8.36 -45.63 11.71
N GLY D 209 8.28 -44.49 11.02
CA GLY D 209 7.17 -43.55 11.13
C GLY D 209 5.84 -44.14 10.75
N LEU D 210 5.81 -44.98 9.71
CA LEU D 210 4.57 -45.60 9.24
C LEU D 210 4.19 -46.84 10.06
N GLU D 211 5.17 -47.71 10.38
CA GLU D 211 4.90 -48.90 11.17
C GLU D 211 4.48 -48.58 12.60
N HIS D 212 5.10 -47.56 13.22
CA HIS D 212 4.81 -47.18 14.61
C HIS D 212 4.55 -45.67 14.66
N PRO D 213 3.35 -45.23 14.20
CA PRO D 213 3.05 -43.79 14.14
C PRO D 213 3.11 -43.00 15.45
N HIS D 214 2.65 -43.57 16.56
CA HIS D 214 2.68 -42.86 17.84
C HIS D 214 4.11 -42.80 18.38
N LEU D 215 4.79 -43.94 18.43
CA LEU D 215 6.16 -44.03 18.91
C LEU D 215 7.12 -43.04 18.22
N TRP D 216 7.14 -43.00 16.89
CA TRP D 216 8.06 -42.13 16.14
C TRP D 216 7.52 -40.70 15.94
N ALA D 217 8.18 -39.69 16.53
CA ALA D 217 7.77 -38.29 16.40
C ALA D 217 8.28 -37.71 15.06
N GLY D 218 9.56 -37.94 14.75
CA GLY D 218 10.15 -37.44 13.52
C GLY D 218 11.66 -37.43 13.53
N LEU D 219 12.22 -36.87 12.45
CA LEU D 219 13.66 -36.71 12.22
C LEU D 219 13.98 -35.23 12.14
N VAL D 220 15.18 -34.83 12.56
CA VAL D 220 15.59 -33.42 12.48
C VAL D 220 17.10 -33.31 12.30
N ASP D 221 17.53 -32.65 11.22
CA ASP D 221 18.95 -32.50 10.93
C ASP D 221 19.47 -31.17 11.45
N LEU D 222 20.71 -31.17 11.97
CA LEU D 222 21.35 -30.02 12.60
C LEU D 222 22.51 -29.49 11.76
N PRO D 223 22.89 -28.21 11.90
CA PRO D 223 24.06 -27.71 11.15
C PRO D 223 25.39 -28.31 11.66
N PRO D 224 26.52 -28.08 10.96
CA PRO D 224 27.80 -28.69 11.41
C PRO D 224 28.22 -28.29 12.84
N GLU D 225 28.18 -26.99 13.17
CA GLU D 225 28.58 -26.48 14.48
C GLU D 225 27.42 -26.49 15.48
N ALA D 226 27.72 -26.61 16.77
CA ALA D 226 26.71 -26.59 17.83
C ALA D 226 26.58 -25.17 18.39
N ASP D 227 25.37 -24.75 18.74
CA ASP D 227 25.14 -23.43 19.35
C ASP D 227 23.81 -23.37 20.09
N GLU D 228 23.74 -22.56 21.14
CA GLU D 228 22.54 -22.40 21.95
C GLU D 228 21.33 -21.94 21.11
N ARG D 229 21.59 -21.16 20.07
CA ARG D 229 20.55 -20.65 19.16
C ARG D 229 19.80 -21.78 18.42
N THR D 230 20.52 -22.74 17.82
CA THR D 230 19.90 -23.87 17.12
C THR D 230 19.31 -24.85 18.13
N ALA D 231 19.97 -25.06 19.28
CA ALA D 231 19.45 -25.96 20.32
C ALA D 231 18.05 -25.52 20.78
N ALA D 232 17.83 -24.19 20.92
CA ALA D 232 16.53 -23.64 21.31
C ALA D 232 15.49 -23.90 20.20
N ARG D 233 15.89 -23.74 18.92
CA ARG D 233 15.03 -24.04 17.77
C ARG D 233 14.65 -25.52 17.76
N LEU D 234 15.61 -26.40 18.10
CA LEU D 234 15.41 -27.84 18.15
C LEU D 234 14.29 -28.19 19.12
N VAL D 235 14.44 -27.85 20.42
CA VAL D 235 13.41 -28.17 21.40
C VAL D 235 12.09 -27.45 21.06
N GLY D 236 12.15 -26.29 20.41
CA GLY D 236 10.97 -25.58 19.95
C GLY D 236 10.13 -26.41 18.99
N VAL D 237 10.76 -27.09 18.02
CA VAL D 237 10.01 -27.92 17.05
C VAL D 237 9.62 -29.27 17.66
N LEU D 238 10.40 -29.81 18.61
CA LEU D 238 10.07 -31.09 19.25
C LEU D 238 8.84 -30.89 20.15
N ALA D 239 8.84 -29.84 20.99
CA ALA D 239 7.73 -29.50 21.89
C ALA D 239 6.62 -28.66 21.22
N GLY D 240 6.78 -28.29 19.96
CA GLY D 240 5.79 -27.46 19.27
C GLY D 240 4.59 -28.25 18.80
N ALA D 241 3.62 -27.53 18.17
CA ALA D 241 2.38 -28.09 17.62
C ALA D 241 2.64 -29.32 16.75
N GLY D 242 3.70 -29.27 15.96
CA GLY D 242 4.13 -30.40 15.14
C GLY D 242 3.62 -30.40 13.72
N GLY D 243 3.24 -31.58 13.25
CA GLY D 243 2.78 -31.80 11.88
C GLY D 243 3.93 -32.18 10.98
N GLU D 244 5.09 -31.51 11.15
CA GLU D 244 6.31 -31.75 10.37
C GLU D 244 7.20 -32.79 11.05
N ASP D 245 7.35 -33.96 10.41
CA ASP D 245 8.14 -35.08 10.92
C ASP D 245 9.51 -35.25 10.24
N GLN D 246 9.90 -34.31 9.34
CA GLN D 246 11.18 -34.35 8.64
C GLN D 246 11.64 -32.92 8.46
N VAL D 247 12.41 -32.39 9.41
CA VAL D 247 12.84 -30.98 9.38
C VAL D 247 14.38 -30.91 9.41
N ALA D 248 14.91 -29.79 8.92
CA ALA D 248 16.35 -29.53 8.92
C ALA D 248 16.56 -28.09 9.38
N LEU D 249 17.41 -27.89 10.38
CA LEU D 249 17.72 -26.58 10.93
C LEU D 249 19.06 -26.12 10.38
N ARG D 250 19.12 -24.89 9.90
CA ARG D 250 20.35 -24.30 9.37
C ARG D 250 20.45 -22.84 9.86
N SER D 251 21.52 -22.11 9.48
CA SER D 251 21.70 -20.69 9.85
C SER D 251 20.50 -19.87 9.34
N SER D 252 20.09 -20.15 8.08
CA SER D 252 18.95 -19.52 7.40
C SER D 252 17.63 -19.58 8.20
N GLY D 253 17.35 -20.74 8.80
CA GLY D 253 16.15 -20.95 9.59
C GLY D 253 15.73 -22.41 9.65
N VAL D 254 14.44 -22.69 9.35
CA VAL D 254 13.87 -24.03 9.39
C VAL D 254 13.46 -24.49 7.98
N PHE D 255 13.70 -25.76 7.66
CA PHE D 255 13.35 -26.36 6.36
C PHE D 255 12.56 -27.64 6.59
N VAL D 256 11.63 -27.96 5.70
CA VAL D 256 10.79 -29.16 5.81
C VAL D 256 10.85 -29.92 4.50
N ARG D 257 10.97 -31.25 4.59
CA ARG D 257 11.09 -32.09 3.40
C ARG D 257 9.80 -32.14 2.63
N ARG D 258 9.88 -31.99 1.30
CA ARG D 258 8.73 -32.01 0.41
C ARG D 258 9.02 -32.75 -0.90
N LEU D 259 7.96 -33.24 -1.54
CA LEU D 259 8.05 -33.84 -2.85
C LEU D 259 7.35 -32.86 -3.80
N VAL D 260 7.96 -32.56 -4.94
CA VAL D 260 7.39 -31.63 -5.91
C VAL D 260 7.56 -32.19 -7.31
N ARG D 261 6.63 -31.86 -8.22
CA ARG D 261 6.74 -32.30 -9.61
C ARG D 261 7.97 -31.64 -10.26
N ALA D 262 8.62 -32.35 -11.18
CA ALA D 262 9.80 -31.86 -11.86
C ALA D 262 9.70 -32.18 -13.35
N PRO D 263 8.76 -31.52 -14.06
CA PRO D 263 8.63 -31.79 -15.51
C PRO D 263 9.85 -31.33 -16.31
N ALA D 264 10.39 -32.21 -17.16
CA ALA D 264 11.58 -31.90 -17.96
C ALA D 264 11.23 -31.25 -19.32
N SER D 265 10.01 -30.70 -19.49
CA SER D 265 9.62 -30.11 -20.78
C SER D 265 10.33 -28.76 -21.07
N GLU D 266 10.26 -27.80 -20.14
CA GLU D 266 10.91 -26.49 -20.33
C GLU D 266 12.43 -26.59 -20.13
N VAL D 267 12.91 -27.58 -19.34
CA VAL D 267 14.35 -27.78 -19.10
C VAL D 267 15.01 -28.23 -20.41
N PRO D 268 16.04 -27.51 -20.92
CA PRO D 268 16.65 -27.91 -22.20
C PRO D 268 17.52 -29.16 -22.11
N ALA D 269 17.58 -29.93 -23.21
CA ALA D 269 18.35 -31.16 -23.27
C ALA D 269 19.86 -30.91 -23.39
N VAL D 270 20.55 -30.82 -22.25
CA VAL D 270 22.00 -30.65 -22.18
C VAL D 270 22.64 -32.03 -22.37
N ARG D 271 23.63 -32.16 -23.26
CA ARG D 271 24.33 -33.43 -23.50
C ARG D 271 23.42 -34.49 -24.15
N SER D 272 24.03 -35.45 -24.85
CA SER D 272 23.33 -36.51 -25.55
C SER D 272 23.67 -37.87 -24.98
N TRP D 273 22.67 -38.74 -24.78
CA TRP D 273 22.90 -40.08 -24.26
C TRP D 273 23.39 -40.97 -25.41
N LYS D 274 24.72 -41.11 -25.55
CA LYS D 274 25.36 -41.90 -26.62
C LYS D 274 26.16 -43.04 -25.98
N PRO D 275 25.52 -44.17 -25.62
CA PRO D 275 26.27 -45.27 -24.98
C PRO D 275 27.43 -45.83 -25.80
N GLY D 276 28.65 -45.45 -25.42
CA GLY D 276 29.89 -45.88 -26.07
C GLY D 276 30.74 -46.74 -25.16
N GLY D 277 31.74 -47.40 -25.74
CA GLY D 277 32.65 -48.27 -25.00
C GLY D 277 31.93 -49.36 -24.24
N THR D 278 32.41 -49.68 -23.02
CA THR D 278 31.77 -50.67 -22.16
C THR D 278 30.93 -49.97 -21.10
N VAL D 279 29.69 -50.43 -20.93
CA VAL D 279 28.79 -49.92 -19.90
C VAL D 279 28.56 -51.10 -18.96
N LEU D 280 29.04 -50.98 -17.72
CA LEU D 280 28.92 -52.04 -16.72
C LEU D 280 27.55 -51.90 -16.08
N VAL D 281 26.80 -53.01 -16.00
CA VAL D 281 25.46 -53.05 -15.41
C VAL D 281 25.42 -54.12 -14.34
N THR D 282 25.38 -53.75 -13.06
CA THR D 282 25.26 -54.73 -11.98
C THR D 282 23.80 -55.18 -11.92
N GLY D 283 23.56 -56.46 -11.63
CA GLY D 283 22.24 -57.05 -11.67
C GLY D 283 21.68 -57.12 -13.09
N GLY D 284 22.56 -57.17 -14.09
CA GLY D 284 22.21 -57.12 -15.50
C GLY D 284 21.52 -58.34 -16.09
N THR D 285 21.54 -59.49 -15.41
CA THR D 285 20.92 -60.71 -15.92
C THR D 285 19.41 -60.82 -15.63
N GLY D 286 18.90 -60.07 -14.65
CA GLY D 286 17.48 -60.13 -14.30
C GLY D 286 16.94 -58.86 -13.68
N GLY D 287 15.62 -58.77 -13.63
CA GLY D 287 14.93 -57.63 -13.03
C GLY D 287 15.05 -56.32 -13.78
N LEU D 288 15.43 -55.25 -13.07
CA LEU D 288 15.58 -53.92 -13.68
C LEU D 288 16.86 -53.85 -14.53
N GLY D 289 17.93 -54.51 -14.09
CA GLY D 289 19.18 -54.56 -14.85
C GLY D 289 19.02 -55.15 -16.23
N ARG D 290 18.11 -56.12 -16.36
CA ARG D 290 17.79 -56.77 -17.63
C ARG D 290 17.08 -55.79 -18.57
N GLN D 291 16.20 -54.93 -18.02
CA GLN D 291 15.52 -53.89 -18.79
C GLN D 291 16.50 -52.75 -19.18
N VAL D 292 17.51 -52.48 -18.32
CA VAL D 292 18.56 -51.51 -18.58
C VAL D 292 19.41 -52.02 -19.76
N ALA D 293 19.75 -53.32 -19.77
CA ALA D 293 20.54 -53.92 -20.84
C ALA D 293 19.81 -53.80 -22.18
N ARG D 294 18.48 -54.07 -22.21
CA ARG D 294 17.68 -53.94 -23.43
C ARG D 294 17.71 -52.50 -23.91
N TRP D 295 17.55 -51.54 -22.98
CA TRP D 295 17.56 -50.12 -23.26
C TRP D 295 18.88 -49.64 -23.85
N LEU D 296 20.02 -50.07 -23.28
CA LEU D 296 21.34 -49.66 -23.75
C LEU D 296 21.67 -50.26 -25.12
N ALA D 297 21.34 -51.54 -25.37
CA ALA D 297 21.61 -52.18 -26.65
C ALA D 297 20.79 -51.54 -27.80
N ARG D 298 19.58 -51.02 -27.50
CA ARG D 298 18.77 -50.33 -28.50
C ARG D 298 19.39 -48.98 -28.88
N GLY D 299 20.01 -48.29 -27.91
CA GLY D 299 20.66 -47.01 -28.15
C GLY D 299 22.05 -47.10 -28.73
N GLY D 300 22.38 -48.20 -29.38
CA GLY D 300 23.68 -48.39 -30.00
C GLY D 300 24.86 -48.51 -29.06
N ALA D 301 24.74 -49.32 -27.99
CA ALA D 301 25.85 -49.52 -27.06
C ALA D 301 26.90 -50.41 -27.73
N ASP D 302 28.20 -50.10 -27.54
CA ASP D 302 29.26 -50.91 -28.13
C ASP D 302 29.36 -52.23 -27.33
N HIS D 303 29.82 -52.18 -26.08
CA HIS D 303 30.00 -53.36 -25.24
C HIS D 303 29.23 -53.21 -23.95
N LEU D 304 28.62 -54.31 -23.47
CA LEU D 304 27.84 -54.32 -22.24
C LEU D 304 28.38 -55.41 -21.33
N LEU D 305 28.87 -55.02 -20.13
CA LEU D 305 29.37 -55.96 -19.14
C LEU D 305 28.29 -56.15 -18.07
N LEU D 306 27.41 -57.17 -18.25
CA LEU D 306 26.33 -57.49 -17.33
C LEU D 306 26.86 -58.34 -16.20
N VAL D 307 26.81 -57.84 -14.96
CA VAL D 307 27.33 -58.55 -13.78
C VAL D 307 26.19 -59.03 -12.87
N SER D 308 26.47 -60.08 -12.07
CA SER D 308 25.55 -60.69 -11.10
C SER D 308 26.26 -61.84 -10.35
N ARG D 309 25.90 -62.14 -9.09
CA ARG D 309 26.59 -63.21 -8.34
C ARG D 309 26.34 -64.64 -8.88
N ARG D 310 25.49 -64.79 -9.92
CA ARG D 310 25.20 -66.08 -10.59
C ARG D 310 25.82 -66.10 -11.99
N GLY D 311 25.80 -64.96 -12.69
CA GLY D 311 26.37 -64.83 -14.02
C GLY D 311 25.63 -65.59 -15.11
N VAL D 312 26.32 -66.53 -15.76
CA VAL D 312 25.73 -67.33 -16.85
C VAL D 312 24.68 -68.34 -16.31
N ASP D 313 24.84 -68.78 -15.05
CA ASP D 313 23.90 -69.71 -14.43
C ASP D 313 22.59 -69.06 -13.98
N ALA D 314 22.44 -67.72 -14.12
CA ALA D 314 21.21 -67.03 -13.75
C ALA D 314 20.12 -67.44 -14.74
N PRO D 315 18.84 -67.49 -14.31
CA PRO D 315 17.78 -67.88 -15.23
C PRO D 315 17.60 -66.86 -16.37
N GLY D 316 17.53 -67.35 -17.59
CA GLY D 316 17.35 -66.50 -18.76
C GLY D 316 18.57 -65.80 -19.28
N ALA D 317 19.74 -65.99 -18.65
CA ALA D 317 20.98 -65.35 -19.13
C ALA D 317 21.36 -65.86 -20.52
N ASP D 318 21.03 -67.13 -20.85
CA ASP D 318 21.33 -67.74 -22.14
C ASP D 318 20.65 -67.03 -23.31
N GLU D 319 19.34 -66.73 -23.19
CA GLU D 319 18.63 -66.05 -24.27
C GLU D 319 18.70 -64.52 -24.18
N LEU D 320 19.05 -63.95 -23.01
CA LEU D 320 19.20 -62.50 -22.88
C LEU D 320 20.41 -62.06 -23.70
N VAL D 321 21.54 -62.79 -23.61
CA VAL D 321 22.73 -62.46 -24.39
C VAL D 321 22.43 -62.53 -25.90
N ASP D 322 21.60 -63.49 -26.35
CA ASP D 322 21.22 -63.59 -27.75
C ASP D 322 20.40 -62.36 -28.17
N GLU D 323 19.38 -61.99 -27.37
CA GLU D 323 18.52 -60.83 -27.63
C GLU D 323 19.34 -59.54 -27.77
N LEU D 324 20.34 -59.34 -26.89
CA LEU D 324 21.17 -58.14 -26.90
C LEU D 324 22.13 -58.07 -28.10
N THR D 325 22.75 -59.20 -28.49
CA THR D 325 23.64 -59.21 -29.66
C THR D 325 22.81 -59.01 -30.95
N ASP D 326 21.54 -59.45 -30.99
CA ASP D 326 20.69 -59.23 -32.15
C ASP D 326 20.37 -57.73 -32.33
N LEU D 327 20.30 -56.98 -31.22
CA LEU D 327 20.09 -55.52 -31.27
C LEU D 327 21.38 -54.73 -31.64
N GLY D 328 22.45 -55.42 -32.04
CA GLY D 328 23.71 -54.78 -32.39
C GLY D 328 24.44 -54.28 -31.16
N ALA D 329 24.98 -55.21 -30.36
CA ALA D 329 25.71 -54.86 -29.15
C ALA D 329 26.56 -56.04 -28.66
N ARG D 330 27.87 -55.83 -28.47
CA ARG D 330 28.78 -56.84 -27.93
C ARG D 330 28.45 -57.00 -26.45
N VAL D 331 28.36 -58.25 -25.95
CA VAL D 331 27.95 -58.52 -24.57
C VAL D 331 28.87 -59.49 -23.85
N THR D 332 29.02 -59.29 -22.53
CA THR D 332 29.82 -60.13 -21.64
C THR D 332 29.07 -60.28 -20.33
N VAL D 333 28.78 -61.52 -19.91
CA VAL D 333 28.07 -61.80 -18.67
C VAL D 333 29.05 -62.50 -17.71
N ALA D 334 29.25 -61.96 -16.50
CA ALA D 334 30.20 -62.51 -15.55
C ALA D 334 29.61 -62.69 -14.15
N ALA D 335 29.99 -63.79 -13.48
CA ALA D 335 29.58 -64.10 -12.11
C ALA D 335 30.56 -63.38 -11.20
N CYS D 336 30.07 -62.46 -10.35
CA CYS D 336 30.96 -61.70 -9.47
C CYS D 336 30.16 -61.09 -8.31
N ASP D 337 30.70 -61.23 -7.09
CA ASP D 337 30.10 -60.66 -5.89
C ASP D 337 30.62 -59.22 -5.79
N VAL D 338 29.74 -58.22 -6.05
CA VAL D 338 30.13 -56.81 -6.02
C VAL D 338 30.58 -56.35 -4.62
N ALA D 339 30.14 -57.05 -3.55
CA ALA D 339 30.57 -56.73 -2.18
C ALA D 339 32.05 -57.13 -1.91
N ASP D 340 32.68 -57.91 -2.82
CA ASP D 340 34.08 -58.31 -2.71
C ASP D 340 34.92 -57.35 -3.56
N ARG D 341 35.75 -56.50 -2.92
CA ARG D 341 36.57 -55.51 -3.62
C ARG D 341 37.57 -56.13 -4.61
N ASP D 342 38.15 -57.28 -4.25
CA ASP D 342 39.12 -57.96 -5.09
C ASP D 342 38.47 -58.47 -6.39
N ALA D 343 37.27 -59.08 -6.28
CA ALA D 343 36.55 -59.58 -7.43
C ALA D 343 36.19 -58.47 -8.41
N VAL D 344 35.81 -57.29 -7.89
CA VAL D 344 35.46 -56.13 -8.72
C VAL D 344 36.71 -55.59 -9.42
N GLN D 345 37.86 -55.57 -8.72
CA GLN D 345 39.13 -55.12 -9.28
C GLN D 345 39.59 -56.06 -10.42
N ARG D 346 39.44 -57.39 -10.22
CA ARG D 346 39.79 -58.37 -11.25
C ARG D 346 38.84 -58.26 -12.44
N LEU D 347 37.55 -57.99 -12.18
CA LEU D 347 36.55 -57.82 -13.22
C LEU D 347 36.86 -56.57 -14.07
N LEU D 348 37.26 -55.47 -13.42
CA LEU D 348 37.60 -54.22 -14.12
C LEU D 348 38.94 -54.26 -14.88
N SER D 349 39.61 -55.42 -14.95
CA SER D 349 40.87 -55.55 -15.68
C SER D 349 40.83 -56.70 -16.70
N GLU D 350 40.13 -57.79 -16.38
CA GLU D 350 40.05 -58.95 -17.25
C GLU D 350 38.86 -58.88 -18.20
N GLN D 351 37.67 -58.50 -17.70
CA GLN D 351 36.44 -58.45 -18.49
C GLN D 351 36.25 -57.21 -19.36
N VAL D 352 36.84 -56.05 -19.00
CA VAL D 352 36.68 -54.83 -19.81
C VAL D 352 37.75 -54.82 -20.94
N PRO D 353 37.38 -54.94 -22.24
CA PRO D 353 38.42 -54.93 -23.29
C PRO D 353 39.12 -53.58 -23.47
N SER D 354 40.26 -53.58 -24.18
CA SER D 354 41.04 -52.37 -24.43
C SER D 354 40.34 -51.48 -25.46
N ASP D 355 39.80 -52.09 -26.53
CA ASP D 355 39.09 -51.36 -27.59
C ASP D 355 37.72 -50.80 -27.15
N ALA D 356 37.19 -51.24 -26.00
CA ALA D 356 35.90 -50.78 -25.48
C ALA D 356 36.07 -50.36 -24.01
N PRO D 357 36.77 -49.23 -23.74
CA PRO D 357 36.99 -48.82 -22.33
C PRO D 357 35.70 -48.47 -21.59
N LEU D 358 35.73 -48.56 -20.25
CA LEU D 358 34.56 -48.27 -19.44
C LEU D 358 34.16 -46.81 -19.52
N THR D 359 32.88 -46.55 -19.85
CA THR D 359 32.32 -45.21 -19.98
C THR D 359 31.16 -44.96 -19.02
N ALA D 360 30.45 -46.00 -18.55
CA ALA D 360 29.33 -45.82 -17.63
C ALA D 360 29.09 -47.04 -16.76
N VAL D 361 28.53 -46.81 -15.56
CA VAL D 361 28.19 -47.85 -14.60
C VAL D 361 26.74 -47.65 -14.17
N ILE D 362 25.94 -48.72 -14.17
CA ILE D 362 24.52 -48.69 -13.76
C ILE D 362 24.37 -49.70 -12.60
N HIS D 363 24.41 -49.20 -11.36
CA HIS D 363 24.31 -50.04 -10.18
C HIS D 363 22.86 -50.38 -9.81
N THR D 364 22.41 -51.61 -10.16
CA THR D 364 21.06 -52.09 -9.86
C THR D 364 21.12 -53.40 -9.03
N ALA D 365 22.23 -53.65 -8.30
CA ALA D 365 22.41 -54.88 -7.52
C ALA D 365 21.85 -54.71 -6.13
N ALA D 366 21.17 -55.74 -5.62
CA ALA D 366 20.57 -55.73 -4.28
C ALA D 366 20.12 -57.14 -3.87
N VAL D 367 20.00 -57.39 -2.57
CA VAL D 367 19.52 -58.67 -2.05
C VAL D 367 18.34 -58.35 -1.14
N LEU D 368 17.16 -58.92 -1.45
CA LEU D 368 15.96 -58.63 -0.67
C LEU D 368 15.93 -59.47 0.61
N ASP D 369 15.68 -58.80 1.74
CA ASP D 369 15.57 -59.43 3.06
C ASP D 369 14.58 -58.58 3.86
N ASP D 370 13.33 -58.52 3.38
CA ASP D 370 12.30 -57.70 4.00
C ASP D 370 11.79 -58.24 5.33
N GLY D 371 11.45 -57.32 6.22
CA GLY D 371 10.94 -57.65 7.54
C GLY D 371 10.52 -56.41 8.30
N VAL D 372 9.62 -56.58 9.26
CA VAL D 372 9.12 -55.49 10.12
C VAL D 372 10.25 -55.05 11.08
N ILE D 373 10.25 -53.76 11.53
CA ILE D 373 11.30 -53.23 12.42
C ILE D 373 11.57 -54.14 13.64
N ASP D 374 10.51 -54.67 14.26
CA ASP D 374 10.59 -55.58 15.41
C ASP D 374 11.46 -56.83 15.14
N SER D 375 11.49 -57.31 13.89
CA SER D 375 12.25 -58.50 13.48
C SER D 375 13.63 -58.18 12.87
N LEU D 376 13.99 -56.90 12.69
CA LEU D 376 15.28 -56.55 12.08
C LEU D 376 16.42 -56.57 13.08
N SER D 377 17.61 -56.99 12.60
CA SER D 377 18.84 -57.08 13.39
C SER D 377 20.05 -56.58 12.57
N PRO D 378 21.19 -56.19 13.20
CA PRO D 378 22.35 -55.74 12.41
C PRO D 378 22.89 -56.79 11.43
N GLU D 379 22.67 -58.08 11.74
CA GLU D 379 23.12 -59.18 10.89
C GLU D 379 22.34 -59.16 9.58
N ARG D 380 21.00 -58.96 9.66
CA ARG D 380 20.15 -58.88 8.48
C ARG D 380 20.48 -57.63 7.64
N MET D 381 20.82 -56.52 8.32
CA MET D 381 21.19 -55.28 7.65
C MET D 381 22.52 -55.41 6.88
N GLU D 382 23.51 -56.10 7.44
CA GLU D 382 24.81 -56.26 6.79
C GLU D 382 24.70 -56.91 5.41
N GLN D 383 23.90 -57.98 5.30
CA GLN D 383 23.76 -58.70 4.02
C GLN D 383 23.18 -57.78 2.94
N VAL D 384 22.16 -56.98 3.30
CA VAL D 384 21.52 -56.04 2.37
C VAL D 384 22.48 -54.91 1.99
N LEU D 385 23.11 -54.27 2.98
CA LEU D 385 24.02 -53.13 2.75
C LEU D 385 25.33 -53.49 2.06
N ARG D 386 25.82 -54.75 2.22
CA ARG D 386 27.08 -55.21 1.61
C ARG D 386 27.10 -54.98 0.10
N VAL D 387 26.03 -55.39 -0.59
CA VAL D 387 25.94 -55.29 -2.06
C VAL D 387 25.37 -53.96 -2.50
N LYS D 388 24.36 -53.45 -1.80
CA LYS D 388 23.71 -52.20 -2.15
C LYS D 388 24.68 -51.01 -2.04
N VAL D 389 25.24 -50.78 -0.84
CA VAL D 389 26.13 -49.66 -0.61
C VAL D 389 27.58 -50.06 -0.92
N GLY D 390 28.06 -51.13 -0.30
CA GLY D 390 29.43 -51.62 -0.47
C GLY D 390 29.87 -51.80 -1.91
N GLY D 391 29.01 -52.43 -2.71
CA GLY D 391 29.28 -52.65 -4.13
C GLY D 391 29.45 -51.34 -4.88
N ALA D 392 28.57 -50.36 -4.63
CA ALA D 392 28.65 -49.05 -5.25
C ALA D 392 29.93 -48.31 -4.82
N VAL D 393 30.34 -48.46 -3.55
CA VAL D 393 31.56 -47.83 -3.03
C VAL D 393 32.78 -48.45 -3.73
N HIS D 394 32.80 -49.79 -3.89
CA HIS D 394 33.92 -50.46 -4.54
C HIS D 394 34.02 -50.06 -6.01
N LEU D 395 32.88 -50.04 -6.72
CA LEU D 395 32.85 -49.66 -8.13
C LEU D 395 33.18 -48.19 -8.34
N TYR D 396 32.90 -47.31 -7.37
CA TYR D 396 33.22 -45.90 -7.49
C TYR D 396 34.73 -45.70 -7.29
N GLU D 397 35.30 -46.29 -6.22
CA GLU D 397 36.72 -46.16 -5.89
C GLU D 397 37.65 -46.80 -6.92
N LEU D 398 37.23 -47.90 -7.56
CA LEU D 398 38.07 -48.58 -8.54
C LEU D 398 37.96 -48.00 -9.97
N THR D 399 37.00 -47.08 -10.22
CA THR D 399 36.85 -46.43 -11.53
C THR D 399 37.08 -44.92 -11.41
N ARG D 400 38.02 -44.50 -10.56
CA ARG D 400 38.32 -43.09 -10.36
C ARG D 400 39.17 -42.55 -11.51
N GLU D 401 40.23 -43.30 -11.89
CA GLU D 401 41.11 -42.88 -12.98
C GLU D 401 40.36 -42.89 -14.33
N SER D 402 39.38 -43.79 -14.50
CA SER D 402 38.60 -43.86 -15.73
C SER D 402 37.67 -42.64 -15.84
N ASP D 403 37.52 -42.09 -17.05
CA ASP D 403 36.67 -40.92 -17.32
C ASP D 403 35.28 -41.41 -17.73
N LEU D 404 34.34 -41.42 -16.78
CA LEU D 404 32.97 -41.89 -17.04
C LEU D 404 32.04 -40.75 -17.45
N SER D 405 31.10 -41.05 -18.34
CA SER D 405 30.06 -40.14 -18.77
C SER D 405 28.93 -40.11 -17.72
N ALA D 406 28.64 -41.27 -17.07
CA ALA D 406 27.60 -41.35 -16.04
C ALA D 406 27.83 -42.52 -15.08
N PHE D 407 27.30 -42.38 -13.85
CA PHE D 407 27.35 -43.42 -12.82
C PHE D 407 25.95 -43.40 -12.18
N VAL D 408 25.06 -44.29 -12.65
CA VAL D 408 23.67 -44.33 -12.22
C VAL D 408 23.41 -45.31 -11.07
N LEU D 409 23.01 -44.79 -9.91
CA LEU D 409 22.65 -45.58 -8.73
C LEU D 409 21.13 -45.72 -8.71
N PHE D 410 20.63 -46.96 -8.66
CA PHE D 410 19.20 -47.22 -8.64
C PHE D 410 18.65 -47.19 -7.23
N SER D 411 17.99 -46.08 -6.85
CA SER D 411 17.34 -45.93 -5.55
C SER D 411 15.85 -46.39 -5.66
N SER D 412 15.01 -46.09 -4.66
CA SER D 412 13.62 -46.52 -4.69
C SER D 412 12.70 -45.54 -3.96
N PHE D 413 11.42 -45.58 -4.32
CA PHE D 413 10.37 -44.80 -3.67
C PHE D 413 10.27 -45.11 -2.16
N GLY D 414 10.73 -46.31 -1.74
CA GLY D 414 10.82 -46.68 -0.33
C GLY D 414 11.72 -45.73 0.44
N SER D 415 12.73 -45.13 -0.23
CA SER D 415 13.60 -44.11 0.35
C SER D 415 12.92 -42.76 0.23
N THR D 416 12.39 -42.41 -0.96
CA THR D 416 11.73 -41.13 -1.22
C THR D 416 10.70 -40.76 -0.14
N PHE D 417 9.76 -41.66 0.17
CA PHE D 417 8.75 -41.41 1.22
C PHE D 417 8.55 -42.60 2.17
N GLY D 418 8.78 -43.82 1.70
CA GLY D 418 8.70 -45.01 2.52
C GLY D 418 7.37 -45.73 2.49
N LEU D 419 7.40 -46.96 3.00
CA LEU D 419 6.25 -47.84 3.16
C LEU D 419 6.54 -48.81 4.33
N PRO D 420 5.51 -49.39 4.99
CA PRO D 420 5.80 -50.40 6.02
C PRO D 420 6.56 -51.60 5.44
N GLY D 421 7.31 -52.30 6.27
CA GLY D 421 8.08 -53.46 5.85
C GLY D 421 9.39 -53.18 5.12
N LEU D 422 9.61 -51.93 4.65
CA LEU D 422 10.84 -51.59 3.94
C LEU D 422 11.95 -51.04 4.86
N GLY D 423 11.99 -51.47 6.11
CA GLY D 423 13.00 -51.00 7.07
C GLY D 423 14.40 -51.53 6.84
N ASN D 424 14.52 -52.64 6.09
CA ASN D 424 15.81 -53.25 5.73
C ASN D 424 15.99 -53.15 4.19
N TYR D 425 15.56 -52.03 3.60
CA TYR D 425 15.60 -51.79 2.16
C TYR D 425 15.79 -50.30 1.86
N ALA D 426 15.02 -49.42 2.53
CA ALA D 426 15.12 -47.97 2.38
C ALA D 426 16.45 -47.35 2.86
N PRO D 427 17.07 -47.79 3.97
CA PRO D 427 18.32 -47.17 4.40
C PRO D 427 19.46 -47.24 3.38
N GLY D 428 19.60 -48.40 2.72
CA GLY D 428 20.61 -48.59 1.70
C GLY D 428 20.41 -47.67 0.52
N ASN D 429 19.14 -47.52 0.11
CA ASN D 429 18.75 -46.63 -0.99
C ASN D 429 19.00 -45.15 -0.63
N ALA D 430 18.72 -44.75 0.62
CA ALA D 430 18.99 -43.40 1.09
C ALA D 430 20.50 -43.13 1.16
N ALA D 431 21.30 -44.13 1.56
CA ALA D 431 22.76 -43.99 1.59
C ALA D 431 23.31 -43.78 0.16
N LEU D 432 22.71 -44.44 -0.86
CA LEU D 432 23.10 -44.27 -2.25
C LEU D 432 22.85 -42.83 -2.69
N GLU D 433 21.70 -42.24 -2.32
CA GLU D 433 21.35 -40.86 -2.65
C GLU D 433 22.39 -39.89 -2.09
N ALA D 434 22.82 -40.13 -0.84
CA ALA D 434 23.82 -39.28 -0.20
C ALA D 434 25.20 -39.49 -0.83
N LEU D 435 25.54 -40.74 -1.20
CA LEU D 435 26.79 -41.08 -1.89
C LEU D 435 26.91 -40.30 -3.19
N ALA D 436 25.80 -40.20 -3.96
CA ALA D 436 25.78 -39.46 -5.22
C ALA D 436 26.11 -37.99 -4.97
N GLU D 437 25.55 -37.39 -3.90
CA GLU D 437 25.84 -36.00 -3.55
C GLU D 437 27.32 -35.82 -3.24
N GLN D 438 27.93 -36.79 -2.53
CA GLN D 438 29.35 -36.75 -2.18
C GLN D 438 30.22 -36.83 -3.44
N TRP D 439 29.82 -37.65 -4.41
CA TRP D 439 30.56 -37.85 -5.64
C TRP D 439 30.44 -36.64 -6.58
N ARG D 440 29.24 -36.02 -6.66
CA ARG D 440 29.08 -34.79 -7.46
C ARG D 440 29.90 -33.65 -6.85
N ALA D 441 30.05 -33.60 -5.51
CA ALA D 441 30.90 -32.60 -4.85
C ALA D 441 32.38 -32.77 -5.26
N GLU D 442 32.82 -34.02 -5.54
CA GLU D 442 34.17 -34.32 -6.02
C GLU D 442 34.34 -34.10 -7.55
N GLY D 443 33.27 -33.75 -8.26
CA GLY D 443 33.30 -33.51 -9.70
C GLY D 443 33.17 -34.79 -10.49
N ARG D 444 32.15 -35.61 -10.18
CA ARG D 444 31.90 -36.89 -10.85
C ARG D 444 30.42 -36.96 -11.27
N PRO D 445 30.08 -37.60 -12.39
CA PRO D 445 28.68 -37.62 -12.83
C PRO D 445 27.85 -38.70 -12.17
N ALA D 446 27.57 -38.55 -10.87
CA ALA D 446 26.73 -39.50 -10.15
C ALA D 446 25.25 -39.11 -10.27
N THR D 447 24.35 -40.08 -10.33
CA THR D 447 22.92 -39.83 -10.44
C THR D 447 22.16 -40.90 -9.64
N ALA D 448 21.37 -40.51 -8.63
CA ALA D 448 20.57 -41.43 -7.81
C ALA D 448 19.12 -41.33 -8.29
N VAL D 449 18.53 -42.45 -8.75
CA VAL D 449 17.19 -42.48 -9.32
C VAL D 449 16.16 -43.10 -8.37
N GLY D 450 15.27 -42.29 -7.82
CA GLY D 450 14.21 -42.76 -6.95
C GLY D 450 13.12 -43.43 -7.76
N TRP D 451 13.30 -44.72 -8.04
CA TRP D 451 12.37 -45.51 -8.85
C TRP D 451 11.13 -45.99 -8.11
N GLY D 452 10.00 -45.98 -8.80
CA GLY D 452 8.80 -46.61 -8.30
C GLY D 452 8.80 -48.08 -8.67
N THR D 453 7.66 -48.77 -8.51
CA THR D 453 7.56 -50.18 -8.88
C THR D 453 7.60 -50.32 -10.41
N TRP D 454 8.18 -51.41 -10.93
CA TRP D 454 8.25 -51.66 -12.38
C TRP D 454 7.33 -52.80 -12.77
N ALA D 455 6.88 -52.83 -14.05
CA ALA D 455 6.00 -53.88 -14.54
C ALA D 455 6.78 -55.20 -14.56
N GLY D 456 6.21 -56.25 -13.98
CA GLY D 456 6.85 -57.55 -13.90
C GLY D 456 7.75 -57.67 -12.69
N GLY D 457 8.82 -56.89 -12.67
CA GLY D 457 9.78 -56.88 -11.57
C GLY D 457 11.16 -56.44 -11.99
N ARG D 469 3.42 -52.13 -4.33
CA ARG D 469 2.08 -52.17 -3.76
C ARG D 469 1.17 -51.14 -4.45
N THR D 470 0.08 -51.62 -5.09
CA THR D 470 -0.85 -50.79 -5.84
C THR D 470 -1.94 -50.14 -4.97
N HIS D 471 -1.55 -49.56 -3.83
CA HIS D 471 -2.50 -48.79 -3.01
C HIS D 471 -2.36 -47.29 -3.41
N GLY D 472 -2.35 -47.05 -4.72
CA GLY D 472 -2.15 -45.74 -5.32
C GLY D 472 -0.95 -45.74 -6.25
N ILE D 473 0.14 -46.41 -5.85
CA ILE D 473 1.37 -46.50 -6.64
C ILE D 473 1.21 -47.52 -7.78
N HIS D 474 1.11 -47.04 -9.04
CA HIS D 474 0.96 -47.91 -10.21
C HIS D 474 2.34 -48.35 -10.72
N GLU D 475 2.42 -49.56 -11.30
CA GLU D 475 3.68 -50.08 -11.84
C GLU D 475 4.08 -49.29 -13.09
N LEU D 476 5.37 -48.99 -13.21
CA LEU D 476 5.91 -48.23 -14.34
C LEU D 476 6.08 -49.15 -15.51
N GLU D 477 5.77 -48.66 -16.72
CA GLU D 477 5.97 -49.43 -17.93
C GLU D 477 7.46 -49.27 -18.30
N PRO D 478 8.24 -50.36 -18.46
CA PRO D 478 9.67 -50.21 -18.78
C PRO D 478 10.00 -49.24 -19.92
N ALA D 479 9.13 -49.12 -20.94
CA ALA D 479 9.37 -48.20 -22.06
C ALA D 479 9.33 -46.76 -21.58
N LEU D 480 8.35 -46.41 -20.73
CA LEU D 480 8.24 -45.06 -20.17
C LEU D 480 9.37 -44.82 -19.17
N ALA D 481 9.67 -45.81 -18.31
CA ALA D 481 10.70 -45.70 -17.28
C ALA D 481 12.09 -45.42 -17.87
N THR D 482 12.52 -46.19 -18.90
CA THR D 482 13.83 -46.01 -19.52
C THR D 482 13.91 -44.67 -20.26
N ALA D 483 12.82 -44.24 -20.91
CA ALA D 483 12.80 -42.97 -21.62
C ALA D 483 12.83 -41.80 -20.64
N ALA D 484 12.20 -41.93 -19.46
CA ALA D 484 12.25 -40.88 -18.43
C ALA D 484 13.66 -40.80 -17.84
N LEU D 485 14.35 -41.94 -17.67
CA LEU D 485 15.73 -42.00 -17.19
C LEU D 485 16.64 -41.34 -18.24
N GLU D 486 16.44 -41.66 -19.53
CA GLU D 486 17.23 -41.09 -20.62
C GLU D 486 17.11 -39.57 -20.65
N GLN D 487 15.90 -39.02 -20.48
CA GLN D 487 15.70 -37.58 -20.46
C GLN D 487 16.43 -36.94 -19.27
N ALA D 488 16.35 -37.56 -18.07
CA ALA D 488 17.01 -37.06 -16.86
C ALA D 488 18.53 -37.02 -17.04
N LEU D 489 19.11 -38.08 -17.66
CA LEU D 489 20.55 -38.14 -17.92
C LEU D 489 20.94 -37.04 -18.92
N GLU D 490 20.12 -36.83 -19.96
CA GLU D 490 20.34 -35.78 -20.93
C GLU D 490 20.09 -34.37 -20.37
N ARG D 491 19.85 -34.20 -19.06
CA ARG D 491 19.65 -32.88 -18.46
C ARG D 491 20.46 -32.67 -17.17
N ASP D 492 21.42 -33.58 -16.85
CA ASP D 492 22.26 -33.47 -15.67
C ASP D 492 21.43 -33.40 -14.37
N GLU D 493 20.27 -34.07 -14.34
CA GLU D 493 19.41 -34.07 -13.15
C GLU D 493 20.12 -34.88 -12.08
N SER D 494 20.25 -34.30 -10.90
CA SER D 494 20.98 -34.93 -9.80
C SER D 494 20.23 -36.13 -9.19
N SER D 495 19.00 -35.92 -8.68
CA SER D 495 18.22 -36.96 -8.01
C SER D 495 16.80 -37.08 -8.55
N PRO D 496 16.64 -37.63 -9.78
CA PRO D 496 15.30 -37.77 -10.35
C PRO D 496 14.43 -38.83 -9.68
N VAL D 497 13.16 -38.51 -9.43
CA VAL D 497 12.19 -39.44 -8.85
C VAL D 497 11.25 -39.81 -10.00
N ILE D 498 11.24 -41.09 -10.41
CA ILE D 498 10.40 -41.56 -11.52
C ILE D 498 9.40 -42.56 -10.94
N ILE D 499 8.10 -42.23 -10.96
CA ILE D 499 7.08 -43.09 -10.38
C ILE D 499 5.69 -42.72 -10.90
N ASP D 500 4.81 -43.74 -11.08
CA ASP D 500 3.45 -43.52 -11.50
C ASP D 500 2.58 -43.52 -10.24
N ILE D 501 2.04 -42.35 -9.85
CA ILE D 501 1.21 -42.25 -8.65
C ILE D 501 -0.19 -41.78 -8.99
N ASP D 502 -1.18 -42.43 -8.36
CA ASP D 502 -2.58 -42.04 -8.42
C ASP D 502 -2.76 -41.26 -7.13
N TRP D 503 -2.54 -39.94 -7.18
CA TRP D 503 -2.62 -39.09 -5.99
C TRP D 503 -4.00 -39.07 -5.35
N GLU D 504 -5.07 -39.29 -6.13
CA GLU D 504 -6.44 -39.31 -5.61
C GLU D 504 -6.59 -40.39 -4.50
N ARG D 505 -5.83 -41.49 -4.60
CA ARG D 505 -5.90 -42.60 -3.64
C ARG D 505 -4.64 -42.66 -2.74
N PHE D 506 -3.45 -42.36 -3.28
CA PHE D 506 -2.21 -42.45 -2.50
C PHE D 506 -2.13 -41.43 -1.38
N ALA D 507 -2.47 -40.16 -1.65
CA ALA D 507 -2.40 -39.11 -0.63
C ALA D 507 -3.30 -39.41 0.56
N VAL D 508 -4.48 -40.01 0.33
CA VAL D 508 -5.40 -40.35 1.41
C VAL D 508 -4.86 -41.58 2.17
N ALA D 509 -4.44 -42.63 1.44
CA ALA D 509 -3.93 -43.85 2.05
C ALA D 509 -2.68 -43.61 2.92
N PHE D 510 -1.75 -42.78 2.44
CA PHE D 510 -0.53 -42.47 3.16
C PHE D 510 -0.84 -41.59 4.38
N HIS D 511 -1.78 -40.63 4.23
CA HIS D 511 -2.19 -39.75 5.32
C HIS D 511 -2.95 -40.51 6.41
N ALA D 512 -3.64 -41.61 6.07
CA ALA D 512 -4.35 -42.43 7.05
C ALA D 512 -3.34 -43.22 7.90
N LYS D 513 -2.30 -43.79 7.26
CA LYS D 513 -1.25 -44.54 7.96
C LYS D 513 -0.46 -43.60 8.88
N ARG D 514 -0.18 -42.37 8.41
CA ARG D 514 0.51 -41.36 9.20
C ARG D 514 0.22 -39.98 8.62
N PRO D 515 -0.32 -39.02 9.41
CA PRO D 515 -0.59 -37.69 8.84
C PRO D 515 0.70 -36.93 8.54
N THR D 516 0.93 -36.62 7.25
CA THR D 516 2.11 -35.89 6.80
C THR D 516 1.72 -34.77 5.83
N ARG D 517 2.53 -33.72 5.80
CA ARG D 517 2.35 -32.63 4.84
C ARG D 517 3.44 -32.72 3.71
N GLY D 518 4.08 -33.87 3.53
CA GLY D 518 5.13 -34.07 2.53
C GLY D 518 4.68 -33.91 1.09
N PHE D 519 3.40 -34.20 0.79
CA PHE D 519 2.83 -34.07 -0.56
C PHE D 519 2.01 -32.77 -0.76
N GLU D 520 2.22 -31.78 0.12
CA GLU D 520 1.55 -30.47 0.13
C GLU D 520 1.74 -29.68 -1.18
N LEU D 521 2.96 -29.77 -1.78
CA LEU D 521 3.28 -29.05 -3.01
C LEU D 521 2.92 -29.80 -4.30
N VAL D 522 2.26 -30.98 -4.20
CA VAL D 522 1.76 -31.68 -5.39
C VAL D 522 0.27 -31.27 -5.42
N PRO D 523 -0.18 -30.40 -6.36
CA PRO D 523 -1.58 -29.95 -6.31
C PRO D 523 -2.63 -31.05 -6.36
N GLU D 524 -2.39 -32.14 -7.09
CA GLU D 524 -3.32 -33.26 -7.17
C GLU D 524 -3.45 -33.94 -5.79
N ALA D 525 -2.33 -34.05 -5.06
CA ALA D 525 -2.31 -34.65 -3.72
C ALA D 525 -2.97 -33.75 -2.69
N GLN D 526 -2.75 -32.43 -2.78
CA GLN D 526 -3.37 -31.50 -1.83
C GLN D 526 -4.88 -31.40 -2.07
N ALA D 527 -5.33 -31.52 -3.35
CA ALA D 527 -6.75 -31.51 -3.66
C ALA D 527 -7.44 -32.73 -3.06
N ALA D 528 -6.78 -33.90 -3.10
CA ALA D 528 -7.32 -35.12 -2.54
C ALA D 528 -7.45 -35.03 -1.01
N LEU D 529 -6.46 -34.42 -0.33
CA LEU D 529 -6.48 -34.28 1.12
C LEU D 529 -7.59 -33.34 1.61
N GLU D 530 -7.81 -32.23 0.90
CA GLU D 530 -8.86 -31.28 1.27
C GLU D 530 -10.23 -31.95 1.14
N ALA D 531 -10.46 -32.69 0.05
CA ALA D 531 -11.71 -33.43 -0.13
C ALA D 531 -11.61 -34.73 0.67
N ALA D 532 -12.10 -34.72 1.92
CA ALA D 532 -12.05 -35.89 2.81
C ALA D 532 -12.99 -35.71 4.00
N ALA E 14 -21.33 -38.32 24.01
CA ALA E 14 -21.72 -39.02 25.23
C ALA E 14 -20.77 -38.67 26.38
N GLU E 15 -19.43 -38.71 26.13
CA GLU E 15 -18.43 -38.36 27.14
C GLU E 15 -18.46 -36.86 27.54
N ARG E 16 -19.21 -36.02 26.78
CA ARG E 16 -19.32 -34.58 27.05
C ARG E 16 -19.77 -34.25 28.48
N ASP E 17 -20.48 -35.17 29.16
CA ASP E 17 -20.92 -34.95 30.54
C ASP E 17 -19.72 -34.85 31.50
N ARG E 18 -18.60 -35.55 31.21
CA ARG E 18 -17.39 -35.47 32.02
C ARG E 18 -16.73 -34.09 31.86
N ALA E 19 -16.77 -33.53 30.64
CA ALA E 19 -16.21 -32.20 30.37
C ALA E 19 -17.11 -31.13 31.02
N LEU E 20 -18.43 -31.30 30.94
CA LEU E 20 -19.38 -30.38 31.56
C LEU E 20 -19.23 -30.42 33.09
N LEU E 21 -18.97 -31.61 33.66
CA LEU E 21 -18.78 -31.74 35.10
C LEU E 21 -17.51 -31.03 35.54
N GLU E 22 -16.45 -31.00 34.71
CA GLU E 22 -15.21 -30.30 35.05
C GLU E 22 -15.42 -28.79 35.07
N VAL E 23 -16.34 -28.25 34.24
CA VAL E 23 -16.65 -26.82 34.22
C VAL E 23 -17.35 -26.49 35.55
N VAL E 24 -18.33 -27.32 35.95
CA VAL E 24 -19.07 -27.10 37.19
C VAL E 24 -18.15 -27.28 38.40
N ARG E 25 -17.42 -28.39 38.46
CA ARG E 25 -16.52 -28.72 39.56
C ARG E 25 -15.40 -27.69 39.72
N GLY E 26 -14.78 -27.31 38.61
CA GLY E 26 -13.70 -26.34 38.61
C GLY E 26 -14.14 -25.00 39.14
N ASN E 27 -15.31 -24.52 38.71
CA ASN E 27 -15.83 -23.24 39.20
C ASN E 27 -16.34 -23.34 40.65
N ALA E 28 -16.92 -24.49 41.06
CA ALA E 28 -17.36 -24.66 42.44
C ALA E 28 -16.14 -24.62 43.38
N ALA E 29 -15.05 -25.31 43.00
CA ALA E 29 -13.81 -25.34 43.77
C ALA E 29 -13.27 -23.92 43.93
N SER E 30 -13.34 -23.09 42.85
CA SER E 30 -12.92 -21.69 42.83
C SER E 30 -13.74 -20.81 43.78
N VAL E 31 -15.06 -21.00 43.83
CA VAL E 31 -15.93 -20.25 44.75
C VAL E 31 -15.59 -20.63 46.20
N MET E 32 -15.29 -21.90 46.46
CA MET E 32 -14.88 -22.37 47.79
C MET E 32 -13.46 -21.90 48.17
N SER E 33 -12.62 -21.60 47.17
CA SER E 33 -11.23 -21.22 47.37
C SER E 33 -10.97 -19.72 47.60
N HIS E 34 -12.00 -18.89 47.86
CA HIS E 34 -11.73 -17.48 48.21
C HIS E 34 -11.26 -17.47 49.66
N GLY E 35 -10.38 -16.54 50.00
CA GLY E 35 -9.88 -16.43 51.37
C GLY E 35 -8.83 -17.46 51.75
N ALA E 36 -8.47 -17.46 53.04
CA ALA E 36 -7.41 -18.27 53.65
C ALA E 36 -7.24 -19.73 53.18
N MET E 37 -8.34 -20.49 53.07
CA MET E 37 -8.24 -21.89 52.67
C MET E 37 -8.52 -22.07 51.20
N ARG E 38 -7.48 -22.35 50.44
CA ARG E 38 -7.58 -22.65 49.02
C ARG E 38 -6.73 -23.86 48.73
N THR E 39 -7.02 -24.91 49.49
CA THR E 39 -6.42 -26.24 49.41
C THR E 39 -7.56 -27.22 48.99
N ALA E 40 -8.55 -26.76 48.18
CA ALA E 40 -9.70 -27.54 47.75
C ALA E 40 -9.41 -28.21 46.42
N THR E 41 -9.96 -29.42 46.25
CA THR E 41 -9.84 -30.20 45.02
C THR E 41 -11.21 -30.73 44.63
N LEU E 42 -11.37 -31.10 43.36
CA LEU E 42 -12.64 -31.54 42.80
C LEU E 42 -12.82 -33.06 42.62
N GLU E 43 -11.85 -33.72 41.94
CA GLU E 43 -11.93 -35.14 41.60
C GLU E 43 -12.43 -36.08 42.71
N ALA E 44 -12.09 -35.79 43.99
CA ALA E 44 -12.46 -36.66 45.11
C ALA E 44 -13.91 -36.55 45.58
N VAL E 45 -14.49 -35.33 45.60
CA VAL E 45 -15.86 -35.16 46.09
C VAL E 45 -16.87 -35.86 45.16
N GLU E 46 -18.00 -36.30 45.71
CA GLU E 46 -19.00 -37.03 44.94
C GLU E 46 -19.70 -36.08 43.94
N PRO E 47 -19.96 -36.46 42.68
CA PRO E 47 -20.77 -35.58 41.81
C PRO E 47 -22.22 -35.41 42.31
N THR E 48 -22.71 -36.33 43.18
CA THR E 48 -24.05 -36.30 43.78
C THR E 48 -24.05 -35.61 45.16
N ARG E 49 -23.01 -34.82 45.49
CA ARG E 49 -22.92 -34.10 46.76
C ARG E 49 -23.67 -32.77 46.59
N ALA E 50 -24.57 -32.45 47.53
CA ALA E 50 -25.31 -31.19 47.46
C ALA E 50 -24.38 -30.01 47.73
N PHE E 51 -24.55 -28.90 46.98
CA PHE E 51 -23.77 -27.69 47.17
C PHE E 51 -23.97 -27.13 48.59
N ARG E 52 -25.18 -27.30 49.16
CA ARG E 52 -25.46 -26.89 50.55
C ARG E 52 -24.55 -27.64 51.53
N ASP E 53 -24.21 -28.91 51.24
CA ASP E 53 -23.31 -29.72 52.08
C ASP E 53 -21.85 -29.25 51.95
N LEU E 54 -21.46 -28.70 50.78
CA LEU E 54 -20.13 -28.14 50.58
C LEU E 54 -19.99 -26.69 51.13
N GLY E 55 -20.97 -26.24 51.94
CA GLY E 55 -20.96 -24.93 52.55
C GLY E 55 -21.31 -23.77 51.65
N PHE E 56 -22.23 -23.97 50.70
CA PHE E 56 -22.62 -22.90 49.76
C PHE E 56 -23.77 -22.08 50.30
N ASP E 57 -23.54 -20.77 50.53
CA ASP E 57 -24.58 -19.83 50.97
C ASP E 57 -25.23 -19.18 49.71
N SER E 58 -26.10 -18.15 49.87
CA SER E 58 -26.75 -17.51 48.72
C SER E 58 -25.75 -16.77 47.82
N LEU E 59 -24.78 -16.03 48.39
CA LEU E 59 -23.80 -15.31 47.57
C LEU E 59 -22.90 -16.27 46.79
N MET E 60 -22.48 -17.39 47.40
CA MET E 60 -21.66 -18.40 46.74
C MET E 60 -22.47 -19.06 45.59
N ALA E 61 -23.75 -19.32 45.82
CA ALA E 61 -24.64 -19.90 44.80
C ALA E 61 -24.75 -19.01 43.56
N VAL E 62 -24.92 -17.67 43.77
CA VAL E 62 -25.04 -16.70 42.68
C VAL E 62 -23.70 -16.52 41.96
N GLU E 63 -22.59 -16.53 42.71
CA GLU E 63 -21.26 -16.42 42.13
C GLU E 63 -20.98 -17.65 41.25
N LEU E 64 -21.42 -18.85 41.68
CA LEU E 64 -21.20 -20.05 40.89
C LEU E 64 -22.03 -20.03 39.62
N ARG E 65 -23.26 -19.47 39.67
CA ARG E 65 -24.13 -19.29 38.51
C ARG E 65 -23.42 -18.37 37.51
N ASN E 66 -22.85 -17.27 37.99
CA ASN E 66 -22.16 -16.29 37.14
C ASN E 66 -20.95 -16.92 36.46
N ARG E 67 -20.16 -17.72 37.19
CA ARG E 67 -18.98 -18.37 36.64
C ARG E 67 -19.35 -19.42 35.58
N ILE E 68 -20.40 -20.22 35.83
CA ILE E 68 -20.84 -21.23 34.87
C ILE E 68 -21.43 -20.54 33.63
N GLY E 69 -22.22 -19.48 33.84
CA GLY E 69 -22.81 -18.70 32.78
C GLY E 69 -21.78 -18.06 31.86
N ALA E 70 -20.64 -17.61 32.42
CA ALA E 70 -19.57 -17.01 31.63
C ALA E 70 -18.82 -18.08 30.83
N ALA E 71 -18.58 -19.25 31.45
CA ALA E 71 -17.87 -20.35 30.80
C ALA E 71 -18.67 -20.97 29.64
N THR E 72 -19.99 -21.21 29.84
CA THR E 72 -20.86 -21.80 28.83
C THR E 72 -21.46 -20.77 27.86
N GLY E 73 -21.55 -19.51 28.27
CA GLY E 73 -22.16 -18.46 27.46
C GLY E 73 -23.67 -18.53 27.46
N LEU E 74 -24.28 -18.96 28.58
CA LEU E 74 -25.73 -19.10 28.73
C LEU E 74 -26.24 -18.20 29.86
N ARG E 75 -27.49 -17.70 29.73
CA ARG E 75 -28.11 -16.88 30.79
C ARG E 75 -28.91 -17.83 31.69
N LEU E 76 -28.29 -18.26 32.80
CA LEU E 76 -28.91 -19.18 33.75
C LEU E 76 -29.65 -18.40 34.86
N ALA E 77 -30.67 -19.01 35.46
CA ALA E 77 -31.43 -18.37 36.53
C ALA E 77 -30.57 -18.21 37.79
N PRO E 78 -30.75 -17.14 38.59
CA PRO E 78 -29.92 -16.98 39.79
C PRO E 78 -30.05 -18.11 40.81
N THR E 79 -31.22 -18.79 40.82
CA THR E 79 -31.47 -19.91 41.72
C THR E 79 -30.93 -21.25 41.17
N LEU E 80 -30.04 -21.23 40.15
CA LEU E 80 -29.47 -22.44 39.52
C LEU E 80 -29.01 -23.54 40.51
N VAL E 81 -28.19 -23.16 41.51
CA VAL E 81 -27.64 -24.07 42.50
C VAL E 81 -28.71 -24.70 43.41
N PHE E 82 -29.80 -23.97 43.71
CA PHE E 82 -30.87 -24.50 44.55
C PHE E 82 -31.93 -25.25 43.72
N ASP E 83 -32.09 -24.92 42.43
CA ASP E 83 -33.00 -25.66 41.54
C ASP E 83 -32.39 -27.01 41.19
N HIS E 84 -31.06 -27.04 40.95
CA HIS E 84 -30.29 -28.23 40.61
C HIS E 84 -29.26 -28.38 41.75
N PRO E 85 -29.61 -29.12 42.84
CA PRO E 85 -28.76 -29.11 44.04
C PRO E 85 -27.38 -29.77 44.02
N THR E 86 -27.04 -30.58 43.01
CA THR E 86 -25.74 -31.25 42.96
C THR E 86 -25.00 -30.91 41.65
N PRO E 87 -23.66 -31.06 41.57
CA PRO E 87 -22.98 -30.84 40.27
C PRO E 87 -23.59 -31.69 39.16
N GLU E 88 -24.02 -32.93 39.49
CA GLU E 88 -24.67 -33.86 38.55
C GLU E 88 -25.97 -33.23 38.01
N ALA E 89 -26.85 -32.71 38.90
CA ALA E 89 -28.11 -32.09 38.49
C ALA E 89 -27.86 -30.82 37.65
N VAL E 90 -26.78 -30.06 37.95
CA VAL E 90 -26.43 -28.86 37.19
C VAL E 90 -25.96 -29.27 35.78
N VAL E 91 -25.19 -30.35 35.65
CA VAL E 91 -24.70 -30.83 34.35
C VAL E 91 -25.87 -31.15 33.41
N ARG E 92 -26.87 -31.93 33.87
CA ARG E 92 -28.01 -32.27 33.00
C ARG E 92 -28.86 -31.03 32.65
N HIS E 93 -28.82 -29.96 33.47
CA HIS E 93 -29.52 -28.72 33.15
C HIS E 93 -28.77 -27.97 32.04
N LEU E 94 -27.43 -27.92 32.12
CA LEU E 94 -26.60 -27.31 31.09
C LEU E 94 -26.69 -28.11 29.79
N ARG E 95 -26.72 -29.45 29.90
CA ARG E 95 -26.86 -30.36 28.77
C ARG E 95 -28.19 -30.11 28.06
N ALA E 96 -29.27 -29.85 28.82
CA ALA E 96 -30.58 -29.56 28.25
C ALA E 96 -30.58 -28.21 27.52
N GLU E 97 -29.98 -27.17 28.12
CA GLU E 97 -29.91 -25.83 27.52
C GLU E 97 -29.00 -25.76 26.30
N LEU E 98 -27.94 -26.58 26.24
CA LEU E 98 -27.01 -26.59 25.10
C LEU E 98 -27.49 -27.54 23.98
N GLY E 99 -27.76 -28.81 24.33
CA GLY E 99 -28.22 -29.81 23.38
C GLY E 99 -27.67 -31.20 23.67
#